data_1XFB
#
_entry.id   1XFB
#
_cell.length_a   83.872
_cell.length_b   121.986
_cell.length_c   129.517
_cell.angle_alpha   107.96
_cell.angle_beta   108.58
_cell.angle_gamma   97.39
#
_symmetry.space_group_name_H-M   'P 1'
#
_entity_poly.entity_id   1
_entity_poly.type   'polypeptide(L)'
_entity_poly.pdbx_seq_one_letter_code
;MPHSYPALSAEQKKELSDIALRIVAPGKGILAADESVGSMAKRLSQIGVENTEENRRLYRQVLFSADDRVKKCIGGVIFF
HETLYQKDDNGVPFVRTIQDKGIVVGIKVDKGVVPLAGTDGETTTQGLDGLSERCAQYKKDGADFAKWRCVLKISERTPS
ALAILENANVLARYASICQQNGIVPIVEPEILPDGDHDLKRCQYVTEKVLAAVYKALSDHHVYLEGTLLKPNMVTPGHAC
PIKYTPEEIAMATVTALRRTVPPAVPGVTFLSGGQSEEEASFNLNAINRCPLPRPWALTFSYGRALQASALNAWRGQRDN
AGAATEEFIKRAEVNGLAAQGKYEGSGEDGGAAAQSLYIANHAYL
;
_entity_poly.pdbx_strand_id   A,B,C,D,E,F,G,H,I,J,K,L
#
# COMPACT_ATOMS: atom_id res chain seq x y z
N HIS A 3 -2.07 56.34 -25.23
CA HIS A 3 -2.37 55.08 -24.50
C HIS A 3 -1.57 54.97 -23.21
N SER A 4 -0.91 56.07 -22.85
CA SER A 4 -0.09 56.13 -21.64
C SER A 4 -0.72 57.03 -20.56
N TYR A 5 -1.47 56.42 -19.64
CA TYR A 5 -2.12 57.15 -18.56
C TYR A 5 -1.50 56.72 -17.24
N PRO A 6 -0.37 57.35 -16.85
CA PRO A 6 0.42 57.11 -15.65
C PRO A 6 -0.28 56.37 -14.50
N ALA A 7 0.05 55.09 -14.37
CA ALA A 7 -0.51 54.25 -13.33
C ALA A 7 -0.04 54.72 -11.97
N LEU A 8 1.24 55.12 -11.89
CA LEU A 8 1.81 55.58 -10.64
C LEU A 8 2.50 56.92 -10.78
N SER A 9 2.45 57.70 -9.71
CA SER A 9 3.08 59.00 -9.67
C SER A 9 4.56 58.75 -9.41
N ALA A 10 5.36 59.80 -9.53
CA ALA A 10 6.79 59.66 -9.32
C ALA A 10 7.05 59.27 -7.87
N GLU A 11 6.31 59.89 -6.97
CA GLU A 11 6.44 59.62 -5.55
C GLU A 11 6.18 58.15 -5.28
N GLN A 12 5.07 57.66 -5.83
CA GLN A 12 4.66 56.27 -5.64
C GLN A 12 5.68 55.28 -6.16
N LYS A 13 6.18 55.52 -7.37
CA LYS A 13 7.17 54.62 -7.93
C LYS A 13 8.35 54.55 -6.98
N LYS A 14 8.73 55.71 -6.44
CA LYS A 14 9.84 55.79 -5.49
C LYS A 14 9.60 54.85 -4.32
N GLU A 15 8.49 55.09 -3.60
CA GLU A 15 8.15 54.27 -2.44
C GLU A 15 8.23 52.79 -2.73
N LEU A 16 7.70 52.36 -3.87
CA LEU A 16 7.73 50.95 -4.22
C LEU A 16 9.16 50.48 -4.41
N SER A 17 9.92 51.19 -5.24
CA SER A 17 11.30 50.83 -5.50
C SER A 17 12.11 50.71 -4.22
N ASP A 18 11.96 51.69 -3.34
CA ASP A 18 12.69 51.68 -2.07
C ASP A 18 12.34 50.40 -1.33
N ILE A 19 11.06 50.22 -1.02
CA ILE A 19 10.61 49.03 -0.31
C ILE A 19 11.22 47.77 -0.92
N ALA A 20 11.18 47.68 -2.23
CA ALA A 20 11.71 46.50 -2.91
C ALA A 20 13.17 46.28 -2.59
N LEU A 21 13.96 47.33 -2.78
CA LEU A 21 15.40 47.26 -2.52
C LEU A 21 15.76 46.95 -1.08
N ARG A 22 14.98 47.46 -0.14
CA ARG A 22 15.27 47.19 1.27
C ARG A 22 15.17 45.70 1.50
N ILE A 23 14.13 45.09 0.96
CA ILE A 23 13.90 43.68 1.13
C ILE A 23 15.05 42.83 0.58
N VAL A 24 15.49 43.09 -0.64
CA VAL A 24 16.57 42.29 -1.19
C VAL A 24 17.97 42.83 -0.99
N ALA A 25 18.11 43.77 -0.05
CA ALA A 25 19.41 44.34 0.25
C ALA A 25 20.42 43.22 0.45
N PRO A 26 21.70 43.45 0.10
CA PRO A 26 22.80 42.50 0.20
C PRO A 26 22.79 41.60 1.42
N GLY A 27 23.05 40.32 1.21
CA GLY A 27 23.07 39.37 2.31
C GLY A 27 21.76 39.22 3.05
N LYS A 28 20.69 39.79 2.51
CA LYS A 28 19.36 39.69 3.11
C LYS A 28 18.38 38.87 2.28
N GLY A 29 17.51 38.14 2.97
CA GLY A 29 16.51 37.32 2.32
C GLY A 29 15.15 37.48 2.98
N ILE A 30 14.20 36.62 2.61
CA ILE A 30 12.85 36.69 3.16
C ILE A 30 12.44 35.46 3.94
N LEU A 31 11.83 35.67 5.10
CA LEU A 31 11.33 34.56 5.89
C LEU A 31 9.87 34.43 5.49
N ALA A 32 9.53 33.29 4.91
CA ALA A 32 8.16 33.06 4.48
C ALA A 32 7.41 32.27 5.53
N ALA A 33 6.71 32.99 6.42
CA ALA A 33 5.94 32.35 7.47
C ALA A 33 4.44 32.56 7.20
N ASP A 34 4.08 32.50 5.91
CA ASP A 34 2.70 32.68 5.50
C ASP A 34 1.92 31.37 5.36
N GLU A 35 2.28 30.38 6.17
CA GLU A 35 1.60 29.08 6.11
C GLU A 35 0.13 29.16 6.49
N SER A 36 -0.72 28.77 5.53
CA SER A 36 -2.17 28.77 5.75
C SER A 36 -2.47 27.87 6.94
N VAL A 37 -3.57 28.16 7.63
CA VAL A 37 -3.96 27.35 8.78
C VAL A 37 -4.06 25.88 8.35
N GLY A 38 -4.29 25.67 7.07
CA GLY A 38 -4.40 24.32 6.55
C GLY A 38 -3.05 23.64 6.48
N SER A 39 -2.14 24.20 5.68
CA SER A 39 -0.80 23.63 5.54
C SER A 39 -0.10 23.61 6.90
N MET A 40 -0.49 24.53 7.78
CA MET A 40 0.10 24.62 9.09
C MET A 40 -0.28 23.38 9.90
N ALA A 41 -1.44 22.81 9.61
CA ALA A 41 -1.89 21.62 10.32
C ALA A 41 -0.93 20.48 10.03
N LYS A 42 -0.57 20.33 8.76
CA LYS A 42 0.34 19.26 8.37
C LYS A 42 1.70 19.39 9.03
N ARG A 43 2.26 20.60 9.03
CA ARG A 43 3.57 20.81 9.63
C ARG A 43 3.56 20.57 11.13
N LEU A 44 2.52 21.04 11.81
CA LEU A 44 2.43 20.84 13.24
C LEU A 44 2.24 19.36 13.57
N SER A 45 1.43 18.66 12.77
CA SER A 45 1.19 17.25 13.02
C SER A 45 2.49 16.44 13.06
N GLN A 46 3.43 16.78 12.18
CA GLN A 46 4.69 16.06 12.13
C GLN A 46 5.49 16.12 13.43
N ILE A 47 5.19 17.10 14.28
CA ILE A 47 5.89 17.23 15.56
C ILE A 47 4.90 17.13 16.72
N GLY A 48 3.76 16.49 16.46
CA GLY A 48 2.72 16.37 17.47
C GLY A 48 1.95 17.68 17.36
N VAL A 49 1.90 18.46 18.42
CA VAL A 49 1.23 19.77 18.41
C VAL A 49 -0.14 19.87 17.72
N GLU A 50 -1.18 20.09 18.51
CA GLU A 50 -2.52 20.25 17.96
C GLU A 50 -2.51 21.53 17.14
N ASN A 51 -3.23 21.53 16.03
CA ASN A 51 -3.27 22.72 15.19
C ASN A 51 -4.28 23.76 15.70
N THR A 52 -3.90 24.44 16.78
CA THR A 52 -4.72 25.48 17.42
C THR A 52 -4.27 26.84 16.91
N GLU A 53 -5.05 27.87 17.17
CA GLU A 53 -4.63 29.20 16.78
C GLU A 53 -3.50 29.53 17.72
N GLU A 54 -3.64 29.09 18.95
CA GLU A 54 -2.62 29.34 19.96
C GLU A 54 -1.31 28.66 19.61
N ASN A 55 -1.36 27.35 19.34
CA ASN A 55 -0.13 26.66 18.99
C ASN A 55 0.57 27.30 17.82
N ARG A 56 -0.21 27.90 16.92
CA ARG A 56 0.38 28.58 15.78
C ARG A 56 1.04 29.87 16.26
N ARG A 57 0.30 30.64 17.05
CA ARG A 57 0.84 31.89 17.57
C ARG A 57 2.13 31.58 18.30
N LEU A 58 2.12 30.53 19.11
CA LEU A 58 3.29 30.13 19.86
C LEU A 58 4.46 29.87 18.94
N TYR A 59 4.24 29.05 17.93
CA TYR A 59 5.31 28.73 17.00
C TYR A 59 5.81 29.96 16.24
N ARG A 60 4.91 30.79 15.72
CA ARG A 60 5.32 31.98 14.99
C ARG A 60 6.16 32.85 15.92
N GLN A 61 5.84 32.79 17.20
CA GLN A 61 6.55 33.56 18.20
C GLN A 61 8.00 33.09 18.26
N VAL A 62 8.18 31.77 18.21
CA VAL A 62 9.53 31.21 18.24
C VAL A 62 10.38 31.85 17.16
N LEU A 63 9.78 32.10 16.00
CA LEU A 63 10.50 32.72 14.89
C LEU A 63 10.71 34.21 15.09
N PHE A 64 9.62 34.93 15.36
CA PHE A 64 9.69 36.37 15.53
C PHE A 64 10.43 36.87 16.75
N SER A 65 10.71 35.99 17.68
CA SER A 65 11.43 36.41 18.87
C SER A 65 12.93 36.32 18.65
N ALA A 66 13.35 36.01 17.42
CA ALA A 66 14.78 35.95 17.12
C ALA A 66 15.39 37.31 17.46
N ASP A 67 16.65 37.30 17.90
CA ASP A 67 17.33 38.54 18.26
C ASP A 67 17.86 39.34 17.07
N ASP A 68 18.66 40.35 17.36
CA ASP A 68 19.21 41.24 16.33
C ASP A 68 20.13 40.68 15.25
N ARG A 69 20.67 39.49 15.43
CA ARG A 69 21.55 38.99 14.38
C ARG A 69 20.75 38.56 13.17
N VAL A 70 19.42 38.60 13.33
CA VAL A 70 18.51 38.22 12.27
C VAL A 70 18.37 39.42 11.32
N LYS A 71 18.76 40.60 11.82
CA LYS A 71 18.70 41.85 11.07
C LYS A 71 19.62 41.91 9.87
N LYS A 72 20.76 41.22 9.94
CA LYS A 72 21.70 41.26 8.83
C LYS A 72 21.31 40.35 7.67
N CYS A 73 20.55 39.30 7.95
CA CYS A 73 20.17 38.35 6.91
C CYS A 73 18.68 38.30 6.52
N ILE A 74 17.83 38.99 7.27
CA ILE A 74 16.41 38.98 6.95
C ILE A 74 15.91 40.36 6.57
N GLY A 75 15.62 40.54 5.29
CA GLY A 75 15.13 41.83 4.81
C GLY A 75 13.62 41.98 4.97
N GLY A 76 12.92 40.85 4.98
CA GLY A 76 11.48 40.88 5.11
C GLY A 76 10.86 39.58 5.61
N VAL A 77 9.66 39.69 6.15
CA VAL A 77 8.94 38.53 6.67
C VAL A 77 7.53 38.50 6.08
N ILE A 78 7.17 37.39 5.47
CA ILE A 78 5.85 37.25 4.87
C ILE A 78 4.91 36.62 5.91
N PHE A 79 3.88 37.38 6.29
CA PHE A 79 2.89 36.92 7.28
C PHE A 79 1.66 36.26 6.68
N PHE A 80 1.04 35.37 7.45
CA PHE A 80 -0.19 34.77 7.01
C PHE A 80 -1.21 35.70 7.70
N HIS A 81 -2.28 36.05 7.02
CA HIS A 81 -3.28 36.96 7.58
C HIS A 81 -3.44 36.90 9.10
N GLU A 82 -3.93 35.76 9.58
CA GLU A 82 -4.13 35.51 11.00
C GLU A 82 -2.98 36.09 11.81
N THR A 83 -1.79 35.57 11.52
CA THR A 83 -0.56 35.96 12.18
C THR A 83 -0.28 37.47 12.21
N LEU A 84 -0.62 38.17 11.13
CA LEU A 84 -0.42 39.61 11.04
C LEU A 84 -1.13 40.37 12.15
N TYR A 85 -2.02 39.68 12.85
CA TYR A 85 -2.75 40.34 13.92
C TYR A 85 -2.56 39.67 15.28
N GLN A 86 -1.59 38.77 15.37
CA GLN A 86 -1.32 38.09 16.62
C GLN A 86 -0.26 38.85 17.41
N LYS A 87 -0.19 38.57 18.71
CA LYS A 87 0.76 39.22 19.58
C LYS A 87 1.55 38.19 20.37
N ASP A 88 2.74 38.58 20.84
CA ASP A 88 3.57 37.69 21.63
C ASP A 88 3.02 37.65 23.06
N ASP A 89 3.65 36.88 23.92
CA ASP A 89 3.18 36.76 25.29
C ASP A 89 3.19 38.07 26.07
N ASN A 90 3.92 39.06 25.58
CA ASN A 90 3.98 40.35 26.28
C ASN A 90 2.90 41.28 25.74
N GLY A 91 2.08 40.78 24.84
CA GLY A 91 1.02 41.58 24.26
C GLY A 91 1.54 42.50 23.16
N VAL A 92 2.72 42.17 22.63
CA VAL A 92 3.31 42.97 21.57
C VAL A 92 3.08 42.38 20.20
N PRO A 93 2.43 43.14 19.32
CA PRO A 93 2.12 42.75 17.95
C PRO A 93 3.34 42.22 17.23
N PHE A 94 3.25 41.01 16.70
CA PHE A 94 4.36 40.42 15.96
C PHE A 94 4.83 41.41 14.90
N VAL A 95 3.89 42.12 14.30
CA VAL A 95 4.22 43.11 13.27
C VAL A 95 5.12 44.17 13.87
N ARG A 96 4.74 44.68 15.03
CA ARG A 96 5.50 45.71 15.73
C ARG A 96 6.95 45.27 15.89
N THR A 97 7.13 44.09 16.46
CA THR A 97 8.46 43.53 16.68
C THR A 97 9.29 43.51 15.39
N ILE A 98 8.84 42.79 14.37
CA ILE A 98 9.57 42.73 13.11
C ILE A 98 9.86 44.15 12.61
N GLN A 99 8.88 45.03 12.72
CA GLN A 99 9.05 46.41 12.27
C GLN A 99 10.17 47.14 12.99
N ASP A 100 10.21 46.98 14.31
CA ASP A 100 11.23 47.63 15.12
C ASP A 100 12.63 47.19 14.74
N LYS A 101 12.79 45.94 14.28
CA LYS A 101 14.11 45.46 13.88
C LYS A 101 14.44 45.98 12.49
N GLY A 102 13.54 46.80 11.95
CA GLY A 102 13.76 47.36 10.62
C GLY A 102 13.51 46.39 9.48
N ILE A 103 12.92 45.24 9.79
CA ILE A 103 12.63 44.25 8.77
C ILE A 103 11.30 44.64 8.13
N VAL A 104 11.14 44.37 6.84
CA VAL A 104 9.89 44.73 6.15
C VAL A 104 8.80 43.68 6.36
N VAL A 105 7.55 44.14 6.49
CA VAL A 105 6.40 43.26 6.70
C VAL A 105 5.58 42.99 5.43
N GLY A 106 5.19 41.74 5.23
CA GLY A 106 4.39 41.38 4.06
C GLY A 106 3.29 40.38 4.37
N ILE A 107 2.29 40.26 3.49
CA ILE A 107 1.18 39.32 3.66
C ILE A 107 0.89 38.53 2.39
N LYS A 108 0.51 37.27 2.58
CA LYS A 108 0.10 36.40 1.48
C LYS A 108 -1.32 36.94 1.23
N VAL A 109 -1.67 37.24 -0.02
CA VAL A 109 -3.01 37.75 -0.29
C VAL A 109 -3.84 36.86 -1.20
N ASP A 110 -3.20 35.96 -1.93
CA ASP A 110 -3.94 35.06 -2.81
C ASP A 110 -4.88 34.24 -1.94
N LYS A 111 -5.99 33.79 -2.53
CA LYS A 111 -6.95 33.02 -1.79
C LYS A 111 -6.97 31.58 -2.28
N GLY A 112 -5.79 31.03 -2.50
CA GLY A 112 -5.73 29.64 -2.93
C GLY A 112 -5.82 29.34 -4.41
N VAL A 113 -5.36 28.13 -4.74
CA VAL A 113 -5.33 27.66 -6.10
C VAL A 113 -6.66 27.03 -6.44
N VAL A 114 -7.05 27.08 -7.71
CA VAL A 114 -8.31 26.49 -8.15
C VAL A 114 -8.11 25.83 -9.52
N PRO A 115 -8.99 24.87 -9.85
CA PRO A 115 -9.01 24.09 -11.09
C PRO A 115 -9.28 24.81 -12.38
N LEU A 116 -8.55 24.44 -13.41
CA LEU A 116 -8.75 25.00 -14.73
C LEU A 116 -9.51 23.92 -15.50
N ALA A 117 -10.81 24.12 -15.67
CA ALA A 117 -11.62 23.16 -16.39
C ALA A 117 -11.01 22.89 -17.75
N GLY A 118 -10.98 21.62 -18.14
CA GLY A 118 -10.45 21.27 -19.43
C GLY A 118 -8.96 20.98 -19.53
N THR A 119 -8.28 21.04 -18.40
CA THR A 119 -6.84 20.80 -18.37
C THR A 119 -6.54 19.52 -17.62
N ASP A 120 -5.29 19.09 -17.68
CA ASP A 120 -4.87 17.88 -16.99
C ASP A 120 -4.51 18.21 -15.55
N GLY A 121 -5.53 18.47 -14.74
CA GLY A 121 -5.30 18.80 -13.35
C GLY A 121 -4.47 20.05 -13.13
N GLU A 122 -4.63 21.03 -13.99
CA GLU A 122 -3.88 22.26 -13.84
C GLU A 122 -4.71 23.26 -13.09
N THR A 123 -4.09 24.32 -12.62
CA THR A 123 -4.81 25.30 -11.85
C THR A 123 -4.50 26.73 -12.19
N THR A 124 -5.05 27.61 -11.38
CA THR A 124 -4.86 29.04 -11.47
C THR A 124 -5.10 29.47 -10.03
N THR A 125 -4.99 30.76 -9.74
CA THR A 125 -5.15 31.21 -8.37
C THR A 125 -6.22 32.27 -8.23
N GLN A 126 -6.93 32.24 -7.11
CA GLN A 126 -7.95 33.25 -6.88
C GLN A 126 -7.54 34.15 -5.73
N GLY A 127 -8.20 35.29 -5.62
CA GLY A 127 -7.90 36.22 -4.55
C GLY A 127 -8.09 37.67 -4.97
N LEU A 128 -8.29 37.87 -6.28
CA LEU A 128 -8.47 39.21 -6.83
C LEU A 128 -9.69 39.98 -6.31
N ASP A 129 -10.76 39.27 -5.96
CA ASP A 129 -11.94 39.97 -5.47
C ASP A 129 -11.66 40.76 -4.20
N GLY A 130 -11.89 42.06 -4.27
CA GLY A 130 -11.67 42.93 -3.12
C GLY A 130 -10.21 43.14 -2.74
N LEU A 131 -9.28 42.60 -3.51
CA LEU A 131 -7.87 42.74 -3.20
C LEU A 131 -7.43 44.18 -2.97
N SER A 132 -7.96 45.12 -3.74
CA SER A 132 -7.55 46.51 -3.57
C SER A 132 -7.88 47.03 -2.17
N GLU A 133 -9.09 46.77 -1.70
CA GLU A 133 -9.50 47.22 -0.36
C GLU A 133 -8.61 46.55 0.67
N ARG A 134 -8.37 45.26 0.47
CA ARG A 134 -7.54 44.50 1.39
C ARG A 134 -6.13 45.04 1.46
N CYS A 135 -5.56 45.36 0.31
CA CYS A 135 -4.19 45.89 0.29
C CYS A 135 -4.17 47.18 1.07
N ALA A 136 -5.10 48.07 0.74
CA ALA A 136 -5.18 49.35 1.42
C ALA A 136 -5.15 49.14 2.93
N GLN A 137 -5.88 48.11 3.40
CA GLN A 137 -5.95 47.78 4.82
C GLN A 137 -4.63 47.26 5.35
N TYR A 138 -4.09 46.25 4.66
CA TYR A 138 -2.83 45.67 5.05
C TYR A 138 -1.73 46.72 5.13
N LYS A 139 -1.73 47.63 4.17
CA LYS A 139 -0.73 48.69 4.17
C LYS A 139 -0.91 49.47 5.45
N LYS A 140 -2.17 49.84 5.70
CA LYS A 140 -2.54 50.60 6.88
C LYS A 140 -2.14 49.86 8.16
N ASP A 141 -1.91 48.56 8.06
CA ASP A 141 -1.53 47.79 9.23
C ASP A 141 -0.05 47.43 9.28
N GLY A 142 0.74 48.06 8.42
CA GLY A 142 2.18 47.83 8.43
C GLY A 142 2.82 46.99 7.34
N ALA A 143 2.02 46.49 6.40
CA ALA A 143 2.59 45.69 5.32
C ALA A 143 3.05 46.59 4.19
N ASP A 144 4.16 46.20 3.55
CA ASP A 144 4.69 46.99 2.45
C ASP A 144 4.90 46.16 1.22
N PHE A 145 4.69 44.85 1.36
CA PHE A 145 4.83 43.96 0.21
C PHE A 145 3.91 42.76 0.39
N ALA A 146 3.55 42.10 -0.72
CA ALA A 146 2.65 40.96 -0.66
C ALA A 146 3.16 39.78 -1.47
N LYS A 147 2.50 38.65 -1.32
CA LYS A 147 2.87 37.44 -2.06
C LYS A 147 1.60 36.78 -2.60
N TRP A 148 1.69 36.28 -3.82
CA TRP A 148 0.58 35.62 -4.49
C TRP A 148 1.19 34.40 -5.16
N ARG A 149 0.71 33.21 -4.83
CA ARG A 149 1.31 32.03 -5.45
C ARG A 149 0.51 31.32 -6.52
N CYS A 150 1.07 31.25 -7.72
CA CYS A 150 0.45 30.53 -8.82
C CYS A 150 1.23 29.24 -8.88
N VAL A 151 0.63 28.18 -9.39
CA VAL A 151 1.34 26.91 -9.45
C VAL A 151 1.24 26.26 -10.80
N LEU A 152 2.39 25.96 -11.40
CA LEU A 152 2.43 25.29 -12.69
C LEU A 152 3.02 23.90 -12.44
N LYS A 153 2.74 22.95 -13.33
CA LYS A 153 3.21 21.59 -13.16
C LYS A 153 3.87 21.08 -14.44
N ILE A 154 4.89 20.24 -14.32
CA ILE A 154 5.55 19.72 -15.53
C ILE A 154 5.23 18.25 -15.74
N SER A 155 4.71 17.92 -16.93
CA SER A 155 4.36 16.56 -17.32
C SER A 155 4.40 16.50 -18.85
N GLU A 156 4.01 15.37 -19.43
CA GLU A 156 4.05 15.22 -20.89
C GLU A 156 3.39 16.39 -21.58
N ARG A 157 2.39 16.96 -20.93
CA ARG A 157 1.69 18.08 -21.53
C ARG A 157 0.99 18.90 -20.46
N THR A 158 1.75 19.50 -19.55
CA THR A 158 1.12 20.25 -18.49
C THR A 158 1.18 21.75 -18.51
N PRO A 159 2.37 22.35 -18.44
CA PRO A 159 2.25 23.81 -18.47
C PRO A 159 1.66 24.12 -19.83
N SER A 160 0.32 24.11 -19.90
CA SER A 160 -0.43 24.33 -21.13
C SER A 160 -0.63 25.79 -21.44
N ALA A 161 -0.78 26.09 -22.73
CA ALA A 161 -0.97 27.45 -23.15
C ALA A 161 -1.94 28.13 -22.19
N LEU A 162 -3.05 27.46 -21.90
CA LEU A 162 -4.02 28.04 -21.00
C LEU A 162 -3.43 28.32 -19.63
N ALA A 163 -2.84 27.31 -19.01
CA ALA A 163 -2.23 27.47 -17.69
C ALA A 163 -1.19 28.59 -17.66
N ILE A 164 -0.40 28.69 -18.71
CA ILE A 164 0.61 29.73 -18.76
C ILE A 164 -0.09 31.08 -18.99
N LEU A 165 -1.01 31.13 -19.96
CA LEU A 165 -1.76 32.33 -20.30
C LEU A 165 -2.40 32.87 -19.02
N GLU A 166 -3.32 32.10 -18.44
CA GLU A 166 -3.96 32.47 -17.19
C GLU A 166 -2.76 32.32 -16.27
N ASN A 167 -2.87 32.74 -15.01
CA ASN A 167 -1.70 32.63 -14.11
C ASN A 167 -0.81 33.82 -14.42
N ALA A 168 -0.17 33.80 -15.60
CA ALA A 168 0.67 34.92 -15.97
C ALA A 168 -0.21 36.16 -15.88
N ASN A 169 -1.44 36.01 -16.35
CA ASN A 169 -2.38 37.12 -16.35
C ASN A 169 -2.82 37.45 -14.93
N VAL A 170 -3.13 36.43 -14.14
CA VAL A 170 -3.58 36.67 -12.77
C VAL A 170 -2.50 37.39 -11.99
N LEU A 171 -1.26 36.91 -12.14
CA LEU A 171 -0.15 37.54 -11.45
C LEU A 171 -0.14 39.02 -11.80
N ALA A 172 -0.20 39.33 -13.09
CA ALA A 172 -0.18 40.71 -13.54
C ALA A 172 -1.28 41.52 -12.90
N ARG A 173 -2.49 40.95 -12.81
CA ARG A 173 -3.61 41.65 -12.20
C ARG A 173 -3.26 41.97 -10.74
N TYR A 174 -2.94 40.93 -9.99
CA TYR A 174 -2.56 41.04 -8.59
C TYR A 174 -1.48 42.11 -8.41
N ALA A 175 -0.41 42.01 -9.20
CA ALA A 175 0.69 42.96 -9.13
C ALA A 175 0.20 44.38 -9.32
N SER A 176 -0.56 44.60 -10.39
CA SER A 176 -1.10 45.91 -10.70
C SER A 176 -1.86 46.51 -9.52
N ILE A 177 -2.74 45.71 -8.92
CA ILE A 177 -3.55 46.15 -7.79
C ILE A 177 -2.72 46.49 -6.57
N CYS A 178 -1.72 45.68 -6.27
CA CYS A 178 -0.85 45.95 -5.12
C CYS A 178 -0.17 47.30 -5.27
N GLN A 179 0.44 47.53 -6.42
CA GLN A 179 1.16 48.77 -6.62
C GLN A 179 0.31 50.02 -6.50
N GLN A 180 -0.93 49.98 -6.95
CA GLN A 180 -1.74 51.19 -6.84
C GLN A 180 -2.11 51.42 -5.37
N ASN A 181 -1.72 50.49 -4.50
CA ASN A 181 -1.97 50.58 -3.06
C ASN A 181 -0.66 50.70 -2.25
N GLY A 182 0.41 51.11 -2.93
CA GLY A 182 1.69 51.26 -2.28
C GLY A 182 2.26 49.98 -1.70
N ILE A 183 1.99 48.84 -2.33
CA ILE A 183 2.50 47.58 -1.85
C ILE A 183 3.29 46.82 -2.91
N VAL A 184 4.54 46.52 -2.61
CA VAL A 184 5.38 45.81 -3.54
C VAL A 184 4.88 44.38 -3.67
N PRO A 185 4.62 43.92 -4.90
CA PRO A 185 4.13 42.56 -5.07
C PRO A 185 5.22 41.55 -5.42
N ILE A 186 5.20 40.39 -4.78
CA ILE A 186 6.16 39.35 -5.10
C ILE A 186 5.40 38.46 -6.07
N VAL A 187 5.89 38.40 -7.31
CA VAL A 187 5.25 37.60 -8.32
C VAL A 187 5.81 36.18 -8.23
N GLU A 188 4.99 35.24 -7.77
CA GLU A 188 5.46 33.88 -7.62
C GLU A 188 4.85 32.83 -8.55
N PRO A 189 5.51 32.59 -9.70
CA PRO A 189 5.05 31.61 -10.67
C PRO A 189 5.82 30.32 -10.37
N GLU A 190 5.36 29.55 -9.40
CA GLU A 190 6.08 28.33 -9.05
C GLU A 190 5.84 27.14 -9.93
N ILE A 191 6.90 26.67 -10.57
CA ILE A 191 6.81 25.48 -11.41
C ILE A 191 7.23 24.30 -10.53
N LEU A 192 6.27 23.51 -10.06
CA LEU A 192 6.56 22.37 -9.20
C LEU A 192 7.63 21.43 -9.75
N PRO A 193 8.34 20.73 -8.84
CA PRO A 193 9.41 19.77 -9.12
C PRO A 193 8.89 18.37 -9.40
N ASP A 194 7.65 18.10 -9.03
CA ASP A 194 7.08 16.78 -9.25
C ASP A 194 7.31 16.31 -10.67
N GLY A 195 7.68 15.04 -10.81
CA GLY A 195 7.92 14.49 -12.13
C GLY A 195 9.31 13.88 -12.23
N ASP A 196 9.60 13.25 -13.36
CA ASP A 196 10.89 12.64 -13.58
C ASP A 196 11.67 13.35 -14.68
N HIS A 197 11.32 14.63 -14.92
CA HIS A 197 12.00 15.41 -15.96
C HIS A 197 13.41 15.81 -15.54
N ASP A 198 14.30 15.97 -16.52
CA ASP A 198 15.69 16.33 -16.23
C ASP A 198 15.86 17.84 -16.15
N LEU A 199 17.04 18.28 -15.71
CA LEU A 199 17.32 19.70 -15.58
C LEU A 199 16.99 20.48 -16.85
N LYS A 200 17.44 19.99 -18.01
CA LYS A 200 17.17 20.64 -19.29
C LYS A 200 15.71 21.08 -19.40
N ARG A 201 14.80 20.13 -19.23
CA ARG A 201 13.37 20.43 -19.35
C ARG A 201 12.86 21.49 -18.39
N CYS A 202 13.28 21.41 -17.13
CA CYS A 202 12.83 22.39 -16.16
C CYS A 202 13.29 23.77 -16.57
N GLN A 203 14.50 23.86 -17.12
CA GLN A 203 15.00 25.15 -17.53
C GLN A 203 14.13 25.67 -18.66
N TYR A 204 13.85 24.81 -19.63
CA TYR A 204 13.02 25.16 -20.78
C TYR A 204 11.68 25.73 -20.33
N VAL A 205 10.95 24.91 -19.58
CA VAL A 205 9.65 25.33 -19.08
C VAL A 205 9.76 26.62 -18.26
N THR A 206 10.77 26.70 -17.41
CA THR A 206 10.93 27.90 -16.59
C THR A 206 11.10 29.12 -17.48
N GLU A 207 11.90 28.98 -18.52
CA GLU A 207 12.13 30.08 -19.42
C GLU A 207 10.84 30.53 -20.11
N LYS A 208 10.05 29.57 -20.59
CA LYS A 208 8.80 29.91 -21.27
C LYS A 208 7.80 30.56 -20.31
N VAL A 209 7.67 30.00 -19.11
CA VAL A 209 6.74 30.54 -18.15
C VAL A 209 7.13 31.98 -17.80
N LEU A 210 8.38 32.20 -17.42
CA LEU A 210 8.80 33.54 -17.08
C LEU A 210 8.58 34.51 -18.25
N ALA A 211 8.97 34.11 -19.45
CA ALA A 211 8.80 34.95 -20.62
C ALA A 211 7.35 35.44 -20.74
N ALA A 212 6.42 34.57 -20.41
CA ALA A 212 5.01 34.92 -20.48
C ALA A 212 4.66 35.85 -19.34
N VAL A 213 5.13 35.51 -18.15
CA VAL A 213 4.87 36.31 -16.96
C VAL A 213 5.26 37.77 -17.14
N TYR A 214 6.45 38.02 -17.70
CA TYR A 214 6.86 39.40 -17.86
C TYR A 214 6.11 40.13 -18.95
N LYS A 215 5.75 39.43 -20.02
CA LYS A 215 4.99 40.08 -21.09
C LYS A 215 3.65 40.50 -20.51
N ALA A 216 3.11 39.67 -19.63
CA ALA A 216 1.83 39.96 -18.98
C ALA A 216 1.97 41.20 -18.13
N LEU A 217 3.00 41.22 -17.28
CA LEU A 217 3.22 42.37 -16.43
C LEU A 217 3.27 43.62 -17.29
N SER A 218 3.94 43.54 -18.43
CA SER A 218 4.02 44.68 -19.32
C SER A 218 2.64 45.14 -19.75
N ASP A 219 1.86 44.18 -20.24
CA ASP A 219 0.51 44.43 -20.70
C ASP A 219 -0.34 45.12 -19.66
N HIS A 220 -0.15 44.74 -18.40
CA HIS A 220 -0.93 45.31 -17.31
C HIS A 220 -0.32 46.56 -16.70
N HIS A 221 0.75 47.05 -17.33
CA HIS A 221 1.43 48.25 -16.88
C HIS A 221 2.02 48.13 -15.48
N VAL A 222 2.50 46.95 -15.11
CA VAL A 222 3.10 46.77 -13.79
C VAL A 222 4.50 47.41 -13.79
N TYR A 223 4.82 48.12 -12.71
CA TYR A 223 6.10 48.81 -12.52
C TYR A 223 7.14 47.79 -12.08
N LEU A 224 7.95 47.32 -13.03
CA LEU A 224 8.94 46.29 -12.71
C LEU A 224 9.88 46.57 -11.56
N GLU A 225 10.47 47.76 -11.52
CA GLU A 225 11.40 48.09 -10.46
C GLU A 225 10.74 48.20 -9.08
N GLY A 226 9.45 47.89 -9.03
CA GLY A 226 8.72 47.93 -7.77
C GLY A 226 8.08 46.57 -7.52
N THR A 227 8.75 45.52 -7.99
CA THR A 227 8.26 44.16 -7.84
C THR A 227 9.42 43.25 -7.47
N LEU A 228 9.10 41.99 -7.23
CA LEU A 228 10.11 41.00 -6.91
C LEU A 228 9.64 39.69 -7.51
N LEU A 229 10.58 38.85 -7.94
CA LEU A 229 10.23 37.58 -8.54
C LEU A 229 10.60 36.42 -7.61
N LYS A 230 9.63 35.57 -7.32
CA LYS A 230 9.88 34.43 -6.45
C LYS A 230 9.65 33.18 -7.29
N PRO A 231 10.64 32.80 -8.10
CA PRO A 231 10.53 31.61 -8.95
C PRO A 231 11.13 30.40 -8.27
N ASN A 232 11.03 29.28 -8.95
CA ASN A 232 11.59 28.05 -8.47
C ASN A 232 13.00 28.02 -9.06
N MET A 233 13.96 27.36 -8.41
CA MET A 233 15.28 27.29 -9.02
C MET A 233 15.06 26.23 -10.08
N VAL A 234 15.74 26.33 -11.22
CA VAL A 234 15.53 25.29 -12.20
C VAL A 234 16.32 24.08 -11.74
N THR A 235 15.62 22.96 -11.57
CA THR A 235 16.21 21.71 -11.09
C THR A 235 15.43 20.52 -11.65
N PRO A 236 16.03 19.32 -11.59
CA PRO A 236 15.39 18.10 -12.09
C PRO A 236 14.17 17.78 -11.26
N GLY A 237 13.30 16.93 -11.79
CA GLY A 237 12.11 16.55 -11.07
C GLY A 237 12.48 15.68 -9.89
N HIS A 238 11.69 15.71 -8.82
CA HIS A 238 11.98 14.90 -7.64
C HIS A 238 12.31 13.48 -8.04
N ALA A 239 11.61 12.99 -9.06
CA ALA A 239 11.81 11.64 -9.54
C ALA A 239 12.87 11.45 -10.61
N CYS A 240 13.64 12.51 -10.93
CA CYS A 240 14.66 12.32 -11.95
C CYS A 240 15.81 11.54 -11.33
N PRO A 241 16.28 10.51 -12.03
CA PRO A 241 17.39 9.64 -11.57
C PRO A 241 18.73 10.35 -11.56
N ILE A 242 18.94 11.19 -12.56
CA ILE A 242 20.19 11.93 -12.73
C ILE A 242 20.59 12.84 -11.59
N LYS A 243 21.89 12.84 -11.29
CA LYS A 243 22.44 13.65 -10.21
C LYS A 243 23.09 14.90 -10.80
N TYR A 244 22.87 16.05 -10.17
CA TYR A 244 23.43 17.30 -10.66
C TYR A 244 24.20 18.10 -9.61
N THR A 245 25.23 18.81 -10.07
CA THR A 245 26.06 19.64 -9.21
C THR A 245 25.29 20.89 -8.88
N PRO A 246 25.46 21.40 -7.65
CA PRO A 246 24.72 22.64 -7.34
C PRO A 246 25.28 23.69 -8.31
N GLU A 247 26.42 23.37 -8.90
CA GLU A 247 27.04 24.25 -9.88
C GLU A 247 26.14 24.21 -11.11
N GLU A 248 25.83 23.00 -11.55
CA GLU A 248 24.98 22.78 -12.71
C GLU A 248 23.60 23.41 -12.54
N ILE A 249 23.06 23.29 -11.33
CA ILE A 249 21.77 23.87 -11.04
C ILE A 249 21.85 25.38 -11.12
N ALA A 250 22.90 25.95 -10.53
CA ALA A 250 23.08 27.39 -10.54
C ALA A 250 23.24 27.88 -11.97
N MET A 251 23.96 27.11 -12.77
CA MET A 251 24.19 27.47 -14.16
C MET A 251 22.88 27.58 -14.94
N ALA A 252 22.02 26.57 -14.80
CA ALA A 252 20.74 26.57 -15.51
C ALA A 252 19.80 27.64 -14.99
N THR A 253 19.73 27.77 -13.66
CA THR A 253 18.89 28.75 -13.03
C THR A 253 19.24 30.17 -13.44
N VAL A 254 20.52 30.52 -13.39
CA VAL A 254 20.92 31.85 -13.78
C VAL A 254 20.72 32.08 -15.28
N THR A 255 21.01 31.06 -16.08
CA THR A 255 20.81 31.24 -17.52
C THR A 255 19.36 31.54 -17.81
N ALA A 256 18.48 30.73 -17.24
CA ALA A 256 17.05 30.91 -17.45
C ALA A 256 16.64 32.32 -17.08
N LEU A 257 16.98 32.74 -15.86
CA LEU A 257 16.63 34.06 -15.38
C LEU A 257 17.17 35.18 -16.26
N ARG A 258 18.40 35.06 -16.73
CA ARG A 258 18.94 36.14 -17.54
C ARG A 258 18.50 36.14 -18.99
N ARG A 259 17.59 35.23 -19.33
CA ARG A 259 17.06 35.15 -20.67
C ARG A 259 15.63 35.68 -20.65
N THR A 260 15.13 35.95 -19.45
CA THR A 260 13.76 36.38 -19.31
C THR A 260 13.47 37.55 -18.37
N VAL A 261 14.18 37.66 -17.26
CA VAL A 261 13.92 38.76 -16.33
C VAL A 261 14.58 40.09 -16.72
N PRO A 262 13.78 41.15 -16.88
CA PRO A 262 14.45 42.42 -17.24
C PRO A 262 15.32 42.94 -16.10
N PRO A 263 16.42 43.62 -16.43
CA PRO A 263 17.38 44.20 -15.48
C PRO A 263 16.69 45.06 -14.45
N ALA A 264 15.56 45.63 -14.83
CA ALA A 264 14.81 46.51 -13.93
C ALA A 264 14.28 45.82 -12.66
N VAL A 265 14.11 44.51 -12.70
CA VAL A 265 13.61 43.82 -11.52
C VAL A 265 14.73 43.85 -10.48
N PRO A 266 14.46 44.47 -9.32
CA PRO A 266 15.45 44.58 -8.24
C PRO A 266 16.00 43.27 -7.70
N GLY A 267 15.15 42.26 -7.53
CA GLY A 267 15.67 41.02 -7.00
C GLY A 267 14.79 39.81 -7.23
N VAL A 268 15.43 38.65 -7.25
CA VAL A 268 14.76 37.39 -7.44
C VAL A 268 14.90 36.65 -6.12
N THR A 269 13.78 36.37 -5.45
CA THR A 269 13.85 35.68 -4.16
C THR A 269 13.40 34.23 -4.34
N PHE A 270 14.35 33.33 -4.61
CA PHE A 270 14.04 31.93 -4.82
C PHE A 270 13.20 31.28 -3.73
N LEU A 271 12.44 30.27 -4.13
CA LEU A 271 11.62 29.51 -3.21
C LEU A 271 12.32 28.18 -2.95
N SER A 272 12.40 27.80 -1.68
CA SER A 272 13.09 26.56 -1.29
C SER A 272 12.47 25.32 -1.90
N GLY A 273 11.18 25.39 -2.19
CA GLY A 273 10.49 24.26 -2.77
C GLY A 273 10.58 23.01 -1.91
N GLY A 274 11.01 21.90 -2.51
CA GLY A 274 11.13 20.67 -1.75
C GLY A 274 12.54 20.41 -1.26
N GLN A 275 13.44 21.37 -1.46
CA GLN A 275 14.82 21.23 -1.05
C GLN A 275 14.96 21.18 0.46
N SER A 276 16.05 20.56 0.92
CA SER A 276 16.35 20.43 2.34
C SER A 276 16.99 21.74 2.79
N GLU A 277 17.05 21.97 4.10
CA GLU A 277 17.65 23.22 4.58
C GLU A 277 19.02 23.45 3.96
N GLU A 278 19.80 22.40 3.84
CA GLU A 278 21.14 22.53 3.26
C GLU A 278 21.10 22.69 1.76
N GLU A 279 20.35 21.82 1.11
CA GLU A 279 20.20 21.83 -0.34
C GLU A 279 19.89 23.25 -0.83
N ALA A 280 18.98 23.93 -0.13
CA ALA A 280 18.59 25.27 -0.50
C ALA A 280 19.78 26.22 -0.35
N SER A 281 20.44 26.15 0.80
CA SER A 281 21.60 27.00 1.08
C SER A 281 22.73 26.78 0.07
N PHE A 282 23.06 25.52 -0.19
CA PHE A 282 24.12 25.18 -1.13
C PHE A 282 23.81 25.71 -2.52
N ASN A 283 22.62 25.37 -3.00
CA ASN A 283 22.18 25.80 -4.31
C ASN A 283 22.17 27.33 -4.41
N LEU A 284 21.61 28.00 -3.40
CA LEU A 284 21.58 29.46 -3.45
C LEU A 284 23.01 29.99 -3.53
N ASN A 285 23.88 29.46 -2.69
CA ASN A 285 25.27 29.90 -2.68
C ASN A 285 25.86 29.72 -4.07
N ALA A 286 25.72 28.51 -4.60
CA ALA A 286 26.25 28.20 -5.93
C ALA A 286 25.76 29.24 -6.94
N ILE A 287 24.47 29.55 -6.89
CA ILE A 287 23.88 30.52 -7.79
C ILE A 287 24.62 31.85 -7.69
N ASN A 288 24.81 32.32 -6.47
CA ASN A 288 25.50 33.58 -6.26
C ASN A 288 26.99 33.49 -6.57
N ARG A 289 27.45 32.30 -6.96
CA ARG A 289 28.85 32.13 -7.31
C ARG A 289 28.97 31.77 -8.79
N CYS A 290 27.84 31.76 -9.48
CA CYS A 290 27.82 31.46 -10.91
C CYS A 290 28.60 32.54 -11.66
N PRO A 291 29.40 32.13 -12.65
CA PRO A 291 30.22 33.00 -13.49
C PRO A 291 29.42 34.07 -14.22
N LEU A 292 28.24 33.70 -14.70
CA LEU A 292 27.38 34.61 -15.43
C LEU A 292 27.00 35.84 -14.60
N PRO A 293 26.91 37.00 -15.25
CA PRO A 293 26.57 38.29 -14.64
C PRO A 293 25.10 38.33 -14.24
N ARG A 294 24.78 38.97 -13.12
CA ARG A 294 23.40 39.07 -12.68
C ARG A 294 23.04 40.48 -12.27
N PRO A 295 22.17 41.15 -13.04
CA PRO A 295 21.70 42.52 -12.82
C PRO A 295 20.78 42.69 -11.61
N TRP A 296 20.45 41.59 -10.96
CA TRP A 296 19.52 41.61 -9.83
C TRP A 296 19.98 40.80 -8.63
N ALA A 297 19.40 41.11 -7.48
CA ALA A 297 19.72 40.40 -6.27
C ALA A 297 19.27 38.95 -6.46
N LEU A 298 20.04 38.01 -5.96
CA LEU A 298 19.63 36.63 -6.08
C LEU A 298 19.64 36.04 -4.67
N THR A 299 18.59 36.31 -3.88
CA THR A 299 18.57 35.75 -2.55
C THR A 299 17.48 34.70 -2.39
N PHE A 300 16.93 34.59 -1.19
CA PHE A 300 15.94 33.59 -0.85
C PHE A 300 14.63 34.13 -0.29
N SER A 301 13.58 33.33 -0.40
CA SER A 301 12.26 33.61 0.16
C SER A 301 11.87 32.20 0.54
N TYR A 302 12.54 31.71 1.58
CA TYR A 302 12.36 30.36 2.07
C TYR A 302 11.29 30.16 3.13
N GLY A 303 10.64 29.02 3.05
CA GLY A 303 9.60 28.69 4.00
C GLY A 303 10.11 27.59 4.90
N ARG A 304 10.06 26.35 4.42
CA ARG A 304 10.53 25.24 5.24
C ARG A 304 12.04 25.29 5.40
N ALA A 305 12.74 25.62 4.32
CA ALA A 305 14.20 25.67 4.35
C ALA A 305 14.78 26.58 5.43
N LEU A 306 13.93 27.33 6.10
CA LEU A 306 14.37 28.22 7.17
C LEU A 306 13.85 27.76 8.52
N GLN A 307 12.75 27.02 8.51
CA GLN A 307 12.19 26.59 9.78
C GLN A 307 12.03 25.09 9.99
N ALA A 308 12.65 24.27 9.15
CA ALA A 308 12.51 22.83 9.32
C ALA A 308 13.07 22.40 10.67
N SER A 309 14.38 22.55 10.82
CA SER A 309 15.04 22.17 12.06
C SER A 309 14.49 22.97 13.23
N ALA A 310 14.16 24.23 12.99
CA ALA A 310 13.62 25.07 14.04
C ALA A 310 12.35 24.44 14.61
N LEU A 311 11.46 24.05 13.71
CA LEU A 311 10.19 23.45 14.07
C LEU A 311 10.44 22.10 14.74
N ASN A 312 11.40 21.38 14.22
CA ASN A 312 11.76 20.07 14.73
C ASN A 312 12.29 20.15 16.15
N ALA A 313 12.99 21.24 16.46
CA ALA A 313 13.56 21.45 17.79
C ALA A 313 12.46 21.83 18.77
N TRP A 314 11.70 22.87 18.44
CA TRP A 314 10.61 23.34 19.29
C TRP A 314 9.76 22.17 19.76
N ARG A 315 9.27 21.40 18.79
CA ARG A 315 8.46 20.22 19.09
C ARG A 315 7.26 20.52 19.99
N GLY A 316 6.84 21.79 20.02
CA GLY A 316 5.71 22.18 20.83
C GLY A 316 6.03 22.50 22.27
N GLN A 317 7.24 22.19 22.71
CA GLN A 317 7.66 22.42 24.09
C GLN A 317 8.06 23.87 24.39
N ARG A 318 7.51 24.43 25.45
CA ARG A 318 7.82 25.81 25.82
C ARG A 318 9.29 26.00 26.15
N ASP A 319 9.95 24.94 26.62
CA ASP A 319 11.37 25.02 26.96
C ASP A 319 12.22 25.06 25.71
N ASN A 320 11.87 24.20 24.76
CA ASN A 320 12.61 24.11 23.50
C ASN A 320 12.52 25.37 22.65
N ALA A 321 11.70 26.32 23.08
CA ALA A 321 11.52 27.59 22.38
C ALA A 321 12.83 28.23 21.92
N GLY A 322 13.70 28.51 22.89
CA GLY A 322 14.99 29.13 22.59
C GLY A 322 15.86 28.34 21.63
N ALA A 323 15.85 27.03 21.78
CA ALA A 323 16.64 26.17 20.91
C ALA A 323 16.08 26.28 19.50
N ALA A 324 14.75 26.23 19.39
CA ALA A 324 14.07 26.33 18.12
C ALA A 324 14.48 27.64 17.46
N THR A 325 14.37 28.73 18.22
CA THR A 325 14.74 30.04 17.72
C THR A 325 16.18 30.07 17.22
N GLU A 326 17.05 29.32 17.88
CA GLU A 326 18.44 29.26 17.47
C GLU A 326 18.55 28.56 16.13
N GLU A 327 17.87 27.42 16.01
CA GLU A 327 17.92 26.65 14.78
C GLU A 327 17.54 27.54 13.60
N PHE A 328 16.55 28.41 13.82
CA PHE A 328 16.09 29.34 12.79
C PHE A 328 17.18 30.37 12.48
N ILE A 329 17.57 31.13 13.49
CA ILE A 329 18.61 32.14 13.32
C ILE A 329 19.82 31.56 12.60
N LYS A 330 20.13 30.29 12.88
CA LYS A 330 21.27 29.63 12.25
C LYS A 330 21.06 29.61 10.73
N ARG A 331 19.98 28.99 10.28
CA ARG A 331 19.68 28.89 8.86
C ARG A 331 19.52 30.28 8.25
N ALA A 332 18.88 31.19 8.98
CA ALA A 332 18.70 32.54 8.47
C ALA A 332 20.06 33.16 8.16
N GLU A 333 21.03 32.94 9.04
CA GLU A 333 22.34 33.50 8.84
C GLU A 333 23.10 32.86 7.70
N VAL A 334 23.12 31.53 7.64
CA VAL A 334 23.82 30.85 6.57
C VAL A 334 23.26 31.26 5.21
N ASN A 335 21.94 31.30 5.10
CA ASN A 335 21.33 31.67 3.82
C ASN A 335 21.64 33.11 3.50
N GLY A 336 21.82 33.92 4.54
CA GLY A 336 22.16 35.31 4.34
C GLY A 336 23.54 35.38 3.71
N LEU A 337 24.34 34.35 3.98
CA LEU A 337 25.69 34.26 3.42
C LEU A 337 25.60 33.71 2.02
N ALA A 338 24.82 32.65 1.86
CA ALA A 338 24.63 32.02 0.55
C ALA A 338 24.09 33.05 -0.42
N ALA A 339 23.38 34.04 0.11
CA ALA A 339 22.81 35.10 -0.70
C ALA A 339 23.89 36.04 -1.22
N GLN A 340 25.14 35.73 -0.91
CA GLN A 340 26.26 36.54 -1.36
C GLN A 340 27.36 35.63 -1.86
N GLY A 341 27.04 34.34 -1.95
CA GLY A 341 27.98 33.35 -2.42
C GLY A 341 29.13 33.12 -1.45
N LYS A 342 29.04 33.74 -0.29
CA LYS A 342 30.07 33.61 0.70
C LYS A 342 29.67 32.70 1.86
N TYR A 343 29.30 31.47 1.53
CA TYR A 343 28.91 30.51 2.55
C TYR A 343 29.75 29.27 2.30
N GLU A 344 30.48 28.83 3.32
CA GLU A 344 31.31 27.63 3.17
C GLU A 344 30.70 26.48 3.98
N HIS B 3 -3.56 17.35 -25.53
CA HIS B 3 -3.96 18.61 -24.86
C HIS B 3 -5.47 18.74 -24.75
N SER B 4 -6.16 17.65 -25.05
CA SER B 4 -7.62 17.59 -24.99
C SER B 4 -8.13 16.71 -23.84
N TYR B 5 -8.42 17.33 -22.71
CA TYR B 5 -8.92 16.62 -21.53
C TYR B 5 -10.35 17.06 -21.23
N PRO B 6 -11.32 16.44 -21.92
CA PRO B 6 -12.76 16.69 -21.83
C PRO B 6 -13.25 17.45 -20.60
N ALA B 7 -13.56 18.72 -20.82
CA ALA B 7 -14.05 19.58 -19.76
C ALA B 7 -15.44 19.12 -19.31
N LEU B 8 -16.26 18.73 -20.29
CA LEU B 8 -17.61 18.27 -20.01
C LEU B 8 -17.91 16.93 -20.63
N SER B 9 -18.75 16.16 -19.94
CA SER B 9 -19.17 14.86 -20.42
C SER B 9 -20.25 15.11 -21.45
N ALA B 10 -20.64 14.06 -22.16
CA ALA B 10 -21.67 14.19 -23.19
C ALA B 10 -22.97 14.60 -22.54
N GLU B 11 -23.27 13.99 -21.39
CA GLU B 11 -24.49 14.28 -20.67
C GLU B 11 -24.53 15.76 -20.31
N GLN B 12 -23.43 16.24 -19.74
CA GLN B 12 -23.33 17.64 -19.33
C GLN B 12 -23.51 18.62 -20.46
N LYS B 13 -22.84 18.36 -21.58
CA LYS B 13 -22.95 19.24 -22.72
C LYS B 13 -24.43 19.33 -23.11
N LYS B 14 -25.10 18.17 -23.08
CA LYS B 14 -26.51 18.10 -23.41
C LYS B 14 -27.31 19.05 -22.53
N GLU B 15 -27.24 18.83 -21.22
CA GLU B 15 -27.95 19.66 -20.26
C GLU B 15 -27.76 21.15 -20.51
N LEU B 16 -26.53 21.55 -20.78
CA LEU B 16 -26.25 22.96 -21.01
C LEU B 16 -26.94 23.43 -22.28
N SER B 17 -26.72 22.70 -23.37
CA SER B 17 -27.34 23.06 -24.65
C SER B 17 -28.84 23.18 -24.54
N ASP B 18 -29.48 22.21 -23.89
CA ASP B 18 -30.93 22.24 -23.72
C ASP B 18 -31.30 23.53 -23.01
N ILE B 19 -30.80 23.72 -21.80
CA ILE B 19 -31.09 24.92 -21.04
C ILE B 19 -30.95 26.17 -21.89
N ALA B 20 -29.86 26.25 -22.65
CA ALA B 20 -29.62 27.41 -23.48
C ALA B 20 -30.75 27.63 -24.47
N LEU B 21 -31.08 26.58 -25.21
CA LEU B 21 -32.13 26.64 -26.22
C LEU B 21 -33.51 26.96 -25.66
N ARG B 22 -33.81 26.47 -24.47
CA ARG B 22 -35.11 26.76 -23.87
C ARG B 22 -35.23 28.26 -23.66
N ILE B 23 -34.16 28.86 -23.15
CA ILE B 23 -34.16 30.28 -22.88
C ILE B 23 -34.40 31.11 -24.15
N VAL B 24 -33.67 30.83 -25.23
CA VAL B 24 -33.86 31.62 -26.43
C VAL B 24 -34.86 31.07 -27.43
N ALA B 25 -35.70 30.16 -26.98
CA ALA B 25 -36.73 29.58 -27.85
C ALA B 25 -37.48 30.71 -28.55
N PRO B 26 -37.95 30.45 -29.78
CA PRO B 26 -38.68 31.40 -30.62
C PRO B 26 -39.65 32.31 -29.90
N GLY B 27 -39.62 33.60 -30.25
CA GLY B 27 -40.52 34.56 -29.62
C GLY B 27 -40.33 34.73 -28.12
N LYS B 28 -39.26 34.15 -27.58
CA LYS B 28 -38.97 34.26 -26.16
C LYS B 28 -37.70 35.09 -25.87
N GLY B 29 -37.73 35.82 -24.77
CA GLY B 29 -36.61 36.64 -24.36
C GLY B 29 -36.35 36.49 -22.87
N ILE B 30 -35.48 37.35 -22.33
CA ILE B 30 -35.11 37.30 -20.93
C ILE B 30 -35.49 38.53 -20.14
N LEU B 31 -36.06 38.34 -18.96
CA LEU B 31 -36.39 39.47 -18.10
C LEU B 31 -35.20 39.59 -17.17
N ALA B 32 -34.53 40.73 -17.25
CA ALA B 32 -33.37 40.96 -16.40
C ALA B 32 -33.76 41.76 -15.17
N ALA B 33 -34.07 41.07 -14.09
CA ALA B 33 -34.45 41.71 -12.84
C ALA B 33 -33.34 41.52 -11.81
N ASP B 34 -32.10 41.56 -12.27
CA ASP B 34 -30.94 41.37 -11.40
C ASP B 34 -30.37 42.69 -10.87
N GLU B 35 -31.22 43.69 -10.69
CA GLU B 35 -30.76 44.99 -10.20
C GLU B 35 -30.18 44.93 -8.78
N SER B 36 -28.91 45.30 -8.68
CA SER B 36 -28.22 45.32 -7.38
C SER B 36 -28.99 46.23 -6.43
N VAL B 37 -28.90 45.96 -5.14
CA VAL B 37 -29.59 46.78 -4.16
C VAL B 37 -29.18 48.24 -4.34
N GLY B 38 -28.00 48.44 -4.91
CA GLY B 38 -27.51 49.79 -5.15
C GLY B 38 -28.25 50.45 -6.29
N SER B 39 -28.15 49.88 -7.49
CA SER B 39 -28.83 50.44 -8.65
C SER B 39 -30.34 50.47 -8.42
N MET B 40 -30.81 49.57 -7.58
CA MET B 40 -32.23 49.50 -7.27
C MET B 40 -32.64 50.75 -6.49
N ALA B 41 -31.71 51.32 -5.74
CA ALA B 41 -32.01 52.51 -4.97
C ALA B 41 -32.34 53.65 -5.93
N LYS B 42 -31.53 53.80 -6.97
CA LYS B 42 -31.75 54.85 -7.95
C LYS B 42 -33.10 54.71 -8.65
N ARG B 43 -33.43 53.51 -9.08
CA ARG B 43 -34.70 53.29 -9.78
C ARG B 43 -35.88 53.55 -8.89
N LEU B 44 -35.82 53.10 -7.64
CA LEU B 44 -36.92 53.32 -6.72
C LEU B 44 -37.06 54.80 -6.38
N SER B 45 -35.93 55.49 -6.23
CA SER B 45 -35.98 56.91 -5.89
C SER B 45 -36.78 57.71 -6.93
N GLN B 46 -36.62 57.36 -8.21
CA GLN B 46 -37.33 58.07 -9.27
C GLN B 46 -38.85 58.03 -9.13
N ILE B 47 -39.37 57.06 -8.37
CA ILE B 47 -40.81 56.94 -8.18
C ILE B 47 -41.16 57.06 -6.69
N GLY B 48 -40.27 57.70 -5.93
CA GLY B 48 -40.47 57.84 -4.49
C GLY B 48 -39.93 56.53 -3.93
N VAL B 49 -40.77 55.77 -3.24
CA VAL B 49 -40.36 54.47 -2.71
C VAL B 49 -38.99 54.36 -2.02
N GLU B 50 -39.01 54.16 -0.70
CA GLU B 50 -37.78 53.99 0.06
C GLU B 50 -37.14 52.71 -0.43
N ASN B 51 -35.81 52.68 -0.50
CA ASN B 51 -35.13 51.49 -0.96
C ASN B 51 -34.95 50.46 0.17
N THR B 52 -36.05 49.79 0.51
CA THR B 52 -36.08 48.76 1.56
C THR B 52 -35.95 47.39 0.91
N GLU B 53 -35.71 46.37 1.71
CA GLU B 53 -35.65 45.03 1.15
C GLU B 53 -37.08 44.70 0.80
N GLU B 54 -37.99 45.18 1.65
CA GLU B 54 -39.40 44.93 1.42
C GLU B 54 -39.89 45.60 0.16
N ASN B 55 -39.64 46.89 0.02
CA ASN B 55 -40.08 47.59 -1.18
C ASN B 55 -39.56 46.93 -2.44
N ARG B 56 -38.39 46.31 -2.34
CA ARG B 56 -37.81 45.62 -3.49
C ARG B 56 -38.59 44.34 -3.71
N ARG B 57 -38.80 43.58 -2.65
CA ARG B 57 -39.54 42.33 -2.75
C ARG B 57 -40.91 42.63 -3.37
N LEU B 58 -41.54 43.70 -2.88
CA LEU B 58 -42.84 44.11 -3.39
C LEU B 58 -42.79 44.36 -4.88
N TYR B 59 -41.83 45.16 -5.31
CA TYR B 59 -41.72 45.45 -6.73
C TYR B 59 -41.42 44.22 -7.57
N ARG B 60 -40.47 43.39 -7.14
CA ARG B 60 -40.13 42.19 -7.89
C ARG B 60 -41.39 41.34 -8.01
N GLN B 61 -42.23 41.40 -6.99
CA GLN B 61 -43.47 40.64 -6.97
C GLN B 61 -44.37 41.11 -8.10
N VAL B 62 -44.42 42.43 -8.29
CA VAL B 62 -45.23 42.99 -9.36
C VAL B 62 -44.88 42.33 -10.68
N LEU B 63 -43.59 42.05 -10.88
CA LEU B 63 -43.13 41.43 -12.11
C LEU B 63 -43.44 39.94 -12.14
N PHE B 64 -43.01 39.23 -11.11
CA PHE B 64 -43.20 37.79 -11.04
C PHE B 64 -44.62 37.30 -10.91
N SER B 65 -45.53 38.20 -10.58
CA SER B 65 -46.91 37.79 -10.45
C SER B 65 -47.63 37.86 -11.80
N ALA B 66 -46.89 38.15 -12.87
CA ALA B 66 -47.50 38.21 -14.20
C ALA B 66 -48.13 36.85 -14.48
N ASP B 67 -49.24 36.86 -15.23
CA ASP B 67 -49.95 35.62 -15.55
C ASP B 67 -49.31 34.81 -16.66
N ASP B 68 -50.02 33.80 -17.13
CA ASP B 68 -49.53 32.88 -18.17
C ASP B 68 -49.20 33.43 -19.56
N ARG B 69 -49.65 34.62 -19.91
CA ARG B 69 -49.33 35.09 -21.24
C ARG B 69 -47.87 35.52 -21.30
N VAL B 70 -47.22 35.49 -20.15
CA VAL B 70 -45.82 35.86 -20.05
C VAL B 70 -44.98 34.65 -20.48
N LYS B 71 -45.63 33.48 -20.48
CA LYS B 71 -44.99 32.21 -20.87
C LYS B 71 -44.57 32.14 -22.33
N LYS B 72 -45.30 32.82 -23.21
CA LYS B 72 -44.97 32.76 -24.63
C LYS B 72 -43.79 33.65 -25.01
N CYS B 73 -43.56 34.71 -24.24
CA CYS B 73 -42.48 35.65 -24.56
C CYS B 73 -41.30 35.70 -23.60
N ILE B 74 -41.40 35.03 -22.46
CA ILE B 74 -40.30 35.03 -21.51
C ILE B 74 -39.70 33.65 -21.32
N GLY B 75 -38.49 33.46 -21.84
CA GLY B 75 -37.83 32.17 -21.72
C GLY B 75 -37.07 32.03 -20.41
N GLY B 76 -36.65 33.16 -19.85
CA GLY B 76 -35.91 33.14 -18.60
C GLY B 76 -35.93 34.44 -17.83
N VAL B 77 -35.65 34.35 -16.54
CA VAL B 77 -35.63 35.51 -15.66
C VAL B 77 -34.33 35.54 -14.89
N ILE B 78 -33.61 36.66 -14.97
CA ILE B 78 -32.34 36.79 -14.25
C ILE B 78 -32.61 37.43 -12.90
N PHE B 79 -32.32 36.69 -11.82
CA PHE B 79 -32.52 37.16 -10.45
C PHE B 79 -31.30 37.82 -9.83
N PHE B 80 -31.55 38.71 -8.88
CA PHE B 80 -30.46 39.31 -8.15
C PHE B 80 -30.42 38.41 -6.92
N HIS B 81 -29.23 38.05 -6.46
CA HIS B 81 -29.10 37.15 -5.30
C HIS B 81 -30.23 37.23 -4.28
N GLU B 82 -30.32 38.38 -3.62
CA GLU B 82 -31.34 38.64 -2.61
C GLU B 82 -32.68 38.07 -3.05
N THR B 83 -33.15 38.58 -4.19
CA THR B 83 -34.42 38.20 -4.78
C THR B 83 -34.61 36.68 -4.97
N LEU B 84 -33.54 35.98 -5.33
CA LEU B 84 -33.61 34.53 -5.54
C LEU B 84 -34.08 33.79 -4.30
N TYR B 85 -34.12 34.49 -3.17
CA TYR B 85 -34.55 33.85 -1.93
C TYR B 85 -35.75 34.54 -1.29
N GLN B 86 -36.38 35.44 -2.03
CA GLN B 86 -37.56 36.13 -1.51
C GLN B 86 -38.82 35.38 -1.89
N LYS B 87 -39.91 35.66 -1.17
CA LYS B 87 -41.18 35.02 -1.42
C LYS B 87 -42.28 36.06 -1.59
N ASP B 88 -43.36 35.67 -2.26
CA ASP B 88 -44.49 36.58 -2.47
C ASP B 88 -45.30 36.62 -1.19
N ASP B 89 -46.37 37.41 -1.19
CA ASP B 89 -47.19 37.54 0.00
C ASP B 89 -47.84 36.25 0.47
N ASN B 90 -47.88 35.25 -0.40
CA ASN B 90 -48.49 33.97 -0.01
C ASN B 90 -47.43 33.02 0.54
N GLY B 91 -46.20 33.53 0.67
CA GLY B 91 -45.11 32.72 1.17
C GLY B 91 -44.55 31.79 0.12
N VAL B 92 -44.82 32.11 -1.15
CA VAL B 92 -44.33 31.30 -2.24
C VAL B 92 -43.08 31.88 -2.88
N PRO B 93 -41.99 31.09 -2.87
CA PRO B 93 -40.70 31.48 -3.44
C PRO B 93 -40.84 31.99 -4.86
N PHE B 94 -40.35 33.19 -5.11
CA PHE B 94 -40.42 33.77 -6.45
C PHE B 94 -39.85 32.75 -7.44
N VAL B 95 -38.81 32.04 -7.03
CA VAL B 95 -38.19 31.05 -7.89
C VAL B 95 -39.21 29.98 -8.27
N ARG B 96 -39.92 29.50 -7.26
CA ARG B 96 -40.95 28.48 -7.43
C ARG B 96 -41.92 28.91 -8.53
N THR B 97 -42.49 30.09 -8.34
CA THR B 97 -43.45 30.65 -9.30
C THR B 97 -42.91 30.63 -10.72
N ILE B 98 -41.80 31.35 -10.96
CA ILE B 98 -41.22 31.40 -12.31
C ILE B 98 -41.00 29.98 -12.82
N GLN B 99 -40.52 29.09 -11.96
CA GLN B 99 -40.27 27.71 -12.35
C GLN B 99 -41.52 26.99 -12.81
N ASP B 100 -42.60 27.17 -12.06
CA ASP B 100 -43.85 26.51 -12.40
C ASP B 100 -44.39 26.95 -13.75
N LYS B 101 -44.11 28.19 -14.17
CA LYS B 101 -44.57 28.66 -15.48
C LYS B 101 -43.64 28.11 -16.56
N GLY B 102 -42.67 27.29 -16.15
CA GLY B 102 -41.74 26.71 -17.10
C GLY B 102 -40.67 27.67 -17.59
N ILE B 103 -40.56 28.83 -16.94
CA ILE B 103 -39.56 29.80 -17.33
C ILE B 103 -38.25 29.42 -16.63
N VAL B 104 -37.12 29.67 -17.27
CA VAL B 104 -35.83 29.31 -16.67
C VAL B 104 -35.34 30.36 -15.67
N VAL B 105 -34.70 29.90 -14.59
CA VAL B 105 -34.19 30.80 -13.56
C VAL B 105 -32.68 31.05 -13.65
N GLY B 106 -32.27 32.31 -13.46
CA GLY B 106 -30.86 32.65 -13.52
C GLY B 106 -30.45 33.66 -12.46
N ILE B 107 -29.14 33.76 -12.18
CA ILE B 107 -28.61 34.73 -11.19
C ILE B 107 -27.42 35.49 -11.71
N LYS B 108 -27.33 36.76 -11.32
CA LYS B 108 -26.20 37.61 -11.65
C LYS B 108 -25.16 37.08 -10.65
N VAL B 109 -23.94 36.77 -11.11
CA VAL B 109 -22.94 36.25 -10.19
C VAL B 109 -21.70 37.14 -10.06
N ASP B 110 -21.50 38.03 -11.02
CA ASP B 110 -20.34 38.92 -10.96
C ASP B 110 -20.47 39.75 -9.69
N LYS B 111 -19.34 40.20 -9.15
CA LYS B 111 -19.35 40.99 -7.95
C LYS B 111 -18.93 42.42 -8.24
N GLY B 112 -19.46 42.97 -9.33
CA GLY B 112 -19.14 44.34 -9.65
C GLY B 112 -17.89 44.63 -10.47
N VAL B 113 -17.89 45.82 -11.03
CA VAL B 113 -16.81 46.28 -11.87
C VAL B 113 -15.74 46.92 -11.00
N VAL B 114 -14.49 46.84 -11.45
CA VAL B 114 -13.38 47.44 -10.71
C VAL B 114 -12.39 48.08 -11.68
N PRO B 115 -11.59 49.04 -11.19
CA PRO B 115 -10.57 49.80 -11.91
C PRO B 115 -9.38 49.06 -12.45
N LEU B 116 -8.99 49.42 -13.66
CA LEU B 116 -7.81 48.85 -14.27
C LEU B 116 -6.73 49.92 -14.13
N ALA B 117 -5.83 49.72 -13.18
CA ALA B 117 -4.76 50.68 -12.95
C ALA B 117 -4.03 50.92 -14.25
N GLY B 118 -3.73 52.19 -14.54
CA GLY B 118 -2.98 52.53 -15.74
C GLY B 118 -3.78 52.80 -16.98
N THR B 119 -5.11 52.76 -16.87
CA THR B 119 -5.97 52.99 -18.02
C THR B 119 -6.74 54.28 -17.82
N ASP B 120 -7.44 54.70 -18.87
CA ASP B 120 -8.23 55.92 -18.81
C ASP B 120 -9.61 55.61 -18.25
N GLY B 121 -9.66 55.36 -16.94
CA GLY B 121 -10.92 55.05 -16.29
C GLY B 121 -11.60 53.81 -16.81
N GLU B 122 -10.82 52.81 -17.20
CA GLU B 122 -11.39 51.58 -17.69
C GLU B 122 -11.51 50.59 -16.56
N THR B 123 -12.27 49.53 -16.78
CA THR B 123 -12.47 48.56 -15.72
C THR B 123 -12.39 47.13 -16.17
N THR B 124 -12.72 46.26 -15.23
CA THR B 124 -12.78 44.83 -15.42
C THR B 124 -13.80 44.42 -14.37
N THR B 125 -14.10 43.14 -14.28
CA THR B 125 -15.11 42.70 -13.33
C THR B 125 -14.60 41.65 -12.37
N GLN B 126 -15.08 41.69 -11.14
CA GLN B 126 -14.67 40.70 -10.17
C GLN B 126 -15.84 39.81 -9.81
N GLY B 127 -15.55 38.66 -9.19
CA GLY B 127 -16.60 37.75 -8.79
C GLY B 127 -16.15 36.30 -8.88
N LEU B 128 -14.99 36.08 -9.49
CA LEU B 128 -14.45 34.73 -9.65
C LEU B 128 -14.15 33.98 -8.36
N ASP B 129 -13.79 34.69 -7.30
CA ASP B 129 -13.48 34.01 -6.05
C ASP B 129 -14.69 33.24 -5.51
N GLY B 130 -14.50 31.93 -5.34
CA GLY B 130 -15.56 31.08 -4.84
C GLY B 130 -16.74 30.86 -5.78
N LEU B 131 -16.65 31.39 -6.99
CA LEU B 131 -17.75 31.25 -7.95
C LEU B 131 -18.21 29.81 -8.15
N SER B 132 -17.28 28.87 -8.16
CA SER B 132 -17.67 27.49 -8.38
C SER B 132 -18.61 26.98 -7.28
N GLU B 133 -18.27 27.24 -6.02
CA GLU B 133 -19.10 26.82 -4.89
C GLU B 133 -20.45 27.49 -5.01
N ARG B 134 -20.43 28.77 -5.34
CA ARG B 134 -21.65 29.55 -5.46
C ARG B 134 -22.55 29.00 -6.56
N CYS B 135 -21.97 28.66 -7.70
CA CYS B 135 -22.77 28.14 -8.80
C CYS B 135 -23.41 26.84 -8.34
N ALA B 136 -22.60 25.97 -7.78
CA ALA B 136 -23.11 24.70 -7.30
C ALA B 136 -24.35 24.93 -6.41
N GLN B 137 -24.29 25.95 -5.57
CA GLN B 137 -25.39 26.31 -4.67
C GLN B 137 -26.59 26.83 -5.43
N TYR B 138 -26.35 27.82 -6.28
CA TYR B 138 -27.41 28.41 -7.07
C TYR B 138 -28.12 27.36 -7.90
N LYS B 139 -27.36 26.43 -8.46
CA LYS B 139 -27.96 25.37 -9.26
C LYS B 139 -28.89 24.60 -8.34
N LYS B 140 -28.35 24.24 -7.18
CA LYS B 140 -29.09 23.49 -6.17
C LYS B 140 -30.36 24.25 -5.73
N ASP B 141 -30.39 25.56 -5.99
CA ASP B 141 -31.56 26.34 -5.61
C ASP B 141 -32.48 26.68 -6.78
N GLY B 142 -32.25 26.04 -7.93
CA GLY B 142 -33.11 26.27 -9.07
C GLY B 142 -32.61 27.09 -10.25
N ALA B 143 -31.38 27.58 -10.17
CA ALA B 143 -30.85 28.37 -11.27
C ALA B 143 -30.22 27.45 -12.31
N ASP B 144 -30.35 27.82 -13.59
CA ASP B 144 -29.79 27.01 -14.65
C ASP B 144 -28.91 27.84 -15.57
N PHE B 145 -28.89 29.14 -15.33
CA PHE B 145 -28.04 30.02 -16.12
C PHE B 145 -27.62 31.23 -15.29
N ALA B 146 -26.53 31.87 -15.68
CA ALA B 146 -26.03 33.01 -14.92
C ALA B 146 -25.67 34.18 -15.83
N LYS B 147 -25.39 35.32 -15.21
CA LYS B 147 -25.00 36.51 -15.96
C LYS B 147 -23.80 37.17 -15.27
N TRP B 148 -22.87 37.65 -16.08
CA TRP B 148 -21.66 38.33 -15.59
C TRP B 148 -21.49 39.52 -16.49
N ARG B 149 -21.44 40.72 -15.92
CA ARG B 149 -21.30 41.89 -16.79
C ARG B 149 -19.96 42.59 -16.78
N CYS B 150 -19.33 42.65 -17.95
CA CYS B 150 -18.06 43.36 -18.10
C CYS B 150 -18.47 44.64 -18.78
N VAL B 151 -17.69 45.70 -18.62
CA VAL B 151 -18.06 46.96 -19.24
C VAL B 151 -16.90 47.60 -19.96
N LEU B 152 -17.10 47.88 -21.24
CA LEU B 152 -16.08 48.53 -22.05
C LEU B 152 -16.62 49.92 -22.40
N LYS B 153 -15.73 50.86 -22.72
CA LYS B 153 -16.13 52.23 -23.01
C LYS B 153 -15.49 52.72 -24.30
N ILE B 154 -16.19 53.55 -25.07
CA ILE B 154 -15.60 54.05 -26.31
C ILE B 154 -15.24 55.53 -26.20
N SER B 155 -13.98 55.84 -26.50
CA SER B 155 -13.43 57.19 -26.45
C SER B 155 -12.23 57.24 -27.39
N GLU B 156 -11.52 58.37 -27.44
CA GLU B 156 -10.37 58.50 -28.34
C GLU B 156 -9.43 57.31 -28.20
N ARG B 157 -9.36 56.75 -27.00
CA ARG B 157 -8.48 55.63 -26.78
C ARG B 157 -8.92 54.83 -25.58
N THR B 158 -10.12 54.24 -25.65
CA THR B 158 -10.60 53.51 -24.50
C THR B 158 -10.63 52.01 -24.53
N PRO B 159 -11.40 51.40 -25.45
CA PRO B 159 -11.32 49.94 -25.36
C PRO B 159 -9.87 49.61 -25.69
N SER B 160 -9.02 49.63 -24.66
CA SER B 160 -7.60 49.40 -24.77
C SER B 160 -7.23 47.93 -24.78
N ALA B 161 -6.11 47.63 -25.42
CA ALA B 161 -5.66 46.25 -25.50
C ALA B 161 -5.87 45.59 -24.15
N LEU B 162 -5.44 46.26 -23.09
CA LEU B 162 -5.59 45.70 -21.76
C LEU B 162 -7.05 45.43 -21.42
N ALA B 163 -7.89 46.45 -21.54
CA ALA B 163 -9.31 46.31 -21.24
C ALA B 163 -9.96 45.19 -22.05
N ILE B 164 -9.59 45.06 -23.32
CA ILE B 164 -10.15 44.01 -24.14
C ILE B 164 -9.56 42.67 -23.71
N LEU B 165 -8.24 42.62 -23.54
CA LEU B 165 -7.52 41.41 -23.11
C LEU B 165 -8.18 40.89 -21.85
N GLU B 166 -8.10 41.67 -20.76
CA GLU B 166 -8.73 41.32 -19.51
C GLU B 166 -10.18 41.47 -19.92
N ASN B 167 -11.13 41.07 -19.09
CA ASN B 167 -12.54 41.19 -19.49
C ASN B 167 -12.84 39.99 -20.39
N ALA B 168 -12.27 40.00 -21.59
CA ALA B 168 -12.48 38.87 -22.47
C ALA B 168 -12.03 37.64 -21.70
N ASN B 169 -10.92 37.78 -20.99
CA ASN B 169 -10.38 36.68 -20.22
C ASN B 169 -11.26 36.37 -19.03
N VAL B 170 -11.70 37.40 -18.31
CA VAL B 170 -12.55 37.17 -17.14
C VAL B 170 -13.83 36.47 -17.54
N LEU B 171 -14.43 36.94 -18.62
CA LEU B 171 -15.64 36.31 -19.11
C LEU B 171 -15.39 34.83 -19.30
N ALA B 172 -14.31 34.51 -20.03
CA ALA B 172 -13.97 33.12 -20.29
C ALA B 172 -13.84 32.32 -19.01
N ARG B 173 -13.20 32.89 -17.99
CA ARG B 173 -13.04 32.20 -16.71
C ARG B 173 -14.40 31.91 -16.14
N TYR B 174 -15.20 32.96 -15.96
CA TYR B 174 -16.55 32.86 -15.44
C TYR B 174 -17.35 31.78 -16.19
N ALA B 175 -17.35 31.87 -17.51
CA ALA B 175 -18.07 30.92 -18.34
C ALA B 175 -17.63 29.49 -18.05
N SER B 176 -16.31 29.27 -18.07
CA SER B 176 -15.76 27.95 -17.81
C SER B 176 -16.26 27.37 -16.49
N ILE B 177 -16.21 28.19 -15.44
CA ILE B 177 -16.65 27.77 -14.11
C ILE B 177 -18.12 27.43 -14.03
N CYS B 178 -18.96 28.24 -14.69
CA CYS B 178 -20.39 27.98 -14.70
C CYS B 178 -20.69 26.63 -15.32
N GLN B 179 -20.13 26.39 -16.49
CA GLN B 179 -20.40 25.14 -17.18
C GLN B 179 -20.00 23.90 -16.41
N GLN B 180 -18.90 23.93 -15.67
CA GLN B 180 -18.53 22.73 -14.95
C GLN B 180 -19.49 22.52 -13.77
N ASN B 181 -20.41 23.46 -13.58
CA ASN B 181 -21.43 23.38 -12.52
C ASN B 181 -22.85 23.27 -13.10
N GLY B 182 -22.95 22.85 -14.35
CA GLY B 182 -24.23 22.70 -15.00
C GLY B 182 -25.03 24.00 -15.13
N ILE B 183 -24.34 25.11 -15.30
CA ILE B 183 -25.02 26.39 -15.43
C ILE B 183 -24.63 27.12 -16.71
N VAL B 184 -25.63 27.43 -17.53
CA VAL B 184 -25.35 28.13 -18.78
C VAL B 184 -24.95 29.56 -18.47
N PRO B 185 -23.80 29.99 -18.99
CA PRO B 185 -23.37 31.36 -18.72
C PRO B 185 -23.72 32.35 -19.82
N ILE B 186 -24.22 33.51 -19.42
CA ILE B 186 -24.52 34.56 -20.40
C ILE B 186 -23.27 35.43 -20.37
N VAL B 187 -22.58 35.47 -21.50
CA VAL B 187 -21.37 36.28 -21.60
C VAL B 187 -21.77 37.69 -22.01
N GLU B 188 -21.64 38.64 -21.09
CA GLU B 188 -22.03 40.01 -21.39
C GLU B 188 -20.91 41.04 -21.47
N PRO B 189 -20.38 41.25 -22.69
CA PRO B 189 -19.31 42.24 -22.89
C PRO B 189 -20.00 43.51 -23.36
N GLU B 190 -20.51 44.29 -22.41
CA GLU B 190 -21.20 45.52 -22.79
C GLU B 190 -20.34 46.71 -23.15
N ILE B 191 -20.45 47.17 -24.38
CA ILE B 191 -19.72 48.34 -24.82
C ILE B 191 -20.67 49.53 -24.65
N LEU B 192 -20.46 50.33 -23.61
CA LEU B 192 -21.32 51.48 -23.34
C LEU B 192 -21.52 52.41 -24.53
N PRO B 193 -22.65 53.11 -24.58
CA PRO B 193 -23.05 54.06 -25.63
C PRO B 193 -22.51 55.46 -25.39
N ASP B 194 -22.06 55.75 -24.17
CA ASP B 194 -21.54 57.08 -23.85
C ASP B 194 -20.54 57.52 -24.88
N GLY B 195 -20.63 58.78 -25.28
CA GLY B 195 -19.71 59.32 -26.26
C GLY B 195 -20.45 59.92 -27.44
N ASP B 196 -19.70 60.54 -28.35
CA ASP B 196 -20.30 61.14 -29.54
C ASP B 196 -19.87 60.40 -30.81
N HIS B 197 -19.47 59.13 -30.66
CA HIS B 197 -19.05 58.33 -31.81
C HIS B 197 -20.23 57.93 -32.69
N ASP B 198 -19.98 57.76 -33.98
CA ASP B 198 -21.04 57.38 -34.93
C ASP B 198 -21.21 55.88 -35.00
N LEU B 199 -22.26 55.44 -35.69
CA LEU B 199 -22.55 54.02 -35.82
C LEU B 199 -21.33 53.22 -36.30
N LYS B 200 -20.67 53.70 -37.35
CA LYS B 200 -19.48 53.03 -37.88
C LYS B 200 -18.53 52.60 -36.77
N ARG B 201 -18.11 53.55 -35.95
CA ARG B 201 -17.18 53.27 -34.86
C ARG B 201 -17.66 52.22 -33.88
N CYS B 202 -18.91 52.31 -33.47
CA CYS B 202 -19.44 51.34 -32.52
C CYS B 202 -19.39 49.95 -33.12
N GLN B 203 -19.67 49.86 -34.42
CA GLN B 203 -19.65 48.56 -35.06
C GLN B 203 -18.22 48.02 -35.01
N TYR B 204 -17.27 48.87 -35.37
CA TYR B 204 -15.85 48.51 -35.39
C TYR B 204 -15.43 47.96 -34.03
N VAL B 205 -15.59 48.78 -33.00
CA VAL B 205 -15.23 48.38 -31.65
C VAL B 205 -15.95 47.10 -31.25
N THR B 206 -17.25 47.03 -31.54
CA THR B 206 -18.01 45.84 -31.19
C THR B 206 -17.40 44.60 -31.83
N GLU B 207 -17.04 44.72 -33.10
CA GLU B 207 -16.46 43.61 -33.81
C GLU B 207 -15.14 43.17 -33.17
N LYS B 208 -14.27 44.11 -32.83
CA LYS B 208 -13.00 43.77 -32.22
C LYS B 208 -13.18 43.15 -30.84
N VAL B 209 -14.06 43.72 -30.03
CA VAL B 209 -14.29 43.19 -28.70
C VAL B 209 -14.81 41.76 -28.79
N LEU B 210 -15.85 41.54 -29.58
CA LEU B 210 -16.39 40.19 -29.69
C LEU B 210 -15.33 39.22 -30.20
N ALA B 211 -14.59 39.60 -31.24
CA ALA B 211 -13.56 38.74 -31.78
C ALA B 211 -12.61 38.26 -30.68
N ALA B 212 -12.31 39.14 -29.74
CA ALA B 212 -11.43 38.80 -28.65
C ALA B 212 -12.14 37.88 -27.68
N VAL B 213 -13.38 38.23 -27.36
CA VAL B 213 -14.17 37.45 -26.43
C VAL B 213 -14.27 35.99 -26.84
N TYR B 214 -14.53 35.73 -28.12
CA TYR B 214 -14.67 34.34 -28.52
C TYR B 214 -13.35 33.59 -28.57
N LYS B 215 -12.26 34.28 -28.91
CA LYS B 215 -10.96 33.63 -28.94
C LYS B 215 -10.63 33.21 -27.51
N ALA B 216 -11.02 34.05 -26.55
CA ALA B 216 -10.78 33.79 -25.14
C ALA B 216 -11.56 32.54 -24.74
N LEU B 217 -12.84 32.54 -25.06
CA LEU B 217 -13.68 31.41 -24.73
C LEU B 217 -13.02 30.15 -25.25
N SER B 218 -12.51 30.20 -26.48
CA SER B 218 -11.85 29.05 -27.07
C SER B 218 -10.68 28.60 -26.19
N ASP B 219 -9.81 29.55 -25.87
CA ASP B 219 -8.64 29.30 -25.05
C ASP B 219 -8.99 28.63 -23.73
N HIS B 220 -10.12 29.03 -23.15
CA HIS B 220 -10.53 28.46 -21.87
C HIS B 220 -11.40 27.23 -21.99
N HIS B 221 -11.52 26.72 -23.21
CA HIS B 221 -12.30 25.52 -23.48
C HIS B 221 -13.77 25.65 -23.13
N VAL B 222 -14.35 26.84 -23.30
CA VAL B 222 -15.77 27.03 -23.02
C VAL B 222 -16.60 26.39 -24.13
N TYR B 223 -17.66 25.70 -23.73
CA TYR B 223 -18.58 25.00 -24.65
C TYR B 223 -19.54 26.02 -25.24
N LEU B 224 -19.27 26.48 -26.45
CA LEU B 224 -20.10 27.50 -27.08
C LEU B 224 -21.59 27.23 -27.15
N GLU B 225 -21.97 26.04 -27.59
CA GLU B 225 -23.38 25.72 -27.70
C GLU B 225 -24.10 25.64 -26.35
N GLY B 226 -23.37 25.95 -25.28
CA GLY B 226 -23.95 25.93 -23.95
C GLY B 226 -23.77 27.30 -23.29
N THR B 227 -23.78 28.34 -24.13
CA THR B 227 -23.60 29.70 -23.66
C THR B 227 -24.57 30.61 -24.39
N LEU B 228 -24.58 31.88 -24.01
CA LEU B 228 -25.42 32.88 -24.63
C LEU B 228 -24.64 34.18 -24.63
N LEU B 229 -24.85 35.00 -25.65
CA LEU B 229 -24.15 36.27 -25.74
C LEU B 229 -25.11 37.43 -25.50
N LYS B 230 -24.77 38.30 -24.55
CA LYS B 230 -25.59 39.45 -24.25
C LYS B 230 -24.78 40.69 -24.57
N PRO B 231 -24.72 41.05 -25.86
CA PRO B 231 -23.96 42.23 -26.29
C PRO B 231 -24.85 43.43 -26.38
N ASN B 232 -24.23 44.55 -26.73
CA ASN B 232 -24.94 45.80 -26.90
C ASN B 232 -25.31 45.80 -28.38
N MET B 233 -26.39 46.47 -28.77
CA MET B 233 -26.68 46.52 -30.20
C MET B 233 -25.69 47.56 -30.68
N VAL B 234 -25.18 47.46 -31.89
CA VAL B 234 -24.24 48.48 -32.32
C VAL B 234 -25.08 49.70 -32.68
N THR B 235 -24.80 50.83 -32.04
CA THR B 235 -25.51 52.08 -32.24
C THR B 235 -24.60 53.26 -31.96
N PRO B 236 -24.99 54.46 -32.42
CA PRO B 236 -24.20 55.68 -32.22
C PRO B 236 -24.14 56.00 -30.74
N GLY B 237 -23.19 56.86 -30.37
CA GLY B 237 -23.06 57.25 -28.98
C GLY B 237 -24.23 58.13 -28.60
N HIS B 238 -24.62 58.12 -27.32
CA HIS B 238 -25.74 58.94 -26.86
C HIS B 238 -25.60 60.36 -27.39
N ALA B 239 -24.36 60.84 -27.44
CA ALA B 239 -24.08 62.18 -27.89
C ALA B 239 -23.84 62.34 -29.39
N CYS B 240 -24.05 61.29 -30.18
CA CYS B 240 -23.84 61.46 -31.61
C CYS B 240 -25.01 62.25 -32.17
N PRO B 241 -24.72 63.27 -32.98
CA PRO B 241 -25.74 64.13 -33.60
C PRO B 241 -26.55 63.41 -34.68
N ILE B 242 -25.87 62.56 -35.43
CA ILE B 242 -26.49 61.82 -36.53
C ILE B 242 -27.66 60.92 -36.16
N LYS B 243 -28.66 60.91 -37.03
CA LYS B 243 -29.87 60.11 -36.82
C LYS B 243 -29.78 58.86 -37.68
N TYR B 244 -30.17 57.72 -37.11
CA TYR B 244 -30.12 56.46 -37.85
C TYR B 244 -31.42 55.67 -37.83
N THR B 245 -31.67 54.96 -38.93
CA THR B 245 -32.86 54.13 -39.08
C THR B 245 -32.69 52.89 -38.24
N PRO B 246 -33.77 52.38 -37.65
CA PRO B 246 -33.59 51.16 -36.86
C PRO B 246 -33.15 50.10 -37.87
N GLU B 247 -33.36 50.40 -39.14
CA GLU B 247 -32.94 49.51 -40.21
C GLU B 247 -31.42 49.53 -40.21
N GLU B 248 -30.86 50.74 -40.24
CA GLU B 248 -29.43 50.95 -40.25
C GLU B 248 -28.76 50.33 -39.03
N ILE B 249 -29.41 50.45 -37.88
CA ILE B 249 -28.87 49.89 -36.67
C ILE B 249 -28.87 48.37 -36.76
N ALA B 250 -29.98 47.82 -37.24
CA ALA B 250 -30.09 46.37 -37.38
C ALA B 250 -29.03 45.86 -38.35
N MET B 251 -28.80 46.62 -39.42
CA MET B 251 -27.82 46.24 -40.43
C MET B 251 -26.43 46.13 -39.83
N ALA B 252 -26.01 47.14 -39.06
CA ALA B 252 -24.69 47.13 -38.45
C ALA B 252 -24.56 46.07 -37.37
N THR B 253 -25.59 45.98 -36.54
CA THR B 253 -25.61 44.99 -35.47
C THR B 253 -25.49 43.57 -35.99
N VAL B 254 -26.29 43.22 -36.98
CA VAL B 254 -26.22 41.87 -37.51
C VAL B 254 -24.91 41.63 -38.24
N THR B 255 -24.41 42.63 -38.96
CA THR B 255 -23.15 42.45 -39.66
C THR B 255 -22.06 42.15 -38.65
N ALA B 256 -21.98 42.97 -37.61
CA ALA B 256 -20.98 42.79 -36.59
C ALA B 256 -21.04 41.37 -36.01
N LEU B 257 -22.22 40.98 -35.57
CA LEU B 257 -22.41 39.67 -34.99
C LEU B 257 -22.04 38.53 -35.93
N ARG B 258 -22.38 38.64 -37.20
CA ARG B 258 -22.07 37.54 -38.10
C ARG B 258 -20.63 37.54 -38.61
N ARG B 259 -19.82 38.44 -38.09
CA ARG B 259 -18.41 38.50 -38.46
C ARG B 259 -17.59 37.99 -37.29
N THR B 260 -18.26 37.73 -36.17
CA THR B 260 -17.57 37.30 -34.97
C THR B 260 -18.16 36.15 -34.19
N VAL B 261 -19.48 36.05 -34.09
CA VAL B 261 -20.08 34.97 -33.32
C VAL B 261 -20.16 33.63 -34.06
N PRO B 262 -19.58 32.57 -33.50
CA PRO B 262 -19.69 31.31 -34.24
C PRO B 262 -21.13 30.78 -34.26
N PRO B 263 -21.52 30.10 -35.35
CA PRO B 263 -22.86 29.53 -35.54
C PRO B 263 -23.29 28.68 -34.37
N ALA B 264 -22.32 28.11 -33.67
CA ALA B 264 -22.61 27.26 -32.52
C ALA B 264 -23.29 27.96 -31.35
N VAL B 265 -23.15 29.27 -31.25
CA VAL B 265 -23.80 29.97 -30.16
C VAL B 265 -25.30 29.94 -30.45
N PRO B 266 -26.09 29.35 -29.54
CA PRO B 266 -27.55 29.25 -29.68
C PRO B 266 -28.29 30.57 -29.82
N GLY B 267 -27.93 31.57 -29.04
CA GLY B 267 -28.64 32.82 -29.16
C GLY B 267 -27.93 34.03 -28.61
N VAL B 268 -28.28 35.19 -29.15
CA VAL B 268 -27.72 36.45 -28.72
C VAL B 268 -28.86 37.20 -28.06
N THR B 269 -28.74 37.50 -26.78
CA THR B 269 -29.80 38.21 -26.08
C THR B 269 -29.38 39.65 -25.83
N PHE B 270 -29.73 40.55 -26.77
CA PHE B 270 -29.35 41.95 -26.66
C PHE B 270 -29.73 42.62 -25.34
N LEU B 271 -28.96 43.62 -24.98
CA LEU B 271 -29.20 44.39 -23.77
C LEU B 271 -29.82 45.72 -24.21
N SER B 272 -30.89 46.12 -23.53
CA SER B 272 -31.60 47.36 -23.86
C SER B 272 -30.73 48.60 -23.73
N GLY B 273 -29.73 48.53 -22.87
CA GLY B 273 -28.84 49.66 -22.68
C GLY B 273 -29.58 50.91 -22.24
N GLY B 274 -29.34 52.01 -22.97
CA GLY B 274 -30.02 53.25 -22.62
C GLY B 274 -31.25 53.52 -23.47
N GLN B 275 -31.63 52.56 -24.30
CA GLN B 275 -32.78 52.69 -25.18
C GLN B 275 -34.07 52.76 -24.38
N SER B 276 -35.08 53.37 -24.99
CA SER B 276 -36.41 53.52 -24.40
C SER B 276 -37.16 52.22 -24.63
N GLU B 277 -38.26 52.01 -23.91
CA GLU B 277 -39.01 50.76 -24.09
C GLU B 277 -39.32 50.50 -25.54
N GLU B 278 -39.68 51.56 -26.28
CA GLU B 278 -40.00 51.43 -27.68
C GLU B 278 -38.77 51.25 -28.55
N GLU B 279 -37.79 52.12 -28.33
CA GLU B 279 -36.55 52.07 -29.07
C GLU B 279 -35.97 50.65 -29.09
N ALA B 280 -36.00 49.99 -27.94
CA ALA B 280 -35.50 48.64 -27.83
C ALA B 280 -36.32 47.69 -28.69
N SER B 281 -37.64 47.77 -28.55
CA SER B 281 -38.56 46.93 -29.30
C SER B 281 -38.42 47.12 -30.81
N PHE B 282 -38.39 48.38 -31.25
CA PHE B 282 -38.25 48.70 -32.66
C PHE B 282 -36.96 48.16 -33.22
N ASN B 283 -35.86 48.50 -32.56
CA ASN B 283 -34.55 48.05 -32.98
C ASN B 283 -34.47 46.51 -33.00
N LEU B 284 -34.96 45.86 -31.97
CA LEU B 284 -34.92 44.41 -31.95
C LEU B 284 -35.70 43.86 -33.13
N ASN B 285 -36.90 44.40 -33.35
CA ASN B 285 -37.73 43.95 -34.45
C ASN B 285 -36.97 44.12 -35.76
N ALA B 286 -36.44 45.32 -35.97
CA ALA B 286 -35.68 45.61 -37.18
C ALA B 286 -34.58 44.57 -37.38
N ILE B 287 -33.87 44.26 -36.31
CA ILE B 287 -32.79 43.27 -36.35
C ILE B 287 -33.33 41.94 -36.89
N ASN B 288 -34.43 41.49 -36.31
CA ASN B 288 -35.02 40.23 -36.72
C ASN B 288 -35.64 40.30 -38.11
N ARG B 289 -35.60 41.49 -38.72
CA ARG B 289 -36.14 41.64 -40.06
C ARG B 289 -35.02 41.99 -41.04
N CYS B 290 -33.79 42.00 -40.54
CA CYS B 290 -32.63 42.29 -41.37
C CYS B 290 -32.49 41.19 -42.42
N PRO B 291 -32.16 41.58 -43.67
CA PRO B 291 -31.98 40.70 -44.82
C PRO B 291 -30.93 39.61 -44.59
N LEU B 292 -29.85 39.99 -43.93
CA LEU B 292 -28.76 39.07 -43.66
C LEU B 292 -29.21 37.85 -42.86
N PRO B 293 -28.64 36.68 -43.15
CA PRO B 293 -28.93 35.41 -42.50
C PRO B 293 -28.39 35.38 -41.08
N ARG B 294 -29.11 34.75 -40.16
CA ARG B 294 -28.64 34.66 -38.77
C ARG B 294 -28.77 33.26 -38.22
N PRO B 295 -27.63 32.59 -37.98
CA PRO B 295 -27.55 31.22 -37.45
C PRO B 295 -27.98 31.07 -36.00
N TRP B 296 -28.30 32.18 -35.36
CA TRP B 296 -28.65 32.18 -33.94
C TRP B 296 -29.89 33.01 -33.60
N ALA B 297 -30.48 32.70 -32.45
CA ALA B 297 -31.63 33.44 -32.00
C ALA B 297 -31.20 34.87 -31.77
N LEU B 298 -32.06 35.83 -32.10
CA LEU B 298 -31.70 37.21 -31.85
C LEU B 298 -32.82 37.80 -31.03
N THR B 299 -32.85 37.55 -29.72
CA THR B 299 -33.91 38.14 -28.91
C THR B 299 -33.37 39.20 -27.96
N PHE B 300 -34.02 39.31 -26.80
CA PHE B 300 -33.69 40.33 -25.82
C PHE B 300 -33.37 39.80 -24.41
N SER B 301 -32.66 40.61 -23.65
CA SER B 301 -32.33 40.34 -22.26
C SER B 301 -32.40 41.75 -21.73
N TYR B 302 -33.63 42.25 -21.66
CA TYR B 302 -33.89 43.61 -21.24
C TYR B 302 -34.12 43.82 -19.75
N GLY B 303 -33.65 44.98 -19.29
CA GLY B 303 -33.81 45.32 -17.89
C GLY B 303 -34.82 46.43 -17.78
N ARG B 304 -34.40 47.67 -18.05
CA ARG B 304 -35.32 48.77 -17.94
C ARG B 304 -36.34 48.73 -19.06
N ALA B 305 -35.89 48.38 -20.26
CA ALA B 305 -36.78 48.32 -21.42
C ALA B 305 -38.02 47.42 -21.24
N LEU B 306 -38.05 46.68 -20.14
CA LEU B 306 -39.17 45.81 -19.86
C LEU B 306 -39.95 46.30 -18.65
N GLN B 307 -39.29 47.03 -17.77
CA GLN B 307 -39.97 47.48 -16.58
C GLN B 307 -40.04 48.98 -16.33
N ALA B 308 -39.72 49.78 -17.33
CA ALA B 308 -39.77 51.23 -17.14
C ALA B 308 -41.17 51.68 -16.81
N SER B 309 -42.08 51.53 -17.77
CA SER B 309 -43.47 51.92 -17.56
C SER B 309 -44.09 51.14 -16.42
N ALA B 310 -43.70 49.88 -16.28
CA ALA B 310 -44.24 49.05 -15.21
C ALA B 310 -43.94 49.70 -13.85
N LEU B 311 -42.68 50.07 -13.67
CA LEU B 311 -42.22 50.69 -12.45
C LEU B 311 -42.89 52.04 -12.25
N ASN B 312 -43.04 52.76 -13.37
CA ASN B 312 -43.65 54.07 -13.36
C ASN B 312 -45.11 54.00 -12.94
N ALA B 313 -45.78 52.91 -13.31
CA ALA B 313 -47.19 52.72 -12.98
C ALA B 313 -47.33 52.35 -11.50
N TRP B 314 -46.63 51.31 -11.08
CA TRP B 314 -46.66 50.86 -9.69
C TRP B 314 -46.53 52.04 -8.75
N ARG B 315 -45.46 52.80 -8.93
CA ARG B 315 -45.20 53.99 -8.12
C ARG B 315 -45.23 53.70 -6.61
N GLY B 316 -45.00 52.43 -6.24
CA GLY B 316 -44.98 52.06 -4.85
C GLY B 316 -46.35 51.76 -4.24
N GLN B 317 -47.42 52.08 -4.97
CA GLN B 317 -48.78 51.85 -4.48
C GLN B 317 -49.26 50.42 -4.62
N ARG B 318 -49.80 49.86 -3.53
CA ARG B 318 -50.28 48.49 -3.55
C ARG B 318 -51.43 48.29 -4.53
N ASP B 319 -52.18 49.35 -4.80
CA ASP B 319 -53.31 49.27 -5.73
C ASP B 319 -52.81 49.22 -7.16
N ASN B 320 -51.82 50.06 -7.46
CA ASN B 320 -51.26 50.14 -8.80
C ASN B 320 -50.51 48.87 -9.21
N ALA B 321 -50.39 47.92 -8.28
CA ALA B 321 -49.72 46.65 -8.54
C ALA B 321 -50.14 46.00 -9.86
N GLY B 322 -51.44 45.73 -10.00
CA GLY B 322 -51.97 45.09 -11.19
C GLY B 322 -51.70 45.87 -12.48
N ALA B 323 -51.81 47.19 -12.40
CA ALA B 323 -51.57 48.03 -13.56
C ALA B 323 -50.10 47.89 -13.94
N ALA B 324 -49.23 47.96 -12.93
CA ALA B 324 -47.80 47.84 -13.14
C ALA B 324 -47.53 46.52 -13.85
N THR B 325 -48.08 45.44 -13.30
CA THR B 325 -47.91 44.12 -13.88
C THR B 325 -48.36 44.08 -15.33
N GLU B 326 -49.40 44.84 -15.65
CA GLU B 326 -49.89 44.89 -17.02
C GLU B 326 -48.87 45.58 -17.91
N GLU B 327 -48.37 46.71 -17.44
CA GLU B 327 -47.39 47.45 -18.22
C GLU B 327 -46.22 46.55 -18.59
N PHE B 328 -45.82 45.70 -17.66
CA PHE B 328 -44.73 44.76 -17.89
C PHE B 328 -45.13 43.72 -18.94
N ILE B 329 -46.19 42.96 -18.65
CA ILE B 329 -46.68 41.95 -19.57
C ILE B 329 -46.81 42.52 -20.98
N LYS B 330 -47.21 43.78 -21.08
CA LYS B 330 -47.36 44.42 -22.38
C LYS B 330 -46.03 44.44 -23.12
N ARG B 331 -45.02 45.05 -22.51
CA ARG B 331 -43.71 45.14 -23.12
C ARG B 331 -43.13 43.74 -23.34
N ALA B 332 -43.34 42.85 -22.38
CA ALA B 332 -42.82 41.49 -22.52
C ALA B 332 -43.39 40.85 -23.79
N GLU B 333 -44.67 41.09 -24.05
CA GLU B 333 -45.30 40.51 -25.22
C GLU B 333 -44.81 41.13 -26.52
N VAL B 334 -44.77 42.46 -26.57
CA VAL B 334 -44.33 43.12 -27.79
C VAL B 334 -42.91 42.71 -28.14
N ASN B 335 -42.02 42.66 -27.15
CA ASN B 335 -40.65 42.29 -27.41
C ASN B 335 -40.58 40.84 -27.82
N GLY B 336 -41.53 40.04 -27.35
CA GLY B 336 -41.58 38.64 -27.72
C GLY B 336 -41.89 38.56 -29.22
N LEU B 337 -42.57 39.60 -29.71
CA LEU B 337 -42.93 39.67 -31.12
C LEU B 337 -41.73 40.21 -31.90
N ALA B 338 -41.13 41.28 -31.37
CA ALA B 338 -39.97 41.88 -31.99
C ALA B 338 -38.87 40.84 -32.13
N ALA B 339 -38.89 39.86 -31.24
CA ALA B 339 -37.90 38.79 -31.24
C ALA B 339 -38.13 37.85 -32.41
N GLN B 340 -39.13 38.14 -33.23
CA GLN B 340 -39.44 37.32 -34.40
C GLN B 340 -39.67 38.23 -35.59
N GLY B 341 -39.40 39.52 -35.39
CA GLY B 341 -39.58 40.50 -36.45
C GLY B 341 -41.03 40.74 -36.79
N LYS B 342 -41.92 40.12 -36.02
CA LYS B 342 -43.34 40.27 -36.27
C LYS B 342 -44.01 41.19 -35.28
N TYR B 343 -43.52 42.42 -35.18
CA TYR B 343 -44.10 43.40 -34.28
C TYR B 343 -44.39 44.63 -35.10
N GLU B 344 -45.64 45.09 -35.10
CA GLU B 344 -46.00 46.26 -35.86
C GLU B 344 -46.28 47.44 -34.91
N HIS C 3 -8.84 53.82 -34.57
CA HIS C 3 -8.02 52.66 -35.01
C HIS C 3 -8.65 51.95 -36.21
N SER C 4 -9.68 52.59 -36.77
CA SER C 4 -10.40 52.05 -37.93
C SER C 4 -10.14 52.86 -39.20
N TYR C 5 -9.17 52.41 -40.00
CA TYR C 5 -8.82 53.09 -41.25
C TYR C 5 -9.14 52.16 -42.42
N PRO C 6 -10.42 52.18 -42.87
CA PRO C 6 -10.97 51.38 -43.96
C PRO C 6 -10.00 50.76 -44.94
N ALA C 7 -9.78 49.45 -44.77
CA ALA C 7 -8.88 48.71 -45.63
C ALA C 7 -9.44 48.64 -47.04
N LEU C 8 -10.74 48.45 -47.14
CA LEU C 8 -11.41 48.35 -48.43
C LEU C 8 -12.58 49.31 -48.56
N SER C 9 -12.80 49.78 -49.78
CA SER C 9 -13.90 50.68 -50.07
C SER C 9 -15.13 49.79 -50.20
N ALA C 10 -16.29 50.42 -50.27
CA ALA C 10 -17.54 49.67 -50.39
C ALA C 10 -17.55 48.91 -51.70
N GLU C 11 -17.08 49.56 -52.75
CA GLU C 11 -17.02 48.95 -54.07
C GLU C 11 -16.18 47.70 -54.00
N GLN C 12 -14.99 47.83 -53.43
CA GLN C 12 -14.05 46.72 -53.31
C GLN C 12 -14.60 45.54 -52.55
N LYS C 13 -15.22 45.82 -51.41
CA LYS C 13 -15.78 44.75 -50.60
C LYS C 13 -16.78 44.00 -51.46
N LYS C 14 -17.58 44.75 -52.22
CA LYS C 14 -18.59 44.16 -53.11
C LYS C 14 -17.92 43.18 -54.06
N GLU C 15 -16.99 43.67 -54.86
CA GLU C 15 -16.28 42.83 -55.83
C GLU C 15 -15.76 41.54 -55.22
N LEU C 16 -15.17 41.63 -54.05
CA LEU C 16 -14.63 40.45 -53.39
C LEU C 16 -15.76 39.49 -53.04
N SER C 17 -16.78 40.01 -52.34
CA SER C 17 -17.91 39.18 -51.94
C SER C 17 -18.55 38.47 -53.12
N ASP C 18 -18.77 39.19 -54.21
CA ASP C 18 -19.36 38.61 -55.40
C ASP C 18 -18.49 37.45 -55.86
N ILE C 19 -17.23 37.74 -56.19
CA ILE C 19 -16.31 36.71 -56.63
C ILE C 19 -16.38 35.48 -55.74
N ALA C 20 -16.37 35.70 -54.44
CA ALA C 20 -16.42 34.60 -53.49
C ALA C 20 -17.65 33.74 -53.69
N LEU C 21 -18.81 34.39 -53.70
CA LEU C 21 -20.07 33.70 -53.86
C LEU C 21 -20.21 32.96 -55.18
N ARG C 22 -19.66 33.51 -56.25
CA ARG C 22 -19.75 32.85 -57.54
C ARG C 22 -19.05 31.52 -57.45
N ILE C 23 -17.87 31.52 -56.84
CA ILE C 23 -17.10 30.31 -56.70
C ILE C 23 -17.83 29.22 -55.93
N VAL C 24 -18.39 29.54 -54.77
CA VAL C 24 -19.07 28.52 -54.01
C VAL C 24 -20.57 28.39 -54.25
N ALA C 25 -21.03 28.95 -55.36
CA ALA C 25 -22.44 28.87 -55.73
C ALA C 25 -22.89 27.42 -55.63
N PRO C 26 -24.16 27.20 -55.27
CA PRO C 26 -24.79 25.89 -55.12
C PRO C 26 -24.36 24.82 -56.11
N GLY C 27 -24.09 23.63 -55.60
CA GLY C 27 -23.68 22.53 -56.47
C GLY C 27 -22.38 22.76 -57.21
N LYS C 28 -21.66 23.82 -56.86
CA LYS C 28 -20.39 24.13 -57.50
C LYS C 28 -19.19 23.99 -56.54
N GLY C 29 -18.06 23.54 -57.10
CA GLY C 29 -16.86 23.35 -56.33
C GLY C 29 -15.65 23.89 -57.09
N ILE C 30 -14.45 23.60 -56.58
CA ILE C 30 -13.23 24.09 -57.19
C ILE C 30 -12.31 22.99 -57.70
N LEU C 31 -11.79 23.17 -58.91
CA LEU C 31 -10.84 22.20 -59.45
C LEU C 31 -9.48 22.77 -59.10
N ALA C 32 -8.73 22.02 -58.30
CA ALA C 32 -7.40 22.46 -57.89
C ALA C 32 -6.34 21.83 -58.79
N ALA C 33 -5.96 22.56 -59.84
CA ALA C 33 -4.95 22.08 -60.76
C ALA C 33 -3.67 22.92 -60.61
N ASP C 34 -3.38 23.29 -59.37
CA ASP C 34 -2.22 24.11 -59.06
C ASP C 34 -0.98 23.29 -58.68
N GLU C 35 -0.87 22.08 -59.24
CA GLU C 35 0.27 21.23 -58.92
C GLU C 35 1.61 21.80 -59.37
N SER C 36 2.49 22.01 -58.40
CA SER C 36 3.83 22.54 -58.67
C SER C 36 4.53 21.60 -59.65
N VAL C 37 5.45 22.15 -60.45
CA VAL C 37 6.18 21.34 -61.41
C VAL C 37 6.84 20.17 -60.68
N GLY C 38 7.09 20.36 -59.38
CA GLY C 38 7.70 19.31 -58.60
C GLY C 38 6.74 18.19 -58.31
N SER C 39 5.65 18.50 -57.61
CA SER C 39 4.65 17.48 -57.29
C SER C 39 4.08 16.88 -58.56
N MET C 40 4.11 17.66 -59.64
CA MET C 40 3.59 17.21 -60.91
C MET C 40 4.48 16.08 -61.45
N ALA C 41 5.75 16.11 -61.09
CA ALA C 41 6.67 15.08 -61.54
C ALA C 41 6.25 13.75 -60.96
N LYS C 42 5.92 13.74 -59.67
CA LYS C 42 5.50 12.51 -59.02
C LYS C 42 4.23 11.93 -59.63
N ARG C 43 3.24 12.78 -59.86
CA ARG C 43 1.98 12.30 -60.44
C ARG C 43 2.15 11.77 -61.84
N LEU C 44 2.95 12.46 -62.66
CA LEU C 44 3.18 12.00 -64.02
C LEU C 44 3.97 10.70 -64.02
N SER C 45 4.94 10.57 -63.13
CA SER C 45 5.75 9.35 -63.06
C SER C 45 4.89 8.11 -62.87
N GLN C 46 3.86 8.22 -62.04
CA GLN C 46 2.99 7.08 -61.77
C GLN C 46 2.30 6.53 -63.02
N ILE C 47 2.22 7.33 -64.07
CA ILE C 47 1.58 6.89 -65.31
C ILE C 47 2.58 6.93 -66.47
N GLY C 48 3.87 6.89 -66.13
CA GLY C 48 4.91 6.98 -67.14
C GLY C 48 5.08 8.48 -67.34
N VAL C 49 4.88 8.95 -68.57
CA VAL C 49 4.95 10.38 -68.87
C VAL C 49 6.12 11.18 -68.28
N GLU C 50 7.02 11.62 -69.15
CA GLU C 50 8.16 12.43 -68.71
C GLU C 50 7.60 13.73 -68.20
N ASN C 51 8.20 14.28 -67.15
CA ASN C 51 7.72 15.54 -66.60
C ASN C 51 8.24 16.75 -67.37
N THR C 52 7.67 16.97 -68.56
CA THR C 52 8.03 18.08 -69.45
C THR C 52 7.04 19.22 -69.23
N GLU C 53 7.36 20.39 -69.75
CA GLU C 53 6.42 21.50 -69.63
C GLU C 53 5.29 21.13 -70.58
N GLU C 54 5.66 20.50 -71.69
CA GLU C 54 4.68 20.10 -72.68
C GLU C 54 3.74 19.04 -72.11
N ASN C 55 4.29 17.97 -71.57
CA ASN C 55 3.44 16.93 -71.03
C ASN C 55 2.48 17.48 -69.99
N ARG C 56 2.90 18.52 -69.29
CA ARG C 56 2.04 19.13 -68.28
C ARG C 56 0.95 19.91 -69.01
N ARG C 57 1.35 20.73 -69.98
CA ARG C 57 0.38 21.50 -70.75
C ARG C 57 -0.66 20.54 -71.33
N LEU C 58 -0.18 19.43 -71.88
CA LEU C 58 -1.04 18.43 -72.47
C LEU C 58 -2.06 17.93 -71.46
N TYR C 59 -1.58 17.52 -70.30
CA TYR C 59 -2.47 17.02 -69.27
C TYR C 59 -3.46 18.07 -68.79
N ARG C 60 -2.99 19.28 -68.50
CA ARG C 60 -3.88 20.34 -68.04
C ARG C 60 -4.96 20.56 -69.09
N GLN C 61 -4.58 20.36 -70.34
CA GLN C 61 -5.50 20.53 -71.45
C GLN C 61 -6.62 19.51 -71.34
N VAL C 62 -6.26 18.28 -70.99
CA VAL C 62 -7.25 17.23 -70.83
C VAL C 62 -8.35 17.70 -69.87
N LEU C 63 -7.95 18.42 -68.83
CA LEU C 63 -8.91 18.92 -67.85
C LEU C 63 -9.70 20.11 -68.38
N PHE C 64 -8.99 21.14 -68.84
CA PHE C 64 -9.62 22.36 -69.32
C PHE C 64 -10.44 22.23 -70.57
N SER C 65 -10.30 21.12 -71.28
CA SER C 65 -11.07 20.94 -72.50
C SER C 65 -12.42 20.31 -72.20
N ALA C 66 -12.74 20.13 -70.92
CA ALA C 66 -14.02 19.57 -70.54
C ALA C 66 -15.12 20.45 -71.14
N ASP C 67 -16.24 19.85 -71.50
CA ASP C 67 -17.36 20.58 -72.10
C ASP C 67 -18.20 21.34 -71.09
N ASP C 68 -19.34 21.86 -71.55
CA ASP C 68 -20.25 22.65 -70.73
C ASP C 68 -20.92 22.03 -69.51
N ARG C 69 -20.91 20.70 -69.39
CA ARG C 69 -21.57 20.15 -68.21
C ARG C 69 -20.71 20.36 -66.98
N VAL C 70 -19.52 20.88 -67.21
CA VAL C 70 -18.58 21.15 -66.13
C VAL C 70 -18.98 22.48 -65.48
N LYS C 71 -19.78 23.26 -66.21
CA LYS C 71 -20.27 24.56 -65.75
C LYS C 71 -21.20 24.51 -64.55
N LYS C 72 -21.95 23.43 -64.41
CA LYS C 72 -22.88 23.32 -63.30
C LYS C 72 -22.21 22.93 -61.99
N CYS C 73 -21.07 22.24 -62.07
CA CYS C 73 -20.39 21.78 -60.87
C CYS C 73 -19.04 22.42 -60.55
N ILE C 74 -18.50 23.21 -61.47
CA ILE C 74 -17.21 23.85 -61.22
C ILE C 74 -17.33 25.36 -61.17
N GLY C 75 -17.20 25.92 -59.98
CA GLY C 75 -17.29 27.36 -59.82
C GLY C 75 -15.97 28.07 -60.08
N GLY C 76 -14.87 27.35 -59.87
CA GLY C 76 -13.56 27.93 -60.09
C GLY C 76 -12.45 26.91 -60.31
N VAL C 77 -11.36 27.38 -60.91
CA VAL C 77 -10.22 26.53 -61.20
C VAL C 77 -8.96 27.20 -60.68
N ILE C 78 -8.19 26.49 -59.86
CA ILE C 78 -6.95 27.03 -59.32
C ILE C 78 -5.80 26.62 -60.23
N PHE C 79 -5.14 27.62 -60.82
CA PHE C 79 -4.02 27.40 -61.73
C PHE C 79 -2.66 27.45 -61.05
N PHE C 80 -1.70 26.74 -61.64
CA PHE C 80 -0.34 26.80 -61.14
C PHE C 80 0.24 27.87 -62.06
N HIS C 81 1.05 28.78 -61.52
CA HIS C 81 1.62 29.86 -62.33
C HIS C 81 1.86 29.54 -63.80
N GLU C 82 2.79 28.62 -64.04
CA GLU C 82 3.14 28.17 -65.38
C GLU C 82 1.90 28.03 -66.24
N THR C 83 1.00 27.16 -65.78
CA THR C 83 -0.25 26.86 -66.46
C THR C 83 -1.11 28.09 -66.80
N LEU C 84 -1.13 29.08 -65.92
CA LEU C 84 -1.91 30.30 -66.13
C LEU C 84 -1.50 31.01 -67.42
N TYR C 85 -0.38 30.60 -68.00
CA TYR C 85 0.07 31.25 -69.22
C TYR C 85 0.24 30.28 -70.38
N GLN C 86 -0.29 29.08 -70.22
CA GLN C 86 -0.20 28.08 -71.29
C GLN C 86 -1.45 28.15 -72.17
N LYS C 87 -1.33 27.60 -73.37
CA LYS C 87 -2.43 27.59 -74.32
C LYS C 87 -2.70 26.18 -74.82
N ASP C 88 -3.91 25.95 -75.31
CA ASP C 88 -4.28 24.65 -75.85
C ASP C 88 -3.69 24.52 -77.25
N ASP C 89 -3.91 23.39 -77.89
CA ASP C 89 -3.37 23.17 -79.23
C ASP C 89 -3.88 24.16 -80.27
N ASN C 90 -4.96 24.86 -79.99
CA ASN C 90 -5.50 25.82 -80.94
C ASN C 90 -4.93 27.21 -80.68
N GLY C 91 -4.01 27.29 -79.73
CA GLY C 91 -3.40 28.56 -79.39
C GLY C 91 -4.29 29.39 -78.50
N VAL C 92 -5.25 28.75 -77.85
CA VAL C 92 -6.17 29.45 -76.97
C VAL C 92 -5.78 29.32 -75.50
N PRO C 93 -5.55 30.46 -74.85
CA PRO C 93 -5.16 30.53 -73.44
C PRO C 93 -6.11 29.73 -72.56
N PHE C 94 -5.55 28.81 -71.79
CA PHE C 94 -6.36 28.00 -70.89
C PHE C 94 -7.25 28.93 -70.06
N VAL C 95 -6.70 30.08 -69.67
CA VAL C 95 -7.44 31.04 -68.87
C VAL C 95 -8.68 31.49 -69.64
N ARG C 96 -8.47 31.84 -70.91
CA ARG C 96 -9.55 32.29 -71.77
C ARG C 96 -10.69 31.28 -71.76
N THR C 97 -10.36 30.02 -72.06
CA THR C 97 -11.34 28.94 -72.07
C THR C 97 -12.15 28.89 -70.77
N ILE C 98 -11.49 28.65 -69.65
CA ILE C 98 -12.19 28.58 -68.37
C ILE C 98 -13.04 29.83 -68.17
N GLN C 99 -12.50 30.99 -68.53
CA GLN C 99 -13.24 32.24 -68.38
C GLN C 99 -14.52 32.27 -69.20
N ASP C 100 -14.43 31.83 -70.44
CA ASP C 100 -15.59 31.83 -71.32
C ASP C 100 -16.71 30.94 -70.79
N LYS C 101 -16.38 29.87 -70.07
CA LYS C 101 -17.42 29.01 -69.51
C LYS C 101 -17.99 29.64 -68.25
N GLY C 102 -17.52 30.84 -67.94
CA GLY C 102 -18.00 31.55 -66.77
C GLY C 102 -17.44 31.04 -65.45
N ILE C 103 -16.42 30.20 -65.53
CA ILE C 103 -15.80 29.65 -64.33
C ILE C 103 -14.77 30.67 -63.86
N VAL C 104 -14.58 30.78 -62.54
CA VAL C 104 -13.61 31.75 -62.02
C VAL C 104 -12.18 31.23 -62.04
N VAL C 105 -11.23 32.12 -62.32
CA VAL C 105 -9.81 31.75 -62.39
C VAL C 105 -9.01 32.12 -61.13
N GLY C 106 -8.15 31.20 -60.68
CA GLY C 106 -7.34 31.47 -59.51
C GLY C 106 -5.91 30.95 -59.64
N ILE C 107 -4.99 31.45 -58.80
CA ILE C 107 -3.58 31.02 -58.81
C ILE C 107 -3.06 30.72 -57.42
N LYS C 108 -2.21 29.72 -57.34
CA LYS C 108 -1.53 29.35 -56.10
C LYS C 108 -0.47 30.45 -56.04
N VAL C 109 -0.32 31.13 -54.90
CA VAL C 109 0.67 32.19 -54.81
C VAL C 109 1.77 31.94 -53.77
N ASP C 110 1.51 31.04 -52.83
CA ASP C 110 2.51 30.74 -51.81
C ASP C 110 3.74 30.20 -52.52
N LYS C 111 4.91 30.38 -51.91
CA LYS C 111 6.14 29.91 -52.50
C LYS C 111 6.71 28.76 -51.70
N GLY C 112 5.85 27.83 -51.31
CA GLY C 112 6.33 26.67 -50.59
C GLY C 112 6.45 26.76 -49.08
N VAL C 113 6.51 25.58 -48.49
CA VAL C 113 6.61 25.45 -47.05
C VAL C 113 8.07 25.51 -46.63
N VAL C 114 8.34 25.98 -45.44
CA VAL C 114 9.71 26.06 -44.93
C VAL C 114 9.73 25.70 -43.45
N PRO C 115 10.90 25.28 -42.95
CA PRO C 115 11.18 24.87 -41.56
C PRO C 115 11.08 25.91 -40.49
N LEU C 116 10.50 25.50 -39.36
CA LEU C 116 10.40 26.38 -38.21
C LEU C 116 11.49 25.89 -37.26
N ALA C 117 12.60 26.63 -37.20
CA ALA C 117 13.70 26.27 -36.33
C ALA C 117 13.18 26.08 -34.92
N GLY C 118 13.64 25.02 -34.26
CA GLY C 118 13.25 24.78 -32.88
C GLY C 118 12.00 23.95 -32.66
N THR C 119 11.40 23.47 -33.75
CA THR C 119 10.18 22.68 -33.64
C THR C 119 10.47 21.26 -34.08
N ASP C 120 9.49 20.38 -33.87
CA ASP C 120 9.63 18.98 -34.26
C ASP C 120 9.23 18.81 -35.71
N GLY C 121 10.10 19.28 -36.61
CA GLY C 121 9.82 19.16 -38.03
C GLY C 121 8.57 19.89 -38.48
N GLU C 122 8.27 21.01 -37.86
CA GLU C 122 7.11 21.77 -38.24
C GLU C 122 7.50 22.83 -39.23
N THR C 123 6.52 23.42 -39.90
CA THR C 123 6.82 24.42 -40.91
C THR C 123 5.93 25.63 -40.86
N THR C 124 6.13 26.46 -41.88
CA THR C 124 5.37 27.67 -42.09
C THR C 124 5.49 27.83 -43.61
N THR C 125 4.88 28.86 -44.16
CA THR C 125 4.91 29.03 -45.59
C THR C 125 5.46 30.38 -46.02
N GLN C 126 6.17 30.39 -47.14
CA GLN C 126 6.70 31.63 -47.63
C GLN C 126 6.03 32.02 -48.94
N GLY C 127 6.17 33.28 -49.34
CA GLY C 127 5.57 33.74 -50.57
C GLY C 127 5.14 35.20 -50.47
N LEU C 128 5.18 35.75 -49.26
CA LEU C 128 4.77 37.13 -49.03
C LEU C 128 5.60 38.19 -49.76
N ASP C 129 6.88 37.92 -50.00
CA ASP C 129 7.71 38.91 -50.68
C ASP C 129 7.19 39.22 -52.08
N GLY C 130 6.87 40.49 -52.31
CA GLY C 130 6.37 40.91 -53.61
C GLY C 130 4.97 40.43 -53.96
N LEU C 131 4.30 39.74 -53.04
CA LEU C 131 2.97 39.22 -53.31
C LEU C 131 2.00 40.27 -53.83
N SER C 132 2.07 41.50 -53.31
CA SER C 132 1.15 42.52 -53.76
C SER C 132 1.29 42.80 -55.26
N GLU C 133 2.53 42.97 -55.73
CA GLU C 133 2.80 43.24 -57.14
C GLU C 133 2.30 42.06 -57.95
N ARG C 134 2.58 40.85 -57.48
CA ARG C 134 2.18 39.65 -58.15
C ARG C 134 0.67 39.54 -58.28
N CYS C 135 -0.04 39.85 -57.19
CA CYS C 135 -1.49 39.77 -57.23
C CYS C 135 -2.00 40.74 -58.27
N ALA C 136 -1.52 41.98 -58.18
CA ALA C 136 -1.93 42.99 -59.14
C ALA C 136 -1.80 42.45 -60.57
N GLN C 137 -0.71 41.74 -60.83
CA GLN C 137 -0.44 41.17 -62.14
C GLN C 137 -1.41 40.04 -62.48
N TYR C 138 -1.53 39.09 -61.57
CA TYR C 138 -2.42 37.96 -61.76
C TYR C 138 -3.84 38.44 -62.01
N LYS C 139 -4.26 39.47 -61.28
CA LYS C 139 -5.60 40.00 -61.46
C LYS C 139 -5.70 40.49 -62.89
N LYS C 140 -4.68 41.26 -63.27
CA LYS C 140 -4.60 41.83 -64.61
C LYS C 140 -4.60 40.72 -65.68
N ASP C 141 -4.29 39.50 -65.28
CA ASP C 141 -4.27 38.40 -66.24
C ASP C 141 -5.48 37.49 -66.14
N GLY C 142 -6.50 37.91 -65.39
CA GLY C 142 -7.71 37.13 -65.28
C GLY C 142 -8.01 36.36 -64.01
N ALA C 143 -7.13 36.44 -63.02
CA ALA C 143 -7.37 35.74 -61.77
C ALA C 143 -8.22 36.60 -60.85
N ASP C 144 -9.10 35.96 -60.08
CA ASP C 144 -9.96 36.69 -59.16
C ASP C 144 -9.87 36.12 -57.75
N PHE C 145 -9.14 35.02 -57.61
CA PHE C 145 -8.96 34.43 -56.31
C PHE C 145 -7.62 33.70 -56.25
N ALA C 146 -7.09 33.50 -55.05
CA ALA C 146 -5.81 32.83 -54.90
C ALA C 146 -5.83 31.77 -53.82
N LYS C 147 -4.75 30.99 -53.75
CA LYS C 147 -4.64 29.94 -52.75
C LYS C 147 -3.25 29.99 -52.15
N TRP C 148 -3.18 29.77 -50.83
CA TRP C 148 -1.92 29.78 -50.08
C TRP C 148 -2.02 28.59 -49.14
N ARG C 149 -1.09 27.66 -49.21
CA ARG C 149 -1.20 26.50 -48.32
C ARG C 149 -0.23 26.43 -47.16
N CYS C 150 -0.77 26.41 -45.95
CA CYS C 150 0.05 26.27 -44.76
C CYS C 150 -0.15 24.82 -44.38
N VAL C 151 0.80 24.23 -43.66
CA VAL C 151 0.66 22.84 -43.29
C VAL C 151 0.96 22.59 -41.84
N LEU C 152 0.00 22.00 -41.14
CA LEU C 152 0.18 21.67 -39.74
C LEU C 152 0.21 20.14 -39.64
N LYS C 153 0.80 19.62 -38.58
CA LYS C 153 0.93 18.17 -38.42
C LYS C 153 0.47 17.74 -37.03
N ILE C 154 -0.12 16.55 -36.91
CA ILE C 154 -0.56 16.10 -35.59
C ILE C 154 0.32 14.95 -35.08
N SER C 155 0.85 15.14 -33.87
CA SER C 155 1.72 14.16 -33.21
C SER C 155 1.63 14.42 -31.70
N GLU C 156 2.42 13.70 -30.90
CA GLU C 156 2.37 13.88 -29.45
C GLU C 156 2.47 15.34 -29.06
N ARG C 157 3.19 16.10 -29.87
CA ARG C 157 3.35 17.52 -29.57
C ARG C 157 3.70 18.28 -30.82
N THR C 158 2.80 18.31 -31.80
CA THR C 158 3.14 18.99 -33.03
C THR C 158 2.48 20.31 -33.34
N PRO C 159 1.14 20.35 -33.48
CA PRO C 159 0.66 21.70 -33.79
C PRO C 159 1.01 22.51 -32.55
N SER C 160 2.23 23.06 -32.55
CA SER C 160 2.78 23.82 -31.43
C SER C 160 2.35 25.28 -31.46
N ALA C 161 2.32 25.88 -30.28
CA ALA C 161 1.92 27.27 -30.18
C ALA C 161 2.57 28.05 -31.31
N LEU C 162 3.87 27.84 -31.50
CA LEU C 162 4.57 28.55 -32.55
C LEU C 162 3.97 28.26 -33.91
N ALA C 163 3.87 26.98 -34.27
CA ALA C 163 3.32 26.59 -35.56
C ALA C 163 1.91 27.15 -35.79
N ILE C 164 1.09 27.16 -34.75
CA ILE C 164 -0.24 27.69 -34.89
C ILE C 164 -0.16 29.22 -34.99
N LEU C 165 0.62 29.84 -34.10
CA LEU C 165 0.80 31.30 -34.07
C LEU C 165 1.23 31.74 -35.46
N GLU C 166 2.41 31.30 -35.89
CA GLU C 166 2.89 31.61 -37.24
C GLU C 166 1.90 30.80 -38.04
N ASN C 167 1.89 30.93 -39.36
CA ASN C 167 0.91 30.18 -40.17
C ASN C 167 -0.41 30.93 -40.08
N ALA C 168 -1.02 30.92 -38.90
CA ALA C 168 -2.26 31.65 -38.75
C ALA C 168 -1.96 33.09 -39.14
N ASN C 169 -0.79 33.56 -38.71
CA ASN C 169 -0.39 34.92 -39.01
C ASN C 169 -0.05 35.08 -40.48
N VAL C 170 0.69 34.13 -41.04
CA VAL C 170 1.06 34.21 -42.45
C VAL C 170 -0.18 34.24 -43.31
N LEU C 171 -1.12 33.36 -43.00
CA LEU C 171 -2.36 33.31 -43.76
C LEU C 171 -2.99 34.70 -43.75
N ALA C 172 -3.12 35.28 -42.56
CA ALA C 172 -3.71 36.59 -42.43
C ALA C 172 -3.00 37.63 -43.28
N ARG C 173 -1.67 37.58 -43.31
CA ARG C 173 -0.90 38.52 -44.11
C ARG C 173 -1.27 38.34 -45.58
N TYR C 174 -1.11 37.12 -46.06
CA TYR C 174 -1.44 36.76 -47.43
C TYR C 174 -2.85 37.23 -47.80
N ALA C 175 -3.83 36.88 -46.96
CA ALA C 175 -5.22 37.27 -47.19
C ALA C 175 -5.34 38.78 -47.33
N SER C 176 -4.79 39.51 -46.37
CA SER C 176 -4.84 40.96 -46.38
C SER C 176 -4.34 41.54 -47.70
N ILE C 177 -3.18 41.05 -48.15
CA ILE C 177 -2.56 41.52 -49.39
C ILE C 177 -3.40 41.23 -50.62
N CYS C 178 -3.98 40.03 -50.68
CA CYS C 178 -4.82 39.67 -51.81
C CYS C 178 -6.00 40.62 -51.93
N GLN C 179 -6.71 40.83 -50.84
CA GLN C 179 -7.87 41.69 -50.88
C GLN C 179 -7.59 43.11 -51.31
N GLN C 180 -6.46 43.68 -50.92
CA GLN C 180 -6.21 45.05 -51.33
C GLN C 180 -5.89 45.08 -52.84
N ASN C 181 -5.84 43.91 -53.45
CA ASN C 181 -5.58 43.78 -54.90
C ASN C 181 -6.78 43.17 -55.64
N GLY C 182 -7.96 43.25 -55.03
CA GLY C 182 -9.16 42.72 -55.64
C GLY C 182 -9.13 41.23 -55.89
N ILE C 183 -8.45 40.47 -55.03
CA ILE C 183 -8.38 39.03 -55.20
C ILE C 183 -8.85 38.29 -53.96
N VAL C 184 -9.86 37.45 -54.13
CA VAL C 184 -10.39 36.68 -53.02
C VAL C 184 -9.35 35.64 -52.61
N PRO C 185 -8.99 35.60 -51.32
CA PRO C 185 -8.00 34.62 -50.87
C PRO C 185 -8.62 33.37 -50.26
N ILE C 186 -8.10 32.22 -50.63
CA ILE C 186 -8.57 30.97 -50.04
C ILE C 186 -7.56 30.71 -48.94
N VAL C 187 -8.03 30.72 -47.70
CA VAL C 187 -7.17 30.49 -46.56
C VAL C 187 -7.11 28.98 -46.32
N GLU C 188 -5.96 28.39 -46.59
CA GLU C 188 -5.83 26.95 -46.42
C GLU C 188 -4.90 26.47 -45.31
N PRO C 189 -5.46 26.25 -44.11
CA PRO C 189 -4.68 25.77 -42.97
C PRO C 189 -4.85 24.26 -42.93
N GLU C 190 -4.08 23.54 -43.75
CA GLU C 190 -4.22 22.09 -43.77
C GLU C 190 -3.56 21.32 -42.65
N ILE C 191 -4.37 20.61 -41.89
CA ILE C 191 -3.86 19.79 -40.81
C ILE C 191 -3.72 18.38 -41.39
N LEU C 192 -2.50 17.96 -41.72
CA LEU C 192 -2.26 16.63 -42.30
C LEU C 192 -2.88 15.49 -41.50
N PRO C 193 -3.21 14.39 -42.19
CA PRO C 193 -3.82 13.16 -41.65
C PRO C 193 -2.79 12.19 -41.09
N ASP C 194 -1.53 12.37 -41.46
CA ASP C 194 -0.48 11.48 -40.98
C ASP C 194 -0.56 11.27 -39.49
N GLY C 195 -0.41 10.03 -39.05
CA GLY C 195 -0.46 9.73 -37.63
C GLY C 195 -1.49 8.66 -37.34
N ASP C 196 -1.54 8.23 -36.08
CA ASP C 196 -2.50 7.21 -35.67
C ASP C 196 -3.54 7.78 -34.73
N HIS C 197 -3.76 9.10 -34.77
CA HIS C 197 -4.74 9.75 -33.91
C HIS C 197 -6.17 9.44 -34.34
N ASP C 198 -7.09 9.44 -33.39
CA ASP C 198 -8.49 9.14 -33.68
C ASP C 198 -9.25 10.40 -34.08
N LEU C 199 -10.49 10.21 -34.55
CA LEU C 199 -11.31 11.32 -34.97
C LEU C 199 -11.38 12.44 -33.91
N LYS C 200 -11.65 12.07 -32.66
CA LYS C 200 -11.73 13.05 -31.58
C LYS C 200 -10.58 14.05 -31.64
N ARG C 201 -9.35 13.53 -31.63
CA ARG C 201 -8.17 14.40 -31.65
C ARG C 201 -8.10 15.33 -32.85
N CYS C 202 -8.38 14.81 -34.03
CA CYS C 202 -8.33 15.65 -35.21
C CYS C 202 -9.33 16.80 -35.10
N GLN C 203 -10.48 16.50 -34.52
CA GLN C 203 -11.49 17.53 -34.37
C GLN C 203 -10.95 18.60 -33.44
N TYR C 204 -10.39 18.16 -32.31
CA TYR C 204 -9.84 19.06 -31.32
C TYR C 204 -8.82 20.00 -31.94
N VAL C 205 -7.79 19.42 -32.53
CA VAL C 205 -6.75 20.19 -33.17
C VAL C 205 -7.33 21.11 -34.24
N THR C 206 -8.24 20.59 -35.05
CA THR C 206 -8.83 21.41 -36.10
C THR C 206 -9.52 22.63 -35.50
N GLU C 207 -10.25 22.40 -34.41
CA GLU C 207 -10.94 23.50 -33.76
C GLU C 207 -9.97 24.56 -33.26
N LYS C 208 -8.89 24.14 -32.61
CA LYS C 208 -7.92 25.09 -32.09
C LYS C 208 -7.21 25.85 -33.21
N VAL C 209 -6.82 25.15 -34.26
CA VAL C 209 -6.15 25.80 -35.38
C VAL C 209 -7.06 26.83 -36.00
N LEU C 210 -8.28 26.45 -36.35
CA LEU C 210 -9.19 27.40 -36.97
C LEU C 210 -9.43 28.60 -36.05
N ALA C 211 -9.69 28.34 -34.78
CA ALA C 211 -9.93 29.43 -33.83
C ALA C 211 -8.81 30.46 -33.89
N ALA C 212 -7.58 29.99 -34.07
CA ALA C 212 -6.45 30.89 -34.14
C ALA C 212 -6.44 31.61 -35.48
N VAL C 213 -6.68 30.85 -36.54
CA VAL C 213 -6.71 31.42 -37.88
C VAL C 213 -7.67 32.58 -38.00
N TYR C 214 -8.87 32.45 -37.46
CA TYR C 214 -9.81 33.55 -37.60
C TYR C 214 -9.48 34.75 -36.74
N LYS C 215 -8.92 34.50 -35.55
CA LYS C 215 -8.53 35.61 -34.69
C LYS C 215 -7.46 36.40 -35.40
N ALA C 216 -6.59 35.70 -36.11
CA ALA C 216 -5.51 36.33 -36.86
C ALA C 216 -6.10 37.18 -37.96
N LEU C 217 -7.00 36.60 -38.74
CA LEU C 217 -7.62 37.34 -39.81
C LEU C 217 -8.21 38.61 -39.25
N SER C 218 -8.85 38.52 -38.09
CA SER C 218 -9.43 39.71 -37.47
C SER C 218 -8.37 40.76 -37.22
N ASP C 219 -7.29 40.33 -36.57
CA ASP C 219 -6.19 41.20 -36.23
C ASP C 219 -5.63 41.92 -37.45
N HIS C 220 -5.60 41.23 -38.58
CA HIS C 220 -5.06 41.83 -39.80
C HIS C 220 -6.10 42.54 -40.64
N HIS C 221 -7.30 42.69 -40.09
CA HIS C 221 -8.38 43.38 -40.76
C HIS C 221 -8.82 42.73 -42.07
N VAL C 222 -8.76 41.41 -42.14
CA VAL C 222 -9.17 40.71 -43.36
C VAL C 222 -10.70 40.71 -43.44
N TYR C 223 -11.23 40.98 -44.63
CA TYR C 223 -12.68 41.03 -44.90
C TYR C 223 -13.20 39.61 -45.05
N LEU C 224 -13.79 39.07 -43.99
CA LEU C 224 -14.27 37.69 -44.03
C LEU C 224 -15.18 37.31 -45.17
N GLU C 225 -16.20 38.11 -45.44
CA GLU C 225 -17.13 37.80 -46.51
C GLU C 225 -16.51 37.85 -47.89
N GLY C 226 -15.21 38.10 -47.94
CA GLY C 226 -14.48 38.15 -49.21
C GLY C 226 -13.34 37.14 -49.19
N THR C 227 -13.56 36.04 -48.47
CA THR C 227 -12.56 34.99 -48.34
C THR C 227 -13.22 33.65 -48.43
N LEU C 228 -12.41 32.59 -48.42
CA LEU C 228 -12.92 31.24 -48.46
C LEU C 228 -11.99 30.40 -47.60
N LEU C 229 -12.53 29.37 -46.95
CA LEU C 229 -11.73 28.51 -46.11
C LEU C 229 -11.56 27.13 -46.74
N LYS C 230 -10.31 26.70 -46.89
CA LYS C 230 -10.03 25.40 -47.47
C LYS C 230 -9.36 24.56 -46.39
N PRO C 231 -10.16 24.01 -45.47
CA PRO C 231 -9.61 23.18 -44.39
C PRO C 231 -9.64 21.72 -44.75
N ASN C 232 -9.13 20.91 -43.85
CA ASN C 232 -9.11 19.48 -44.01
C ASN C 232 -10.42 19.02 -43.37
N MET C 233 -11.00 17.91 -43.81
CA MET C 233 -12.21 17.45 -43.14
C MET C 233 -11.64 16.83 -41.88
N VAL C 234 -12.34 16.89 -40.76
CA VAL C 234 -11.77 16.28 -39.58
C VAL C 234 -11.99 14.78 -39.74
N THR C 235 -10.88 14.02 -39.69
CA THR C 235 -10.90 12.57 -39.84
C THR C 235 -9.74 11.95 -39.08
N PRO C 236 -9.79 10.64 -38.84
CA PRO C 236 -8.75 9.92 -38.12
C PRO C 236 -7.46 9.95 -38.91
N GLY C 237 -6.35 9.66 -38.24
CA GLY C 237 -5.06 9.65 -38.92
C GLY C 237 -5.01 8.46 -39.86
N HIS C 238 -4.25 8.57 -40.95
CA HIS C 238 -4.12 7.47 -41.91
C HIS C 238 -3.88 6.16 -41.18
N ALA C 239 -3.09 6.24 -40.12
CA ALA C 239 -2.74 5.06 -39.35
C ALA C 239 -3.69 4.71 -38.21
N CYS C 240 -4.83 5.40 -38.09
CA CYS C 240 -5.74 5.05 -37.02
C CYS C 240 -6.44 3.75 -37.39
N PRO C 241 -6.49 2.80 -36.45
CA PRO C 241 -7.12 1.49 -36.67
C PRO C 241 -8.64 1.58 -36.76
N ILE C 242 -9.23 2.46 -35.96
CA ILE C 242 -10.67 2.64 -35.90
C ILE C 242 -11.35 3.04 -37.20
N LYS C 243 -12.52 2.45 -37.43
CA LYS C 243 -13.30 2.71 -38.63
C LYS C 243 -14.42 3.68 -38.30
N TYR C 244 -14.65 4.65 -39.18
CA TYR C 244 -15.70 5.64 -38.95
C TYR C 244 -16.68 5.81 -40.11
N THR C 245 -17.91 6.12 -39.77
CA THR C 245 -18.98 6.34 -40.75
C THR C 245 -18.76 7.68 -41.40
N PRO C 246 -19.07 7.82 -42.69
CA PRO C 246 -18.88 9.13 -43.29
C PRO C 246 -19.85 10.05 -42.56
N GLU C 247 -20.80 9.44 -41.86
CA GLU C 247 -21.77 10.18 -41.07
C GLU C 247 -20.99 10.79 -39.91
N GLU C 248 -20.23 9.94 -39.23
CA GLU C 248 -19.42 10.34 -38.08
C GLU C 248 -18.41 11.41 -38.46
N ILE C 249 -17.82 11.26 -39.63
CA ILE C 249 -16.85 12.23 -40.11
C ILE C 249 -17.54 13.56 -40.36
N ALA C 250 -18.69 13.51 -41.01
CA ALA C 250 -19.44 14.71 -41.31
C ALA C 250 -19.85 15.41 -40.01
N MET C 251 -20.24 14.61 -39.02
CA MET C 251 -20.67 15.14 -37.74
C MET C 251 -19.54 15.94 -37.07
N ALA C 252 -18.34 15.36 -37.03
CA ALA C 252 -17.20 16.03 -36.40
C ALA C 252 -16.77 17.25 -37.19
N THR C 253 -16.69 17.09 -38.51
CA THR C 253 -16.29 18.17 -39.39
C THR C 253 -17.20 19.38 -39.27
N VAL C 254 -18.50 19.16 -39.33
CA VAL C 254 -19.42 20.27 -39.24
C VAL C 254 -19.41 20.88 -37.83
N THR C 255 -19.29 20.05 -36.81
CA THR C 255 -19.26 20.58 -35.46
C THR C 255 -18.06 21.51 -35.32
N ALA C 256 -16.90 21.02 -35.73
CA ALA C 256 -15.68 21.81 -35.64
C ALA C 256 -15.86 23.14 -36.33
N LEU C 257 -16.28 23.10 -37.59
CA LEU C 257 -16.48 24.32 -38.37
C LEU C 257 -17.46 25.28 -37.73
N ARG C 258 -18.56 24.78 -37.18
CA ARG C 258 -19.52 25.71 -36.61
C ARG C 258 -19.19 26.20 -35.23
N ARG C 259 -18.01 25.83 -34.74
CA ARG C 259 -17.55 26.29 -33.43
C ARG C 259 -16.46 27.31 -33.64
N THR C 260 -16.06 27.50 -34.89
CA THR C 260 -14.97 28.40 -35.20
C THR C 260 -15.14 29.35 -36.37
N VAL C 261 -15.78 28.91 -37.45
CA VAL C 261 -15.93 29.79 -38.61
C VAL C 261 -17.09 30.79 -38.49
N PRO C 262 -16.81 32.09 -38.62
CA PRO C 262 -17.95 33.02 -38.51
C PRO C 262 -18.90 32.88 -39.69
N PRO C 263 -20.19 33.12 -39.46
CA PRO C 263 -21.26 33.03 -40.47
C PRO C 263 -20.93 33.85 -41.70
N ALA C 264 -20.14 34.90 -41.51
CA ALA C 264 -19.77 35.77 -42.62
C ALA C 264 -18.94 35.10 -43.72
N VAL C 265 -18.26 34.02 -43.40
CA VAL C 265 -17.48 33.35 -44.42
C VAL C 265 -18.47 32.69 -45.39
N PRO C 266 -18.42 33.08 -46.67
CA PRO C 266 -19.31 32.55 -47.70
C PRO C 266 -19.26 31.05 -47.91
N GLY C 267 -18.06 30.46 -47.90
CA GLY C 267 -18.01 29.03 -48.11
C GLY C 267 -16.74 28.36 -47.66
N VAL C 268 -16.85 27.08 -47.36
CA VAL C 268 -15.73 26.27 -46.93
C VAL C 268 -15.51 25.27 -48.05
N THR C 269 -14.35 25.33 -48.69
CA THR C 269 -14.06 24.40 -49.78
C THR C 269 -13.07 23.34 -49.31
N PHE C 270 -13.59 22.21 -48.81
CA PHE C 270 -12.75 21.14 -48.30
C PHE C 270 -11.67 20.66 -49.27
N LEU C 271 -10.59 20.15 -48.70
CA LEU C 271 -9.49 19.62 -49.47
C LEU C 271 -9.58 18.09 -49.39
N SER C 272 -9.44 17.44 -50.54
CA SER C 272 -9.56 15.98 -50.61
C SER C 272 -8.51 15.27 -49.78
N GLY C 273 -7.38 15.91 -49.57
CA GLY C 273 -6.32 15.30 -48.78
C GLY C 273 -5.86 13.98 -49.35
N GLY C 274 -5.83 12.95 -48.50
CA GLY C 274 -5.40 11.64 -48.96
C GLY C 274 -6.56 10.72 -49.32
N GLN C 275 -7.78 11.26 -49.28
CA GLN C 275 -8.97 10.49 -49.59
C GLN C 275 -9.01 10.05 -51.04
N SER C 276 -9.73 8.97 -51.30
CA SER C 276 -9.90 8.42 -52.65
C SER C 276 -10.98 9.22 -53.34
N GLU C 277 -11.07 9.11 -54.66
CA GLU C 277 -12.09 9.87 -55.38
C GLU C 277 -13.47 9.67 -54.76
N GLU C 278 -13.77 8.43 -54.37
CA GLU C 278 -15.06 8.14 -53.77
C GLU C 278 -15.16 8.63 -52.34
N GLU C 279 -14.16 8.30 -51.56
CA GLU C 279 -14.09 8.70 -50.16
C GLU C 279 -14.40 10.20 -50.00
N ALA C 280 -13.81 11.00 -50.87
CA ALA C 280 -14.03 12.44 -50.85
C ALA C 280 -15.48 12.76 -51.13
N SER C 281 -16.01 12.18 -52.21
CA SER C 281 -17.39 12.41 -52.61
C SER C 281 -18.39 11.98 -51.52
N PHE C 282 -18.19 10.78 -50.99
CA PHE C 282 -19.06 10.27 -49.93
C PHE C 282 -19.05 11.16 -48.72
N ASN C 283 -17.86 11.45 -48.22
CA ASN C 283 -17.69 12.30 -47.06
C ASN C 283 -18.30 13.69 -47.31
N LEU C 284 -18.02 14.28 -48.46
CA LEU C 284 -18.59 15.59 -48.74
C LEU C 284 -20.11 15.51 -48.71
N ASN C 285 -20.65 14.50 -49.37
CA ASN C 285 -22.09 14.33 -49.41
C ASN C 285 -22.63 14.24 -47.98
N ALA C 286 -22.05 13.34 -47.21
CA ALA C 286 -22.44 13.14 -45.83
C ALA C 286 -22.47 14.49 -45.08
N ILE C 287 -21.42 15.27 -45.27
CA ILE C 287 -21.31 16.57 -44.63
C ILE C 287 -22.52 17.43 -44.99
N ASN C 288 -22.83 17.50 -46.29
CA ASN C 288 -23.96 18.30 -46.73
C ASN C 288 -25.30 17.68 -46.33
N ARG C 289 -25.26 16.52 -45.67
CA ARG C 289 -26.48 15.89 -45.22
C ARG C 289 -26.52 15.85 -43.70
N CYS C 290 -25.51 16.45 -43.07
CA CYS C 290 -25.43 16.50 -41.61
C CYS C 290 -26.62 17.31 -41.08
N PRO C 291 -27.22 16.84 -39.99
CA PRO C 291 -28.37 17.47 -39.33
C PRO C 291 -28.11 18.92 -38.89
N LEU C 292 -26.90 19.16 -38.40
CA LEU C 292 -26.51 20.48 -37.93
C LEU C 292 -26.63 21.53 -39.02
N PRO C 293 -27.05 22.74 -38.65
CA PRO C 293 -27.22 23.89 -39.55
C PRO C 293 -25.88 24.43 -40.01
N ARG C 294 -25.80 24.88 -41.27
CA ARG C 294 -24.56 25.44 -41.78
C ARG C 294 -24.77 26.75 -42.51
N PRO C 295 -24.28 27.85 -41.94
CA PRO C 295 -24.40 29.21 -42.49
C PRO C 295 -23.58 29.47 -43.75
N TRP C 296 -22.80 28.48 -44.15
CA TRP C 296 -21.91 28.62 -45.30
C TRP C 296 -21.94 27.45 -46.27
N ALA C 297 -21.49 27.71 -47.49
CA ALA C 297 -21.44 26.68 -48.50
C ALA C 297 -20.45 25.63 -48.01
N LEU C 298 -20.74 24.36 -48.25
CA LEU C 298 -19.82 23.33 -47.86
C LEU C 298 -19.52 22.51 -49.09
N THR C 299 -18.63 22.99 -49.97
CA THR C 299 -18.33 22.20 -51.16
C THR C 299 -16.89 21.67 -51.12
N PHE C 300 -16.30 21.53 -52.30
CA PHE C 300 -14.96 20.97 -52.45
C PHE C 300 -13.97 21.86 -53.19
N SER C 301 -12.69 21.58 -52.94
CA SER C 301 -11.57 22.26 -53.62
C SER C 301 -10.63 21.07 -53.71
N TYR C 302 -11.00 20.13 -54.57
CA TYR C 302 -10.26 18.91 -54.76
C TYR C 302 -9.16 18.93 -55.80
N GLY C 303 -8.10 18.18 -55.50
CA GLY C 303 -6.98 18.11 -56.40
C GLY C 303 -6.95 16.73 -57.01
N ARG C 304 -6.44 15.75 -56.27
CA ARG C 304 -6.37 14.40 -56.80
C ARG C 304 -7.76 13.80 -56.90
N ALA C 305 -8.59 14.04 -55.88
CA ALA C 305 -9.94 13.50 -55.85
C ALA C 305 -10.79 13.83 -57.07
N LEU C 306 -10.28 14.70 -57.95
CA LEU C 306 -10.99 15.08 -59.15
C LEU C 306 -10.28 14.57 -60.39
N GLN C 307 -8.97 14.36 -60.28
CA GLN C 307 -8.23 13.92 -61.45
C GLN C 307 -7.46 12.61 -61.33
N ALA C 308 -7.74 11.82 -60.31
CA ALA C 308 -7.03 10.55 -60.15
C ALA C 308 -7.30 9.66 -61.34
N SER C 309 -8.55 9.23 -61.47
CA SER C 309 -8.93 8.34 -62.56
C SER C 309 -8.70 9.01 -63.90
N ALA C 310 -8.92 10.33 -63.96
CA ALA C 310 -8.71 11.05 -65.20
C ALA C 310 -7.28 10.88 -65.67
N LEU C 311 -6.35 11.11 -64.75
CA LEU C 311 -4.92 10.99 -65.04
C LEU C 311 -4.57 9.55 -65.37
N ASN C 312 -5.20 8.64 -64.66
CA ASN C 312 -4.97 7.22 -64.85
C ASN C 312 -5.43 6.76 -66.23
N ALA C 313 -6.48 7.38 -66.73
CA ALA C 313 -7.02 7.05 -68.05
C ALA C 313 -6.13 7.61 -69.14
N TRP C 314 -5.88 8.91 -69.09
CA TRP C 314 -5.02 9.58 -70.07
C TRP C 314 -3.76 8.78 -70.31
N ARG C 315 -3.03 8.52 -69.22
CA ARG C 315 -1.81 7.72 -69.29
C ARG C 315 -0.80 8.28 -70.29
N GLY C 316 -0.92 9.56 -70.62
CA GLY C 316 -0.01 10.20 -71.55
C GLY C 316 -0.36 10.02 -73.01
N GLN C 317 -1.32 9.15 -73.31
CA GLN C 317 -1.74 8.90 -74.68
C GLN C 317 -2.67 9.95 -75.27
N ARG C 318 -2.34 10.44 -76.47
CA ARG C 318 -3.16 11.45 -77.10
C ARG C 318 -4.57 10.96 -77.41
N ASP C 319 -4.73 9.65 -77.58
CA ASP C 319 -6.04 9.08 -77.88
C ASP C 319 -6.89 9.04 -76.62
N ASN C 320 -6.27 8.63 -75.52
CA ASN C 320 -6.97 8.53 -74.25
C ASN C 320 -7.43 9.87 -73.69
N ALA C 321 -7.05 10.96 -74.38
CA ALA C 321 -7.42 12.31 -73.97
C ALA C 321 -8.91 12.45 -73.61
N GLY C 322 -9.77 12.12 -74.56
CA GLY C 322 -11.21 12.23 -74.36
C GLY C 322 -11.73 11.39 -73.20
N ALA C 323 -11.19 10.18 -73.06
CA ALA C 323 -11.60 9.30 -71.98
C ALA C 323 -11.20 9.94 -70.66
N ALA C 324 -9.97 10.45 -70.61
CA ALA C 324 -9.44 11.10 -69.42
C ALA C 324 -10.38 12.24 -69.06
N THR C 325 -10.69 13.07 -70.04
CA THR C 325 -11.58 14.21 -69.82
C THR C 325 -12.93 13.76 -69.27
N GLU C 326 -13.38 12.59 -69.71
CA GLU C 326 -14.66 12.07 -69.23
C GLU C 326 -14.53 11.70 -67.76
N GLU C 327 -13.46 10.99 -67.42
CA GLU C 327 -13.25 10.57 -66.06
C GLU C 327 -13.31 11.78 -65.12
N PHE C 328 -12.75 12.89 -65.57
CA PHE C 328 -12.76 14.13 -64.79
C PHE C 328 -14.18 14.66 -64.67
N ILE C 329 -14.81 14.97 -65.81
CA ILE C 329 -16.16 15.49 -65.81
C ILE C 329 -17.07 14.63 -64.92
N LYS C 330 -16.83 13.32 -64.90
CA LYS C 330 -17.63 12.42 -64.08
C LYS C 330 -17.51 12.81 -62.62
N ARG C 331 -16.28 12.79 -62.10
CA ARG C 331 -16.04 13.15 -60.71
C ARG C 331 -16.49 14.58 -60.42
N ALA C 332 -16.24 15.48 -61.36
CA ALA C 332 -16.63 16.87 -61.17
C ALA C 332 -18.14 16.94 -60.94
N GLU C 333 -18.90 16.16 -61.70
CA GLU C 333 -20.34 16.16 -61.57
C GLU C 333 -20.82 15.55 -60.27
N VAL C 334 -20.30 14.37 -59.93
CA VAL C 334 -20.72 13.72 -58.70
C VAL C 334 -20.44 14.60 -57.49
N ASN C 335 -19.26 15.21 -57.45
CA ASN C 335 -18.91 16.05 -56.33
C ASN C 335 -19.78 17.29 -56.32
N GLY C 336 -20.23 17.70 -57.50
CA GLY C 336 -21.11 18.85 -57.59
C GLY C 336 -22.43 18.49 -56.92
N LEU C 337 -22.73 17.19 -56.93
CA LEU C 337 -23.95 16.68 -56.30
C LEU C 337 -23.71 16.54 -54.81
N ALA C 338 -22.58 15.95 -54.46
CA ALA C 338 -22.21 15.76 -53.06
C ALA C 338 -22.17 17.11 -52.36
N ALA C 339 -21.92 18.16 -53.13
CA ALA C 339 -21.85 19.51 -52.60
C ALA C 339 -23.24 20.01 -52.25
N GLN C 340 -24.25 19.17 -52.43
CA GLN C 340 -25.63 19.54 -52.12
C GLN C 340 -26.28 18.39 -51.37
N GLY C 341 -25.47 17.40 -51.02
CA GLY C 341 -25.95 16.24 -50.30
C GLY C 341 -26.85 15.36 -51.14
N LYS C 342 -26.97 15.70 -52.41
CA LYS C 342 -27.82 14.94 -53.30
C LYS C 342 -27.03 14.05 -54.24
N TYR C 343 -26.21 13.17 -53.67
CA TYR C 343 -25.42 12.24 -54.46
C TYR C 343 -25.69 10.87 -53.92
N GLU C 344 -26.14 9.95 -54.78
CA GLU C 344 -26.41 8.59 -54.33
C GLU C 344 -25.36 7.63 -54.88
N HIS D 3 8.37 19.66 -26.20
CA HIS D 3 8.23 20.82 -27.11
C HIS D 3 9.57 21.53 -27.33
N SER D 4 10.64 20.90 -26.85
CA SER D 4 11.99 21.44 -26.97
C SER D 4 12.86 20.63 -27.94
N TYR D 5 12.90 21.08 -29.20
CA TYR D 5 13.69 20.41 -30.23
C TYR D 5 14.83 21.34 -30.66
N PRO D 6 15.95 21.31 -29.93
CA PRO D 6 17.16 22.11 -30.13
C PRO D 6 17.35 22.75 -31.50
N ALA D 7 17.09 24.05 -31.56
CA ALA D 7 17.23 24.80 -32.79
C ALA D 7 18.69 24.87 -33.19
N LEU D 8 19.57 25.05 -32.20
CA LEU D 8 20.99 25.15 -32.45
C LEU D 8 21.80 24.20 -31.60
N SER D 9 22.90 23.73 -32.16
CA SER D 9 23.80 22.83 -31.45
C SER D 9 24.63 23.71 -30.55
N ALA D 10 25.39 23.07 -29.66
CA ALA D 10 26.24 23.81 -28.73
C ALA D 10 27.29 24.59 -29.51
N GLU D 11 27.85 23.94 -30.53
CA GLU D 11 28.87 24.55 -31.35
C GLU D 11 28.32 25.80 -31.99
N GLN D 12 27.14 25.68 -32.59
CA GLN D 12 26.49 26.79 -33.27
C GLN D 12 26.20 27.96 -32.36
N LYS D 13 25.66 27.69 -31.17
CA LYS D 13 25.35 28.74 -30.24
C LYS D 13 26.64 29.49 -29.94
N LYS D 14 27.74 28.74 -29.78
CA LYS D 14 29.04 29.33 -29.50
C LYS D 14 29.41 30.32 -30.60
N GLU D 15 29.48 29.83 -31.84
CA GLU D 15 29.84 30.68 -32.97
C GLU D 15 29.04 31.97 -33.01
N LEU D 16 27.74 31.87 -32.77
CA LEU D 16 26.90 33.06 -32.80
C LEU D 16 27.29 34.02 -31.68
N SER D 17 27.35 33.49 -30.46
CA SER D 17 27.70 34.31 -29.31
C SER D 17 29.04 35.03 -29.51
N ASP D 18 30.04 34.30 -29.99
CA ASP D 18 31.35 34.88 -30.23
C ASP D 18 31.19 36.05 -31.20
N ILE D 19 30.70 35.76 -32.39
CA ILE D 19 30.50 36.80 -33.39
C ILE D 19 29.83 38.02 -32.79
N ALA D 20 28.78 37.79 -32.02
CA ALA D 20 28.05 38.90 -31.41
C ALA D 20 28.95 39.75 -30.54
N LEU D 21 29.64 39.10 -29.62
CA LEU D 21 30.54 39.78 -28.71
C LEU D 21 31.68 40.53 -29.38
N ARG D 22 32.22 39.97 -30.46
CA ARG D 22 33.30 40.64 -31.17
C ARG D 22 32.80 41.99 -31.67
N ILE D 23 31.60 41.99 -32.23
CA ILE D 23 31.03 43.20 -32.78
C ILE D 23 30.85 44.28 -31.72
N VAL D 24 30.26 43.95 -30.58
CA VAL D 24 30.06 44.97 -29.55
C VAL D 24 31.16 45.09 -28.51
N ALA D 25 32.32 44.53 -28.82
CA ALA D 25 33.46 44.61 -27.90
C ALA D 25 33.66 46.06 -27.48
N PRO D 26 34.13 46.27 -26.24
CA PRO D 26 34.39 47.59 -25.64
C PRO D 26 34.92 48.65 -26.57
N GLY D 27 34.35 49.85 -26.49
CA GLY D 27 34.79 50.94 -27.32
C GLY D 27 34.62 50.73 -28.82
N LYS D 28 33.89 49.67 -29.18
CA LYS D 28 33.64 49.36 -30.59
C LYS D 28 32.16 49.52 -30.96
N GLY D 29 31.93 49.96 -32.20
CA GLY D 29 30.58 50.15 -32.70
C GLY D 29 30.47 49.62 -34.11
N ILE D 30 29.34 49.92 -34.77
CA ILE D 30 29.09 49.43 -36.13
C ILE D 30 28.94 50.54 -37.16
N LEU D 31 29.60 50.37 -38.30
CA LEU D 31 29.47 51.33 -39.37
C LEU D 31 28.36 50.79 -40.25
N ALA D 32 27.28 51.54 -40.37
CA ALA D 32 26.16 51.09 -41.19
C ALA D 32 26.23 51.73 -42.57
N ALA D 33 26.85 51.01 -43.51
CA ALA D 33 26.97 51.50 -44.88
C ALA D 33 26.09 50.67 -45.81
N ASP D 34 24.91 50.29 -45.29
CA ASP D 34 23.97 49.47 -46.06
C ASP D 34 22.93 50.30 -46.80
N GLU D 35 23.30 51.51 -47.21
CA GLU D 35 22.37 52.38 -47.93
C GLU D 35 21.92 51.80 -49.27
N SER D 36 20.61 51.59 -49.40
CA SER D 36 20.03 51.08 -50.63
C SER D 36 20.40 52.01 -51.78
N VAL D 37 20.47 51.47 -53.00
CA VAL D 37 20.81 52.30 -54.15
C VAL D 37 19.82 53.47 -54.23
N GLY D 38 18.65 53.27 -53.65
CA GLY D 38 17.64 54.32 -53.67
C GLY D 38 17.99 55.44 -52.72
N SER D 39 18.09 55.13 -51.42
CA SER D 39 18.43 56.14 -50.43
C SER D 39 19.80 56.74 -50.73
N MET D 40 20.64 55.95 -51.40
CA MET D 40 21.97 56.41 -51.76
C MET D 40 21.86 57.55 -52.79
N ALA D 41 20.80 57.52 -53.59
CA ALA D 41 20.62 58.56 -54.59
C ALA D 41 20.41 59.89 -53.89
N LYS D 42 19.58 59.89 -52.85
CA LYS D 42 19.31 61.12 -52.12
C LYS D 42 20.56 61.69 -51.47
N ARG D 43 21.35 60.83 -50.82
CA ARG D 43 22.56 61.30 -50.16
C ARG D 43 23.57 61.85 -51.14
N LEU D 44 23.75 61.17 -52.26
CA LEU D 44 24.68 61.63 -53.26
C LEU D 44 24.22 62.94 -53.90
N SER D 45 22.92 63.07 -54.13
CA SER D 45 22.39 64.28 -54.74
C SER D 45 22.75 65.53 -53.92
N GLN D 46 22.71 65.41 -52.59
CA GLN D 46 23.01 66.54 -51.73
C GLN D 46 24.42 67.09 -51.93
N ILE D 47 25.32 66.29 -52.50
CA ILE D 47 26.69 66.74 -52.74
C ILE D 47 27.02 66.70 -54.23
N GLY D 48 25.97 66.74 -55.06
CA GLY D 48 26.15 66.66 -56.49
C GLY D 48 26.21 65.17 -56.77
N VAL D 49 27.32 64.70 -57.34
CA VAL D 49 27.52 63.27 -57.59
C VAL D 49 26.33 62.47 -58.17
N GLU D 50 26.48 62.04 -59.42
CA GLU D 50 25.46 61.24 -60.07
C GLU D 50 25.38 59.93 -59.31
N ASN D 51 24.18 59.38 -59.18
CA ASN D 51 24.03 58.13 -58.46
C ASN D 51 24.34 56.92 -59.35
N THR D 52 25.63 56.70 -59.62
CA THR D 52 26.12 55.59 -60.43
C THR D 52 26.53 54.45 -59.53
N GLU D 53 26.76 53.27 -60.09
CA GLU D 53 27.24 52.17 -59.28
C GLU D 53 28.66 52.54 -58.95
N GLU D 54 29.33 53.16 -59.91
CA GLU D 54 30.72 53.56 -59.71
C GLU D 54 30.83 54.61 -58.63
N ASN D 55 30.06 55.70 -58.74
CA ASN D 55 30.13 56.73 -57.72
C ASN D 55 29.88 56.17 -56.33
N ARG D 56 29.07 55.12 -56.25
CA ARG D 56 28.78 54.51 -54.97
C ARG D 56 30.02 53.73 -54.53
N ARG D 57 30.56 52.92 -55.44
CA ARG D 57 31.76 52.14 -55.12
C ARG D 57 32.84 53.09 -54.64
N LEU D 58 32.99 54.20 -55.35
CA LEU D 58 34.00 55.20 -55.01
C LEU D 58 33.79 55.69 -53.59
N TYR D 59 32.58 56.11 -53.28
CA TYR D 59 32.29 56.61 -51.93
C TYR D 59 32.50 55.54 -50.86
N ARG D 60 31.99 54.33 -51.08
CA ARG D 60 32.15 53.27 -50.08
C ARG D 60 33.64 53.05 -49.85
N GLN D 61 34.41 53.25 -50.91
CA GLN D 61 35.85 53.08 -50.84
C GLN D 61 36.43 54.09 -49.87
N VAL D 62 35.94 55.32 -49.95
CA VAL D 62 36.40 56.36 -49.04
C VAL D 62 36.30 55.89 -47.60
N LEU D 63 35.24 55.16 -47.29
CA LEU D 63 35.03 54.66 -45.95
C LEU D 63 35.91 53.46 -45.64
N PHE D 64 35.86 52.46 -46.49
CA PHE D 64 36.62 51.22 -46.28
C PHE D 64 38.13 51.36 -46.38
N SER D 65 38.60 52.47 -46.92
CA SER D 65 40.03 52.64 -47.03
C SER D 65 40.61 53.26 -45.76
N ALA D 66 39.77 53.43 -44.74
CA ALA D 66 40.24 54.00 -43.47
C ALA D 66 41.38 53.12 -42.97
N ASP D 67 42.35 53.72 -42.29
CA ASP D 67 43.50 52.97 -41.77
C ASP D 67 43.19 52.20 -40.48
N ASP D 68 44.24 51.68 -39.86
CA ASP D 68 44.13 50.88 -38.63
C ASP D 68 43.56 51.50 -37.37
N ARG D 69 43.46 52.82 -37.28
CA ARG D 69 42.93 53.38 -36.05
C ARG D 69 41.42 53.16 -36.00
N VAL D 70 40.89 52.65 -37.10
CA VAL D 70 39.46 52.37 -37.20
C VAL D 70 39.18 51.05 -36.50
N LYS D 71 40.24 50.26 -36.30
CA LYS D 71 40.17 48.96 -35.65
C LYS D 71 39.77 49.01 -34.18
N LYS D 72 40.12 50.08 -33.49
CA LYS D 72 39.78 50.18 -32.07
C LYS D 72 38.33 50.58 -31.82
N CYS D 73 37.71 51.26 -32.77
CA CYS D 73 36.34 51.72 -32.59
C CYS D 73 35.27 51.08 -33.49
N ILE D 74 35.68 50.31 -34.48
CA ILE D 74 34.71 49.67 -35.35
C ILE D 74 34.74 48.15 -35.25
N GLY D 75 33.71 47.59 -34.63
CA GLY D 75 33.64 46.15 -34.47
C GLY D 75 33.05 45.46 -35.69
N GLY D 76 32.22 46.18 -36.43
CA GLY D 76 31.61 45.60 -37.62
C GLY D 76 31.12 46.63 -38.63
N VAL D 77 30.94 46.17 -39.87
CA VAL D 77 30.49 47.03 -40.95
C VAL D 77 29.32 46.36 -41.65
N ILE D 78 28.20 47.07 -41.76
CA ILE D 78 27.02 46.53 -42.43
C ILE D 78 27.06 46.95 -43.90
N PHE D 79 27.14 45.95 -44.78
CA PHE D 79 27.18 46.19 -46.23
C PHE D 79 25.83 46.14 -46.91
N PHE D 80 25.72 46.86 -48.02
CA PHE D 80 24.51 46.80 -48.82
C PHE D 80 24.90 45.73 -49.84
N HIS D 81 23.97 44.83 -50.16
CA HIS D 81 24.27 43.74 -51.11
C HIS D 81 25.30 44.08 -52.19
N GLU D 82 24.94 45.00 -53.07
CA GLU D 82 25.80 45.47 -54.15
C GLU D 82 27.24 45.59 -53.66
N THR D 83 27.42 46.46 -52.67
CA THR D 83 28.71 46.76 -52.08
C THR D 83 29.49 45.52 -51.61
N LEU D 84 28.80 44.54 -51.07
CA LEU D 84 29.44 43.31 -50.57
C LEU D 84 30.22 42.60 -51.67
N TYR D 85 30.01 43.02 -52.92
CA TYR D 85 30.71 42.37 -54.02
C TYR D 85 31.55 43.35 -54.84
N GLN D 86 31.74 44.56 -54.32
CA GLN D 86 32.53 45.56 -55.02
C GLN D 86 33.98 45.48 -54.56
N LYS D 87 34.88 46.04 -55.38
CA LYS D 87 36.29 46.04 -55.07
C LYS D 87 36.85 47.45 -55.15
N ASP D 88 37.98 47.68 -54.47
CA ASP D 88 38.62 48.98 -54.49
C ASP D 88 39.40 49.11 -55.80
N ASP D 89 40.04 50.24 -56.00
CA ASP D 89 40.78 50.47 -57.23
C ASP D 89 41.92 49.49 -57.48
N ASN D 90 42.34 48.78 -56.43
CA ASN D 90 43.43 47.82 -56.58
C ASN D 90 42.89 46.43 -56.88
N GLY D 91 41.56 46.35 -57.05
CA GLY D 91 40.92 45.09 -57.35
C GLY D 91 40.75 44.24 -56.10
N VAL D 92 40.81 44.89 -54.93
CA VAL D 92 40.66 44.17 -53.68
C VAL D 92 39.26 44.31 -53.10
N PRO D 93 38.59 43.16 -52.91
CA PRO D 93 37.23 43.09 -52.37
C PRO D 93 37.10 43.88 -51.08
N PHE D 94 36.14 44.80 -51.05
CA PHE D 94 35.91 45.61 -49.86
C PHE D 94 35.79 44.67 -48.66
N VAL D 95 35.14 43.53 -48.87
CA VAL D 95 34.95 42.56 -47.79
C VAL D 95 36.31 42.10 -47.27
N ARG D 96 37.20 41.75 -48.20
CA ARG D 96 38.54 41.30 -47.87
C ARG D 96 39.21 42.31 -46.94
N THR D 97 39.25 43.56 -47.38
CA THR D 97 39.85 44.63 -46.60
C THR D 97 39.31 44.69 -45.17
N ILE D 98 38.00 44.93 -45.03
CA ILE D 98 37.41 44.99 -43.70
C ILE D 98 37.76 43.73 -42.90
N GLN D 99 37.73 42.58 -43.55
CA GLN D 99 38.04 41.32 -42.88
C GLN D 99 39.46 41.29 -42.35
N ASP D 100 40.41 41.73 -43.17
CA ASP D 100 41.80 41.73 -42.77
C ASP D 100 42.06 42.62 -41.55
N LYS D 101 41.28 43.68 -41.38
CA LYS D 101 41.45 44.54 -40.20
C LYS D 101 40.79 43.90 -38.99
N GLY D 102 40.26 42.69 -39.19
CA GLY D 102 39.62 41.98 -38.10
C GLY D 102 38.23 42.49 -37.76
N ILE D 103 37.68 43.34 -38.61
CA ILE D 103 36.35 43.88 -38.38
C ILE D 103 35.35 42.87 -38.93
N VAL D 104 34.18 42.75 -38.30
CA VAL D 104 33.18 41.78 -38.75
C VAL D 104 32.34 42.32 -39.91
N VAL D 105 31.99 41.44 -40.85
CA VAL D 105 31.20 41.82 -42.02
C VAL D 105 29.71 41.45 -41.91
N GLY D 106 28.83 42.36 -42.32
CA GLY D 106 27.41 42.09 -42.26
C GLY D 106 26.65 42.61 -43.48
N ILE D 107 25.43 42.12 -43.71
CA ILE D 107 24.58 42.56 -44.84
C ILE D 107 23.17 42.85 -44.42
N LYS D 108 22.59 43.87 -45.06
CA LYS D 108 21.19 44.23 -44.84
C LYS D 108 20.50 43.12 -45.66
N VAL D 109 19.51 42.45 -45.10
CA VAL D 109 18.84 41.40 -45.85
C VAL D 109 17.35 41.64 -46.10
N ASP D 110 16.76 42.54 -45.32
CA ASP D 110 15.34 42.85 -45.50
C ASP D 110 15.16 43.40 -46.91
N LYS D 111 13.98 43.22 -47.47
CA LYS D 111 13.71 43.70 -48.81
C LYS D 111 12.73 44.85 -48.78
N GLY D 112 12.94 45.77 -47.86
CA GLY D 112 12.06 46.93 -47.79
C GLY D 112 10.79 46.84 -47.00
N VAL D 113 10.27 48.01 -46.67
CA VAL D 113 9.07 48.14 -45.89
C VAL D 113 7.86 48.09 -46.81
N VAL D 114 6.73 47.60 -46.30
CA VAL D 114 5.52 47.54 -47.09
C VAL D 114 4.31 47.89 -46.23
N PRO D 115 3.20 48.32 -46.85
CA PRO D 115 1.94 48.73 -46.24
C PRO D 115 1.14 47.68 -45.52
N LEU D 116 0.58 48.08 -44.38
CA LEU D 116 -0.28 47.21 -43.62
C LEU D 116 -1.69 47.70 -43.91
N ALA D 117 -2.40 46.96 -44.77
CA ALA D 117 -3.76 47.32 -45.12
C ALA D 117 -4.58 47.50 -43.85
N GLY D 118 -5.38 48.56 -43.82
CA GLY D 118 -6.24 48.80 -42.68
C GLY D 118 -5.68 49.61 -41.54
N THR D 119 -4.44 50.09 -41.71
CA THR D 119 -3.79 50.89 -40.67
C THR D 119 -3.61 52.31 -41.15
N ASP D 120 -3.20 53.19 -40.24
CA ASP D 120 -2.97 54.59 -40.58
C ASP D 120 -1.56 54.76 -41.14
N GLY D 121 -1.37 54.30 -42.37
CA GLY D 121 -0.08 54.42 -43.00
C GLY D 121 1.04 53.69 -42.29
N GLU D 122 0.72 52.55 -41.67
CA GLU D 122 1.73 51.79 -40.97
C GLU D 122 2.28 50.74 -41.89
N THR D 123 3.40 50.14 -41.51
CA THR D 123 4.03 49.15 -42.35
C THR D 123 4.53 47.94 -41.63
N THR D 124 5.22 47.11 -42.41
CA THR D 124 5.86 45.90 -41.93
C THR D 124 6.99 45.75 -42.94
N THR D 125 7.79 44.71 -42.78
CA THR D 125 8.93 44.54 -43.67
C THR D 125 8.94 43.21 -44.38
N GLN D 126 9.40 43.20 -45.62
CA GLN D 126 9.48 41.95 -46.35
C GLN D 126 10.93 41.57 -46.59
N GLY D 127 11.16 40.32 -46.96
CA GLY D 127 12.51 39.85 -47.22
C GLY D 127 12.68 38.40 -46.83
N LEU D 128 11.69 37.85 -46.13
CA LEU D 128 11.75 36.46 -45.68
C LEU D 128 11.83 35.41 -46.79
N ASP D 129 11.26 35.68 -47.96
CA ASP D 129 11.30 34.70 -49.02
C ASP D 129 12.73 34.40 -49.46
N GLY D 130 13.11 33.12 -49.35
CA GLY D 130 14.44 32.69 -49.72
C GLY D 130 15.56 33.18 -48.82
N LEU D 131 15.23 33.86 -47.73
CA LEU D 131 16.25 34.37 -46.82
C LEU D 131 17.25 33.31 -46.36
N SER D 132 16.80 32.10 -46.12
CA SER D 132 17.71 31.07 -45.66
C SER D 132 18.82 30.79 -46.68
N GLU D 133 18.44 30.63 -47.95
CA GLU D 133 19.42 30.37 -49.01
C GLU D 133 20.37 31.55 -49.09
N ARG D 134 19.81 32.74 -49.03
CA ARG D 134 20.60 33.96 -49.11
C ARG D 134 21.60 34.06 -47.97
N CYS D 135 21.16 33.74 -46.76
CA CYS D 135 22.07 33.82 -45.62
C CYS D 135 23.20 32.84 -45.84
N ALA D 136 22.85 31.61 -46.18
CA ALA D 136 23.85 30.60 -46.43
C ALA D 136 24.92 31.14 -47.39
N GLN D 137 24.47 31.86 -48.42
CA GLN D 137 25.36 32.44 -49.42
C GLN D 137 26.21 33.56 -48.83
N TYR D 138 25.56 34.51 -48.18
CA TYR D 138 26.25 35.63 -47.58
C TYR D 138 27.30 35.15 -46.59
N LYS D 139 26.98 34.11 -45.83
CA LYS D 139 27.92 33.58 -44.87
C LYS D 139 29.11 33.09 -45.67
N LYS D 140 28.82 32.32 -46.71
CA LYS D 140 29.84 31.77 -47.58
C LYS D 140 30.69 32.87 -48.22
N ASP D 141 30.18 34.10 -48.21
CA ASP D 141 30.93 35.19 -48.80
C ASP D 141 31.58 36.10 -47.77
N GLY D 142 31.60 35.67 -46.51
CA GLY D 142 32.24 36.46 -45.47
C GLY D 142 31.41 37.21 -44.46
N ALA D 143 30.08 37.13 -44.57
CA ALA D 143 29.24 37.84 -43.62
C ALA D 143 29.00 36.96 -42.39
N ASP D 144 28.92 37.60 -41.23
CA ASP D 144 28.69 36.86 -39.99
C ASP D 144 27.52 37.42 -39.22
N PHE D 145 26.98 38.53 -39.70
CA PHE D 145 25.81 39.12 -39.06
C PHE D 145 24.98 39.85 -40.09
N ALA D 146 23.69 40.05 -39.79
CA ALA D 146 22.80 40.72 -40.72
C ALA D 146 21.96 41.78 -40.05
N LYS D 147 21.25 42.56 -40.86
CA LYS D 147 20.38 43.62 -40.35
C LYS D 147 19.06 43.57 -41.10
N TRP D 148 17.97 43.78 -40.37
CA TRP D 148 16.62 43.78 -40.91
C TRP D 148 15.93 44.96 -40.25
N ARG D 149 15.42 45.90 -41.05
CA ARG D 149 14.78 47.05 -40.42
C ARG D 149 13.26 47.12 -40.50
N CYS D 150 12.62 47.14 -39.34
CA CYS D 150 11.17 47.28 -39.27
C CYS D 150 10.99 48.74 -38.88
N VAL D 151 9.86 49.33 -39.21
CA VAL D 151 9.64 50.71 -38.87
C VAL D 151 8.30 50.96 -38.23
N LEU D 152 8.32 51.54 -37.03
CA LEU D 152 7.09 51.87 -36.34
C LEU D 152 7.00 53.39 -36.29
N LYS D 153 5.79 53.92 -36.12
CA LYS D 153 5.58 55.36 -36.12
C LYS D 153 4.75 55.79 -34.91
N ILE D 154 5.01 56.98 -34.36
CA ILE D 154 4.22 57.43 -33.22
C ILE D 154 3.28 58.57 -33.59
N SER D 155 1.99 58.39 -33.31
CA SER D 155 0.95 59.37 -33.59
C SER D 155 -0.21 59.09 -32.62
N GLU D 156 -1.32 59.82 -32.76
CA GLU D 156 -2.45 59.63 -31.86
C GLU D 156 -2.82 58.18 -31.72
N ARG D 157 -2.60 57.42 -32.78
CA ARG D 157 -2.95 56.01 -32.73
C ARG D 157 -2.15 55.24 -33.77
N THR D 158 -0.83 55.22 -33.64
CA THR D 158 -0.04 54.53 -34.64
C THR D 158 0.60 53.22 -34.32
N PRO D 159 1.51 53.17 -33.33
CA PRO D 159 2.04 51.82 -33.14
C PRO D 159 0.84 51.00 -32.68
N SER D 160 0.10 50.47 -33.66
CA SER D 160 -1.11 49.70 -33.43
C SER D 160 -0.83 48.25 -33.12
N ALA D 161 -1.75 47.63 -32.37
CA ALA D 161 -1.60 46.25 -32.01
C ALA D 161 -1.09 45.47 -33.21
N LEU D 162 -1.71 45.69 -34.37
CA LEU D 162 -1.29 44.99 -35.56
C LEU D 162 0.16 45.27 -35.90
N ALA D 163 0.50 46.55 -36.03
CA ALA D 163 1.86 46.95 -36.36
C ALA D 163 2.89 46.38 -35.38
N ILE D 164 2.55 46.37 -34.10
CA ILE D 164 3.46 45.83 -33.11
C ILE D 164 3.50 44.31 -33.24
N LEU D 165 2.32 43.68 -33.34
CA LEU D 165 2.17 42.23 -33.48
C LEU D 165 3.03 41.78 -34.65
N GLU D 166 2.68 42.23 -35.86
CA GLU D 166 3.46 41.93 -37.06
C GLU D 166 4.70 42.74 -36.75
N ASN D 167 5.75 42.62 -37.53
CA ASN D 167 6.98 43.37 -37.23
C ASN D 167 7.71 42.61 -36.12
N ALA D 168 7.14 42.61 -34.92
CA ALA D 168 7.76 41.87 -33.84
C ALA D 168 7.88 40.44 -34.34
N ASN D 169 6.84 39.97 -35.02
CA ASN D 169 6.84 38.61 -35.52
C ASN D 169 7.81 38.46 -36.67
N VAL D 170 7.82 39.41 -37.60
CA VAL D 170 8.72 39.33 -38.74
C VAL D 170 10.16 39.31 -38.27
N LEU D 171 10.48 40.19 -37.32
CA LEU D 171 11.83 40.23 -36.79
C LEU D 171 12.19 38.84 -36.29
N ALA D 172 11.32 38.25 -35.48
CA ALA D 172 11.58 36.93 -34.92
C ALA D 172 11.83 35.91 -36.02
N ARG D 173 11.04 35.95 -37.09
CA ARG D 173 11.23 35.02 -38.19
C ARG D 173 12.62 35.20 -38.78
N TYR D 174 12.91 36.43 -39.18
CA TYR D 174 14.21 36.79 -39.75
C TYR D 174 15.34 36.32 -38.85
N ALA D 175 15.26 36.66 -37.55
CA ALA D 175 16.28 36.27 -36.58
C ALA D 175 16.47 34.76 -36.58
N SER D 176 15.37 34.02 -36.44
CA SER D 176 15.41 32.57 -36.42
C SER D 176 16.16 32.00 -37.63
N ILE D 177 15.82 32.49 -38.82
CA ILE D 177 16.44 32.04 -40.06
C ILE D 177 17.93 32.33 -40.13
N CYS D 178 18.33 33.52 -39.69
CA CYS D 178 19.74 33.88 -39.70
C CYS D 178 20.55 32.92 -38.84
N GLN D 179 20.09 32.71 -37.62
CA GLN D 179 20.83 31.85 -36.71
C GLN D 179 21.00 30.42 -37.20
N GLN D 180 20.00 29.85 -37.87
CA GLN D 180 20.19 28.49 -38.33
C GLN D 180 21.20 28.46 -39.49
N ASN D 181 21.66 29.64 -39.90
CA ASN D 181 22.66 29.78 -40.97
C ASN D 181 23.98 30.38 -40.45
N GLY D 182 24.19 30.29 -39.15
CA GLY D 182 25.40 30.82 -38.55
C GLY D 182 25.59 32.31 -38.72
N ILE D 183 24.50 33.07 -38.73
CA ILE D 183 24.58 34.51 -38.89
C ILE D 183 23.88 35.26 -37.77
N VAL D 184 24.63 36.09 -37.05
CA VAL D 184 24.05 36.85 -35.96
C VAL D 184 23.10 37.90 -36.53
N PRO D 185 21.86 37.93 -36.05
CA PRO D 185 20.90 38.91 -36.56
C PRO D 185 20.79 40.15 -35.70
N ILE D 186 20.77 41.32 -36.33
CA ILE D 186 20.58 42.55 -35.60
C ILE D 186 19.09 42.82 -35.73
N VAL D 187 18.38 42.80 -34.61
CA VAL D 187 16.96 43.03 -34.61
C VAL D 187 16.72 44.53 -34.51
N GLU D 188 16.25 45.15 -35.59
CA GLU D 188 16.04 46.58 -35.58
C GLU D 188 14.59 47.06 -35.65
N PRO D 189 13.97 47.28 -34.48
CA PRO D 189 12.60 47.75 -34.42
C PRO D 189 12.66 49.27 -34.25
N GLU D 190 12.84 49.99 -35.35
CA GLU D 190 12.96 51.44 -35.25
C GLU D 190 11.67 52.21 -35.09
N ILE D 191 11.54 52.91 -33.98
CA ILE D 191 10.37 53.73 -33.74
C ILE D 191 10.76 55.15 -34.20
N LEU D 192 10.28 55.57 -35.36
CA LEU D 192 10.60 56.89 -35.89
C LEU D 192 10.34 58.04 -34.91
N PRO D 193 11.09 59.14 -35.06
CA PRO D 193 11.03 60.35 -34.24
C PRO D 193 9.97 61.34 -34.72
N ASP D 194 9.49 61.16 -35.95
CA ASP D 194 8.49 62.07 -36.50
C ASP D 194 7.34 62.26 -35.53
N GLY D 195 6.90 63.50 -35.39
CA GLY D 195 5.80 63.80 -34.49
C GLY D 195 6.18 64.87 -33.49
N ASP D 196 5.21 65.29 -32.68
CA ASP D 196 5.45 66.31 -31.67
C ASP D 196 5.33 65.73 -30.26
N HIS D 197 5.49 64.41 -30.13
CA HIS D 197 5.39 63.74 -28.83
C HIS D 197 6.60 64.04 -27.95
N ASP D 198 6.39 64.04 -26.63
CA ASP D 198 7.47 64.34 -25.69
C ASP D 198 8.24 63.08 -25.33
N LEU D 199 9.35 63.26 -24.62
CA LEU D 199 10.19 62.14 -24.22
C LEU D 199 9.39 61.02 -23.54
N LYS D 200 8.55 61.39 -22.57
CA LYS D 200 7.72 60.40 -21.86
C LYS D 200 7.08 59.41 -22.83
N ARG D 201 6.34 59.92 -23.80
CA ARG D 201 5.65 59.07 -24.75
C ARG D 201 6.56 58.14 -25.54
N CYS D 202 7.68 58.66 -26.02
CA CYS D 202 8.59 57.82 -26.78
C CYS D 202 9.09 56.68 -25.92
N GLN D 203 9.34 56.96 -24.65
CA GLN D 203 9.82 55.93 -23.77
C GLN D 203 8.75 54.86 -23.63
N TYR D 204 7.51 55.30 -23.41
CA TYR D 204 6.38 54.40 -23.26
C TYR D 204 6.28 53.46 -24.45
N VAL D 205 6.12 54.06 -25.63
CA VAL D 205 6.00 53.29 -26.84
C VAL D 205 7.21 52.37 -27.03
N THR D 206 8.40 52.89 -26.79
CA THR D 206 9.60 52.07 -26.94
C THR D 206 9.53 50.86 -26.04
N GLU D 207 9.10 51.07 -24.80
CA GLU D 207 8.99 49.96 -23.86
C GLU D 207 8.01 48.91 -24.34
N LYS D 208 6.84 49.33 -24.82
CA LYS D 208 5.84 48.39 -25.29
C LYS D 208 6.32 47.62 -26.52
N VAL D 209 6.92 48.33 -27.47
CA VAL D 209 7.40 47.69 -28.67
C VAL D 209 8.46 46.65 -28.33
N LEU D 210 9.47 47.04 -27.56
CA LEU D 210 10.50 46.09 -27.21
C LEU D 210 9.92 44.88 -26.48
N ALA D 211 9.05 45.13 -25.50
CA ALA D 211 8.43 44.04 -24.75
C ALA D 211 7.82 43.01 -25.69
N ALA D 212 7.22 43.48 -26.77
CA ALA D 212 6.60 42.60 -27.73
C ALA D 212 7.66 41.88 -28.53
N VAL D 213 8.66 42.64 -28.97
CA VAL D 213 9.74 42.09 -29.77
C VAL D 213 10.41 40.91 -29.09
N TYR D 214 10.70 41.04 -27.79
CA TYR D 214 11.38 39.93 -27.13
C TYR D 214 10.48 38.73 -26.88
N LYS D 215 9.20 38.98 -26.62
CA LYS D 215 8.28 37.87 -26.41
C LYS D 215 8.21 37.08 -27.71
N ALA D 216 8.25 37.80 -28.83
CA ALA D 216 8.20 37.18 -30.15
C ALA D 216 9.43 36.32 -30.34
N LEU D 217 10.59 36.90 -30.09
CA LEU D 217 11.83 36.17 -30.23
C LEU D 217 11.74 34.88 -29.43
N SER D 218 11.20 34.96 -28.22
CA SER D 218 11.04 33.77 -27.39
C SER D 218 10.20 32.73 -28.10
N ASP D 219 9.03 33.17 -28.56
CA ASP D 219 8.10 32.29 -29.25
C ASP D 219 8.75 31.57 -30.43
N HIS D 220 9.63 32.27 -31.14
CA HIS D 220 10.29 31.68 -32.29
C HIS D 220 11.57 30.96 -31.98
N HIS D 221 11.85 30.81 -30.69
CA HIS D 221 13.04 30.12 -30.23
C HIS D 221 14.34 30.77 -30.67
N VAL D 222 14.38 32.10 -30.75
CA VAL D 222 15.60 32.79 -31.14
C VAL D 222 16.57 32.78 -29.96
N TYR D 223 17.85 32.52 -30.27
CA TYR D 223 18.93 32.45 -29.28
C TYR D 223 19.37 33.88 -28.94
N LEU D 224 18.87 34.42 -27.83
CA LEU D 224 19.19 35.79 -27.46
C LEU D 224 20.66 36.18 -27.41
N GLU D 225 21.48 35.36 -26.76
CA GLU D 225 22.89 35.67 -26.65
C GLU D 225 23.63 35.63 -28.00
N GLY D 226 22.89 35.39 -29.07
CA GLY D 226 23.47 35.35 -30.40
C GLY D 226 22.77 36.37 -31.30
N THR D 227 22.31 37.45 -30.68
CA THR D 227 21.61 38.51 -31.40
C THR D 227 22.09 39.85 -30.91
N LEU D 228 21.59 40.91 -31.55
CA LEU D 228 21.92 42.27 -31.16
C LEU D 228 20.68 43.11 -31.39
N LEU D 229 20.50 44.13 -30.55
CA LEU D 229 19.33 44.99 -30.68
C LEU D 229 19.73 46.37 -31.19
N LYS D 230 19.10 46.81 -32.28
CA LYS D 230 19.40 48.11 -32.84
C LYS D 230 18.14 48.95 -32.72
N PRO D 231 17.88 49.50 -31.53
CA PRO D 231 16.69 50.32 -31.32
C PRO D 231 17.00 51.78 -31.50
N ASN D 232 15.97 52.59 -31.35
CA ASN D 232 16.10 54.03 -31.46
C ASN D 232 16.37 54.47 -30.03
N MET D 233 17.06 55.59 -29.83
CA MET D 233 17.26 56.04 -28.45
C MET D 233 15.91 56.66 -28.15
N VAL D 234 15.43 56.59 -26.91
CA VAL D 234 14.14 57.20 -26.65
C VAL D 234 14.40 58.71 -26.57
N THR D 235 13.70 59.46 -27.41
CA THR D 235 13.83 60.91 -27.50
C THR D 235 12.52 61.54 -27.95
N PRO D 236 12.37 62.85 -27.76
CA PRO D 236 11.16 63.58 -28.16
C PRO D 236 11.02 63.54 -29.66
N GLY D 237 9.82 63.85 -30.15
CA GLY D 237 9.59 63.87 -31.58
C GLY D 237 10.32 65.05 -32.18
N HIS D 238 10.72 64.95 -33.45
CA HIS D 238 11.42 66.05 -34.11
C HIS D 238 10.69 67.36 -33.87
N ALA D 239 9.36 67.28 -33.86
CA ALA D 239 8.54 68.46 -33.67
C ALA D 239 8.20 68.80 -32.22
N CYS D 240 8.79 68.11 -31.26
CA CYS D 240 8.47 68.46 -29.88
C CYS D 240 9.20 69.74 -29.53
N PRO D 241 8.49 70.69 -28.92
CA PRO D 241 9.03 72.00 -28.53
C PRO D 241 10.02 71.91 -27.38
N ILE D 242 9.73 71.02 -26.44
CA ILE D 242 10.54 70.82 -25.25
C ILE D 242 11.99 70.44 -25.49
N LYS D 243 12.88 71.01 -24.69
CA LYS D 243 14.31 70.76 -24.80
C LYS D 243 14.72 69.78 -23.70
N TYR D 244 15.56 68.81 -24.05
CA TYR D 244 16.00 67.81 -23.08
C TYR D 244 17.52 67.64 -23.00
N THR D 245 18.00 67.33 -21.80
CA THR D 245 19.42 67.11 -21.55
C THR D 245 19.80 65.76 -22.11
N PRO D 246 21.02 65.64 -22.65
CA PRO D 246 21.38 64.32 -23.16
C PRO D 246 21.38 63.40 -21.96
N GLU D 247 21.40 64.00 -20.77
CA GLU D 247 21.35 63.25 -19.52
C GLU D 247 19.95 62.64 -19.46
N GLU D 248 18.95 63.51 -19.64
CA GLU D 248 17.55 63.11 -19.61
C GLU D 248 17.24 62.03 -20.65
N ILE D 249 17.82 62.18 -21.83
CA ILE D 249 17.62 61.22 -22.89
C ILE D 249 18.24 59.90 -22.49
N ALA D 250 19.46 59.94 -21.97
CA ALA D 250 20.15 58.72 -21.55
C ALA D 250 19.35 58.03 -20.46
N MET D 251 18.80 58.83 -19.55
CA MET D 251 18.02 58.30 -18.44
C MET D 251 16.82 57.50 -18.93
N ALA D 252 16.06 58.08 -19.86
CA ALA D 252 14.87 57.41 -20.40
C ALA D 252 15.24 56.19 -21.24
N THR D 253 16.24 56.36 -22.08
CA THR D 253 16.70 55.28 -22.95
C THR D 253 17.16 54.07 -22.15
N VAL D 254 18.00 54.29 -21.15
CA VAL D 254 18.47 53.17 -20.36
C VAL D 254 17.34 52.55 -19.53
N THR D 255 16.45 53.39 -19.00
CA THR D 255 15.36 52.84 -18.22
C THR D 255 14.52 51.93 -19.10
N ALA D 256 14.15 52.43 -20.28
CA ALA D 256 13.35 51.65 -21.20
C ALA D 256 14.01 50.30 -21.49
N LEU D 257 15.27 50.35 -21.89
CA LEU D 257 16.00 49.13 -22.21
C LEU D 257 16.09 48.16 -21.06
N ARG D 258 16.31 48.65 -19.85
CA ARG D 258 16.43 47.73 -18.73
C ARG D 258 15.11 47.23 -18.16
N ARG D 259 14.02 47.61 -18.81
CA ARG D 259 12.70 47.15 -18.40
C ARG D 259 12.20 46.12 -19.40
N THR D 260 12.97 45.95 -20.47
CA THR D 260 12.57 45.05 -21.53
C THR D 260 13.61 44.10 -22.11
N VAL D 261 14.84 44.54 -22.24
CA VAL D 261 15.86 43.66 -22.82
C VAL D 261 16.47 42.66 -21.83
N PRO D 262 16.40 41.36 -22.14
CA PRO D 262 16.98 40.43 -21.17
C PRO D 262 18.51 40.56 -21.12
N PRO D 263 19.11 40.32 -19.95
CA PRO D 263 20.55 40.40 -19.70
C PRO D 263 21.34 39.60 -20.71
N ALA D 264 20.71 38.55 -21.23
CA ALA D 264 21.37 37.67 -22.20
C ALA D 264 21.76 38.35 -23.51
N VAL D 265 21.09 39.44 -23.87
CA VAL D 265 21.44 40.11 -25.11
C VAL D 265 22.81 40.77 -24.89
N PRO D 266 23.80 40.38 -25.70
CA PRO D 266 25.16 40.91 -25.61
C PRO D 266 25.29 42.42 -25.76
N GLY D 267 24.57 43.01 -26.71
CA GLY D 267 24.71 44.44 -26.86
C GLY D 267 23.59 45.12 -27.62
N VAL D 268 23.42 46.40 -27.33
CA VAL D 268 22.39 47.21 -27.96
C VAL D 268 23.15 48.22 -28.82
N THR D 269 22.98 48.17 -30.13
CA THR D 269 23.68 49.10 -31.00
C THR D 269 22.70 50.17 -31.50
N PHE D 270 22.62 51.29 -30.78
CA PHE D 270 21.70 52.36 -31.15
C PHE D 270 21.83 52.86 -32.58
N LEU D 271 20.72 53.35 -33.10
CA LEU D 271 20.67 53.90 -34.45
C LEU D 271 20.67 55.43 -34.31
N SER D 272 21.51 56.09 -35.12
CA SER D 272 21.64 57.54 -35.06
C SER D 272 20.34 58.26 -35.37
N GLY D 273 19.49 57.62 -36.18
CA GLY D 273 18.22 58.23 -36.54
C GLY D 273 18.40 59.56 -37.24
N GLY D 274 17.71 60.58 -36.74
CA GLY D 274 17.82 61.90 -37.35
C GLY D 274 18.80 62.82 -36.64
N GLN D 275 19.51 62.27 -35.65
CA GLN D 275 20.47 63.04 -34.87
C GLN D 275 21.64 63.47 -35.71
N SER D 276 22.30 64.55 -35.28
CA SER D 276 23.46 65.11 -35.96
C SER D 276 24.68 64.30 -35.52
N GLU D 277 25.78 64.41 -36.24
CA GLU D 277 26.97 63.66 -35.86
C GLU D 277 27.30 63.85 -34.38
N GLU D 278 27.17 65.08 -33.90
CA GLU D 278 27.47 65.37 -32.51
C GLU D 278 26.39 64.87 -31.58
N GLU D 279 25.16 65.21 -31.91
CA GLU D 279 24.00 64.80 -31.12
C GLU D 279 24.07 63.30 -30.78
N ALA D 280 24.41 62.50 -31.79
CA ALA D 280 24.50 61.06 -31.60
C ALA D 280 25.62 60.73 -30.62
N SER D 281 26.79 61.32 -30.83
CA SER D 281 27.94 61.09 -29.97
C SER D 281 27.67 61.51 -28.52
N PHE D 282 27.12 62.70 -28.34
CA PHE D 282 26.81 63.21 -27.02
C PHE D 282 25.83 62.31 -26.30
N ASN D 283 24.71 62.03 -26.96
CA ASN D 283 23.68 61.18 -26.40
C ASN D 283 24.24 59.79 -26.07
N LEU D 284 25.00 59.20 -26.99
CA LEU D 284 25.56 57.88 -26.71
C LEU D 284 26.45 57.96 -25.48
N ASN D 285 27.30 58.97 -25.44
CA ASN D 285 28.21 59.13 -24.31
C ASN D 285 27.39 59.22 -23.02
N ALA D 286 26.42 60.12 -23.01
CA ALA D 286 25.55 60.30 -21.86
C ALA D 286 24.98 58.97 -21.40
N ILE D 287 24.49 58.18 -22.36
CA ILE D 287 23.92 56.87 -22.07
C ILE D 287 24.93 56.02 -21.32
N ASN D 288 26.15 55.95 -21.85
CA ASN D 288 27.19 55.15 -21.23
C ASN D 288 27.67 55.75 -19.91
N ARG D 289 27.12 56.91 -19.54
CA ARG D 289 27.50 57.53 -18.28
C ARG D 289 26.30 57.57 -17.34
N CYS D 290 25.19 56.98 -17.78
CA CYS D 290 23.98 56.92 -16.96
C CYS D 290 24.27 56.10 -15.70
N PRO D 291 23.76 56.56 -14.55
CA PRO D 291 23.92 55.93 -13.24
C PRO D 291 23.42 54.48 -13.20
N LEU D 292 22.30 54.25 -13.87
CA LEU D 292 21.69 52.93 -13.91
C LEU D 292 22.63 51.87 -14.47
N PRO D 293 22.58 50.65 -13.92
CA PRO D 293 23.41 49.51 -14.33
C PRO D 293 22.97 48.98 -15.69
N ARG D 294 23.92 48.53 -16.51
CA ARG D 294 23.58 47.98 -17.82
C ARG D 294 24.31 46.67 -18.09
N PRO D 295 23.55 45.58 -18.15
CA PRO D 295 24.06 44.21 -18.39
C PRO D 295 24.57 43.97 -19.80
N TRP D 296 24.43 44.96 -20.66
CA TRP D 296 24.80 44.82 -22.06
C TRP D 296 25.60 45.99 -22.62
N ALA D 297 26.30 45.74 -23.71
CA ALA D 297 27.08 46.78 -24.35
C ALA D 297 26.10 47.84 -24.84
N LEU D 298 26.47 49.10 -24.75
CA LEU D 298 25.60 50.13 -25.24
C LEU D 298 26.40 50.97 -26.22
N THR D 299 26.58 50.49 -27.46
CA THR D 299 27.33 51.28 -28.41
C THR D 299 26.45 51.83 -29.53
N PHE D 300 27.04 51.96 -30.71
CA PHE D 300 26.36 52.53 -31.86
C PHE D 300 26.34 51.65 -33.11
N SER D 301 25.38 51.93 -33.98
CA SER D 301 25.24 51.27 -35.29
C SER D 301 24.75 52.46 -36.07
N TYR D 302 25.66 53.39 -36.30
CA TYR D 302 25.37 54.62 -37.00
C TYR D 302 25.54 54.61 -38.51
N GLY D 303 24.67 55.36 -39.17
CA GLY D 303 24.71 55.45 -40.61
C GLY D 303 25.18 56.83 -40.99
N ARG D 304 24.28 57.81 -40.95
CA ARG D 304 24.67 59.15 -41.31
C ARG D 304 25.57 59.76 -40.25
N ALA D 305 25.26 59.50 -38.98
CA ALA D 305 26.05 60.04 -37.88
C ALA D 305 27.55 59.71 -37.94
N LEU D 306 27.93 58.84 -38.87
CA LEU D 306 29.33 58.48 -39.03
C LEU D 306 29.88 58.98 -40.35
N GLN D 307 29.01 59.19 -41.33
CA GLN D 307 29.49 59.64 -42.61
C GLN D 307 28.94 60.96 -43.15
N ALA D 308 28.29 61.74 -42.31
CA ALA D 308 27.74 63.01 -42.78
C ALA D 308 28.86 63.91 -43.27
N SER D 309 29.70 64.34 -42.35
CA SER D 309 30.81 65.22 -42.68
C SER D 309 31.74 64.55 -43.68
N ALA D 310 31.91 63.25 -43.55
CA ALA D 310 32.79 62.52 -44.47
C ALA D 310 32.30 62.70 -45.89
N LEU D 311 31.01 62.48 -46.09
CA LEU D 311 30.38 62.60 -47.40
C LEU D 311 30.44 64.04 -47.87
N ASN D 312 30.24 64.96 -46.94
CA ASN D 312 30.26 66.38 -47.23
C ASN D 312 31.63 66.84 -47.69
N ALA D 313 32.68 66.21 -47.15
CA ALA D 313 34.05 66.54 -47.50
C ALA D 313 34.39 65.99 -48.88
N TRP D 314 34.19 64.68 -49.05
CA TRP D 314 34.47 64.02 -50.33
C TRP D 314 33.89 64.84 -51.49
N ARG D 315 32.59 65.10 -51.40
CA ARG D 315 31.91 65.90 -52.41
C ARG D 315 32.10 65.35 -53.84
N GLY D 316 32.44 64.06 -53.94
CA GLY D 316 32.63 63.44 -55.24
C GLY D 316 34.02 63.61 -55.83
N GLN D 317 34.82 64.48 -55.24
CA GLN D 317 36.18 64.74 -55.74
C GLN D 317 37.20 63.69 -55.34
N ARG D 318 37.97 63.20 -56.32
CA ARG D 318 38.97 62.18 -56.05
C ARG D 318 40.05 62.66 -55.11
N ASP D 319 40.30 63.97 -55.09
CA ASP D 319 41.32 64.55 -54.21
C ASP D 319 40.83 64.58 -52.78
N ASN D 320 39.57 64.99 -52.61
CA ASN D 320 38.97 65.09 -51.29
C ASN D 320 38.81 63.74 -50.59
N ALA D 321 39.12 62.65 -51.30
CA ALA D 321 39.02 61.30 -50.78
C ALA D 321 39.63 61.15 -49.37
N GLY D 322 40.91 61.48 -49.26
CA GLY D 322 41.60 61.36 -47.98
C GLY D 322 41.00 62.19 -46.87
N ALA D 323 40.56 63.41 -47.21
CA ALA D 323 39.94 64.28 -46.22
C ALA D 323 38.64 63.64 -45.76
N ALA D 324 37.87 63.13 -46.72
CA ALA D 324 36.60 62.48 -46.42
C ALA D 324 36.87 61.34 -45.45
N THR D 325 37.84 60.50 -45.80
CA THR D 325 38.20 59.36 -44.97
C THR D 325 38.57 59.80 -43.56
N GLU D 326 39.19 60.98 -43.45
CA GLU D 326 39.57 61.48 -42.14
C GLU D 326 38.33 61.85 -41.35
N GLU D 327 37.42 62.57 -42.01
CA GLU D 327 36.19 62.99 -41.35
C GLU D 327 35.49 61.78 -40.74
N PHE D 328 35.51 60.66 -41.47
CA PHE D 328 34.89 59.43 -41.01
C PHE D 328 35.65 58.88 -39.80
N ILE D 329 36.93 58.58 -39.99
CA ILE D 329 37.75 58.06 -38.90
C ILE D 329 37.59 58.90 -37.64
N LYS D 330 37.42 60.20 -37.82
CA LYS D 330 37.26 61.10 -36.68
C LYS D 330 36.01 60.71 -35.89
N ARG D 331 34.86 60.73 -36.56
CA ARG D 331 33.60 60.38 -35.92
C ARG D 331 33.64 58.95 -35.40
N ALA D 332 34.24 58.05 -36.17
CA ALA D 332 34.32 56.66 -35.75
C ALA D 332 35.05 56.57 -34.41
N GLU D 333 36.11 57.36 -34.26
CA GLU D 333 36.87 57.34 -33.03
C GLU D 333 36.12 57.95 -31.86
N VAL D 334 35.54 59.12 -32.06
CA VAL D 334 34.82 59.77 -30.98
C VAL D 334 33.67 58.88 -30.48
N ASN D 335 32.93 58.29 -31.41
CA ASN D 335 31.83 57.44 -31.01
C ASN D 335 32.34 56.21 -30.32
N GLY D 336 33.56 55.79 -30.67
CA GLY D 336 34.16 54.64 -30.03
C GLY D 336 34.41 55.00 -28.58
N LEU D 337 34.60 56.29 -28.32
CA LEU D 337 34.83 56.79 -26.97
C LEU D 337 33.49 56.92 -26.26
N ALA D 338 32.53 57.52 -26.96
CA ALA D 338 31.19 57.72 -26.41
C ALA D 338 30.61 56.36 -26.03
N ALA D 339 31.07 55.32 -26.71
CA ALA D 339 30.61 53.96 -26.45
C ALA D 339 31.16 53.45 -25.12
N GLN D 340 31.92 54.29 -24.42
CA GLN D 340 32.49 53.91 -23.13
C GLN D 340 32.29 55.06 -22.16
N GLY D 341 31.52 56.05 -22.59
CA GLY D 341 31.24 57.20 -21.77
C GLY D 341 32.45 58.07 -21.55
N LYS D 342 33.54 57.74 -22.22
CA LYS D 342 34.76 58.51 -22.06
C LYS D 342 35.03 59.40 -23.26
N TYR D 343 34.08 60.28 -23.56
CA TYR D 343 34.25 61.21 -24.66
C TYR D 343 33.98 62.59 -24.12
N GLU D 344 34.93 63.50 -24.27
CA GLU D 344 34.75 64.86 -23.78
C GLU D 344 34.54 65.83 -24.94
N HIS E 3 2.68 -10.41 26.68
CA HIS E 3 1.48 -10.05 27.47
C HIS E 3 0.89 -8.72 27.06
N SER E 4 1.41 -8.19 25.95
CA SER E 4 0.95 -6.90 25.40
C SER E 4 0.17 -7.08 24.09
N TYR E 5 -1.15 -7.13 24.20
CA TYR E 5 -2.03 -7.27 23.04
C TYR E 5 -2.86 -6.01 22.88
N PRO E 6 -2.30 -4.99 22.21
CA PRO E 6 -2.89 -3.68 21.94
C PRO E 6 -4.41 -3.56 22.07
N ALA E 7 -4.82 -2.97 23.18
CA ALA E 7 -6.23 -2.75 23.45
C ALA E 7 -6.82 -1.78 22.45
N LEU E 8 -6.06 -0.74 22.14
CA LEU E 8 -6.50 0.29 21.21
C LEU E 8 -5.51 0.53 20.10
N SER E 9 -6.03 0.88 18.93
CA SER E 9 -5.20 1.19 17.77
C SER E 9 -4.72 2.60 17.97
N ALA E 10 -3.79 3.02 17.12
CA ALA E 10 -3.25 4.37 17.22
C ALA E 10 -4.35 5.38 16.96
N GLU E 11 -5.18 5.08 15.96
CA GLU E 11 -6.28 5.95 15.60
C GLU E 11 -7.19 6.15 16.79
N GLN E 12 -7.57 5.03 17.41
CA GLN E 12 -8.47 5.05 18.56
C GLN E 12 -7.93 5.84 19.74
N LYS E 13 -6.67 5.62 20.06
CA LYS E 13 -6.06 6.35 21.17
C LYS E 13 -6.18 7.83 20.88
N LYS E 14 -5.93 8.20 19.63
CA LYS E 14 -6.02 9.60 19.20
C LYS E 14 -7.40 10.15 19.52
N GLU E 15 -8.43 9.54 18.93
CA GLU E 15 -9.81 9.98 19.14
C GLU E 15 -10.13 10.19 20.61
N LEU E 16 -9.71 9.26 21.46
CA LEU E 16 -10.00 9.38 22.87
C LEU E 16 -9.29 10.58 23.46
N SER E 17 -7.98 10.66 23.22
CA SER E 17 -7.19 11.78 23.74
C SER E 17 -7.77 13.12 23.32
N ASP E 18 -8.12 13.26 22.04
CA ASP E 18 -8.69 14.50 21.56
C ASP E 18 -9.95 14.82 22.35
N ILE E 19 -10.93 13.93 22.31
CA ILE E 19 -12.16 14.13 23.05
C ILE E 19 -11.88 14.58 24.48
N ALA E 20 -10.95 13.90 25.14
CA ALA E 20 -10.63 14.24 26.51
C ALA E 20 -10.18 15.68 26.65
N LEU E 21 -9.20 16.06 25.84
CA LEU E 21 -8.65 17.41 25.85
C LEU E 21 -9.67 18.50 25.52
N ARG E 22 -10.59 18.22 24.61
CA ARG E 22 -11.60 19.20 24.27
C ARG E 22 -12.42 19.53 25.49
N ILE E 23 -12.80 18.49 26.22
CA ILE E 23 -13.60 18.66 27.41
C ILE E 23 -12.92 19.52 28.46
N VAL E 24 -11.66 19.23 28.79
CA VAL E 24 -10.99 20.02 29.81
C VAL E 24 -10.19 21.21 29.30
N ALA E 25 -10.44 21.61 28.06
CA ALA E 25 -9.75 22.76 27.48
C ALA E 25 -9.81 23.93 28.46
N PRO E 26 -8.78 24.77 28.46
CA PRO E 26 -8.64 25.95 29.33
C PRO E 26 -9.92 26.72 29.60
N GLY E 27 -10.13 27.07 30.87
CA GLY E 27 -11.31 27.82 31.24
C GLY E 27 -12.63 27.11 30.99
N LYS E 28 -12.56 25.83 30.66
CA LYS E 28 -13.76 25.03 30.41
C LYS E 28 -13.98 23.93 31.47
N GLY E 29 -15.24 23.68 31.77
CA GLY E 29 -15.61 22.68 32.74
C GLY E 29 -16.76 21.83 32.24
N ILE E 30 -17.33 21.01 33.12
CA ILE E 30 -18.43 20.12 32.75
C ILE E 30 -19.72 20.40 33.49
N LEU E 31 -20.83 20.42 32.76
CA LEU E 31 -22.12 20.60 33.40
C LEU E 31 -22.65 19.20 33.62
N ALA E 32 -22.84 18.84 34.88
CA ALA E 32 -23.34 17.51 35.21
C ALA E 32 -24.85 17.55 35.41
N ALA E 33 -25.59 17.27 34.35
CA ALA E 33 -27.05 17.26 34.42
C ALA E 33 -27.56 15.81 34.28
N ASP E 34 -26.81 14.89 34.87
CA ASP E 34 -27.15 13.46 34.81
C ASP E 34 -27.98 13.00 36.01
N GLU E 35 -28.79 13.89 36.57
CA GLU E 35 -29.61 13.54 37.73
C GLU E 35 -30.65 12.46 37.42
N SER E 36 -30.54 11.34 38.14
CA SER E 36 -31.47 10.23 37.98
C SER E 36 -32.88 10.74 38.25
N VAL E 37 -33.86 10.10 37.63
CA VAL E 37 -35.26 10.50 37.84
C VAL E 37 -35.57 10.49 39.33
N GLY E 38 -34.81 9.68 40.08
CA GLY E 38 -35.02 9.60 41.51
C GLY E 38 -34.51 10.84 42.22
N SER E 39 -33.20 11.09 42.11
CA SER E 39 -32.61 12.27 42.76
C SER E 39 -33.26 13.54 42.21
N MET E 40 -33.77 13.46 40.99
CA MET E 40 -34.41 14.61 40.37
C MET E 40 -35.71 14.92 41.11
N ALA E 41 -36.32 13.90 41.69
CA ALA E 41 -37.56 14.11 42.42
C ALA E 41 -37.29 15.00 43.63
N LYS E 42 -36.21 14.71 44.34
CA LYS E 42 -35.85 15.49 45.51
C LYS E 42 -35.57 16.94 45.17
N ARG E 43 -34.80 17.18 44.12
CA ARG E 43 -34.47 18.54 43.73
C ARG E 43 -35.70 19.33 43.30
N LEU E 44 -36.56 18.70 42.52
CA LEU E 44 -37.78 19.37 42.08
C LEU E 44 -38.71 19.66 43.25
N SER E 45 -38.81 18.72 44.19
CA SER E 45 -39.69 18.91 45.34
C SER E 45 -39.33 20.18 46.11
N GLN E 46 -38.04 20.47 46.24
CA GLN E 46 -37.62 21.65 46.97
C GLN E 46 -38.14 22.96 46.40
N ILE E 47 -38.56 22.94 45.13
CA ILE E 47 -39.09 24.14 44.48
C ILE E 47 -40.53 23.91 44.03
N GLY E 48 -41.20 22.94 44.65
CA GLY E 48 -42.55 22.59 44.25
C GLY E 48 -42.36 21.62 43.11
N VAL E 49 -42.89 21.96 41.93
CA VAL E 49 -42.71 21.14 40.74
C VAL E 49 -42.88 19.61 40.87
N GLU E 50 -43.94 19.08 40.28
CA GLU E 50 -44.18 17.65 40.30
C GLU E 50 -43.05 17.01 39.52
N ASN E 51 -42.60 15.83 39.95
CA ASN E 51 -41.52 15.16 39.25
C ASN E 51 -42.03 14.37 38.03
N THR E 52 -42.37 15.09 36.97
CA THR E 52 -42.87 14.51 35.72
C THR E 52 -41.72 14.39 34.74
N GLU E 53 -41.93 13.64 33.66
CA GLU E 53 -40.88 13.55 32.66
C GLU E 53 -40.86 14.91 32.01
N GLU E 54 -42.04 15.50 31.87
CA GLU E 54 -42.16 16.81 31.26
C GLU E 54 -41.46 17.87 32.09
N ASN E 55 -41.80 17.94 33.37
CA ASN E 55 -41.17 18.95 34.22
C ASN E 55 -39.65 18.84 34.18
N ARG E 56 -39.15 17.62 33.98
CA ARG E 56 -37.72 17.42 33.92
C ARG E 56 -37.22 17.96 32.58
N ARG E 57 -37.90 17.57 31.50
CA ARG E 57 -37.52 18.05 30.17
C ARG E 57 -37.50 19.58 30.20
N LEU E 58 -38.53 20.16 30.80
CA LEU E 58 -38.63 21.61 30.89
C LEU E 58 -37.41 22.19 31.58
N TYR E 59 -37.10 21.66 32.75
CA TYR E 59 -35.95 22.16 33.50
C TYR E 59 -34.63 21.97 32.74
N ARG E 60 -34.41 20.79 32.18
CA ARG E 60 -33.16 20.55 31.46
C ARG E 60 -33.07 21.56 30.32
N GLN E 61 -34.23 21.93 29.78
CA GLN E 61 -34.29 22.88 28.70
C GLN E 61 -33.76 24.23 29.18
N VAL E 62 -34.14 24.61 30.39
CA VAL E 62 -33.67 25.86 30.96
C VAL E 62 -32.15 25.93 30.89
N LEU E 63 -31.51 24.80 31.13
CA LEU E 63 -30.05 24.74 31.11
C LEU E 63 -29.51 24.73 29.69
N PHE E 64 -29.99 23.80 28.87
CA PHE E 64 -29.52 23.67 27.49
C PHE E 64 -29.84 24.80 26.55
N SER E 65 -30.75 25.68 26.95
CA SER E 65 -31.09 26.79 26.10
C SER E 65 -30.16 27.97 26.33
N ALA E 66 -29.14 27.77 27.18
CA ALA E 66 -28.18 28.85 27.45
C ALA E 66 -27.57 29.27 26.11
N ASP E 67 -27.23 30.55 25.99
CA ASP E 67 -26.66 31.08 24.75
C ASP E 67 -25.18 30.77 24.58
N ASP E 68 -24.57 31.40 23.58
CA ASP E 68 -23.16 31.19 23.26
C ASP E 68 -22.07 31.53 24.27
N ARG E 69 -22.39 32.31 25.30
CA ARG E 69 -21.32 32.62 26.25
C ARG E 69 -21.03 31.42 27.11
N VAL E 70 -21.83 30.38 26.95
CA VAL E 70 -21.66 29.14 27.71
C VAL E 70 -20.56 28.33 27.03
N LYS E 71 -20.26 28.67 25.78
CA LYS E 71 -19.23 28.00 24.97
C LYS E 71 -17.82 28.18 25.49
N LYS E 72 -17.54 29.30 26.13
CA LYS E 72 -16.20 29.55 26.64
C LYS E 72 -15.88 28.82 27.93
N CYS E 73 -16.92 28.51 28.72
CA CYS E 73 -16.71 27.85 30.00
C CYS E 73 -17.22 26.42 30.13
N ILE E 74 -17.98 25.94 29.15
CA ILE E 74 -18.49 24.58 29.22
C ILE E 74 -17.92 23.70 28.13
N GLY E 75 -17.04 22.78 28.50
CA GLY E 75 -16.44 21.88 27.54
C GLY E 75 -17.30 20.66 27.26
N GLY E 76 -18.12 20.28 28.23
CA GLY E 76 -18.98 19.12 28.06
C GLY E 76 -20.20 19.11 28.98
N VAL E 77 -21.20 18.33 28.59
CA VAL E 77 -22.42 18.21 29.37
C VAL E 77 -22.73 16.73 29.57
N ILE E 78 -22.91 16.33 30.83
CA ILE E 78 -23.22 14.94 31.15
C ILE E 78 -24.74 14.78 31.21
N PHE E 79 -25.28 13.96 30.32
CA PHE E 79 -26.73 13.70 30.24
C PHE E 79 -27.18 12.49 31.04
N PHE E 80 -28.43 12.52 31.46
CA PHE E 80 -29.01 11.37 32.12
C PHE E 80 -29.69 10.69 30.95
N HIS E 81 -29.61 9.36 30.87
CA HIS E 81 -30.22 8.62 29.76
C HIS E 81 -31.46 9.26 29.14
N GLU E 82 -32.53 9.30 29.94
CA GLU E 82 -33.79 9.89 29.52
C GLU E 82 -33.57 11.15 28.71
N THR E 83 -32.92 12.11 29.37
CA THR E 83 -32.61 13.41 28.79
C THR E 83 -31.89 13.36 27.43
N LEU E 84 -30.99 12.41 27.26
CA LEU E 84 -30.24 12.26 26.02
C LEU E 84 -31.16 12.06 24.82
N TYR E 85 -32.43 11.80 25.08
CA TYR E 85 -33.35 11.57 23.99
C TYR E 85 -34.54 12.53 24.01
N GLN E 86 -34.45 13.58 24.83
CA GLN E 86 -35.51 14.56 24.91
C GLN E 86 -35.24 15.71 23.94
N LYS E 87 -36.28 16.46 23.63
CA LYS E 87 -36.17 17.58 22.71
C LYS E 87 -36.76 18.84 23.33
N ASP E 88 -36.33 20.00 22.83
CA ASP E 88 -36.83 21.27 23.34
C ASP E 88 -38.20 21.53 22.72
N ASP E 89 -38.83 22.64 23.08
CA ASP E 89 -40.15 22.94 22.55
C ASP E 89 -40.22 23.08 21.05
N ASN E 90 -39.07 23.27 20.40
CA ASN E 90 -39.06 23.41 18.94
C ASN E 90 -38.85 22.06 18.28
N GLY E 91 -38.82 21.01 19.08
CA GLY E 91 -38.62 19.67 18.56
C GLY E 91 -37.17 19.38 18.25
N VAL E 92 -36.28 20.18 18.83
CA VAL E 92 -34.85 20.01 18.61
C VAL E 92 -34.17 19.24 19.73
N PRO E 93 -33.56 18.11 19.39
CA PRO E 93 -32.85 17.24 20.32
C PRO E 93 -31.86 18.02 21.17
N PHE E 94 -32.00 17.90 22.49
CA PHE E 94 -31.08 18.59 23.39
C PHE E 94 -29.64 18.28 22.98
N VAL E 95 -29.41 17.03 22.55
CA VAL E 95 -28.09 16.62 22.14
C VAL E 95 -27.62 17.47 20.97
N ARG E 96 -28.51 17.63 19.98
CA ARG E 96 -28.23 18.42 18.80
C ARG E 96 -27.73 19.81 19.20
N THR E 97 -28.54 20.48 20.02
CA THR E 97 -28.21 21.82 20.51
C THR E 97 -26.81 21.88 21.11
N ILE E 98 -26.58 21.13 22.18
CA ILE E 98 -25.27 21.14 22.82
C ILE E 98 -24.18 20.85 21.79
N GLN E 99 -24.44 19.91 20.88
CA GLN E 99 -23.46 19.56 19.85
C GLN E 99 -23.12 20.73 18.95
N ASP E 100 -24.16 21.45 18.52
CA ASP E 100 -23.96 22.59 17.63
C ASP E 100 -23.11 23.68 18.27
N LYS E 101 -23.17 23.83 19.59
CA LYS E 101 -22.36 24.84 20.27
C LYS E 101 -20.93 24.31 20.42
N GLY E 102 -20.68 23.13 19.88
CA GLY E 102 -19.35 22.55 19.96
C GLY E 102 -19.00 21.96 21.31
N ILE E 103 -20.00 21.83 22.18
CA ILE E 103 -19.78 21.27 23.51
C ILE E 103 -19.86 19.75 23.37
N VAL E 104 -19.08 19.02 24.16
CA VAL E 104 -19.09 17.57 24.07
C VAL E 104 -20.23 16.94 24.87
N VAL E 105 -20.81 15.86 24.33
CA VAL E 105 -21.93 15.16 24.97
C VAL E 105 -21.52 13.89 25.73
N GLY E 106 -22.07 13.69 26.92
CA GLY E 106 -21.75 12.52 27.71
C GLY E 106 -22.97 11.93 28.41
N ILE E 107 -22.88 10.67 28.86
CA ILE E 107 -23.98 9.98 29.58
C ILE E 107 -23.49 9.27 30.81
N LYS E 108 -24.33 9.28 31.84
CA LYS E 108 -24.05 8.56 33.08
C LYS E 108 -24.41 7.13 32.63
N VAL E 109 -23.54 6.15 32.90
CA VAL E 109 -23.84 4.79 32.48
C VAL E 109 -23.97 3.80 33.63
N ASP E 110 -23.42 4.15 34.80
CA ASP E 110 -23.51 3.26 35.95
C ASP E 110 -24.99 3.05 36.26
N LYS E 111 -25.31 1.91 36.85
CA LYS E 111 -26.69 1.61 37.19
C LYS E 111 -26.89 1.63 38.69
N GLY E 112 -26.32 2.63 39.35
CA GLY E 112 -26.51 2.73 40.78
C GLY E 112 -25.56 1.99 41.69
N VAL E 113 -25.55 2.44 42.94
CA VAL E 113 -24.69 1.88 43.96
C VAL E 113 -25.40 0.71 44.61
N VAL E 114 -24.63 -0.27 45.09
CA VAL E 114 -25.20 -1.44 45.76
C VAL E 114 -24.33 -1.83 46.95
N PRO E 115 -24.92 -2.55 47.92
CA PRO E 115 -24.31 -3.03 49.16
C PRO E 115 -23.19 -4.05 49.05
N LEU E 116 -22.18 -3.86 49.88
CA LEU E 116 -21.08 -4.80 49.93
C LEU E 116 -21.33 -5.61 51.20
N ALA E 117 -21.82 -6.83 51.03
CA ALA E 117 -22.09 -7.70 52.15
C ALA E 117 -20.85 -7.81 53.02
N GLY E 118 -21.04 -7.72 54.33
CA GLY E 118 -19.92 -7.86 55.25
C GLY E 118 -19.18 -6.60 55.62
N THR E 119 -19.64 -5.46 55.11
CA THR E 119 -18.99 -4.19 55.38
C THR E 119 -19.89 -3.32 56.23
N ASP E 120 -19.36 -2.20 56.71
CA ASP E 120 -20.13 -1.28 57.52
C ASP E 120 -20.89 -0.31 56.62
N GLY E 121 -21.93 -0.83 55.98
CA GLY E 121 -22.73 0.00 55.09
C GLY E 121 -21.97 0.56 53.92
N GLU E 122 -21.00 -0.18 53.40
CA GLU E 122 -20.24 0.28 52.27
C GLU E 122 -20.86 -0.23 50.99
N THR E 123 -20.46 0.33 49.86
CA THR E 123 -21.04 -0.09 48.60
C THR E 123 -20.05 -0.27 47.49
N THR E 124 -20.61 -0.51 46.32
CA THR E 124 -19.87 -0.65 45.09
C THR E 124 -20.92 -0.23 44.06
N THR E 125 -20.56 -0.24 42.78
CA THR E 125 -21.49 0.21 41.77
C THR E 125 -21.75 -0.83 40.70
N GLN E 126 -22.98 -0.86 40.20
CA GLN E 126 -23.30 -1.80 39.15
C GLN E 126 -23.59 -1.05 37.85
N GLY E 127 -23.58 -1.78 36.74
CA GLY E 127 -23.85 -1.17 35.45
C GLY E 127 -23.06 -1.83 34.35
N LEU E 128 -22.11 -2.68 34.71
CA LEU E 128 -21.27 -3.37 33.73
C LEU E 128 -22.00 -4.28 32.76
N ASP E 129 -23.11 -4.88 33.18
CA ASP E 129 -23.82 -5.77 32.28
C ASP E 129 -24.33 -5.05 31.04
N GLY E 130 -23.88 -5.54 29.88
CA GLY E 130 -24.27 -4.95 28.62
C GLY E 130 -23.72 -3.56 28.33
N LEU E 131 -22.85 -3.06 29.20
CA LEU E 131 -22.28 -1.73 29.02
C LEU E 131 -21.65 -1.51 27.65
N SER E 132 -20.99 -2.54 27.11
CA SER E 132 -20.35 -2.38 25.82
C SER E 132 -21.37 -2.05 24.71
N GLU E 133 -22.47 -2.80 24.67
CA GLU E 133 -23.52 -2.57 23.67
C GLU E 133 -24.08 -1.17 23.86
N ARG E 134 -24.31 -0.81 25.12
CA ARG E 134 -24.86 0.49 25.45
C ARG E 134 -23.95 1.61 25.00
N CYS E 135 -22.65 1.47 25.25
CA CYS E 135 -21.71 2.50 24.86
C CYS E 135 -21.77 2.67 23.36
N ALA E 136 -21.67 1.54 22.66
CA ALA E 136 -21.71 1.57 21.21
C ALA E 136 -22.93 2.39 20.74
N GLN E 137 -24.06 2.20 21.42
CA GLN E 137 -25.29 2.91 21.09
C GLN E 137 -25.19 4.39 21.40
N TYR E 138 -24.79 4.69 22.62
CA TYR E 138 -24.64 6.07 23.06
C TYR E 138 -23.71 6.84 22.13
N LYS E 139 -22.63 6.19 21.73
CA LYS E 139 -21.67 6.83 20.83
C LYS E 139 -22.43 7.15 19.56
N LYS E 140 -23.14 6.15 19.05
CA LYS E 140 -23.92 6.28 17.83
C LYS E 140 -24.97 7.39 17.96
N ASP E 141 -25.28 7.78 19.19
CA ASP E 141 -26.26 8.85 19.40
C ASP E 141 -25.64 10.19 19.76
N GLY E 142 -24.33 10.31 19.62
CA GLY E 142 -23.67 11.57 19.90
C GLY E 142 -22.83 11.74 21.15
N ALA E 143 -22.76 10.69 21.98
CA ALA E 143 -21.97 10.79 23.19
C ALA E 143 -20.52 10.45 22.90
N ASP E 144 -19.60 11.13 23.58
CA ASP E 144 -18.18 10.89 23.38
C ASP E 144 -17.47 10.61 24.68
N PHE E 145 -18.19 10.75 25.78
CA PHE E 145 -17.62 10.47 27.09
C PHE E 145 -18.72 10.01 28.04
N ALA E 146 -18.33 9.29 29.09
CA ALA E 146 -19.30 8.78 30.05
C ALA E 146 -18.88 9.03 31.49
N LYS E 147 -19.81 8.76 32.41
CA LYS E 147 -19.53 8.94 33.82
C LYS E 147 -20.05 7.72 34.59
N TRP E 148 -19.28 7.28 35.58
CA TRP E 148 -19.64 6.14 36.42
C TRP E 148 -19.28 6.57 37.83
N ARG E 149 -20.25 6.54 38.74
CA ARG E 149 -19.93 6.98 40.10
C ARG E 149 -19.84 5.91 41.15
N CYS E 150 -18.66 5.79 41.78
CA CYS E 150 -18.46 4.86 42.86
C CYS E 150 -18.51 5.74 44.09
N VAL E 151 -18.86 5.18 45.24
CA VAL E 151 -18.93 5.99 46.44
C VAL E 151 -18.23 5.37 47.61
N LEU E 152 -17.29 6.09 48.19
CA LEU E 152 -16.57 5.61 49.35
C LEU E 152 -16.99 6.51 50.53
N LYS E 153 -16.83 6.00 51.75
CA LYS E 153 -17.25 6.75 52.93
C LYS E 153 -16.14 6.77 53.98
N ILE E 154 -16.01 7.86 54.74
CA ILE E 154 -14.97 7.91 55.77
C ILE E 154 -15.57 7.82 57.17
N SER E 155 -15.06 6.87 57.95
CA SER E 155 -15.50 6.63 59.33
C SER E 155 -14.35 5.91 60.04
N GLU E 156 -14.57 5.51 61.29
CA GLU E 156 -13.51 4.84 62.07
C GLU E 156 -12.89 3.71 61.28
N ARG E 157 -13.68 3.07 60.42
CA ARG E 157 -13.16 1.98 59.65
C ARG E 157 -14.01 1.77 58.41
N THR E 158 -14.05 2.75 57.52
CA THR E 158 -14.90 2.59 56.35
C THR E 158 -14.26 2.34 55.02
N PRO E 159 -13.44 3.27 54.50
CA PRO E 159 -12.90 2.87 53.20
C PRO E 159 -12.06 1.63 53.49
N SER E 160 -12.73 0.47 53.45
CA SER E 160 -12.13 -0.82 53.75
C SER E 160 -11.42 -1.42 52.56
N ALA E 161 -10.42 -2.24 52.85
CA ALA E 161 -9.67 -2.88 51.79
C ALA E 161 -10.62 -3.36 50.72
N LEU E 162 -11.71 -4.02 51.14
CA LEU E 162 -12.67 -4.51 50.17
C LEU E 162 -13.27 -3.38 49.35
N ALA E 163 -13.82 -2.38 50.03
CA ALA E 163 -14.43 -1.24 49.34
C ALA E 163 -13.46 -0.55 48.38
N ILE E 164 -12.20 -0.43 48.77
CA ILE E 164 -11.23 0.20 47.91
C ILE E 164 -10.88 -0.77 46.77
N LEU E 165 -10.64 -2.03 47.10
CA LEU E 165 -10.31 -3.08 46.13
C LEU E 165 -11.39 -3.08 45.05
N GLU E 166 -12.62 -3.42 45.45
CA GLU E 166 -13.75 -3.40 44.53
C GLU E 166 -13.87 -1.91 44.33
N ASN E 167 -14.69 -1.45 43.40
CA ASN E 167 -14.80 0.00 43.16
C ASN E 167 -13.61 0.39 42.28
N ALA E 168 -12.42 0.33 42.84
CA ALA E 168 -11.25 0.65 42.04
C ALA E 168 -11.29 -0.30 40.85
N ASN E 169 -11.65 -1.55 41.12
CA ASN E 169 -11.71 -2.55 40.07
C ASN E 169 -12.88 -2.28 39.13
N VAL E 170 -14.04 -1.96 39.69
CA VAL E 170 -15.21 -1.69 38.86
C VAL E 170 -14.94 -0.54 37.93
N LEU E 171 -14.36 0.53 38.49
CA LEU E 171 -14.05 1.69 37.68
C LEU E 171 -13.19 1.25 36.50
N ALA E 172 -12.14 0.50 36.79
CA ALA E 172 -11.24 0.02 35.73
C ALA E 172 -11.99 -0.76 34.67
N ARG E 173 -12.92 -1.61 35.09
CA ARG E 173 -13.70 -2.39 34.12
C ARG E 173 -14.48 -1.44 33.23
N TYR E 174 -15.28 -0.59 33.87
CA TYR E 174 -16.09 0.40 33.16
C TYR E 174 -15.23 1.21 32.18
N ALA E 175 -14.11 1.74 32.66
CA ALA E 175 -13.21 2.52 31.84
C ALA E 175 -12.75 1.74 30.61
N SER E 176 -12.27 0.51 30.86
CA SER E 176 -11.81 -0.34 29.78
C SER E 176 -12.86 -0.51 28.69
N ILE E 177 -14.09 -0.81 29.10
CA ILE E 177 -15.20 -1.02 28.17
C ILE E 177 -15.55 0.22 27.37
N CYS E 178 -15.55 1.38 28.02
CA CYS E 178 -15.85 2.63 27.33
C CYS E 178 -14.85 2.88 26.21
N GLN E 179 -13.57 2.78 26.54
CA GLN E 179 -12.55 3.04 25.55
C GLN E 179 -12.60 2.14 24.33
N GLN E 180 -12.93 0.87 24.50
CA GLN E 180 -12.97 0.01 23.32
C GLN E 180 -14.18 0.39 22.45
N ASN E 181 -14.98 1.34 22.94
CA ASN E 181 -16.16 1.82 22.20
C ASN E 181 -16.03 3.31 21.82
N GLY E 182 -14.79 3.80 21.80
CA GLY E 182 -14.54 5.18 21.45
C GLY E 182 -15.19 6.19 22.38
N ILE E 183 -15.29 5.86 23.66
CA ILE E 183 -15.89 6.77 24.62
C ILE E 183 -14.98 7.06 25.80
N VAL E 184 -14.65 8.33 26.00
CA VAL E 184 -13.77 8.71 27.10
C VAL E 184 -14.52 8.50 28.40
N PRO E 185 -13.91 7.76 29.33
CA PRO E 185 -14.58 7.53 30.61
C PRO E 185 -14.12 8.46 31.72
N ILE E 186 -15.08 9.00 32.48
CA ILE E 186 -14.74 9.84 33.61
C ILE E 186 -14.76 8.89 34.79
N VAL E 187 -13.60 8.70 35.41
CA VAL E 187 -13.50 7.81 36.55
C VAL E 187 -13.83 8.59 37.80
N GLU E 188 -14.97 8.31 38.41
CA GLU E 188 -15.38 9.05 39.59
C GLU E 188 -15.41 8.28 40.91
N PRO E 189 -14.30 8.31 41.65
CA PRO E 189 -14.20 7.62 42.94
C PRO E 189 -14.52 8.66 44.01
N GLU E 190 -15.80 8.92 44.24
CA GLU E 190 -16.17 9.92 45.23
C GLU E 190 -16.09 9.51 46.68
N ILE E 191 -15.24 10.19 47.44
CA ILE E 191 -15.12 9.93 48.85
C ILE E 191 -16.03 10.94 49.55
N LEU E 192 -17.19 10.51 50.01
CA LEU E 192 -18.14 11.41 50.68
C LEU E 192 -17.54 12.22 51.81
N PRO E 193 -18.10 13.41 52.09
CA PRO E 193 -17.70 14.35 53.13
C PRO E 193 -18.32 14.05 54.48
N ASP E 194 -19.36 13.23 54.51
CA ASP E 194 -20.03 12.90 55.76
C ASP E 194 -19.03 12.48 56.81
N GLY E 195 -19.21 12.97 58.02
CA GLY E 195 -18.32 12.63 59.11
C GLY E 195 -17.75 13.86 59.77
N ASP E 196 -16.99 13.66 60.85
CA ASP E 196 -16.38 14.77 61.56
C ASP E 196 -14.86 14.74 61.43
N HIS E 197 -14.36 14.08 60.38
CA HIS E 197 -12.91 13.98 60.16
C HIS E 197 -12.32 15.32 59.69
N ASP E 198 -11.06 15.55 60.02
CA ASP E 198 -10.40 16.80 59.64
C ASP E 198 -9.77 16.69 58.25
N LEU E 199 -9.30 17.82 57.73
CA LEU E 199 -8.69 17.85 56.41
C LEU E 199 -7.60 16.78 56.24
N LYS E 200 -6.69 16.68 57.21
CA LYS E 200 -5.61 15.69 57.17
C LYS E 200 -6.13 14.32 56.74
N ARG E 201 -7.12 13.81 57.48
CA ARG E 201 -7.67 12.49 57.19
C ARG E 201 -8.24 12.34 55.79
N CYS E 202 -9.00 13.33 55.34
CA CYS E 202 -9.58 13.25 54.02
C CYS E 202 -8.48 13.16 52.96
N GLN E 203 -7.39 13.89 53.20
CA GLN E 203 -6.30 13.87 52.24
C GLN E 203 -5.72 12.46 52.21
N TYR E 204 -5.48 11.91 53.40
CA TYR E 204 -4.92 10.57 53.54
C TYR E 204 -5.75 9.56 52.77
N VAL E 205 -7.02 9.46 53.13
CA VAL E 205 -7.92 8.54 52.47
C VAL E 205 -7.96 8.79 50.98
N THR E 206 -8.05 10.05 50.57
CA THR E 206 -8.09 10.36 49.15
C THR E 206 -6.86 9.83 48.45
N GLU E 207 -5.70 10.02 49.07
CA GLU E 207 -4.47 9.54 48.48
C GLU E 207 -4.46 8.03 48.32
N LYS E 208 -4.90 7.30 49.35
CA LYS E 208 -4.93 5.84 49.26
C LYS E 208 -5.92 5.35 48.21
N VAL E 209 -7.10 5.95 48.19
CA VAL E 209 -8.11 5.54 47.22
C VAL E 209 -7.60 5.76 45.81
N LEU E 210 -7.13 6.96 45.51
CA LEU E 210 -6.64 7.23 44.18
C LEU E 210 -5.50 6.27 43.81
N ALA E 211 -4.54 6.10 44.71
CA ALA E 211 -3.42 5.20 44.46
C ALA E 211 -3.91 3.82 43.99
N ALA E 212 -5.00 3.36 44.59
CA ALA E 212 -5.55 2.07 44.22
C ALA E 212 -6.23 2.17 42.88
N VAL E 213 -7.01 3.22 42.69
CA VAL E 213 -7.72 3.43 41.44
C VAL E 213 -6.80 3.39 40.23
N TYR E 214 -5.66 4.07 40.31
CA TYR E 214 -4.78 4.07 39.15
C TYR E 214 -4.07 2.76 38.92
N LYS E 215 -3.73 2.06 40.01
CA LYS E 215 -3.08 0.76 39.86
C LYS E 215 -4.05 -0.17 39.15
N ALA E 216 -5.33 -0.03 39.48
CA ALA E 216 -6.38 -0.85 38.88
C ALA E 216 -6.46 -0.54 37.40
N LEU E 217 -6.54 0.74 37.07
CA LEU E 217 -6.61 1.14 35.68
C LEU E 217 -5.46 0.52 34.93
N SER E 218 -4.27 0.53 35.53
CA SER E 218 -3.10 -0.06 34.89
C SER E 218 -3.34 -1.54 34.61
N ASP E 219 -3.76 -2.26 35.65
CA ASP E 219 -4.03 -3.68 35.54
C ASP E 219 -4.99 -4.01 34.43
N HIS E 220 -5.99 -3.15 34.22
CA HIS E 220 -6.98 -3.38 33.20
C HIS E 220 -6.64 -2.79 31.85
N HIS E 221 -5.41 -2.31 31.74
CA HIS E 221 -4.91 -1.73 30.50
C HIS E 221 -5.69 -0.51 30.01
N VAL E 222 -6.18 0.30 30.95
CA VAL E 222 -6.92 1.51 30.56
C VAL E 222 -5.93 2.56 30.06
N TYR E 223 -6.29 3.23 28.97
CA TYR E 223 -5.48 4.27 28.34
C TYR E 223 -5.65 5.57 29.12
N LEU E 224 -4.71 5.88 29.99
CA LEU E 224 -4.81 7.07 30.82
C LEU E 224 -5.08 8.38 30.12
N GLU E 225 -4.32 8.68 29.06
CA GLU E 225 -4.50 9.93 28.35
C GLU E 225 -5.84 10.03 27.63
N GLY E 226 -6.69 9.03 27.81
CA GLY E 226 -8.00 9.03 27.20
C GLY E 226 -9.07 8.87 28.27
N THR E 227 -8.76 9.40 29.45
CA THR E 227 -9.67 9.34 30.58
C THR E 227 -9.69 10.66 31.31
N LEU E 228 -10.55 10.77 32.32
CA LEU E 228 -10.64 11.97 33.12
C LEU E 228 -10.95 11.52 34.54
N LEU E 229 -10.46 12.27 35.52
CA LEU E 229 -10.69 11.92 36.92
C LEU E 229 -11.65 12.91 37.56
N LYS E 230 -12.72 12.41 38.15
CA LYS E 230 -13.69 13.26 38.82
C LYS E 230 -13.68 12.90 40.29
N PRO E 231 -12.69 13.41 41.03
CA PRO E 231 -12.58 13.12 42.47
C PRO E 231 -13.25 14.19 43.28
N ASN E 232 -13.22 13.99 44.59
CA ASN E 232 -13.77 14.93 45.52
C ASN E 232 -12.61 15.84 45.87
N MET E 233 -12.84 17.09 46.23
CA MET E 233 -11.70 17.93 46.62
C MET E 233 -11.44 17.42 48.02
N VAL E 234 -10.19 17.40 48.48
CA VAL E 234 -9.97 16.93 49.83
C VAL E 234 -10.38 18.07 50.75
N THR E 235 -11.32 17.78 51.64
CA THR E 235 -11.85 18.75 52.60
C THR E 235 -12.31 18.05 53.86
N PRO E 236 -12.52 18.82 54.94
CA PRO E 236 -12.96 18.27 56.24
C PRO E 236 -14.35 17.69 56.09
N GLY E 237 -14.75 16.87 57.05
CA GLY E 237 -16.08 16.29 57.00
C GLY E 237 -17.10 17.37 57.29
N HIS E 238 -18.32 17.21 56.77
CA HIS E 238 -19.37 18.21 56.99
C HIS E 238 -19.45 18.56 58.46
N ALA E 239 -19.25 17.56 59.31
CA ALA E 239 -19.32 17.74 60.75
C ALA E 239 -18.02 18.14 61.43
N CYS E 240 -16.97 18.43 60.67
CA CYS E 240 -15.73 18.83 61.33
C CYS E 240 -15.89 20.26 61.82
N PRO E 241 -15.52 20.51 63.08
CA PRO E 241 -15.62 21.83 63.71
C PRO E 241 -14.63 22.84 63.14
N ILE E 242 -13.44 22.36 62.83
CA ILE E 242 -12.36 23.19 62.31
C ILE E 242 -12.65 23.93 61.01
N LYS E 243 -12.18 25.16 60.93
CA LYS E 243 -12.38 26.02 59.77
C LYS E 243 -11.10 26.03 58.94
N TYR E 244 -11.24 25.94 57.63
CA TYR E 244 -10.08 25.93 56.74
C TYR E 244 -10.14 26.94 55.61
N THR E 245 -8.98 27.45 55.23
CA THR E 245 -8.86 28.42 54.14
C THR E 245 -9.02 27.70 52.83
N PRO E 246 -9.65 28.35 51.84
CA PRO E 246 -9.78 27.64 50.57
C PRO E 246 -8.35 27.43 50.08
N GLU E 247 -7.42 28.17 50.66
CA GLU E 247 -6.01 28.04 50.34
C GLU E 247 -5.59 26.67 50.86
N GLU E 248 -5.90 26.42 52.13
CA GLU E 248 -5.56 25.16 52.79
C GLU E 248 -6.17 23.97 52.07
N ILE E 249 -7.41 24.13 51.62
CA ILE E 249 -8.09 23.07 50.91
C ILE E 249 -7.39 22.81 49.60
N ALA E 250 -7.06 23.88 48.89
CA ALA E 250 -6.38 23.75 47.60
C ALA E 250 -5.04 23.07 47.79
N MET E 251 -4.35 23.43 48.87
CA MET E 251 -3.04 22.87 49.17
C MET E 251 -3.12 21.35 49.33
N ALA E 252 -4.07 20.88 50.13
CA ALA E 252 -4.23 19.46 50.37
C ALA E 252 -4.69 18.72 49.13
N THR E 253 -5.67 19.30 48.45
CA THR E 253 -6.21 18.71 47.24
C THR E 253 -5.14 18.53 46.17
N VAL E 254 -4.38 19.56 45.90
CA VAL E 254 -3.35 19.45 44.88
C VAL E 254 -2.24 18.49 45.33
N THR E 255 -1.88 18.52 46.60
CA THR E 255 -0.84 17.63 47.07
C THR E 255 -1.27 16.19 46.85
N ALA E 256 -2.49 15.88 47.28
CA ALA E 256 -3.02 14.54 47.13
C ALA E 256 -2.95 14.10 45.67
N LEU E 257 -3.52 14.91 44.80
CA LEU E 257 -3.54 14.60 43.38
C LEU E 257 -2.17 14.40 42.78
N ARG E 258 -1.20 15.24 43.16
CA ARG E 258 0.11 15.09 42.56
C ARG E 258 0.97 13.99 43.18
N ARG E 259 0.38 13.23 44.09
CA ARG E 259 1.08 12.11 44.72
C ARG E 259 0.51 10.82 44.17
N THR E 260 -0.54 10.94 43.37
CA THR E 260 -1.22 9.78 42.85
C THR E 260 -1.60 9.77 41.38
N VAL E 261 -2.02 10.90 40.84
CA VAL E 261 -2.43 10.92 39.42
C VAL E 261 -1.27 11.04 38.43
N PRO E 262 -1.15 10.09 37.50
CA PRO E 262 -0.03 10.23 36.57
C PRO E 262 -0.21 11.43 35.64
N PRO E 263 0.90 12.07 35.24
CA PRO E 263 0.92 13.23 34.35
C PRO E 263 0.11 13.00 33.09
N ALA E 264 0.01 11.75 32.68
CA ALA E 264 -0.71 11.40 31.46
C ALA E 264 -2.21 11.70 31.50
N VAL E 265 -2.79 11.79 32.69
CA VAL E 265 -4.21 12.10 32.77
C VAL E 265 -4.38 13.55 32.35
N PRO E 266 -5.15 13.79 31.28
CA PRO E 266 -5.40 15.14 30.76
C PRO E 266 -6.02 16.12 31.73
N GLY E 267 -7.00 15.68 32.51
CA GLY E 267 -7.60 16.62 33.43
C GLY E 267 -8.38 16.00 34.57
N VAL E 268 -8.47 16.75 35.65
CA VAL E 268 -9.20 16.33 36.84
C VAL E 268 -10.40 17.25 36.93
N THR E 269 -11.61 16.70 36.83
CA THR E 269 -12.80 17.53 36.90
C THR E 269 -13.48 17.33 38.26
N PHE E 270 -13.13 18.18 39.22
CA PHE E 270 -13.69 18.07 40.56
C PHE E 270 -15.21 18.04 40.64
N LEU E 271 -15.71 17.39 41.68
CA LEU E 271 -17.14 17.29 41.91
C LEU E 271 -17.48 18.27 43.03
N SER E 272 -18.54 19.05 42.82
CA SER E 272 -18.96 20.06 43.80
C SER E 272 -19.31 19.47 45.15
N GLY E 273 -19.76 18.22 45.15
CA GLY E 273 -20.13 17.57 46.39
C GLY E 273 -21.22 18.32 47.14
N GLY E 274 -20.98 18.60 48.42
CA GLY E 274 -21.97 19.31 49.20
C GLY E 274 -21.69 20.81 49.30
N GLN E 275 -20.69 21.27 48.56
CA GLN E 275 -20.32 22.67 48.58
C GLN E 275 -21.40 23.55 47.98
N SER E 276 -21.40 24.82 48.39
CA SER E 276 -22.36 25.80 47.90
C SER E 276 -21.85 26.32 46.56
N GLU E 277 -22.70 26.98 45.78
CA GLU E 277 -22.26 27.49 44.49
C GLU E 277 -20.97 28.28 44.61
N GLU E 278 -20.88 29.10 45.66
CA GLU E 278 -19.69 29.91 45.87
C GLU E 278 -18.52 29.10 46.38
N GLU E 279 -18.77 28.31 47.41
CA GLU E 279 -17.75 27.46 48.01
C GLU E 279 -16.99 26.68 46.93
N ALA E 280 -17.73 26.12 45.98
CA ALA E 280 -17.13 25.36 44.89
C ALA E 280 -16.24 26.25 44.05
N SER E 281 -16.78 27.40 43.65
CA SER E 281 -16.03 28.35 42.82
C SER E 281 -14.77 28.85 43.51
N PHE E 282 -14.90 29.24 44.78
CA PHE E 282 -13.76 29.74 45.55
C PHE E 282 -12.69 28.68 45.66
N ASN E 283 -13.08 27.49 46.12
CA ASN E 283 -12.16 26.39 46.28
C ASN E 283 -11.50 26.03 44.94
N LEU E 284 -12.27 25.94 43.88
CA LEU E 284 -11.68 25.62 42.58
C LEU E 284 -10.65 26.67 42.21
N ASN E 285 -11.03 27.94 42.37
CA ASN E 285 -10.13 29.03 42.03
C ASN E 285 -8.83 28.87 42.83
N ALA E 286 -8.99 28.73 44.15
CA ALA E 286 -7.84 28.56 45.03
C ALA E 286 -6.93 27.45 44.52
N ILE E 287 -7.53 26.32 44.15
CA ILE E 287 -6.78 25.19 43.63
C ILE E 287 -5.95 25.61 42.44
N ASN E 288 -6.58 26.29 41.49
CA ASN E 288 -5.87 26.75 40.29
C ASN E 288 -4.88 27.86 40.59
N ARG E 289 -4.81 28.29 41.85
CA ARG E 289 -3.88 29.32 42.23
C ARG E 289 -2.85 28.76 43.20
N CYS E 290 -2.93 27.46 43.45
CA CYS E 290 -1.99 26.79 44.35
C CYS E 290 -0.59 26.87 43.75
N PRO E 291 0.43 27.12 44.59
CA PRO E 291 1.83 27.24 44.20
C PRO E 291 2.38 25.99 43.52
N LEU E 292 1.96 24.83 44.01
CA LEU E 292 2.41 23.57 43.46
C LEU E 292 2.08 23.42 41.97
N PRO E 293 2.97 22.80 41.21
CA PRO E 293 2.84 22.56 39.77
C PRO E 293 1.77 21.50 39.48
N ARG E 294 1.01 21.68 38.40
CA ARG E 294 -0.02 20.70 38.04
C ARG E 294 0.04 20.33 36.57
N PRO E 295 0.42 19.08 36.28
CA PRO E 295 0.55 18.54 34.92
C PRO E 295 -0.77 18.33 34.19
N TRP E 296 -1.87 18.59 34.89
CA TRP E 296 -3.21 18.36 34.33
C TRP E 296 -4.19 19.50 34.55
N ALA E 297 -5.23 19.52 33.74
CA ALA E 297 -6.25 20.53 33.87
C ALA E 297 -6.91 20.33 35.23
N LEU E 298 -7.25 21.42 35.90
CA LEU E 298 -7.93 21.28 37.18
C LEU E 298 -9.21 22.08 37.09
N THR E 299 -10.25 21.54 36.45
CA THR E 299 -11.49 22.31 36.37
C THR E 299 -12.60 21.66 37.21
N PHE E 300 -13.83 21.81 36.74
CA PHE E 300 -15.01 21.33 37.45
C PHE E 300 -15.91 20.40 36.64
N SER E 301 -16.70 19.61 37.36
CA SER E 301 -17.71 18.72 36.80
C SER E 301 -18.76 18.86 37.88
N TYR E 302 -19.38 20.03 37.90
CA TYR E 302 -20.37 20.38 38.89
C TYR E 302 -21.80 20.05 38.55
N GLY E 303 -22.56 19.68 39.59
CA GLY E 303 -23.95 19.34 39.41
C GLY E 303 -24.78 20.42 40.04
N ARG E 304 -24.92 20.38 41.36
CA ARG E 304 -25.73 21.39 42.02
C ARG E 304 -25.04 22.74 41.98
N ALA E 305 -23.72 22.73 42.19
CA ALA E 305 -22.94 23.97 42.20
C ALA E 305 -23.09 24.84 40.95
N LEU E 306 -23.75 24.30 39.94
CA LEU E 306 -23.97 25.03 38.70
C LEU E 306 -25.44 25.36 38.51
N GLN E 307 -26.31 24.56 39.10
CA GLN E 307 -27.73 24.80 38.92
C GLN E 307 -28.57 25.06 40.16
N ALA E 308 -27.93 25.32 41.30
CA ALA E 308 -28.69 25.58 42.51
C ALA E 308 -29.57 26.80 42.34
N SER E 309 -28.94 27.95 42.21
CA SER E 309 -29.67 29.20 42.05
C SER E 309 -30.52 29.16 40.79
N ALA E 310 -30.01 28.52 39.75
CA ALA E 310 -30.77 28.43 38.50
C ALA E 310 -32.12 27.75 38.75
N LEU E 311 -32.07 26.63 39.44
CA LEU E 311 -33.26 25.85 39.77
C LEU E 311 -34.15 26.65 40.70
N ASN E 312 -33.52 27.35 41.63
CA ASN E 312 -34.24 28.15 42.60
C ASN E 312 -34.99 29.30 41.94
N ALA E 313 -34.42 29.83 40.87
CA ALA E 313 -35.03 30.93 40.12
C ALA E 313 -36.21 30.42 39.29
N TRP E 314 -35.95 29.41 38.47
CA TRP E 314 -36.98 28.82 37.62
C TRP E 314 -38.25 28.57 38.42
N ARG E 315 -38.09 27.81 39.51
CA ARG E 315 -39.20 27.51 40.40
C ARG E 315 -40.40 26.88 39.67
N GLY E 316 -40.14 26.30 38.50
CA GLY E 316 -41.20 25.66 37.74
C GLY E 316 -41.99 26.60 36.84
N GLN E 317 -41.79 27.90 37.00
CA GLN E 317 -42.52 28.89 36.20
C GLN E 317 -41.95 29.09 34.80
N ARG E 318 -42.82 29.06 33.80
CA ARG E 318 -42.39 29.23 32.42
C ARG E 318 -41.78 30.60 32.16
N ASP E 319 -42.19 31.60 32.96
CA ASP E 319 -41.68 32.95 32.80
C ASP E 319 -40.27 33.05 33.36
N ASN E 320 -40.08 32.45 34.53
CA ASN E 320 -38.78 32.47 35.20
C ASN E 320 -37.69 31.72 34.43
N ALA E 321 -38.08 31.06 33.33
CA ALA E 321 -37.14 30.31 32.50
C ALA E 321 -35.85 31.07 32.19
N GLY E 322 -36.00 32.24 31.56
CA GLY E 322 -34.85 33.06 31.20
C GLY E 322 -33.98 33.46 32.37
N ALA E 323 -34.62 33.79 33.49
CA ALA E 323 -33.88 34.18 34.68
C ALA E 323 -33.08 32.98 35.16
N ALA E 324 -33.73 31.82 35.19
CA ALA E 324 -33.09 30.58 35.61
C ALA E 324 -31.86 30.36 34.75
N THR E 325 -32.06 30.44 33.44
CA THR E 325 -30.98 30.25 32.49
C THR E 325 -29.82 31.20 32.76
N GLU E 326 -30.16 32.41 33.19
CA GLU E 326 -29.13 33.40 33.50
C GLU E 326 -28.34 32.97 34.71
N GLU E 327 -29.06 32.55 35.76
CA GLU E 327 -28.41 32.11 36.98
C GLU E 327 -27.38 31.04 36.67
N PHE E 328 -27.72 30.14 35.74
CA PHE E 328 -26.83 29.07 35.34
C PHE E 328 -25.62 29.63 34.60
N ILE E 329 -25.87 30.33 33.49
CA ILE E 329 -24.79 30.92 32.72
C ILE E 329 -23.84 31.70 33.62
N LYS E 330 -24.38 32.34 34.65
CA LYS E 330 -23.56 33.12 35.58
C LYS E 330 -22.54 32.20 36.24
N ARG E 331 -23.03 31.18 36.94
CA ARG E 331 -22.15 30.24 37.63
C ARG E 331 -21.24 29.53 36.64
N ALA E 332 -21.77 29.18 35.48
CA ALA E 332 -20.95 28.51 34.47
C ALA E 332 -19.74 29.38 34.11
N GLU E 333 -19.98 30.68 33.98
CA GLU E 333 -18.91 31.59 33.63
C GLU E 333 -17.90 31.79 34.75
N VAL E 334 -18.38 32.02 35.97
CA VAL E 334 -17.46 32.22 37.08
C VAL E 334 -16.58 31.00 37.28
N ASN E 335 -17.17 29.81 37.22
CA ASN E 335 -16.40 28.60 37.41
C ASN E 335 -15.43 28.42 36.26
N GLY E 336 -15.80 28.94 35.10
CA GLY E 336 -14.92 28.85 33.95
C GLY E 336 -13.69 29.69 34.24
N LEU E 337 -13.87 30.70 35.09
CA LEU E 337 -12.78 31.58 35.49
C LEU E 337 -11.98 30.91 36.59
N ALA E 338 -12.70 30.37 37.57
CA ALA E 338 -12.06 29.69 38.69
C ALA E 338 -11.21 28.54 38.17
N ALA E 339 -11.60 28.02 37.00
CA ALA E 339 -10.88 26.93 36.38
C ALA E 339 -9.53 27.40 35.82
N GLN E 340 -9.23 28.69 36.01
CA GLN E 340 -7.97 29.25 35.54
C GLN E 340 -7.38 30.10 36.64
N GLY E 341 -7.99 30.03 37.82
CA GLY E 341 -7.53 30.79 38.96
C GLY E 341 -7.74 32.28 38.80
N LYS E 342 -8.41 32.66 37.74
CA LYS E 342 -8.65 34.07 37.48
C LYS E 342 -10.10 34.47 37.77
N TYR E 343 -10.53 34.22 39.00
CA TYR E 343 -11.88 34.59 39.41
C TYR E 343 -11.74 35.41 40.66
N GLU E 344 -12.29 36.63 40.66
CA GLU E 344 -12.21 37.48 41.83
C GLU E 344 -13.59 37.59 42.50
N HIS F 3 -13.96 -4.34 61.96
CA HIS F 3 -14.11 -4.59 60.50
C HIS F 3 -14.97 -5.82 60.23
N SER F 4 -15.59 -6.33 61.29
CA SER F 4 -16.46 -7.50 61.20
C SER F 4 -17.94 -7.14 61.40
N TYR F 5 -18.66 -6.93 60.30
CA TYR F 5 -20.08 -6.60 60.35
C TYR F 5 -20.88 -7.73 59.72
N PRO F 6 -21.19 -8.76 60.52
CA PRO F 6 -21.94 -9.97 60.15
C PRO F 6 -22.77 -9.91 58.88
N ALA F 7 -22.24 -10.53 57.83
CA ALA F 7 -22.92 -10.56 56.54
C ALA F 7 -24.19 -11.39 56.64
N LEU F 8 -24.10 -12.49 57.38
CA LEU F 8 -25.24 -13.39 57.55
C LEU F 8 -25.53 -13.68 59.01
N SER F 9 -26.81 -13.87 59.30
CA SER F 9 -27.24 -14.20 60.64
C SER F 9 -26.99 -15.69 60.81
N ALA F 10 -27.13 -16.17 62.05
CA ALA F 10 -26.90 -17.58 62.33
C ALA F 10 -27.93 -18.42 61.58
N GLU F 11 -29.16 -17.95 61.56
CA GLU F 11 -30.23 -18.65 60.88
C GLU F 11 -29.88 -18.80 59.41
N GLN F 12 -29.48 -17.69 58.79
CA GLN F 12 -29.14 -17.67 57.38
C GLN F 12 -28.00 -18.60 57.03
N LYS F 13 -26.93 -18.57 57.83
CA LYS F 13 -25.80 -19.44 57.57
C LYS F 13 -26.29 -20.87 57.57
N LYS F 14 -27.18 -21.19 58.52
CA LYS F 14 -27.74 -22.53 58.63
C LYS F 14 -28.41 -22.92 57.33
N GLU F 15 -29.42 -22.14 56.92
CA GLU F 15 -30.15 -22.42 55.69
C GLU F 15 -29.22 -22.69 54.51
N LEU F 16 -28.19 -21.87 54.36
CA LEU F 16 -27.27 -22.05 53.25
C LEU F 16 -26.54 -23.38 53.38
N SER F 17 -25.94 -23.61 54.54
CA SER F 17 -25.20 -24.85 54.78
C SER F 17 -26.05 -26.07 54.50
N ASP F 18 -27.29 -26.07 55.01
CA ASP F 18 -28.18 -27.20 54.80
C ASP F 18 -28.36 -27.41 53.31
N ILE F 19 -28.88 -26.40 52.62
CA ILE F 19 -29.07 -26.49 51.18
C ILE F 19 -27.85 -27.07 50.49
N ALA F 20 -26.67 -26.57 50.84
CA ALA F 20 -25.45 -27.03 50.23
C ALA F 20 -25.27 -28.53 50.41
N LEU F 21 -25.35 -28.97 51.66
CA LEU F 21 -25.18 -30.38 52.00
C LEU F 21 -26.20 -31.30 51.35
N ARG F 22 -27.44 -30.84 51.21
CA ARG F 22 -28.46 -31.67 50.58
C ARG F 22 -28.04 -31.97 49.16
N ILE F 23 -27.57 -30.95 48.47
CA ILE F 23 -27.15 -31.09 47.08
C ILE F 23 -26.02 -32.10 46.92
N VAL F 24 -24.97 -32.00 47.71
CA VAL F 24 -23.86 -32.93 47.56
C VAL F 24 -23.92 -34.17 48.44
N ALA F 25 -25.10 -34.46 48.99
CA ALA F 25 -25.28 -35.64 49.82
C ALA F 25 -24.72 -36.85 49.10
N PRO F 26 -24.19 -37.83 49.86
CA PRO F 26 -23.59 -39.07 49.36
C PRO F 26 -24.25 -39.68 48.14
N GLY F 27 -23.44 -40.09 47.17
CA GLY F 27 -23.97 -40.71 45.98
C GLY F 27 -24.87 -39.83 45.14
N LYS F 28 -24.93 -38.54 45.47
CA LYS F 28 -25.74 -37.58 44.74
C LYS F 28 -24.90 -36.54 43.97
N GLY F 29 -25.41 -36.15 42.81
CA GLY F 29 -24.74 -35.17 41.98
C GLY F 29 -25.72 -34.16 41.43
N ILE F 30 -25.27 -33.33 40.49
CA ILE F 30 -26.11 -32.29 39.92
C ILE F 30 -26.35 -32.45 38.43
N LEU F 31 -27.60 -32.28 38.01
CA LEU F 31 -27.93 -32.34 36.59
C LEU F 31 -27.89 -30.90 36.13
N ALA F 32 -26.97 -30.61 35.22
CA ALA F 32 -26.85 -29.25 34.70
C ALA F 32 -27.61 -29.10 33.39
N ALA F 33 -28.86 -28.66 33.48
CA ALA F 33 -29.69 -28.46 32.31
C ALA F 33 -29.91 -26.97 32.08
N ASP F 34 -28.88 -26.19 32.34
CA ASP F 34 -28.95 -24.73 32.19
C ASP F 34 -28.45 -24.24 30.83
N GLU F 35 -28.63 -25.07 29.80
CA GLU F 35 -28.18 -24.69 28.46
C GLU F 35 -28.90 -23.47 27.90
N SER F 36 -28.13 -22.42 27.61
CA SER F 36 -28.68 -21.20 27.04
C SER F 36 -29.40 -21.54 25.74
N VAL F 37 -30.39 -20.73 25.39
CA VAL F 37 -31.14 -20.97 24.16
C VAL F 37 -30.16 -21.02 22.98
N GLY F 38 -29.01 -20.38 23.16
CA GLY F 38 -28.01 -20.36 22.12
C GLY F 38 -27.30 -21.70 22.00
N SER F 39 -26.62 -22.11 23.08
CA SER F 39 -25.92 -23.39 23.07
C SER F 39 -26.89 -24.53 22.82
N MET F 40 -28.16 -24.31 23.19
CA MET F 40 -29.17 -25.32 23.01
C MET F 40 -29.44 -25.52 21.52
N ALA F 41 -29.22 -24.47 20.73
CA ALA F 41 -29.43 -24.57 19.30
C ALA F 41 -28.44 -25.57 18.71
N LYS F 42 -27.19 -25.46 19.14
CA LYS F 42 -26.16 -26.36 18.64
C LYS F 42 -26.45 -27.82 18.98
N ARG F 43 -26.83 -28.07 20.23
CA ARG F 43 -27.11 -29.43 20.65
C ARG F 43 -28.30 -30.03 19.91
N LEU F 44 -29.35 -29.24 19.75
CA LEU F 44 -30.52 -29.72 19.04
C LEU F 44 -30.22 -29.97 17.57
N SER F 45 -29.42 -29.08 16.96
CA SER F 45 -29.08 -29.24 15.56
C SER F 45 -28.44 -30.59 15.27
N GLN F 46 -27.59 -31.06 16.19
CA GLN F 46 -26.90 -32.33 16.00
C GLN F 46 -27.85 -33.52 15.87
N ILE F 47 -29.09 -33.36 16.32
CA ILE F 47 -30.08 -34.44 16.24
C ILE F 47 -31.29 -34.00 15.41
N GLY F 48 -31.07 -32.99 14.56
CA GLY F 48 -32.16 -32.44 13.76
C GLY F 48 -32.81 -31.44 14.69
N VAL F 49 -34.10 -31.62 14.98
CA VAL F 49 -34.82 -30.75 15.91
C VAL F 49 -34.61 -29.23 15.79
N GLU F 50 -35.66 -28.53 15.35
CA GLU F 50 -35.60 -27.08 15.23
C GLU F 50 -35.44 -26.53 16.64
N ASN F 51 -34.67 -25.47 16.79
CA ASN F 51 -34.47 -24.88 18.12
C ASN F 51 -35.62 -23.96 18.51
N THR F 52 -36.76 -24.56 18.85
CA THR F 52 -37.96 -23.84 19.28
C THR F 52 -38.01 -23.79 20.80
N GLU F 53 -38.89 -22.96 21.35
CA GLU F 53 -39.01 -22.93 22.79
C GLU F 53 -39.69 -24.23 23.14
N GLU F 54 -40.59 -24.65 22.26
CA GLU F 54 -41.31 -25.90 22.48
C GLU F 54 -40.38 -27.09 22.44
N ASN F 55 -39.60 -27.21 21.37
CA ASN F 55 -38.68 -28.34 21.29
C ASN F 55 -37.76 -28.41 22.50
N ARG F 56 -37.46 -27.27 23.08
CA ARG F 56 -36.61 -27.24 24.26
C ARG F 56 -37.42 -27.74 25.45
N ARG F 57 -38.64 -27.21 25.60
CA ARG F 57 -39.50 -27.64 26.70
C ARG F 57 -39.67 -29.15 26.62
N LEU F 58 -39.90 -29.64 25.41
CA LEU F 58 -40.09 -31.06 25.18
C LEU F 58 -38.89 -31.85 25.67
N TYR F 59 -37.70 -31.44 25.23
CA TYR F 59 -36.49 -32.12 25.64
C TYR F 59 -36.25 -32.06 27.14
N ARG F 60 -36.38 -30.88 27.73
CA ARG F 60 -36.17 -30.75 29.17
C ARG F 60 -37.14 -31.68 29.89
N GLN F 61 -38.30 -31.87 29.29
CA GLN F 61 -39.32 -32.73 29.87
C GLN F 61 -38.80 -34.16 29.91
N VAL F 62 -38.14 -34.57 28.83
CA VAL F 62 -37.58 -35.91 28.77
C VAL F 62 -36.71 -36.16 30.00
N LEU F 63 -35.97 -35.14 30.42
CA LEU F 63 -35.10 -35.26 31.58
C LEU F 63 -35.88 -35.23 32.89
N PHE F 64 -36.69 -34.19 33.07
CA PHE F 64 -37.45 -34.02 34.30
C PHE F 64 -38.54 -35.04 34.57
N SER F 65 -38.89 -35.82 33.55
CA SER F 65 -39.91 -36.83 33.75
C SER F 65 -39.31 -38.12 34.27
N ALA F 66 -38.01 -38.12 34.56
CA ALA F 66 -37.35 -39.32 35.08
C ALA F 66 -38.08 -39.72 36.35
N ASP F 67 -38.14 -41.03 36.62
CA ASP F 67 -38.83 -41.54 37.81
C ASP F 67 -38.02 -41.41 39.09
N ASP F 68 -38.50 -42.04 40.15
CA ASP F 68 -37.87 -41.98 41.47
C ASP F 68 -36.46 -42.54 41.66
N ARG F 69 -35.95 -43.33 40.73
CA ARG F 69 -34.61 -43.84 40.96
C ARG F 69 -33.59 -42.76 40.73
N VAL F 70 -34.08 -41.61 40.26
CA VAL F 70 -33.22 -40.46 39.99
C VAL F 70 -32.96 -39.75 41.33
N LYS F 71 -33.81 -40.04 42.31
CA LYS F 71 -33.72 -39.45 43.65
C LYS F 71 -32.47 -39.85 44.43
N LYS F 72 -31.96 -41.03 44.19
CA LYS F 72 -30.77 -41.48 44.91
C LYS F 72 -29.46 -40.89 44.39
N CYS F 73 -29.45 -40.51 43.12
CA CYS F 73 -28.23 -39.97 42.52
C CYS F 73 -28.25 -38.50 42.11
N ILE F 74 -29.42 -37.86 42.16
CA ILE F 74 -29.49 -36.44 41.80
C ILE F 74 -29.90 -35.57 42.98
N GLY F 75 -28.94 -34.80 43.48
CA GLY F 75 -29.21 -33.93 44.61
C GLY F 75 -29.79 -32.59 44.18
N GLY F 76 -29.48 -32.18 42.95
CA GLY F 76 -29.98 -30.91 42.45
C GLY F 76 -30.00 -30.81 40.93
N VAL F 77 -30.81 -29.88 40.43
CA VAL F 77 -30.94 -29.66 39.00
C VAL F 77 -30.76 -28.17 38.72
N ILE F 78 -29.84 -27.84 37.82
CA ILE F 78 -29.61 -26.43 37.47
C ILE F 78 -30.46 -26.10 36.24
N PHE F 79 -31.39 -25.15 36.42
CA PHE F 79 -32.29 -24.71 35.36
C PHE F 79 -31.79 -23.50 34.57
N PHE F 80 -32.22 -23.40 33.33
CA PHE F 80 -31.90 -22.24 32.54
C PHE F 80 -33.15 -21.39 32.77
N HIS F 81 -32.98 -20.09 32.96
CA HIS F 81 -34.12 -19.20 33.22
C HIS F 81 -35.45 -19.64 32.59
N GLU F 82 -35.48 -19.60 31.26
CA GLU F 82 -36.66 -19.98 30.49
C GLU F 82 -37.32 -21.22 31.10
N THR F 83 -36.54 -22.29 31.14
CA THR F 83 -36.97 -23.58 31.67
C THR F 83 -37.59 -23.53 33.07
N LEU F 84 -37.05 -22.68 33.94
CA LEU F 84 -37.53 -22.55 35.31
C LEU F 84 -39.01 -22.15 35.36
N TYR F 85 -39.54 -21.75 34.21
CA TYR F 85 -40.94 -21.33 34.17
C TYR F 85 -41.77 -22.14 33.18
N GLN F 86 -41.21 -23.24 32.68
CA GLN F 86 -41.93 -24.08 31.74
C GLN F 86 -42.67 -25.19 32.49
N LYS F 87 -43.65 -25.77 31.83
CA LYS F 87 -44.45 -26.84 32.41
C LYS F 87 -44.48 -28.05 31.50
N ASP F 88 -44.77 -29.21 32.07
CA ASP F 88 -44.84 -30.45 31.30
C ASP F 88 -46.20 -30.47 30.59
N ASP F 89 -46.45 -31.53 29.82
CA ASP F 89 -47.69 -31.62 29.08
C ASP F 89 -48.95 -31.66 29.96
N ASN F 90 -48.77 -31.94 31.25
CA ASN F 90 -49.92 -31.98 32.16
C ASN F 90 -50.14 -30.63 32.81
N GLY F 91 -49.34 -29.65 32.40
CA GLY F 91 -49.46 -28.31 32.95
C GLY F 91 -48.78 -28.20 34.30
N VAL F 92 -47.88 -29.13 34.59
CA VAL F 92 -47.17 -29.13 35.86
C VAL F 92 -45.77 -28.53 35.74
N PRO F 93 -45.51 -27.47 36.49
CA PRO F 93 -44.24 -26.76 36.51
C PRO F 93 -43.08 -27.71 36.71
N PHE F 94 -42.11 -27.68 35.80
CA PHE F 94 -40.94 -28.53 35.92
C PHE F 94 -40.34 -28.37 37.31
N VAL F 95 -40.37 -27.14 37.83
CA VAL F 95 -39.83 -26.87 39.15
C VAL F 95 -40.58 -27.70 40.19
N ARG F 96 -41.91 -27.67 40.10
CA ARG F 96 -42.77 -28.42 41.01
C ARG F 96 -42.33 -29.88 41.06
N THR F 97 -42.28 -30.49 39.88
CA THR F 97 -41.87 -31.89 39.76
C THR F 97 -40.55 -32.17 40.48
N ILE F 98 -39.47 -31.54 40.04
CA ILE F 98 -38.17 -31.74 40.67
C ILE F 98 -38.28 -31.53 42.18
N GLN F 99 -39.02 -30.51 42.60
CA GLN F 99 -39.18 -30.22 44.02
C GLN F 99 -39.84 -31.35 44.77
N ASP F 100 -40.91 -31.91 44.19
CA ASP F 100 -41.62 -33.00 44.83
C ASP F 100 -40.75 -34.24 45.04
N LYS F 101 -39.77 -34.45 44.16
CA LYS F 101 -38.88 -35.61 44.32
C LYS F 101 -37.83 -35.28 45.36
N GLY F 102 -37.94 -34.10 45.97
CA GLY F 102 -36.99 -33.70 46.99
C GLY F 102 -35.64 -33.25 46.45
N ILE F 103 -35.56 -33.07 45.14
CA ILE F 103 -34.31 -32.62 44.52
C ILE F 103 -34.27 -31.10 44.64
N VAL F 104 -33.07 -30.54 44.79
CA VAL F 104 -32.96 -29.08 44.93
C VAL F 104 -32.95 -28.37 43.58
N VAL F 105 -33.58 -27.19 43.52
CA VAL F 105 -33.66 -26.41 42.29
C VAL F 105 -32.66 -25.25 42.23
N GLY F 106 -32.05 -25.07 41.05
CA GLY F 106 -31.08 -24.00 40.89
C GLY F 106 -31.18 -23.31 39.53
N ILE F 107 -30.62 -22.10 39.40
CA ILE F 107 -30.64 -21.34 38.13
C ILE F 107 -29.29 -20.77 37.79
N LYS F 108 -28.99 -20.75 36.50
CA LYS F 108 -27.76 -20.15 35.98
C LYS F 108 -28.13 -18.66 36.06
N VAL F 109 -27.27 -17.82 36.63
CA VAL F 109 -27.60 -16.41 36.73
C VAL F 109 -26.65 -15.49 35.98
N ASP F 110 -25.45 -15.99 35.66
CA ASP F 110 -24.49 -15.18 34.93
C ASP F 110 -25.12 -14.81 33.58
N LYS F 111 -24.70 -13.68 33.03
CA LYS F 111 -25.24 -13.22 31.77
C LYS F 111 -24.19 -13.31 30.68
N GLY F 112 -23.47 -14.42 30.66
CA GLY F 112 -22.47 -14.60 29.62
C GLY F 112 -21.08 -14.04 29.83
N VAL F 113 -20.16 -14.57 29.05
CA VAL F 113 -18.77 -14.20 29.12
C VAL F 113 -18.53 -12.99 28.23
N VAL F 114 -17.56 -12.16 28.59
CA VAL F 114 -17.24 -10.98 27.80
C VAL F 114 -15.72 -10.78 27.75
N PRO F 115 -15.23 -10.06 26.74
CA PRO F 115 -13.83 -9.74 26.47
C PRO F 115 -13.10 -8.87 27.47
N LEU F 116 -11.86 -9.24 27.73
CA LEU F 116 -11.02 -8.45 28.62
C LEU F 116 -10.08 -7.70 27.69
N ALA F 117 -10.35 -6.42 27.49
CA ALA F 117 -9.51 -5.60 26.62
C ALA F 117 -8.07 -5.72 27.05
N GLY F 118 -7.17 -5.86 26.09
CA GLY F 118 -5.75 -5.93 26.40
C GLY F 118 -5.17 -7.30 26.68
N THR F 119 -6.00 -8.33 26.57
CA THR F 119 -5.55 -9.70 26.84
C THR F 119 -5.57 -10.50 25.56
N ASP F 120 -5.01 -11.70 25.62
CA ASP F 120 -4.97 -12.58 24.45
C ASP F 120 -6.27 -13.38 24.37
N GLY F 121 -7.34 -12.70 23.98
CA GLY F 121 -8.63 -13.34 23.85
C GLY F 121 -9.16 -13.93 25.14
N GLU F 122 -8.88 -13.27 26.26
CA GLU F 122 -9.35 -13.76 27.54
C GLU F 122 -10.66 -13.08 27.87
N THR F 123 -11.37 -13.60 28.86
CA THR F 123 -12.65 -13.03 29.21
C THR F 123 -12.90 -12.90 30.69
N THR F 124 -14.12 -12.52 30.98
CA THR F 124 -14.62 -12.37 32.33
C THR F 124 -16.11 -12.60 32.13
N THR F 125 -16.89 -12.55 33.20
CA THR F 125 -18.30 -12.81 33.07
C THR F 125 -19.17 -11.68 33.60
N GLN F 126 -20.30 -11.45 32.94
CA GLN F 126 -21.20 -10.41 33.40
C GLN F 126 -22.48 -11.02 33.93
N GLY F 127 -23.24 -10.22 34.68
CA GLY F 127 -24.50 -10.71 35.22
C GLY F 127 -24.80 -10.09 36.58
N LEU F 128 -23.82 -9.39 37.13
CA LEU F 128 -23.98 -8.76 38.45
C LEU F 128 -25.07 -7.69 38.52
N ASP F 129 -25.34 -6.98 37.44
CA ASP F 129 -26.35 -5.94 37.48
C ASP F 129 -27.73 -6.51 37.83
N GLY F 130 -28.29 -6.01 38.92
CA GLY F 130 -29.60 -6.46 39.36
C GLY F 130 -29.67 -7.88 39.88
N LEU F 131 -28.53 -8.54 40.00
CA LEU F 131 -28.50 -9.92 40.48
C LEU F 131 -29.22 -10.11 41.81
N SER F 132 -29.09 -9.16 42.73
CA SER F 132 -29.74 -9.31 44.02
C SER F 132 -31.26 -9.43 43.89
N GLU F 133 -31.88 -8.54 43.09
CA GLU F 133 -33.32 -8.57 42.88
C GLU F 133 -33.69 -9.89 42.23
N ARG F 134 -32.90 -10.30 41.25
CA ARG F 134 -33.15 -11.55 40.55
C ARG F 134 -33.09 -12.75 41.46
N CYS F 135 -32.09 -12.78 42.35
CA CYS F 135 -31.96 -13.90 43.27
C CYS F 135 -33.19 -13.94 44.14
N ALA F 136 -33.53 -12.81 44.72
CA ALA F 136 -34.69 -12.73 45.58
C ALA F 136 -35.90 -13.35 44.87
N GLN F 137 -36.04 -13.07 43.58
CA GLN F 137 -37.14 -13.58 42.77
C GLN F 137 -37.03 -15.09 42.58
N TYR F 138 -35.87 -15.53 42.12
CA TYR F 138 -35.63 -16.94 41.88
C TYR F 138 -35.87 -17.75 43.14
N LYS F 139 -35.45 -17.21 44.28
CA LYS F 139 -35.65 -17.91 45.54
C LYS F 139 -37.15 -18.05 45.72
N LYS F 140 -37.84 -16.94 45.54
CA LYS F 140 -39.29 -16.88 45.67
C LYS F 140 -39.97 -17.86 44.71
N ASP F 141 -39.26 -18.29 43.68
CA ASP F 141 -39.84 -19.22 42.73
C ASP F 141 -39.35 -20.66 42.90
N GLY F 142 -38.68 -20.93 44.02
CA GLY F 142 -38.22 -22.29 44.28
C GLY F 142 -36.76 -22.63 44.15
N ALA F 143 -35.93 -21.68 43.76
CA ALA F 143 -34.51 -21.96 43.62
C ALA F 143 -33.80 -21.78 44.96
N ASP F 144 -32.80 -22.62 45.21
CA ASP F 144 -32.06 -22.54 46.46
C ASP F 144 -30.57 -22.44 46.22
N PHE F 145 -30.18 -22.57 44.96
CA PHE F 145 -28.77 -22.46 44.61
C PHE F 145 -28.64 -21.92 43.20
N ALA F 146 -27.48 -21.34 42.89
CA ALA F 146 -27.26 -20.77 41.57
C ALA F 146 -25.92 -21.17 40.98
N LYS F 147 -25.72 -20.85 39.71
CA LYS F 147 -24.47 -21.14 39.04
C LYS F 147 -24.03 -19.94 38.22
N TRP F 148 -22.73 -19.67 38.23
CA TRP F 148 -22.14 -18.54 37.50
C TRP F 148 -20.88 -19.11 36.87
N ARG F 149 -20.76 -19.02 35.56
CA ARG F 149 -19.56 -19.58 34.94
C ARG F 149 -18.52 -18.61 34.42
N CYS F 150 -17.32 -18.69 34.97
CA CYS F 150 -16.22 -17.86 34.50
C CYS F 150 -15.40 -18.82 33.64
N VAL F 151 -14.64 -18.29 32.69
CA VAL F 151 -13.87 -19.16 31.85
C VAL F 151 -12.44 -18.72 31.70
N LEU F 152 -11.51 -19.59 32.04
CA LEU F 152 -10.10 -19.29 31.90
C LEU F 152 -9.54 -20.20 30.80
N LYS F 153 -8.42 -19.81 30.19
CA LYS F 153 -7.86 -20.57 29.08
C LYS F 153 -6.37 -20.81 29.31
N ILE F 154 -5.84 -21.95 28.87
CA ILE F 154 -4.41 -22.20 29.04
C ILE F 154 -3.67 -22.14 27.72
N SER F 155 -2.63 -21.30 27.68
CA SER F 155 -1.79 -21.11 26.50
C SER F 155 -0.42 -20.60 26.99
N GLU F 156 0.47 -20.25 26.06
CA GLU F 156 1.80 -19.79 26.45
C GLU F 156 1.72 -18.69 27.49
N ARG F 157 0.66 -17.91 27.44
CA ARG F 157 0.51 -16.83 28.39
C ARG F 157 -0.95 -16.42 28.51
N THR F 158 -1.80 -17.34 28.98
CA THR F 158 -3.21 -17.00 29.05
C THR F 158 -3.83 -16.73 30.39
N PRO F 159 -3.84 -17.72 31.30
CA PRO F 159 -4.49 -17.30 32.55
C PRO F 159 -3.59 -16.21 33.09
N SER F 160 -3.87 -14.98 32.66
CA SER F 160 -3.09 -13.79 33.02
C SER F 160 -3.52 -13.21 34.35
N ALA F 161 -2.57 -12.54 35.00
CA ALA F 161 -2.84 -11.93 36.28
C ALA F 161 -4.22 -11.26 36.22
N LEU F 162 -4.46 -10.50 35.16
CA LEU F 162 -5.74 -9.83 35.03
C LEU F 162 -6.89 -10.81 35.02
N ALA F 163 -6.84 -11.78 34.10
CA ALA F 163 -7.89 -12.79 33.99
C ALA F 163 -8.15 -13.53 35.31
N ILE F 164 -7.08 -13.83 36.03
CA ILE F 164 -7.25 -14.52 37.30
C ILE F 164 -7.80 -13.53 38.32
N LEU F 165 -7.22 -12.33 38.39
CA LEU F 165 -7.65 -11.27 39.31
C LEU F 165 -9.15 -11.05 39.13
N GLU F 166 -9.53 -10.59 37.94
CA GLU F 166 -10.95 -10.39 37.63
C GLU F 166 -11.38 -11.85 37.58
N ASN F 167 -12.67 -12.14 37.47
CA ASN F 167 -13.11 -13.54 37.45
C ASN F 167 -13.13 -14.01 38.91
N ALA F 168 -11.96 -14.15 39.50
CA ALA F 168 -11.91 -14.56 40.89
C ALA F 168 -12.74 -13.54 41.65
N ASN F 169 -12.59 -12.27 41.28
CA ASN F 169 -13.31 -11.21 41.94
C ASN F 169 -14.79 -11.25 41.59
N VAL F 170 -15.10 -11.47 40.31
CA VAL F 170 -16.51 -11.52 39.91
C VAL F 170 -17.21 -12.64 40.63
N LEU F 171 -16.57 -13.80 40.67
CA LEU F 171 -17.16 -14.94 41.35
C LEU F 171 -17.50 -14.52 42.78
N ALA F 172 -16.53 -13.93 43.47
CA ALA F 172 -16.74 -13.51 44.85
C ALA F 172 -17.93 -12.57 44.96
N ARG F 173 -18.06 -11.64 44.04
CA ARG F 173 -19.19 -10.70 44.07
C ARG F 173 -20.48 -11.48 43.95
N TYR F 174 -20.60 -12.27 42.89
CA TYR F 174 -21.76 -13.10 42.64
C TYR F 174 -22.11 -13.94 43.86
N ALA F 175 -21.11 -14.64 44.41
CA ALA F 175 -21.32 -15.48 45.58
C ALA F 175 -21.89 -14.67 46.74
N SER F 176 -21.25 -13.54 47.04
CA SER F 176 -21.70 -12.66 48.13
C SER F 176 -23.17 -12.29 47.99
N ILE F 177 -23.56 -11.87 46.78
CA ILE F 177 -24.93 -11.47 46.50
C ILE F 177 -25.93 -12.59 46.66
N CYS F 178 -25.58 -13.78 46.19
CA CYS F 178 -26.47 -14.94 46.31
C CYS F 178 -26.76 -15.23 47.77
N GLN F 179 -25.71 -15.32 48.57
CA GLN F 179 -25.90 -15.65 49.96
C GLN F 179 -26.76 -14.67 50.74
N GLN F 180 -26.67 -13.37 50.45
CA GLN F 180 -27.50 -12.44 51.20
C GLN F 180 -28.96 -12.60 50.77
N ASN F 181 -29.20 -13.46 49.78
CA ASN F 181 -30.56 -13.74 49.29
C ASN F 181 -30.97 -15.20 49.54
N GLY F 182 -30.30 -15.85 50.49
CA GLY F 182 -30.60 -17.23 50.83
C GLY F 182 -30.40 -18.21 49.68
N ILE F 183 -29.42 -17.95 48.84
CA ILE F 183 -29.15 -18.86 47.72
C ILE F 183 -27.71 -19.33 47.69
N VAL F 184 -27.53 -20.64 47.74
CA VAL F 184 -26.19 -21.20 47.73
C VAL F 184 -25.59 -20.99 46.34
N PRO F 185 -24.40 -20.39 46.28
CA PRO F 185 -23.77 -20.17 44.98
C PRO F 185 -22.75 -21.23 44.59
N ILE F 186 -22.81 -21.68 43.34
CA ILE F 186 -21.83 -22.64 42.86
C ILE F 186 -20.80 -21.77 42.17
N VAL F 187 -19.59 -21.78 42.69
CA VAL F 187 -18.51 -20.98 42.13
C VAL F 187 -17.84 -21.81 41.04
N GLU F 188 -18.02 -21.43 39.79
CA GLU F 188 -17.44 -22.18 38.69
C GLU F 188 -16.34 -21.50 37.90
N PRO F 189 -15.08 -21.72 38.31
CA PRO F 189 -13.93 -21.15 37.63
C PRO F 189 -13.43 -22.21 36.65
N GLU F 190 -14.05 -22.31 35.49
CA GLU F 190 -13.64 -23.33 34.53
C GLU F 190 -12.41 -23.03 33.72
N ILE F 191 -11.38 -23.86 33.88
CA ILE F 191 -10.16 -23.71 33.10
C ILE F 191 -10.31 -24.65 31.90
N LEU F 192 -10.61 -24.10 30.73
CA LEU F 192 -10.78 -24.92 29.52
C LEU F 192 -9.63 -25.87 29.25
N PRO F 193 -9.92 -26.99 28.56
CA PRO F 193 -8.98 -28.06 28.18
C PRO F 193 -8.26 -27.76 26.87
N ASP F 194 -8.78 -26.83 26.09
CA ASP F 194 -8.16 -26.50 24.81
C ASP F 194 -6.67 -26.28 24.96
N GLY F 195 -5.91 -26.82 24.03
CA GLY F 195 -4.47 -26.68 24.08
C GLY F 195 -3.76 -28.01 24.05
N ASP F 196 -2.44 -27.99 23.98
CA ASP F 196 -1.65 -29.21 23.94
C ASP F 196 -0.82 -29.36 25.22
N HIS F 197 -1.24 -28.70 26.30
CA HIS F 197 -0.52 -28.77 27.58
C HIS F 197 -0.71 -30.13 28.25
N ASP F 198 0.29 -30.55 29.03
CA ASP F 198 0.23 -31.83 29.72
C ASP F 198 -0.46 -31.72 31.07
N LEU F 199 -0.71 -32.86 31.69
CA LEU F 199 -1.38 -32.89 32.99
C LEU F 199 -0.71 -31.96 34.00
N LYS F 200 0.62 -32.03 34.11
CA LYS F 200 1.37 -31.19 35.05
C LYS F 200 0.90 -29.73 34.98
N ARG F 201 0.94 -29.16 33.78
CA ARG F 201 0.55 -27.76 33.60
C ARG F 201 -0.87 -27.45 34.04
N CYS F 202 -1.81 -28.30 33.67
CA CYS F 202 -3.19 -28.06 34.04
C CYS F 202 -3.33 -28.04 35.56
N GLN F 203 -2.59 -28.91 36.22
CA GLN F 203 -2.66 -28.97 37.66
C GLN F 203 -2.14 -27.64 38.22
N TYR F 204 -1.00 -27.21 37.71
CA TYR F 204 -0.37 -25.96 38.13
C TYR F 204 -1.34 -24.81 38.03
N VAL F 205 -1.82 -24.57 36.81
CA VAL F 205 -2.76 -23.50 36.57
C VAL F 205 -3.99 -23.64 37.45
N THR F 206 -4.53 -24.85 37.56
CA THR F 206 -5.71 -25.06 38.39
C THR F 206 -5.43 -24.64 39.81
N GLU F 207 -4.27 -25.01 40.33
CA GLU F 207 -3.91 -24.66 41.68
C GLU F 207 -3.85 -23.15 41.87
N LYS F 208 -3.20 -22.45 40.94
CA LYS F 208 -3.09 -21.00 41.05
C LYS F 208 -4.45 -20.30 40.95
N VAL F 209 -5.27 -20.75 40.02
CA VAL F 209 -6.58 -20.15 39.85
C VAL F 209 -7.42 -20.33 41.11
N LEU F 210 -7.50 -21.57 41.59
CA LEU F 210 -8.29 -21.80 42.80
C LEU F 210 -7.76 -20.97 43.97
N ALA F 211 -6.44 -20.98 44.17
CA ALA F 211 -5.84 -20.22 45.25
C ALA F 211 -6.32 -18.77 45.23
N ALA F 212 -6.46 -18.21 44.04
CA ALA F 212 -6.91 -16.84 43.90
C ALA F 212 -8.40 -16.75 44.21
N VAL F 213 -9.15 -17.69 43.65
CA VAL F 213 -10.59 -17.71 43.87
C VAL F 213 -10.97 -17.72 45.34
N TYR F 214 -10.30 -18.54 46.13
CA TYR F 214 -10.67 -18.57 47.54
C TYR F 214 -10.24 -17.35 48.32
N LYS F 215 -9.10 -16.76 47.95
CA LYS F 215 -8.64 -15.57 48.63
C LYS F 215 -9.66 -14.47 48.35
N ALA F 216 -10.21 -14.46 47.15
CA ALA F 216 -11.21 -13.48 46.75
C ALA F 216 -12.45 -13.67 47.59
N LEU F 217 -12.93 -14.92 47.65
CA LEU F 217 -14.11 -15.20 48.44
C LEU F 217 -13.91 -14.67 49.84
N SER F 218 -12.72 -14.88 50.40
CA SER F 218 -12.43 -14.40 51.74
C SER F 218 -12.60 -12.89 51.82
N ASP F 219 -11.96 -12.20 50.88
CA ASP F 219 -12.01 -10.75 50.82
C ASP F 219 -13.43 -10.23 50.77
N HIS F 220 -14.30 -10.94 50.07
CA HIS F 220 -15.69 -10.51 49.95
C HIS F 220 -16.60 -11.05 51.02
N HIS F 221 -16.01 -11.67 52.03
CA HIS F 221 -16.75 -12.22 53.15
C HIS F 221 -17.76 -13.30 52.77
N VAL F 222 -17.43 -14.10 51.76
CA VAL F 222 -18.34 -15.18 51.35
C VAL F 222 -18.27 -16.31 52.37
N TYR F 223 -19.43 -16.86 52.73
CA TYR F 223 -19.57 -17.95 53.70
C TYR F 223 -19.24 -19.26 53.00
N LEU F 224 -18.02 -19.75 53.18
CA LEU F 224 -17.59 -20.97 52.51
C LEU F 224 -18.47 -22.18 52.67
N GLU F 225 -18.88 -22.50 53.90
CA GLU F 225 -19.71 -23.67 54.13
C GLU F 225 -21.10 -23.56 53.52
N GLY F 226 -21.35 -22.46 52.81
CA GLY F 226 -22.63 -22.25 52.16
C GLY F 226 -22.42 -22.05 50.66
N THR F 227 -21.38 -22.69 50.14
CA THR F 227 -21.04 -22.57 48.73
C THR F 227 -20.66 -23.94 48.19
N LEU F 228 -20.40 -24.00 46.89
CA LEU F 228 -19.99 -25.23 46.24
C LEU F 228 -19.01 -24.85 45.15
N LEU F 229 -18.04 -25.71 44.88
CA LEU F 229 -17.06 -25.43 43.85
C LEU F 229 -17.26 -26.34 42.65
N LYS F 230 -17.39 -25.74 41.47
CA LYS F 230 -17.58 -26.51 40.25
C LYS F 230 -16.37 -26.25 39.37
N PRO F 231 -15.25 -26.93 39.65
CA PRO F 231 -14.03 -26.76 38.86
C PRO F 231 -13.93 -27.79 37.77
N ASN F 232 -12.88 -27.68 37.00
CA ASN F 232 -12.62 -28.61 35.93
C ASN F 232 -11.74 -29.68 36.58
N MET F 233 -11.77 -30.92 36.10
CA MET F 233 -10.89 -31.91 36.69
C MET F 233 -9.56 -31.54 36.07
N VAL F 234 -8.44 -31.71 36.76
CA VAL F 234 -7.19 -31.37 36.12
C VAL F 234 -6.87 -32.51 35.16
N THR F 235 -6.71 -32.15 33.89
CA THR F 235 -6.42 -33.11 32.83
C THR F 235 -5.62 -32.44 31.71
N PRO F 236 -4.99 -33.25 30.84
CA PRO F 236 -4.18 -32.74 29.73
C PRO F 236 -5.07 -31.99 28.77
N GLY F 237 -4.45 -31.18 27.90
CA GLY F 237 -5.22 -30.43 26.93
C GLY F 237 -5.77 -31.39 25.88
N HIS F 238 -6.90 -31.06 25.27
CA HIS F 238 -7.49 -31.91 24.25
C HIS F 238 -6.44 -32.36 23.25
N ALA F 239 -5.53 -31.45 22.94
CA ALA F 239 -4.47 -31.72 21.98
C ALA F 239 -3.20 -32.33 22.56
N CYS F 240 -3.18 -32.69 23.83
CA CYS F 240 -1.97 -33.29 24.37
C CYS F 240 -1.87 -34.72 23.85
N PRO F 241 -0.69 -35.10 23.35
CA PRO F 241 -0.45 -36.43 22.80
C PRO F 241 -0.42 -37.53 23.88
N ILE F 242 0.13 -37.18 25.03
CA ILE F 242 0.28 -38.10 26.16
C ILE F 242 -1.02 -38.70 26.69
N LYS F 243 -0.95 -39.99 27.02
CA LYS F 243 -2.09 -40.72 27.54
C LYS F 243 -1.96 -40.84 29.05
N TYR F 244 -3.06 -40.64 29.76
CA TYR F 244 -3.04 -40.72 31.22
C TYR F 244 -4.10 -41.64 31.82
N THR F 245 -3.75 -42.27 32.94
CA THR F 245 -4.65 -43.18 33.65
C THR F 245 -5.69 -42.35 34.37
N PRO F 246 -6.92 -42.84 34.46
CA PRO F 246 -7.91 -42.04 35.19
C PRO F 246 -7.39 -41.97 36.63
N GLU F 247 -6.46 -42.86 36.94
CA GLU F 247 -5.84 -42.89 38.26
C GLU F 247 -4.99 -41.62 38.34
N GLU F 248 -4.16 -41.42 37.33
CA GLU F 248 -3.27 -40.27 37.25
C GLU F 248 -4.05 -38.96 37.29
N ILE F 249 -5.18 -38.94 36.59
CA ILE F 249 -6.00 -37.75 36.56
C ILE F 249 -6.57 -37.50 37.94
N ALA F 250 -7.07 -38.54 38.58
CA ALA F 250 -7.64 -38.42 39.91
C ALA F 250 -6.58 -37.93 40.89
N MET F 251 -5.37 -38.45 40.73
CA MET F 251 -4.26 -38.08 41.60
C MET F 251 -3.98 -36.58 41.53
N ALA F 252 -3.87 -36.05 40.31
CA ALA F 252 -3.59 -34.63 40.12
C ALA F 252 -4.75 -33.76 40.58
N THR F 253 -5.96 -34.15 40.20
CA THR F 253 -7.15 -33.42 40.57
C THR F 253 -7.32 -33.30 42.07
N VAL F 254 -7.19 -34.41 42.78
CA VAL F 254 -7.34 -34.36 44.22
C VAL F 254 -6.19 -33.58 44.87
N THR F 255 -4.98 -33.75 44.36
CA THR F 255 -3.87 -33.03 44.93
C THR F 255 -4.12 -31.53 44.82
N ALA F 256 -4.48 -31.10 43.61
CA ALA F 256 -4.74 -29.69 43.36
C ALA F 256 -5.79 -29.16 44.35
N LEU F 257 -6.92 -29.84 44.40
CA LEU F 257 -8.00 -29.44 45.28
C LEU F 257 -7.60 -29.38 46.74
N ARG F 258 -6.83 -30.34 47.22
CA ARG F 258 -6.47 -30.31 48.62
C ARG F 258 -5.32 -29.39 48.97
N ARG F 259 -4.86 -28.63 47.99
CA ARG F 259 -3.81 -27.65 48.21
C ARG F 259 -4.41 -26.26 48.18
N THR F 260 -5.69 -26.19 47.84
CA THR F 260 -6.36 -24.92 47.71
C THR F 260 -7.74 -24.77 48.32
N VAL F 261 -8.57 -25.79 48.27
CA VAL F 261 -9.92 -25.67 48.82
C VAL F 261 -10.00 -25.86 50.34
N PRO F 262 -10.54 -24.88 51.06
CA PRO F 262 -10.60 -25.09 52.51
C PRO F 262 -11.59 -26.19 52.87
N PRO F 263 -11.32 -26.94 53.95
CA PRO F 263 -12.16 -28.04 54.45
C PRO F 263 -13.59 -27.63 54.61
N ALA F 264 -13.81 -26.34 54.87
CA ALA F 264 -15.16 -25.81 55.07
C ALA F 264 -16.08 -25.93 53.86
N VAL F 265 -15.52 -26.02 52.67
CA VAL F 265 -16.37 -26.15 51.49
C VAL F 265 -16.99 -27.53 51.54
N PRO F 266 -18.33 -27.60 51.58
CA PRO F 266 -19.06 -28.87 51.63
C PRO F 266 -18.81 -29.83 50.48
N GLY F 267 -18.74 -29.32 49.26
CA GLY F 267 -18.52 -30.24 48.16
C GLY F 267 -18.02 -29.60 46.89
N VAL F 268 -17.33 -30.41 46.09
CA VAL F 268 -16.79 -29.98 44.82
C VAL F 268 -17.57 -30.75 43.77
N THR F 269 -18.31 -30.04 42.92
CA THR F 269 -19.09 -30.71 41.89
C THR F 269 -18.42 -30.53 40.53
N PHE F 270 -17.56 -31.47 40.15
CA PHE F 270 -16.85 -31.39 38.89
C PHE F 270 -17.71 -31.16 37.66
N LEU F 271 -17.12 -30.53 36.66
CA LEU F 271 -17.80 -30.27 35.41
C LEU F 271 -17.26 -31.28 34.38
N SER F 272 -18.17 -31.90 33.63
CA SER F 272 -17.79 -32.91 32.65
C SER F 272 -16.87 -32.37 31.56
N GLY F 273 -16.99 -31.08 31.29
CA GLY F 273 -16.15 -30.47 30.26
C GLY F 273 -16.34 -31.12 28.91
N GLY F 274 -15.23 -31.52 28.29
CA GLY F 274 -15.31 -32.15 26.99
C GLY F 274 -15.26 -33.67 27.06
N GLN F 275 -15.29 -34.21 28.27
CA GLN F 275 -15.23 -35.64 28.47
C GLN F 275 -16.47 -36.34 27.95
N SER F 276 -16.33 -37.62 27.61
CA SER F 276 -17.43 -38.44 27.11
C SER F 276 -18.22 -38.92 28.32
N GLU F 277 -19.44 -39.42 28.09
CA GLU F 277 -20.25 -39.88 29.21
C GLU F 277 -19.47 -40.85 30.10
N GLU F 278 -18.70 -41.73 29.47
CA GLU F 278 -17.93 -42.70 30.23
C GLU F 278 -16.70 -42.09 30.88
N GLU F 279 -15.95 -41.33 30.08
CA GLU F 279 -14.75 -40.66 30.54
C GLU F 279 -15.02 -39.92 31.86
N ALA F 280 -16.15 -39.21 31.91
CA ALA F 280 -16.53 -38.46 33.08
C ALA F 280 -16.76 -39.40 34.26
N SER F 281 -17.56 -40.44 34.02
CA SER F 281 -17.88 -41.41 35.06
C SER F 281 -16.63 -42.13 35.59
N PHE F 282 -15.77 -42.58 34.69
CA PHE F 282 -14.54 -43.26 35.07
C PHE F 282 -13.65 -42.36 35.90
N ASN F 283 -13.38 -41.17 35.38
CA ASN F 283 -12.54 -40.20 36.06
C ASN F 283 -13.13 -39.85 37.44
N LEU F 284 -14.44 -39.58 37.49
CA LEU F 284 -15.04 -39.25 38.77
C LEU F 284 -14.84 -40.40 39.75
N ASN F 285 -15.12 -41.61 39.28
CA ASN F 285 -14.97 -42.78 40.13
C ASN F 285 -13.54 -42.85 40.65
N ALA F 286 -12.59 -42.78 39.73
CA ALA F 286 -11.17 -42.81 40.09
C ALA F 286 -10.87 -41.79 41.19
N ILE F 287 -11.38 -40.59 41.01
CA ILE F 287 -11.19 -39.52 41.98
C ILE F 287 -11.65 -39.96 43.35
N ASN F 288 -12.87 -40.49 43.41
CA ASN F 288 -13.43 -40.95 44.67
C ASN F 288 -12.74 -42.19 45.20
N ARG F 289 -11.78 -42.71 44.45
CA ARG F 289 -11.04 -43.88 44.88
C ARG F 289 -9.57 -43.52 45.12
N CYS F 290 -9.26 -42.24 44.98
CA CYS F 290 -7.90 -41.76 45.19
C CYS F 290 -7.52 -41.98 46.66
N PRO F 291 -6.29 -42.41 46.91
CA PRO F 291 -5.74 -42.68 48.24
C PRO F 291 -5.78 -41.47 49.16
N LEU F 292 -5.50 -40.30 48.61
CA LEU F 292 -5.50 -39.06 49.37
C LEU F 292 -6.84 -38.78 50.03
N PRO F 293 -6.80 -38.23 51.25
CA PRO F 293 -7.98 -37.88 52.05
C PRO F 293 -8.72 -36.67 51.45
N ARG F 294 -10.04 -36.67 51.53
CA ARG F 294 -10.82 -35.56 51.01
C ARG F 294 -11.88 -35.10 51.98
N PRO F 295 -11.72 -33.89 52.53
CA PRO F 295 -12.63 -33.27 53.50
C PRO F 295 -13.98 -32.86 52.93
N TRP F 296 -14.14 -33.02 51.62
CA TRP F 296 -15.36 -32.58 50.95
C TRP F 296 -15.94 -33.60 49.98
N ALA F 297 -17.21 -33.43 49.66
CA ALA F 297 -17.86 -34.31 48.72
C ALA F 297 -17.18 -34.13 47.37
N LEU F 298 -17.00 -35.20 46.63
CA LEU F 298 -16.40 -35.07 45.31
C LEU F 298 -17.36 -35.69 44.32
N THR F 299 -18.42 -34.99 43.94
CA THR F 299 -19.34 -35.57 42.97
C THR F 299 -19.28 -34.85 41.62
N PHE F 300 -20.41 -34.82 40.94
CA PHE F 300 -20.52 -34.23 39.61
C PHE F 300 -21.57 -33.14 39.45
N SER F 301 -21.39 -32.31 38.43
CA SER F 301 -22.33 -31.27 38.04
C SER F 301 -22.15 -31.35 36.55
N TYR F 302 -22.65 -32.42 35.99
CA TYR F 302 -22.53 -32.71 34.58
C TYR F 302 -23.64 -32.18 33.68
N GLY F 303 -23.23 -31.78 32.47
CA GLY F 303 -24.17 -31.26 31.52
C GLY F 303 -24.34 -32.27 30.41
N ARG F 304 -23.39 -32.30 29.47
CA ARG F 304 -23.50 -33.24 28.38
C ARG F 304 -23.27 -34.66 28.87
N ALA F 305 -22.30 -34.84 29.77
CA ALA F 305 -21.99 -36.16 30.29
C ALA F 305 -23.17 -36.92 30.91
N LEU F 306 -24.30 -36.23 31.05
CA LEU F 306 -25.49 -36.85 31.61
C LEU F 306 -26.58 -36.97 30.56
N GLN F 307 -26.54 -36.11 29.55
CA GLN F 307 -27.59 -36.16 28.54
C GLN F 307 -27.16 -36.39 27.11
N ALA F 308 -25.92 -36.80 26.89
CA ALA F 308 -25.46 -37.04 25.51
C ALA F 308 -26.30 -38.12 24.86
N SER F 309 -26.17 -39.34 25.37
CA SER F 309 -26.90 -40.48 24.83
C SER F 309 -28.40 -40.24 24.95
N ALA F 310 -28.83 -39.60 26.02
CA ALA F 310 -30.24 -39.32 26.22
C ALA F 310 -30.77 -38.51 25.04
N LEU F 311 -30.06 -37.45 24.72
CA LEU F 311 -30.43 -36.55 23.63
C LEU F 311 -30.36 -37.29 22.30
N ASN F 312 -29.34 -38.12 22.18
CA ASN F 312 -29.12 -38.90 20.97
C ASN F 312 -30.25 -39.89 20.73
N ALA F 313 -30.81 -40.42 21.82
CA ALA F 313 -31.91 -41.37 21.73
C ALA F 313 -33.20 -40.66 21.36
N TRP F 314 -33.56 -39.65 22.14
CA TRP F 314 -34.78 -38.87 21.88
C TRP F 314 -34.88 -38.51 20.40
N ARG F 315 -33.84 -37.86 19.90
CA ARG F 315 -33.78 -37.48 18.50
C ARG F 315 -35.00 -36.65 18.05
N GLY F 316 -35.68 -36.02 19.01
CA GLY F 316 -36.84 -35.21 18.69
C GLY F 316 -38.15 -35.97 18.58
N GLN F 317 -38.08 -37.31 18.56
CA GLN F 317 -39.27 -38.14 18.42
C GLN F 317 -40.04 -38.32 19.73
N ARG F 318 -41.36 -38.11 19.67
CA ARG F 318 -42.19 -38.24 20.85
C ARG F 318 -42.19 -39.65 21.41
N ASP F 319 -41.96 -40.64 20.54
CA ASP F 319 -41.95 -42.03 20.97
C ASP F 319 -40.67 -42.34 21.71
N ASN F 320 -39.55 -41.86 21.17
CA ASN F 320 -38.24 -42.09 21.77
C ASN F 320 -38.08 -41.43 23.15
N ALA F 321 -39.09 -40.66 23.55
CA ALA F 321 -39.08 -39.97 24.84
C ALA F 321 -38.62 -40.87 26.00
N GLY F 322 -39.36 -41.96 26.20
CA GLY F 322 -39.05 -42.89 27.29
C GLY F 322 -37.66 -43.48 27.22
N ALA F 323 -37.22 -43.80 26.00
CA ALA F 323 -35.88 -44.37 25.83
C ALA F 323 -34.86 -43.31 26.22
N ALA F 324 -35.09 -42.09 25.76
CA ALA F 324 -34.21 -40.98 26.07
C ALA F 324 -34.10 -40.85 27.57
N THR F 325 -35.25 -40.81 28.23
CA THR F 325 -35.30 -40.69 29.68
C THR F 325 -34.52 -41.80 30.36
N GLU F 326 -34.54 -42.99 29.75
CA GLU F 326 -33.81 -44.13 30.31
C GLU F 326 -32.32 -43.87 30.20
N GLU F 327 -31.89 -43.44 29.01
CA GLU F 327 -30.48 -43.18 28.79
C GLU F 327 -29.95 -42.21 29.85
N PHE F 328 -30.77 -41.23 30.20
CA PHE F 328 -30.40 -40.25 31.21
C PHE F 328 -30.31 -40.91 32.59
N ILE F 329 -31.41 -41.49 33.04
CA ILE F 329 -31.44 -42.17 34.33
C ILE F 329 -30.26 -43.12 34.48
N LYS F 330 -29.87 -43.76 33.37
CA LYS F 330 -28.76 -44.69 33.40
C LYS F 330 -27.49 -43.95 33.83
N ARG F 331 -27.11 -42.93 33.08
CA ARG F 331 -25.91 -42.16 33.39
C ARG F 331 -26.03 -41.51 34.77
N ALA F 332 -27.21 -41.01 35.09
CA ALA F 332 -27.41 -40.38 36.39
C ALA F 332 -27.07 -41.37 37.51
N GLU F 333 -27.49 -42.62 37.33
CA GLU F 333 -27.23 -43.64 38.32
C GLU F 333 -25.77 -44.03 38.42
N VAL F 334 -25.15 -44.29 37.28
CA VAL F 334 -23.74 -44.68 37.29
C VAL F 334 -22.89 -43.59 37.92
N ASN F 335 -23.14 -42.34 37.56
CA ASN F 335 -22.35 -41.25 38.12
C ASN F 335 -22.63 -41.12 39.60
N GLY F 336 -23.83 -41.50 40.00
CA GLY F 336 -24.18 -41.44 41.41
C GLY F 336 -23.31 -42.46 42.14
N LEU F 337 -22.90 -43.49 41.42
CA LEU F 337 -22.04 -44.53 41.98
C LEU F 337 -20.60 -44.04 41.95
N ALA F 338 -20.20 -43.49 40.82
CA ALA F 338 -18.85 -42.97 40.65
C ALA F 338 -18.60 -41.90 41.71
N ALA F 339 -19.66 -41.26 42.16
CA ALA F 339 -19.57 -40.23 43.18
C ALA F 339 -19.25 -40.83 44.54
N GLN F 340 -19.08 -42.14 44.59
CA GLN F 340 -18.76 -42.83 45.83
C GLN F 340 -17.65 -43.83 45.57
N GLY F 341 -17.10 -43.77 44.36
CA GLY F 341 -16.02 -44.65 43.97
C GLY F 341 -16.47 -46.09 43.82
N LYS F 342 -17.77 -46.31 43.94
CA LYS F 342 -18.30 -47.64 43.82
C LYS F 342 -19.00 -47.88 42.49
N TYR F 343 -18.27 -47.67 41.40
CA TYR F 343 -18.83 -47.89 40.07
C TYR F 343 -17.87 -48.81 39.35
N GLU F 344 -18.37 -49.94 38.86
CA GLU F 344 -17.52 -50.88 38.13
C GLU F 344 -17.85 -50.84 36.64
N HIS G 3 4.56 -20.93 33.05
CA HIS G 3 4.86 -20.21 34.33
C HIS G 3 5.13 -21.19 35.47
N SER G 4 5.25 -22.47 35.11
CA SER G 4 5.51 -23.53 36.08
C SER G 4 6.92 -24.11 35.95
N TYR G 5 7.85 -23.59 36.75
CA TYR G 5 9.24 -24.05 36.73
C TYR G 5 9.56 -24.72 38.07
N PRO G 6 9.22 -26.02 38.19
CA PRO G 6 9.41 -26.86 39.37
C PRO G 6 10.41 -26.38 40.41
N ALA G 7 9.87 -25.86 41.51
CA ALA G 7 10.68 -25.36 42.61
C ALA G 7 11.41 -26.52 43.28
N LEU G 8 10.71 -27.63 43.43
CA LEU G 8 11.27 -28.81 44.06
C LEU G 8 11.13 -30.05 43.22
N SER G 9 12.12 -30.94 43.34
CA SER G 9 12.10 -32.20 42.62
C SER G 9 11.18 -33.13 43.41
N ALA G 10 10.87 -34.28 42.83
CA ALA G 10 10.00 -35.23 43.48
C ALA G 10 10.65 -35.72 44.76
N GLU G 11 11.95 -35.98 44.68
CA GLU G 11 12.71 -36.46 45.81
C GLU G 11 12.61 -35.46 46.95
N GLN G 12 12.86 -34.19 46.63
CA GLN G 12 12.83 -33.12 47.61
C GLN G 12 11.49 -32.96 48.28
N LYS G 13 10.42 -32.98 47.50
CA LYS G 13 9.09 -32.84 48.05
C LYS G 13 8.89 -33.96 49.06
N LYS G 14 9.34 -35.16 48.70
CA LYS G 14 9.23 -36.32 49.57
C LYS G 14 9.88 -36.03 50.91
N GLU G 15 11.18 -35.73 50.89
CA GLU G 15 11.92 -35.45 52.10
C GLU G 15 11.22 -34.45 53.00
N LEU G 16 10.71 -33.38 52.41
CA LEU G 16 10.02 -32.37 53.20
C LEU G 16 8.77 -32.95 53.84
N SER G 17 7.93 -33.57 53.02
CA SER G 17 6.69 -34.15 53.52
C SER G 17 6.94 -35.12 54.66
N ASP G 18 7.93 -36.01 54.49
CA ASP G 18 8.26 -36.98 55.52
C ASP G 18 8.59 -36.23 56.80
N ILE G 19 9.62 -35.39 56.75
CA ILE G 19 10.03 -34.62 57.92
C ILE G 19 8.82 -33.98 58.60
N ALA G 20 7.95 -33.37 57.81
CA ALA G 20 6.78 -32.71 58.37
C ALA G 20 5.93 -33.68 59.17
N LEU G 21 5.57 -34.79 58.53
CA LEU G 21 4.74 -35.81 59.16
C LEU G 21 5.35 -36.42 60.41
N ARG G 22 6.66 -36.60 60.42
CA ARG G 22 7.30 -37.18 61.60
C ARG G 22 7.07 -36.27 62.78
N ILE G 23 7.23 -34.98 62.55
CA ILE G 23 7.06 -33.99 63.61
C ILE G 23 5.66 -34.01 64.20
N VAL G 24 4.63 -33.98 63.35
CA VAL G 24 3.27 -33.97 63.89
C VAL G 24 2.61 -35.32 64.04
N ALA G 25 3.42 -36.38 64.03
CA ALA G 25 2.90 -37.74 64.19
C ALA G 25 2.00 -37.77 65.42
N PRO G 26 0.97 -38.63 65.39
CA PRO G 26 -0.02 -38.81 66.47
C PRO G 26 0.51 -38.71 67.88
N GLY G 27 -0.20 -37.99 68.73
CA GLY G 27 0.22 -37.85 70.11
C GLY G 27 1.56 -37.16 70.31
N LYS G 28 2.11 -36.60 69.24
CA LYS G 28 3.39 -35.90 69.31
C LYS G 28 3.26 -34.38 69.07
N GLY G 29 4.09 -33.62 69.77
CA GLY G 29 4.08 -32.18 69.65
C GLY G 29 5.50 -31.64 69.56
N ILE G 30 5.64 -30.33 69.66
CA ILE G 30 6.96 -29.69 69.55
C ILE G 30 7.38 -28.94 70.80
N LEU G 31 8.63 -29.13 71.21
CA LEU G 31 9.14 -28.40 72.36
C LEU G 31 9.83 -27.19 71.77
N ALA G 32 9.34 -26.01 72.12
CA ALA G 32 9.92 -24.78 71.60
C ALA G 32 10.90 -24.19 72.61
N ALA G 33 12.17 -24.54 72.47
CA ALA G 33 13.20 -24.04 73.35
C ALA G 33 14.10 -23.06 72.60
N ASP G 34 13.49 -22.28 71.72
CA ASP G 34 14.23 -21.31 70.91
C ASP G 34 14.26 -19.91 71.53
N GLU G 35 14.24 -19.84 72.85
CA GLU G 35 14.26 -18.55 73.54
C GLU G 35 15.54 -17.75 73.28
N SER G 36 15.38 -16.58 72.71
CA SER G 36 16.51 -15.69 72.43
C SER G 36 17.23 -15.38 73.73
N VAL G 37 18.52 -15.11 73.65
CA VAL G 37 19.29 -14.81 74.84
C VAL G 37 18.63 -13.64 75.59
N GLY G 38 17.88 -12.84 74.85
CA GLY G 38 17.20 -11.71 75.44
C GLY G 38 16.01 -12.16 76.27
N SER G 39 15.04 -12.80 75.63
CA SER G 39 13.85 -13.27 76.34
C SER G 39 14.26 -14.27 77.42
N MET G 40 15.39 -14.93 77.22
CA MET G 40 15.87 -15.90 78.17
C MET G 40 16.29 -15.19 79.45
N ALA G 41 16.71 -13.93 79.33
CA ALA G 41 17.12 -13.17 80.50
C ALA G 41 15.92 -12.98 81.41
N LYS G 42 14.79 -12.61 80.81
CA LYS G 42 13.58 -12.39 81.59
C LYS G 42 13.13 -13.64 82.32
N ARG G 43 13.11 -14.78 81.62
CA ARG G 43 12.68 -16.02 82.24
C ARG G 43 13.59 -16.45 83.37
N LEU G 44 14.89 -16.32 83.16
CA LEU G 44 15.84 -16.70 84.19
C LEU G 44 15.74 -15.78 85.40
N SER G 45 15.55 -14.48 85.15
CA SER G 45 15.44 -13.52 86.24
C SER G 45 14.33 -13.90 87.22
N GLN G 46 13.20 -14.39 86.70
CA GLN G 46 12.07 -14.76 87.54
C GLN G 46 12.41 -15.84 88.57
N ILE G 47 13.48 -16.60 88.34
CA ILE G 47 13.88 -17.65 89.25
C ILE G 47 15.30 -17.39 89.79
N GLY G 48 15.71 -16.12 89.73
CA GLY G 48 17.06 -15.76 90.16
C GLY G 48 17.90 -16.02 88.93
N VAL G 49 18.89 -16.91 89.04
CA VAL G 49 19.73 -17.28 87.91
C VAL G 49 20.25 -16.16 86.99
N GLU G 50 21.56 -15.92 87.04
CA GLU G 50 22.17 -14.91 86.18
C GLU G 50 22.01 -15.40 84.75
N ASN G 51 21.79 -14.48 83.82
CA ASN G 51 21.61 -14.88 82.43
C ASN G 51 22.96 -15.07 81.72
N THR G 52 23.63 -16.18 82.04
CA THR G 52 24.93 -16.54 81.46
C THR G 52 24.70 -17.51 80.31
N GLU G 53 25.74 -17.74 79.51
CA GLU G 53 25.60 -18.70 78.44
C GLU G 53 25.55 -20.04 79.14
N GLU G 54 26.33 -20.14 80.21
CA GLU G 54 26.36 -21.37 80.97
C GLU G 54 25.02 -21.69 81.62
N ASN G 55 24.47 -20.73 82.36
CA ASN G 55 23.19 -20.95 82.99
C ASN G 55 22.13 -21.37 81.99
N ARG G 56 22.26 -20.88 80.76
CA ARG G 56 21.30 -21.24 79.72
C ARG G 56 21.58 -22.68 79.30
N ARG G 57 22.85 -22.99 79.04
CA ARG G 57 23.22 -24.35 78.64
C ARG G 57 22.71 -25.32 79.71
N LEU G 58 22.92 -24.95 80.97
CA LEU G 58 22.49 -25.78 82.09
C LEU G 58 21.00 -26.03 82.03
N TYR G 59 20.23 -24.97 81.90
CA TYR G 59 18.78 -25.11 81.83
C TYR G 59 18.32 -25.92 80.62
N ARG G 60 18.85 -25.63 79.45
CA ARG G 60 18.46 -26.38 78.25
C ARG G 60 18.76 -27.84 78.48
N GLN G 61 19.81 -28.11 79.24
CA GLN G 61 20.22 -29.47 79.54
C GLN G 61 19.12 -30.15 80.35
N VAL G 62 18.56 -29.43 81.30
CA VAL G 62 17.47 -29.97 82.11
C VAL G 62 16.37 -30.51 81.22
N LEU G 63 16.11 -29.82 80.12
CA LEU G 63 15.06 -30.24 79.19
C LEU G 63 15.53 -31.41 78.32
N PHE G 64 16.66 -31.24 77.66
CA PHE G 64 17.18 -32.27 76.76
C PHE G 64 17.63 -33.57 77.40
N SER G 65 17.77 -33.56 78.72
CA SER G 65 18.19 -34.77 79.39
C SER G 65 17.00 -35.64 79.75
N ALA G 66 15.81 -35.24 79.30
CA ALA G 66 14.61 -36.03 79.59
C ALA G 66 14.83 -37.43 79.01
N ASP G 67 14.26 -38.43 79.66
CA ASP G 67 14.41 -39.81 79.23
C ASP G 67 13.51 -40.19 78.05
N ASP G 68 13.46 -41.49 77.74
CA ASP G 68 12.69 -42.01 76.62
C ASP G 68 11.18 -41.84 76.60
N ARG G 69 10.54 -41.51 77.71
CA ARG G 69 9.09 -41.37 77.65
C ARG G 69 8.73 -40.09 76.95
N VAL G 70 9.74 -39.29 76.64
CA VAL G 70 9.55 -38.03 75.95
C VAL G 70 9.40 -38.31 74.47
N LYS G 71 9.83 -39.51 74.06
CA LYS G 71 9.76 -39.96 72.67
C LYS G 71 8.36 -40.14 72.13
N LYS G 72 7.41 -40.50 72.99
CA LYS G 72 6.04 -40.71 72.54
C LYS G 72 5.26 -39.41 72.33
N CYS G 73 5.65 -38.35 73.03
CA CYS G 73 4.93 -37.09 72.93
C CYS G 73 5.67 -35.92 72.27
N ILE G 74 6.96 -36.08 72.02
CA ILE G 74 7.73 -35.00 71.40
C ILE G 74 8.24 -35.38 70.02
N GLY G 75 7.65 -34.80 68.99
CA GLY G 75 8.07 -35.09 67.63
C GLY G 75 9.26 -34.25 67.19
N GLY G 76 9.40 -33.07 67.78
CA GLY G 76 10.49 -32.19 67.43
C GLY G 76 10.83 -31.15 68.49
N VAL G 77 12.05 -30.63 68.40
CA VAL G 77 12.53 -29.63 69.34
C VAL G 77 13.09 -28.44 68.57
N ILE G 78 12.59 -27.24 68.86
CA ILE G 78 13.07 -26.05 68.20
C ILE G 78 14.19 -25.43 69.02
N PHE G 79 15.39 -25.37 68.43
CA PHE G 79 16.58 -24.82 69.10
C PHE G 79 16.81 -23.35 68.82
N PHE G 80 17.47 -22.69 69.76
CA PHE G 80 17.85 -21.31 69.54
C PHE G 80 19.28 -21.49 69.03
N HIS G 81 19.67 -20.73 68.02
CA HIS G 81 21.02 -20.86 67.44
C HIS G 81 22.11 -21.32 68.41
N GLU G 82 22.40 -20.46 69.39
CA GLU G 82 23.40 -20.73 70.41
C GLU G 82 23.32 -22.18 70.85
N THR G 83 22.16 -22.54 71.39
CA THR G 83 21.87 -23.87 71.90
C THR G 83 22.17 -25.01 70.92
N LEU G 84 21.90 -24.79 69.64
CA LEU G 84 22.14 -25.81 68.61
C LEU G 84 23.60 -26.25 68.57
N TYR G 85 24.47 -25.51 69.26
CA TYR G 85 25.87 -25.85 69.25
C TYR G 85 26.44 -26.10 70.66
N GLN G 86 25.55 -26.21 71.64
CA GLN G 86 25.98 -26.46 73.01
C GLN G 86 26.01 -27.96 73.28
N LYS G 87 26.73 -28.34 74.32
CA LYS G 87 26.84 -29.74 74.70
C LYS G 87 26.51 -29.92 76.18
N ASP G 88 26.13 -31.14 76.54
CA ASP G 88 25.80 -31.45 77.94
C ASP G 88 27.11 -31.62 78.70
N ASP G 89 27.01 -31.89 80.00
CA ASP G 89 28.19 -32.05 80.81
C ASP G 89 29.11 -33.19 80.39
N ASN G 90 28.60 -34.11 79.58
CA ASN G 90 29.41 -35.24 79.13
C ASN G 90 30.08 -34.91 77.81
N GLY G 91 29.89 -33.67 77.35
CA GLY G 91 30.49 -33.25 76.10
C GLY G 91 29.69 -33.74 74.90
N VAL G 92 28.43 -34.11 75.14
CA VAL G 92 27.58 -34.59 74.07
C VAL G 92 26.65 -33.51 73.54
N PRO G 93 26.75 -33.22 72.25
CA PRO G 93 25.93 -32.22 71.56
C PRO G 93 24.46 -32.42 71.84
N PHE G 94 23.80 -31.38 72.33
CA PHE G 94 22.37 -31.45 72.60
C PHE G 94 21.66 -31.98 71.36
N VAL G 95 22.13 -31.55 70.19
CA VAL G 95 21.53 -31.99 68.93
C VAL G 95 21.62 -33.50 68.81
N ARG G 96 22.82 -34.03 69.08
CA ARG G 96 23.08 -35.46 69.03
C ARG G 96 22.04 -36.22 69.86
N THR G 97 21.93 -35.82 71.13
CA THR G 97 20.99 -36.44 72.05
C THR G 97 19.57 -36.47 71.48
N ILE G 98 18.99 -35.31 71.21
CA ILE G 98 17.63 -35.26 70.66
C ILE G 98 17.54 -36.14 69.43
N GLN G 99 18.56 -36.10 68.58
CA GLN G 99 18.57 -36.91 67.36
C GLN G 99 18.51 -38.39 67.63
N ASP G 100 19.31 -38.84 68.60
CA ASP G 100 19.33 -40.24 68.95
C ASP G 100 17.98 -40.76 69.45
N LYS G 101 17.19 -39.90 70.08
CA LYS G 101 15.88 -40.32 70.55
C LYS G 101 14.90 -40.31 69.38
N GLY G 102 15.41 -40.01 68.20
CA GLY G 102 14.55 -39.99 67.02
C GLY G 102 13.67 -38.76 66.90
N ILE G 103 13.93 -37.76 67.74
CA ILE G 103 13.14 -36.53 67.70
C ILE G 103 13.76 -35.63 66.64
N VAL G 104 12.93 -34.85 65.95
CA VAL G 104 13.44 -33.98 64.89
C VAL G 104 14.01 -32.66 65.44
N VAL G 105 15.09 -32.18 64.83
CA VAL G 105 15.75 -30.95 65.26
C VAL G 105 15.39 -29.72 64.40
N GLY G 106 15.13 -28.58 65.04
CA GLY G 106 14.80 -27.38 64.31
C GLY G 106 15.45 -26.13 64.90
N ILE G 107 15.52 -25.04 64.12
CA ILE G 107 16.11 -23.76 64.57
C ILE G 107 15.23 -22.57 64.24
N LYS G 108 15.22 -21.60 65.14
CA LYS G 108 14.50 -20.34 64.93
C LYS G 108 15.47 -19.64 63.98
N VAL G 109 14.98 -19.09 62.86
CA VAL G 109 15.88 -18.43 61.93
C VAL G 109 15.59 -16.95 61.74
N ASP G 110 14.38 -16.51 62.10
CA ASP G 110 14.03 -15.11 61.96
C ASP G 110 15.00 -14.30 62.81
N LYS G 111 15.24 -13.05 62.43
CA LYS G 111 16.14 -12.21 63.17
C LYS G 111 15.39 -11.09 63.87
N GLY G 112 14.26 -11.44 64.48
CA GLY G 112 13.50 -10.44 65.20
C GLY G 112 12.49 -9.61 64.45
N VAL G 113 11.60 -9.02 65.22
CA VAL G 113 10.53 -8.20 64.71
C VAL G 113 11.02 -6.78 64.54
N VAL G 114 10.47 -6.06 63.58
CA VAL G 114 10.86 -4.66 63.35
C VAL G 114 9.62 -3.83 62.99
N PRO G 115 9.70 -2.51 63.21
CA PRO G 115 8.66 -1.51 62.96
C PRO G 115 8.22 -1.28 61.54
N LEU G 116 6.92 -1.12 61.37
CA LEU G 116 6.37 -0.81 60.06
C LEU G 116 6.04 0.67 60.11
N ALA G 117 6.89 1.48 59.49
CA ALA G 117 6.68 2.91 59.47
C ALA G 117 5.28 3.21 58.97
N GLY G 118 4.61 4.15 59.64
CA GLY G 118 3.27 4.54 59.21
C GLY G 118 2.11 3.77 59.78
N THR G 119 2.40 2.82 60.67
CA THR G 119 1.36 2.01 61.28
C THR G 119 1.26 2.32 62.76
N ASP G 120 0.22 1.78 63.39
CA ASP G 120 0.01 2.00 64.82
C ASP G 120 0.81 0.98 65.61
N GLY G 121 2.12 1.17 65.64
CA GLY G 121 3.00 0.27 66.37
C GLY G 121 2.96 -1.17 65.87
N GLU G 122 2.80 -1.34 64.57
CA GLU G 122 2.76 -2.68 64.01
C GLU G 122 4.14 -3.06 63.54
N THR G 123 4.35 -4.33 63.27
CA THR G 123 5.66 -4.78 62.86
C THR G 123 5.65 -5.76 61.71
N THR G 124 6.85 -6.26 61.44
CA THR G 124 7.10 -7.26 60.43
C THR G 124 8.35 -7.94 60.98
N THR G 125 8.85 -8.93 60.27
CA THR G 125 10.00 -9.66 60.78
C THR G 125 11.16 -9.68 59.80
N GLN G 126 12.38 -9.64 60.33
CA GLN G 126 13.54 -9.68 59.46
C GLN G 126 14.29 -10.98 59.68
N GLY G 127 15.19 -11.31 58.74
CA GLY G 127 15.96 -12.52 58.86
C GLY G 127 16.26 -13.13 57.50
N LEU G 128 15.60 -12.62 56.46
CA LEU G 128 15.78 -13.13 55.11
C LEU G 128 17.18 -13.00 54.54
N ASP G 129 17.93 -11.98 54.95
CA ASP G 129 19.28 -11.83 54.41
C ASP G 129 20.17 -13.02 54.75
N GLY G 130 20.69 -13.66 53.71
CA GLY G 130 21.56 -14.81 53.89
C GLY G 130 20.88 -16.07 54.42
N LEU G 131 19.57 -16.03 54.57
CA LEU G 131 18.85 -17.19 55.10
C LEU G 131 19.13 -18.49 54.35
N SER G 132 19.28 -18.42 53.04
CA SER G 132 19.55 -19.63 52.28
C SER G 132 20.85 -20.31 52.71
N GLU G 133 21.92 -19.52 52.84
CA GLU G 133 23.22 -20.05 53.25
C GLU G 133 23.08 -20.64 54.65
N ARG G 134 22.39 -19.91 55.50
CA ARG G 134 22.19 -20.34 56.87
C ARG G 134 21.44 -21.65 56.96
N CYS G 135 20.39 -21.78 56.15
CA CYS G 135 19.61 -23.00 56.17
C CYS G 135 20.49 -24.15 55.75
N ALA G 136 21.19 -23.97 54.65
CA ALA G 136 22.09 -24.98 54.15
C ALA G 136 23.00 -25.47 55.28
N GLN G 137 23.49 -24.53 56.08
CA GLN G 137 24.37 -24.83 57.21
C GLN G 137 23.65 -25.59 58.30
N TYR G 138 22.52 -25.04 58.73
CA TYR G 138 21.74 -25.67 59.78
C TYR G 138 21.35 -27.08 59.41
N LYS G 139 21.01 -27.29 58.14
CA LYS G 139 20.64 -28.62 57.69
C LYS G 139 21.86 -29.49 57.89
N LYS G 140 23.00 -29.00 57.43
CA LYS G 140 24.27 -29.71 57.54
C LYS G 140 24.61 -30.01 59.00
N ASP G 141 23.98 -29.29 59.92
CA ASP G 141 24.25 -29.52 61.33
C ASP G 141 23.16 -30.31 62.05
N GLY G 142 22.24 -30.89 61.28
CA GLY G 142 21.19 -31.70 61.88
C GLY G 142 19.77 -31.17 61.96
N ALA G 143 19.55 -29.95 61.49
CA ALA G 143 18.20 -29.39 61.53
C ALA G 143 17.42 -29.83 60.31
N ASP G 144 16.12 -30.06 60.49
CA ASP G 144 15.27 -30.49 59.38
C ASP G 144 14.05 -29.60 59.25
N PHE G 145 13.89 -28.69 60.21
CA PHE G 145 12.77 -27.77 60.15
C PHE G 145 13.14 -26.47 60.84
N ALA G 146 12.45 -25.38 60.50
CA ALA G 146 12.76 -24.08 61.09
C ALA G 146 11.51 -23.35 61.55
N LYS G 147 11.71 -22.25 62.26
CA LYS G 147 10.60 -21.44 62.75
C LYS G 147 10.91 -19.97 62.50
N TRP G 148 9.89 -19.22 62.09
CA TRP G 148 10.00 -17.80 61.81
C TRP G 148 8.77 -17.17 62.43
N ARG G 149 8.93 -16.23 63.34
CA ARG G 149 7.76 -15.64 63.97
C ARG G 149 7.38 -14.24 63.55
N CYS G 150 6.18 -14.08 62.99
CA CYS G 150 5.67 -12.77 62.62
C CYS G 150 4.69 -12.46 63.74
N VAL G 151 4.43 -11.18 63.98
CA VAL G 151 3.52 -10.84 65.05
C VAL G 151 2.50 -9.82 64.63
N LEU G 152 1.22 -10.16 64.79
CA LEU G 152 0.14 -9.26 64.45
C LEU G 152 -0.53 -8.87 65.77
N LYS G 153 -1.23 -7.74 65.79
CA LYS G 153 -1.86 -7.24 67.01
C LYS G 153 -3.31 -6.86 66.74
N ILE G 154 -4.20 -7.05 67.72
CA ILE G 154 -5.59 -6.68 67.51
C ILE G 154 -5.97 -5.45 68.33
N SER G 155 -6.51 -4.44 67.65
CA SER G 155 -6.94 -3.19 68.26
C SER G 155 -8.00 -2.57 67.34
N GLU G 156 -8.47 -1.36 67.65
CA GLU G 156 -9.50 -0.71 66.84
C GLU G 156 -9.13 -0.74 65.37
N ARG G 157 -7.84 -0.69 65.08
CA ARG G 157 -7.41 -0.70 63.71
C ARG G 157 -5.98 -1.18 63.59
N THR G 158 -5.72 -2.43 63.98
CA THR G 158 -4.35 -2.90 63.94
C THR G 158 -3.93 -3.88 62.88
N PRO G 159 -4.52 -5.08 62.84
CA PRO G 159 -4.01 -5.92 61.75
C PRO G 159 -4.41 -5.18 60.48
N SER G 160 -3.55 -4.25 60.06
CA SER G 160 -3.77 -3.40 58.90
C SER G 160 -3.38 -4.07 57.60
N ALA G 161 -4.04 -3.65 56.52
CA ALA G 161 -3.76 -4.22 55.22
C ALA G 161 -2.26 -4.38 55.07
N LEU G 162 -1.51 -3.33 55.41
CA LEU G 162 -0.07 -3.40 55.28
C LEU G 162 0.52 -4.52 56.13
N ALA G 163 0.21 -4.52 57.42
CA ALA G 163 0.70 -5.54 58.34
C ALA G 163 0.36 -6.96 57.87
N ILE G 164 -0.84 -7.14 57.35
CA ILE G 164 -1.23 -8.44 56.88
C ILE G 164 -0.50 -8.75 55.57
N LEU G 165 -0.50 -7.78 54.65
CA LEU G 165 0.17 -7.91 53.35
C LEU G 165 1.62 -8.32 53.60
N GLU G 166 2.39 -7.45 54.25
CA GLU G 166 3.77 -7.77 54.60
C GLU G 166 3.52 -8.84 55.64
N ASN G 167 4.53 -9.52 56.12
CA ASN G 167 4.31 -10.59 57.11
C ASN G 167 3.85 -11.81 56.34
N ALA G 168 2.64 -11.75 55.79
CA ALA G 168 2.16 -12.87 55.00
C ALA G 168 3.20 -13.10 53.91
N ASN G 169 3.69 -12.00 53.35
CA ASN G 169 4.67 -12.09 52.30
C ASN G 169 6.02 -12.56 52.84
N VAL G 170 6.44 -12.02 53.97
CA VAL G 170 7.72 -12.42 54.55
C VAL G 170 7.71 -13.90 54.86
N LEU G 171 6.62 -14.36 55.46
CA LEU G 171 6.51 -15.77 55.78
C LEU G 171 6.73 -16.57 54.52
N ALA G 172 6.02 -16.22 53.45
CA ALA G 172 6.13 -16.94 52.19
C ALA G 172 7.57 -16.96 51.70
N ARG G 173 8.27 -15.84 51.80
CA ARG G 173 9.67 -15.78 51.37
C ARG G 173 10.48 -16.79 52.18
N TYR G 174 10.42 -16.63 53.49
CA TYR G 174 11.13 -17.51 54.42
C TYR G 174 10.83 -18.98 54.10
N ALA G 175 9.55 -19.32 53.98
CA ALA G 175 9.14 -20.68 53.67
C ALA G 175 9.79 -21.17 52.39
N SER G 176 9.67 -20.39 51.33
CA SER G 176 10.24 -20.73 50.03
C SER G 176 11.73 -21.07 50.14
N ILE G 177 12.48 -20.22 50.84
CA ILE G 177 13.92 -20.40 51.01
C ILE G 177 14.26 -21.65 51.80
N CYS G 178 13.51 -21.94 52.85
CA CYS G 178 13.76 -23.13 53.65
C CYS G 178 13.62 -24.38 52.80
N GLN G 179 12.50 -24.48 52.08
CA GLN G 179 12.26 -25.66 51.29
C GLN G 179 13.31 -25.93 50.22
N GLN G 180 13.86 -24.89 49.59
CA GLN G 180 14.85 -25.17 48.57
C GLN G 180 16.15 -25.65 49.23
N ASN G 181 16.17 -25.67 50.57
CA ASN G 181 17.32 -26.14 51.35
C ASN G 181 16.99 -27.40 52.18
N GLY G 182 15.94 -28.10 51.76
CA GLY G 182 15.53 -29.31 52.45
C GLY G 182 15.13 -29.10 53.91
N ILE G 183 14.55 -27.96 54.22
CA ILE G 183 14.12 -27.68 55.58
C ILE G 183 12.65 -27.31 55.66
N VAL G 184 11.91 -28.08 56.44
CA VAL G 184 10.49 -27.81 56.60
C VAL G 184 10.30 -26.53 57.38
N PRO G 185 9.53 -25.58 56.85
CA PRO G 185 9.32 -24.33 57.57
C PRO G 185 8.03 -24.28 58.37
N ILE G 186 8.12 -23.79 59.59
CA ILE G 186 6.92 -23.64 60.42
C ILE G 186 6.53 -22.18 60.20
N VAL G 187 5.37 -21.98 59.60
CA VAL G 187 4.88 -20.64 59.33
C VAL G 187 4.12 -20.16 60.56
N GLU G 188 4.69 -19.20 61.28
CA GLU G 188 4.06 -18.71 62.49
C GLU G 188 3.53 -17.28 62.46
N PRO G 189 2.25 -17.12 62.09
CA PRO G 189 1.62 -15.79 62.02
C PRO G 189 0.89 -15.61 63.35
N GLU G 190 1.61 -15.21 64.40
CA GLU G 190 0.98 -15.05 65.70
C GLU G 190 0.19 -13.78 65.91
N ILE G 191 -1.11 -13.94 66.15
CA ILE G 191 -1.97 -12.81 66.42
C ILE G 191 -2.04 -12.69 67.95
N LEU G 192 -1.32 -11.73 68.52
CA LEU G 192 -1.29 -11.54 69.98
C LEU G 192 -2.68 -11.44 70.62
N PRO G 193 -2.79 -11.84 71.89
CA PRO G 193 -4.01 -11.82 72.71
C PRO G 193 -4.27 -10.49 73.37
N ASP G 194 -3.26 -9.63 73.43
CA ASP G 194 -3.42 -8.33 74.06
C ASP G 194 -4.66 -7.62 73.56
N GLY G 195 -5.40 -7.02 74.48
CA GLY G 195 -6.60 -6.31 74.10
C GLY G 195 -7.81 -6.81 74.87
N ASP G 196 -8.94 -6.15 74.68
CA ASP G 196 -10.18 -6.54 75.37
C ASP G 196 -11.20 -7.07 74.37
N HIS G 197 -10.74 -7.55 73.21
CA HIS G 197 -11.65 -8.08 72.19
C HIS G 197 -12.20 -9.45 72.59
N ASP G 198 -13.41 -9.75 72.12
CA ASP G 198 -14.06 -11.02 72.46
C ASP G 198 -13.65 -12.12 71.49
N LEU G 199 -14.05 -13.35 71.80
CA LEU G 199 -13.71 -14.49 70.96
C LEU G 199 -14.08 -14.26 69.49
N LYS G 200 -15.30 -13.79 69.23
CA LYS G 200 -15.76 -13.51 67.87
C LYS G 200 -14.69 -12.78 67.06
N ARG G 201 -14.25 -11.64 67.57
CA ARG G 201 -13.26 -10.82 66.87
C ARG G 201 -11.96 -11.55 66.58
N CYS G 202 -11.43 -12.26 67.57
CA CYS G 202 -10.19 -12.98 67.35
C CYS G 202 -10.34 -14.00 66.24
N GLN G 203 -11.50 -14.63 66.19
CA GLN G 203 -11.73 -15.62 65.16
C GLN G 203 -11.70 -14.92 63.80
N TYR G 204 -12.42 -13.80 63.71
CA TYR G 204 -12.50 -13.01 62.48
C TYR G 204 -11.10 -12.67 61.98
N VAL G 205 -10.36 -11.96 62.82
CA VAL G 205 -9.02 -11.56 62.46
C VAL G 205 -8.17 -12.76 62.10
N THR G 206 -8.25 -13.83 62.90
CA THR G 206 -7.46 -15.02 62.61
C THR G 206 -7.78 -15.55 61.22
N GLU G 207 -9.07 -15.58 60.89
CA GLU G 207 -9.47 -16.08 59.59
C GLU G 207 -8.90 -15.22 58.46
N LYS G 208 -8.98 -13.91 58.60
CA LYS G 208 -8.45 -13.02 57.55
C LYS G 208 -6.94 -13.14 57.42
N VAL G 209 -6.24 -13.18 58.53
CA VAL G 209 -4.79 -13.29 58.50
C VAL G 209 -4.38 -14.59 57.81
N LEU G 210 -4.93 -15.71 58.26
CA LEU G 210 -4.57 -16.97 57.65
C LEU G 210 -4.89 -16.98 56.15
N ALA G 211 -6.08 -16.52 55.79
CA ALA G 211 -6.47 -16.47 54.40
C ALA G 211 -5.41 -15.76 53.55
N ALA G 212 -4.81 -14.72 54.10
CA ALA G 212 -3.79 -13.98 53.39
C ALA G 212 -2.52 -14.79 53.36
N VAL G 213 -2.15 -15.35 54.50
CA VAL G 213 -0.94 -16.15 54.60
C VAL G 213 -0.89 -17.26 53.58
N TYR G 214 -1.99 -17.99 53.39
CA TYR G 214 -1.94 -19.08 52.43
C TYR G 214 -1.92 -18.62 50.99
N LYS G 215 -2.60 -17.50 50.70
CA LYS G 215 -2.58 -16.99 49.33
C LYS G 215 -1.16 -16.59 49.01
N ALA G 216 -0.45 -16.05 50.00
CA ALA G 216 0.93 -15.64 49.83
C ALA G 216 1.79 -16.86 49.53
N LEU G 217 1.65 -17.88 50.36
CA LEU G 217 2.41 -19.09 50.16
C LEU G 217 2.20 -19.58 48.75
N SER G 218 0.96 -19.53 48.27
CA SER G 218 0.66 -19.95 46.90
C SER G 218 1.48 -19.15 45.90
N ASP G 219 1.39 -17.82 46.04
CA ASP G 219 2.09 -16.91 45.16
C ASP G 219 3.58 -17.19 45.10
N HIS G 220 4.16 -17.58 46.23
CA HIS G 220 5.58 -17.85 46.28
C HIS G 220 5.96 -19.29 45.97
N HIS G 221 4.97 -20.06 45.53
CA HIS G 221 5.16 -21.45 45.17
C HIS G 221 5.64 -22.32 46.32
N VAL G 222 5.19 -22.05 47.54
CA VAL G 222 5.59 -22.85 48.69
C VAL G 222 4.83 -24.18 48.65
N TYR G 223 5.55 -25.27 48.93
CA TYR G 223 5.00 -26.64 48.93
C TYR G 223 4.26 -26.86 50.25
N LEU G 224 2.94 -26.72 50.22
CA LEU G 224 2.15 -26.86 51.43
C LEU G 224 2.36 -28.12 52.25
N GLU G 225 2.34 -29.28 51.60
CA GLU G 225 2.51 -30.54 52.32
C GLU G 225 3.90 -30.70 52.94
N GLY G 226 4.73 -29.67 52.81
CA GLY G 226 6.06 -29.70 53.37
C GLY G 226 6.25 -28.52 54.31
N THR G 227 5.16 -28.11 54.95
CA THR G 227 5.17 -27.00 55.87
C THR G 227 4.34 -27.33 57.08
N LEU G 228 4.32 -26.42 58.05
CA LEU G 228 3.53 -26.59 59.25
C LEU G 228 3.05 -25.21 59.65
N LEU G 229 1.87 -25.14 60.25
CA LEU G 229 1.32 -23.85 60.67
C LEU G 229 1.31 -23.74 62.20
N LYS G 230 1.91 -22.68 62.71
CA LYS G 230 1.97 -22.46 64.14
C LYS G 230 1.18 -21.19 64.43
N PRO G 231 -0.15 -21.29 64.47
CA PRO G 231 -1.00 -20.13 64.75
C PRO G 231 -1.34 -20.03 66.20
N ASN G 232 -2.07 -18.99 66.54
CA ASN G 232 -2.51 -18.76 67.89
C ASN G 232 -3.87 -19.46 67.95
N MET G 233 -4.31 -19.94 69.10
CA MET G 233 -5.64 -20.53 69.16
C MET G 233 -6.52 -19.30 69.16
N VAL G 234 -7.71 -19.36 68.57
CA VAL G 234 -8.53 -18.17 68.62
C VAL G 234 -9.14 -18.12 70.00
N THR G 235 -8.89 -17.00 70.71
CA THR G 235 -9.37 -16.80 72.07
C THR G 235 -9.57 -15.31 72.33
N PRO G 236 -10.31 -14.97 73.40
CA PRO G 236 -10.59 -13.58 73.76
C PRO G 236 -9.29 -12.89 74.14
N GLY G 237 -9.32 -11.56 74.16
CA GLY G 237 -8.14 -10.82 74.54
C GLY G 237 -7.89 -10.98 76.02
N HIS G 238 -6.63 -10.90 76.45
CA HIS G 238 -6.30 -11.05 77.87
C HIS G 238 -7.23 -10.22 78.72
N ALA G 239 -7.58 -9.04 78.21
CA ALA G 239 -8.45 -8.11 78.93
C ALA G 239 -9.94 -8.28 78.67
N CYS G 240 -10.35 -9.33 77.95
CA CYS G 240 -11.78 -9.50 77.74
C CYS G 240 -12.40 -10.01 79.03
N PRO G 241 -13.50 -9.40 79.45
CA PRO G 241 -14.21 -9.76 80.68
C PRO G 241 -14.92 -11.12 80.58
N ILE G 242 -15.47 -11.39 79.40
CA ILE G 242 -16.21 -12.62 79.13
C ILE G 242 -15.44 -13.91 79.35
N LYS G 243 -16.14 -14.90 79.91
CA LYS G 243 -15.55 -16.20 80.19
C LYS G 243 -16.00 -17.18 79.12
N TYR G 244 -15.08 -18.02 78.64
CA TYR G 244 -15.40 -18.99 77.60
C TYR G 244 -14.99 -20.42 77.93
N THR G 245 -15.78 -21.37 77.44
CA THR G 245 -15.53 -22.79 77.65
C THR G 245 -14.39 -23.20 76.75
N PRO G 246 -13.53 -24.13 77.20
CA PRO G 246 -12.45 -24.54 76.31
C PRO G 246 -13.14 -25.18 75.12
N GLU G 247 -14.42 -25.52 75.30
CA GLU G 247 -15.21 -26.10 74.22
C GLU G 247 -15.41 -24.99 73.20
N GLU G 248 -15.87 -23.84 73.69
CA GLU G 248 -16.12 -22.67 72.85
C GLU G 248 -14.87 -22.22 72.12
N ILE G 249 -13.73 -22.28 72.81
CA ILE G 249 -12.48 -21.89 72.20
C ILE G 249 -12.12 -22.87 71.10
N ALA G 250 -12.27 -24.15 71.39
CA ALA G 250 -11.96 -25.19 70.41
C ALA G 250 -12.85 -25.03 69.19
N MET G 251 -14.12 -24.71 69.44
CA MET G 251 -15.09 -24.54 68.37
C MET G 251 -14.66 -23.42 67.41
N ALA G 252 -14.29 -22.27 67.95
CA ALA G 252 -13.88 -21.15 67.13
C ALA G 252 -12.56 -21.41 66.42
N THR G 253 -11.61 -21.95 67.16
CA THR G 253 -10.30 -22.27 66.62
C THR G 253 -10.38 -23.23 65.45
N VAL G 254 -11.12 -24.32 65.61
CA VAL G 254 -11.22 -25.29 64.53
C VAL G 254 -12.01 -24.70 63.35
N THR G 255 -13.05 -23.93 63.64
CA THR G 255 -13.82 -23.35 62.54
C THR G 255 -12.91 -22.46 61.73
N ALA G 256 -12.18 -21.58 62.40
CA ALA G 256 -11.29 -20.66 61.72
C ALA G 256 -10.31 -21.43 60.83
N LEU G 257 -9.63 -22.40 61.42
CA LEU G 257 -8.67 -23.19 60.67
C LEU G 257 -9.26 -23.91 59.48
N ARG G 258 -10.46 -24.47 59.62
CA ARG G 258 -11.02 -25.19 58.49
C ARG G 258 -11.68 -24.32 57.45
N ARG G 259 -11.56 -23.01 57.61
CA ARG G 259 -12.10 -22.06 56.64
C ARG G 259 -10.95 -21.46 55.87
N THR G 260 -9.73 -21.78 56.29
CA THR G 260 -8.56 -21.19 55.68
C THR G 260 -7.39 -22.12 55.35
N VAL G 261 -7.12 -23.09 56.20
CA VAL G 261 -5.97 -23.98 55.94
C VAL G 261 -6.27 -25.10 54.94
N PRO G 262 -5.50 -25.20 53.85
CA PRO G 262 -5.81 -26.29 52.93
C PRO G 262 -5.49 -27.65 53.53
N PRO G 263 -6.27 -28.68 53.16
CA PRO G 263 -6.11 -30.06 53.64
C PRO G 263 -4.69 -30.55 53.49
N ALA G 264 -3.98 -30.01 52.51
CA ALA G 264 -2.61 -30.42 52.24
C ALA G 264 -1.62 -30.13 53.37
N VAL G 265 -1.94 -29.18 54.23
CA VAL G 265 -1.03 -28.88 55.33
C VAL G 265 -1.11 -30.06 56.30
N PRO G 266 0.03 -30.73 56.53
CA PRO G 266 0.11 -31.89 57.44
C PRO G 266 -0.33 -31.63 58.86
N GLY G 267 0.07 -30.51 59.44
CA GLY G 267 -0.33 -30.27 60.81
C GLY G 267 -0.26 -28.83 61.27
N VAL G 268 -1.07 -28.52 62.27
CA VAL G 268 -1.12 -27.19 62.84
C VAL G 268 -0.57 -27.35 64.26
N THR G 269 0.55 -26.70 64.56
CA THR G 269 1.13 -26.81 65.89
C THR G 269 0.87 -25.52 66.67
N PHE G 270 -0.23 -25.48 67.42
CA PHE G 270 -0.58 -24.29 68.18
C PHE G 270 0.50 -23.76 69.10
N LEU G 271 0.45 -22.46 69.33
CA LEU G 271 1.39 -21.79 70.22
C LEU G 271 0.66 -21.53 71.54
N SER G 272 1.33 -21.85 72.65
CA SER G 272 0.73 -21.68 73.97
C SER G 272 0.37 -20.23 74.28
N GLY G 273 1.09 -19.30 73.67
CA GLY G 273 0.81 -17.89 73.90
C GLY G 273 0.94 -17.51 75.36
N GLY G 274 -0.09 -16.86 75.89
CA GLY G 274 -0.05 -16.46 77.29
C GLY G 274 -0.78 -17.43 78.21
N GLN G 275 -1.23 -18.55 77.65
CA GLN G 275 -1.96 -19.55 78.42
C GLN G 275 -1.07 -20.20 79.47
N SER G 276 -1.70 -20.73 80.52
CA SER G 276 -1.01 -21.41 81.61
C SER G 276 -0.75 -22.84 81.16
N GLU G 277 0.14 -23.55 81.85
CA GLU G 277 0.44 -24.92 81.45
C GLU G 277 -0.83 -25.74 81.28
N GLU G 278 -1.79 -25.55 82.19
CA GLU G 278 -3.04 -26.28 82.12
C GLU G 278 -3.96 -25.76 81.04
N GLU G 279 -4.14 -24.45 81.02
CA GLU G 279 -4.98 -23.79 80.04
C GLU G 279 -4.65 -24.29 78.62
N ALA G 280 -3.36 -24.39 78.32
CA ALA G 280 -2.92 -24.84 77.01
C ALA G 280 -3.35 -26.29 76.79
N SER G 281 -3.07 -27.14 77.77
CA SER G 281 -3.41 -28.56 77.69
C SER G 281 -4.92 -28.77 77.53
N PHE G 282 -5.70 -28.08 78.36
CA PHE G 282 -7.16 -28.20 78.31
C PHE G 282 -7.69 -27.78 76.95
N ASN G 283 -7.31 -26.58 76.53
CA ASN G 283 -7.73 -26.04 75.25
C ASN G 283 -7.32 -26.96 74.10
N LEU G 284 -6.07 -27.42 74.11
CA LEU G 284 -5.62 -28.31 73.03
C LEU G 284 -6.48 -29.56 73.02
N ASN G 285 -6.70 -30.14 74.20
CA ASN G 285 -7.50 -31.34 74.30
C ASN G 285 -8.89 -31.07 73.71
N ALA G 286 -9.52 -30.00 74.19
CA ALA G 286 -10.84 -29.62 73.71
C ALA G 286 -10.86 -29.56 72.19
N ILE G 287 -9.84 -28.92 71.62
CA ILE G 287 -9.73 -28.78 70.18
C ILE G 287 -9.76 -30.16 69.52
N ASN G 288 -8.93 -31.07 70.02
CA ASN G 288 -8.88 -32.41 69.47
C ASN G 288 -10.14 -33.22 69.76
N ARG G 289 -11.08 -32.62 70.50
CA ARG G 289 -12.32 -33.30 70.80
C ARG G 289 -13.49 -32.57 70.16
N CYS G 290 -13.18 -31.53 69.38
CA CYS G 290 -14.19 -30.76 68.68
C CYS G 290 -14.89 -31.66 67.66
N PRO G 291 -16.22 -31.54 67.55
CA PRO G 291 -17.06 -32.32 66.63
C PRO G 291 -16.66 -32.17 65.17
N LEU G 292 -16.29 -30.96 64.79
CA LEU G 292 -15.89 -30.67 63.42
C LEU G 292 -14.71 -31.53 62.97
N PRO G 293 -14.72 -31.95 61.70
CA PRO G 293 -13.68 -32.77 61.08
C PRO G 293 -12.40 -31.98 60.86
N ARG G 294 -11.24 -32.62 61.03
CA ARG G 294 -9.97 -31.93 60.84
C ARG G 294 -9.01 -32.75 59.99
N PRO G 295 -8.73 -32.28 58.77
CA PRO G 295 -7.83 -32.93 57.80
C PRO G 295 -6.36 -32.91 58.19
N TRP G 296 -6.04 -32.24 59.28
CA TRP G 296 -4.66 -32.09 59.72
C TRP G 296 -4.42 -32.36 61.19
N ALA G 297 -3.18 -32.63 61.53
CA ALA G 297 -2.82 -32.87 62.91
C ALA G 297 -3.09 -31.58 63.68
N LEU G 298 -3.57 -31.69 64.90
CA LEU G 298 -3.79 -30.49 65.69
C LEU G 298 -3.06 -30.69 67.00
N THR G 299 -1.73 -30.47 67.01
CA THR G 299 -1.01 -30.63 68.26
C THR G 299 -0.48 -29.30 68.79
N PHE G 300 0.65 -29.36 69.47
CA PHE G 300 1.24 -28.18 70.10
C PHE G 300 2.68 -27.88 69.69
N SER G 301 3.07 -26.63 69.88
CA SER G 301 4.43 -26.15 69.65
C SER G 301 4.52 -25.16 70.78
N TYR G 302 4.58 -25.70 71.99
CA TYR G 302 4.62 -24.92 73.21
C TYR G 302 5.99 -24.50 73.71
N GLY G 303 6.04 -23.31 74.29
CA GLY G 303 7.27 -22.79 74.82
C GLY G 303 7.17 -22.79 76.33
N ARG G 304 6.49 -21.79 76.89
CA ARG G 304 6.38 -21.72 78.33
C ARG G 304 5.46 -22.81 78.84
N ALA G 305 4.37 -23.06 78.12
CA ALA G 305 3.41 -24.08 78.54
C ALA G 305 3.99 -25.47 78.76
N LEU G 306 5.26 -25.65 78.39
CA LEU G 306 5.94 -26.92 78.58
C LEU G 306 7.03 -26.82 79.63
N GLN G 307 7.56 -25.63 79.82
CA GLN G 307 8.65 -25.47 80.77
C GLN G 307 8.44 -24.51 81.93
N ALA G 308 7.20 -24.07 82.15
CA ALA G 308 6.96 -23.14 83.24
C ALA G 308 7.33 -23.76 84.57
N SER G 309 6.58 -24.79 84.95
CA SER G 309 6.83 -25.48 86.21
C SER G 309 8.23 -26.08 86.22
N ALA G 310 8.68 -26.57 85.08
CA ALA G 310 10.01 -27.15 85.00
C ALA G 310 11.05 -26.14 85.44
N LEU G 311 10.96 -24.95 84.87
CA LEU G 311 11.87 -23.85 85.16
C LEU G 311 11.73 -23.44 86.62
N ASN G 312 10.49 -23.41 87.08
CA ASN G 312 10.19 -23.03 88.44
C ASN G 312 10.78 -23.99 89.46
N ALA G 313 10.85 -25.27 89.08
CA ALA G 313 11.40 -26.31 89.94
C ALA G 313 12.92 -26.20 89.98
N TRP G 314 13.55 -26.23 88.80
CA TRP G 314 14.99 -26.13 88.70
C TRP G 314 15.52 -25.02 89.58
N ARG G 315 14.99 -23.82 89.36
CA ARG G 315 15.37 -22.66 90.15
C ARG G 315 16.88 -22.40 90.16
N GLY G 316 17.58 -22.93 89.16
CA GLY G 316 19.01 -22.75 89.06
C GLY G 316 19.84 -23.74 89.85
N GLN G 317 19.20 -24.52 90.72
CA GLN G 317 19.89 -25.49 91.55
C GLN G 317 20.26 -26.78 90.83
N ARG G 318 21.52 -27.20 90.96
CA ARG G 318 21.97 -28.42 90.30
C ARG G 318 21.24 -29.66 90.80
N ASP G 319 20.77 -29.61 92.04
CA ASP G 319 20.05 -30.74 92.63
C ASP G 319 18.66 -30.84 92.05
N ASN G 320 17.99 -29.69 91.95
CA ASN G 320 16.63 -29.63 91.43
C ASN G 320 16.52 -30.02 89.96
N ALA G 321 17.67 -30.26 89.32
CA ALA G 321 17.72 -30.65 87.92
C ALA G 321 16.72 -31.75 87.56
N GLY G 322 16.84 -32.89 88.24
CA GLY G 322 15.96 -34.02 87.98
C GLY G 322 14.48 -33.72 88.18
N ALA G 323 14.18 -32.94 89.21
CA ALA G 323 12.80 -32.58 89.49
C ALA G 323 12.29 -31.72 88.35
N ALA G 324 13.12 -30.76 87.93
CA ALA G 324 12.78 -29.86 86.84
C ALA G 324 12.46 -30.71 85.62
N THR G 325 13.37 -31.62 85.30
CA THR G 325 13.20 -32.50 84.15
C THR G 325 11.89 -33.28 84.23
N GLU G 326 11.50 -33.64 85.44
CA GLU G 326 10.25 -34.37 85.63
C GLU G 326 9.07 -33.47 85.31
N GLU G 327 9.11 -32.25 85.83
CA GLU G 327 8.03 -31.30 85.60
C GLU G 327 7.80 -31.15 84.10
N PHE G 328 8.88 -31.13 83.34
CA PHE G 328 8.81 -31.00 81.90
C PHE G 328 8.18 -32.25 81.28
N ILE G 329 8.81 -33.40 81.50
CA ILE G 329 8.29 -34.66 80.98
C ILE G 329 6.81 -34.82 81.29
N LYS G 330 6.40 -34.33 82.45
CA LYS G 330 4.99 -34.42 82.85
C LYS G 330 4.13 -33.68 81.85
N ARG G 331 4.38 -32.38 81.69
CA ARG G 331 3.62 -31.56 80.75
C ARG G 331 3.75 -32.08 79.33
N ALA G 332 4.96 -32.52 78.96
CA ALA G 332 5.16 -33.05 77.62
C ALA G 332 4.22 -34.23 77.37
N GLU G 333 4.07 -35.07 78.39
CA GLU G 333 3.21 -36.24 78.24
C GLU G 333 1.74 -35.88 78.19
N VAL G 334 1.29 -35.03 79.10
CA VAL G 334 -0.12 -34.64 79.11
C VAL G 334 -0.51 -33.99 77.78
N ASN G 335 0.33 -33.10 77.29
CA ASN G 335 0.03 -32.42 76.04
C ASN G 335 0.05 -33.41 74.90
N GLY G 336 0.86 -34.46 75.05
CA GLY G 336 0.93 -35.48 74.02
C GLY G 336 -0.42 -36.18 73.98
N LEU G 337 -1.11 -36.18 75.12
CA LEU G 337 -2.43 -36.79 75.23
C LEU G 337 -3.46 -35.83 74.70
N ALA G 338 -3.36 -34.58 75.11
CA ALA G 338 -4.28 -33.54 74.67
C ALA G 338 -4.24 -33.44 73.15
N ALA G 339 -3.10 -33.81 72.58
CA ALA G 339 -2.91 -33.77 71.14
C ALA G 339 -3.70 -34.88 70.46
N GLN G 340 -4.44 -35.65 71.25
CA GLN G 340 -5.26 -36.73 70.71
C GLN G 340 -6.63 -36.67 71.37
N GLY G 341 -6.86 -35.61 72.13
CA GLY G 341 -8.13 -35.43 72.81
C GLY G 341 -8.34 -36.42 73.93
N LYS G 342 -7.32 -37.23 74.19
CA LYS G 342 -7.42 -38.22 75.25
C LYS G 342 -6.67 -37.84 76.50
N TYR G 343 -7.00 -36.68 77.06
CA TYR G 343 -6.38 -36.22 78.28
C TYR G 343 -7.48 -35.90 79.25
N GLU G 344 -7.46 -36.51 80.43
CA GLU G 344 -8.49 -36.25 81.42
C GLU G 344 -7.90 -35.43 82.58
N HIS H 3 -6.62 4.92 60.09
CA HIS H 3 -5.53 4.12 59.49
C HIS H 3 -4.36 5.00 59.06
N SER H 4 -4.41 6.27 59.45
CA SER H 4 -3.38 7.25 59.13
C SER H 4 -2.56 7.66 60.36
N TYR H 5 -1.43 7.00 60.56
CA TYR H 5 -0.55 7.29 61.69
C TYR H 5 0.77 7.85 61.16
N PRO H 6 0.82 9.17 60.90
CA PRO H 6 1.95 9.94 60.38
C PRO H 6 3.33 9.30 60.49
N ALA H 7 3.79 8.77 59.36
CA ALA H 7 5.10 8.13 59.29
C ALA H 7 6.20 9.16 59.51
N LEU H 8 6.01 10.34 58.95
CA LEU H 8 6.99 11.41 59.07
C LEU H 8 6.38 12.71 59.55
N SER H 9 7.17 13.47 60.31
CA SER H 9 6.74 14.76 60.81
C SER H 9 6.89 15.74 59.67
N ALA H 10 6.38 16.94 59.86
CA ALA H 10 6.47 17.96 58.82
C ALA H 10 7.93 18.32 58.58
N GLU H 11 8.68 18.42 59.67
CA GLU H 11 10.09 18.75 59.59
C GLU H 11 10.81 17.71 58.75
N GLN H 12 10.57 16.44 59.07
CA GLN H 12 11.20 15.33 58.38
C GLN H 12 10.90 15.30 56.89
N LYS H 13 9.63 15.48 56.55
CA LYS H 13 9.24 15.46 55.15
C LYS H 13 10.04 16.55 54.43
N LYS H 14 10.17 17.71 55.09
CA LYS H 14 10.92 18.83 54.53
C LYS H 14 12.34 18.40 54.21
N GLU H 15 13.07 17.96 55.22
CA GLU H 15 14.45 17.52 55.05
C GLU H 15 14.61 16.57 53.87
N LEU H 16 13.72 15.60 53.77
CA LEU H 16 13.81 14.63 52.69
C LEU H 16 13.62 15.32 51.34
N SER H 17 12.53 16.08 51.22
CA SER H 17 12.24 16.78 49.98
C SER H 17 13.39 17.67 49.53
N ASP H 18 13.95 18.42 50.47
CA ASP H 18 15.07 19.30 50.15
C ASP H 18 16.21 18.45 49.59
N ILE H 19 16.69 17.51 50.38
CA ILE H 19 17.77 16.63 49.92
C ILE H 19 17.51 16.11 48.51
N ALA H 20 16.29 15.65 48.28
CA ALA H 20 15.94 15.10 46.98
C ALA H 20 16.15 16.12 45.88
N LEU H 21 15.57 17.30 46.06
CA LEU H 21 15.67 18.37 45.07
C LEU H 21 17.08 18.85 44.82
N ARG H 22 17.92 18.87 45.86
CA ARG H 22 19.29 19.31 45.67
C ARG H 22 19.98 18.37 44.70
N ILE H 23 19.77 17.08 44.90
CA ILE H 23 20.38 16.07 44.05
C ILE H 23 19.99 16.23 42.59
N VAL H 24 18.70 16.36 42.29
CA VAL H 24 18.29 16.49 40.90
C VAL H 24 18.17 17.90 40.37
N ALA H 25 18.76 18.85 41.08
CA ALA H 25 18.73 20.25 40.66
C ALA H 25 19.15 20.33 39.19
N PRO H 26 18.60 21.31 38.45
CA PRO H 26 18.85 21.55 37.03
C PRO H 26 20.28 21.32 36.57
N GLY H 27 20.44 20.63 35.44
CA GLY H 27 21.76 20.37 34.91
C GLY H 27 22.67 19.53 35.80
N LYS H 28 22.09 18.95 36.85
CA LYS H 28 22.85 18.11 37.77
C LYS H 28 22.40 16.63 37.72
N GLY H 29 23.37 15.75 37.90
CA GLY H 29 23.12 14.33 37.88
C GLY H 29 23.86 13.63 39.01
N ILE H 30 23.87 12.31 38.99
CA ILE H 30 24.51 11.52 40.04
C ILE H 30 25.66 10.67 39.55
N LEU H 31 26.77 10.69 40.29
CA LEU H 31 27.90 9.85 39.95
C LEU H 31 27.73 8.60 40.78
N ALA H 32 27.56 7.47 40.11
CA ALA H 32 27.37 6.21 40.81
C ALA H 32 28.70 5.47 40.91
N ALA H 33 29.39 5.66 42.03
CA ALA H 33 30.67 5.01 42.26
C ALA H 33 30.51 3.97 43.37
N ASP H 34 29.37 3.30 43.38
CA ASP H 34 29.06 2.30 44.40
C ASP H 34 29.42 0.88 43.96
N GLU H 35 30.44 0.74 43.12
CA GLU H 35 30.85 -0.57 42.64
C GLU H 35 31.34 -1.50 43.76
N SER H 36 30.65 -2.62 43.91
CA SER H 36 31.02 -3.62 44.91
C SER H 36 32.45 -4.06 44.66
N VAL H 37 33.14 -4.49 45.72
CA VAL H 37 34.51 -4.95 45.56
C VAL H 37 34.57 -6.06 44.52
N GLY H 38 33.44 -6.72 44.33
CA GLY H 38 33.37 -7.80 43.35
C GLY H 38 33.35 -7.26 41.94
N SER H 39 32.32 -6.47 41.60
CA SER H 39 32.22 -5.91 40.27
C SER H 39 33.42 -5.01 39.97
N MET H 40 34.01 -4.48 41.03
CA MET H 40 35.18 -3.62 40.88
C MET H 40 36.36 -4.44 40.38
N ALA H 41 36.38 -5.73 40.71
CA ALA H 41 37.46 -6.59 40.27
C ALA H 41 37.43 -6.69 38.75
N LYS H 42 36.23 -6.89 38.20
CA LYS H 42 36.09 -7.00 36.76
C LYS H 42 36.52 -5.74 36.03
N ARG H 43 36.09 -4.59 36.53
CA ARG H 43 36.45 -3.34 35.88
C ARG H 43 37.94 -3.06 35.93
N LEU H 44 38.56 -3.34 37.07
CA LEU H 44 39.99 -3.12 37.21
C LEU H 44 40.77 -4.09 36.32
N SER H 45 40.31 -5.33 36.25
CA SER H 45 41.00 -6.33 35.43
C SER H 45 41.12 -5.88 33.98
N GLN H 46 40.09 -5.23 33.45
CA GLN H 46 40.11 -4.78 32.07
C GLN H 46 41.24 -3.80 31.76
N ILE H 47 41.79 -3.16 32.80
CA ILE H 47 42.88 -2.20 32.61
C ILE H 47 44.12 -2.66 33.38
N GLY H 48 44.20 -3.96 33.66
CA GLY H 48 45.31 -4.50 34.43
C GLY H 48 44.88 -4.27 35.87
N VAL H 49 45.67 -3.53 36.63
CA VAL H 49 45.34 -3.19 38.01
C VAL H 49 44.80 -4.31 38.92
N GLU H 50 45.61 -4.71 39.90
CA GLU H 50 45.18 -5.74 40.85
C GLU H 50 44.03 -5.17 41.63
N ASN H 51 43.05 -6.00 41.97
CA ASN H 51 41.90 -5.52 42.71
C ASN H 51 42.19 -5.46 44.22
N THR H 52 42.97 -4.45 44.62
CA THR H 52 43.34 -4.21 46.02
C THR H 52 42.40 -3.17 46.62
N GLU H 53 42.42 -3.03 47.93
CA GLU H 53 41.60 -2.00 48.54
C GLU H 53 42.28 -0.71 48.15
N GLU H 54 43.60 -0.73 48.10
CA GLU H 54 44.36 0.44 47.75
C GLU H 54 44.09 0.87 46.31
N ASN H 55 44.22 -0.06 45.37
CA ASN H 55 43.98 0.30 43.98
C ASN H 55 42.59 0.88 43.79
N ARG H 56 41.65 0.45 44.63
CA ARG H 56 40.29 0.96 44.53
C ARG H 56 40.29 2.38 45.10
N ARG H 57 40.88 2.56 46.27
CA ARG H 57 40.94 3.88 46.88
C ARG H 57 41.59 4.84 45.89
N LEU H 58 42.66 4.40 45.26
CA LEU H 58 43.37 5.21 44.29
C LEU H 58 42.45 5.63 43.17
N TYR H 59 41.76 4.68 42.57
CA TYR H 59 40.85 4.99 41.49
C TYR H 59 39.71 5.91 41.92
N ARG H 60 39.07 5.61 43.05
CA ARG H 60 37.98 6.46 43.52
C ARG H 60 38.50 7.88 43.70
N GLN H 61 39.77 7.97 44.08
CA GLN H 61 40.40 9.25 44.29
C GLN H 61 40.44 10.02 42.98
N VAL H 62 40.77 9.33 41.90
CA VAL H 62 40.81 9.95 40.59
C VAL H 62 39.50 10.66 40.32
N LEU H 63 38.40 10.06 40.73
CA LEU H 63 37.09 10.65 40.52
C LEU H 63 36.80 11.79 41.48
N PHE H 64 36.95 11.53 42.77
CA PHE H 64 36.68 12.53 43.79
C PHE H 64 37.59 13.73 43.83
N SER H 65 38.72 13.65 43.14
CA SER H 65 39.64 14.76 43.14
C SER H 65 39.29 15.74 42.02
N ALA H 66 38.18 15.51 41.34
CA ALA H 66 37.75 16.41 40.27
C ALA H 66 37.59 17.81 40.89
N ASP H 67 37.87 18.84 40.09
CA ASP H 67 37.78 20.22 40.57
C ASP H 67 36.34 20.76 40.62
N ASP H 68 36.22 22.06 40.84
CA ASP H 68 34.92 22.73 40.96
C ASP H 68 33.97 22.74 39.77
N ARG H 69 34.43 22.42 38.57
CA ARG H 69 33.48 22.46 37.47
C ARG H 69 32.56 21.27 37.52
N VAL H 70 32.85 20.37 38.47
CA VAL H 70 32.05 19.17 38.65
C VAL H 70 30.82 19.55 39.47
N LYS H 71 30.89 20.70 40.13
CA LYS H 71 29.81 21.23 40.96
C LYS H 71 28.55 21.61 40.19
N LYS H 72 28.69 22.02 38.95
CA LYS H 72 27.53 22.41 38.17
C LYS H 72 26.75 21.23 37.60
N CYS H 73 27.42 20.10 37.41
CA CYS H 73 26.75 18.93 36.84
C CYS H 73 26.57 17.71 37.75
N ILE H 74 27.16 17.74 38.93
CA ILE H 74 27.02 16.61 39.84
C ILE H 74 26.29 17.01 41.12
N GLY H 75 25.07 16.54 41.25
CA GLY H 75 24.28 16.85 42.44
C GLY H 75 24.56 15.90 43.59
N GLY H 76 24.98 14.68 43.25
CA GLY H 76 25.26 13.69 44.28
C GLY H 76 26.19 12.58 43.83
N VAL H 77 26.80 11.91 44.81
CA VAL H 77 27.72 10.83 44.54
C VAL H 77 27.33 9.62 45.39
N ILE H 78 27.13 8.48 44.74
CA ILE H 78 26.75 7.26 45.45
C ILE H 78 28.02 6.49 45.80
N PHE H 79 28.28 6.32 47.09
CA PHE H 79 29.46 5.60 47.58
C PHE H 79 29.22 4.12 47.85
N PHE H 80 30.28 3.34 47.75
CA PHE H 80 30.19 1.94 48.09
C PHE H 80 30.68 1.97 49.54
N HIS H 81 30.04 1.22 50.42
CA HIS H 81 30.42 1.23 51.84
C HIS H 81 31.89 1.50 52.13
N GLU H 82 32.74 0.57 51.71
CA GLU H 82 34.19 0.67 51.88
C GLU H 82 34.65 2.10 51.63
N THR H 83 34.40 2.56 50.41
CA THR H 83 34.77 3.89 49.95
C THR H 83 34.32 5.04 50.86
N LEU H 84 33.12 4.92 51.43
CA LEU H 84 32.57 5.95 52.32
C LEU H 84 33.48 6.22 53.51
N TYR H 85 34.45 5.35 53.72
CA TYR H 85 35.34 5.52 54.86
C TYR H 85 36.81 5.63 54.45
N GLN H 86 37.05 5.79 53.15
CA GLN H 86 38.42 5.93 52.66
C GLN H 86 38.82 7.40 52.61
N LYS H 87 40.13 7.63 52.56
CA LYS H 87 40.65 8.99 52.50
C LYS H 87 41.62 9.14 51.34
N ASP H 88 41.82 10.37 50.90
CA ASP H 88 42.75 10.65 49.81
C ASP H 88 44.16 10.64 50.36
N ASP H 89 45.15 10.85 49.50
CA ASP H 89 46.53 10.82 49.95
C ASP H 89 46.88 11.87 50.99
N ASN H 90 46.04 12.89 51.14
CA ASN H 90 46.30 13.93 52.13
C ASN H 90 45.63 13.59 53.45
N GLY H 91 45.02 12.41 53.51
CA GLY H 91 44.35 11.98 54.73
C GLY H 91 42.98 12.61 54.87
N VAL H 92 42.44 13.11 53.75
CA VAL H 92 41.14 13.75 53.77
C VAL H 92 40.03 12.82 53.29
N PRO H 93 39.05 12.57 54.16
CA PRO H 93 37.90 11.71 53.88
C PRO H 93 37.24 12.08 52.56
N PHE H 94 37.11 11.09 51.67
CA PHE H 94 36.47 11.31 50.39
C PHE H 94 35.11 11.99 50.63
N VAL H 95 34.43 11.57 51.69
CA VAL H 95 33.13 12.14 52.02
C VAL H 95 33.26 13.64 52.26
N ARG H 96 34.27 14.00 53.06
CA ARG H 96 34.53 15.40 53.38
C ARG H 96 34.65 16.21 52.10
N THR H 97 35.53 15.78 51.21
CA THR H 97 35.74 16.45 49.94
C THR H 97 34.45 16.68 49.19
N ILE H 98 33.75 15.61 48.82
CA ILE H 98 32.49 15.74 48.09
C ILE H 98 31.55 16.69 48.83
N GLN H 99 31.50 16.57 50.16
CA GLN H 99 30.63 17.43 50.96
C GLN H 99 30.99 18.90 50.84
N ASP H 100 32.28 19.20 50.89
CA ASP H 100 32.73 20.58 50.79
C ASP H 100 32.35 21.22 49.46
N LYS H 101 32.27 20.42 48.39
CA LYS H 101 31.89 20.97 47.08
C LYS H 101 30.38 21.14 47.03
N GLY H 102 29.72 20.84 48.16
CA GLY H 102 28.28 20.97 48.22
C GLY H 102 27.51 19.87 47.51
N ILE H 103 28.21 18.81 47.13
CA ILE H 103 27.58 17.68 46.46
C ILE H 103 27.01 16.77 47.55
N VAL H 104 25.88 16.12 47.28
CA VAL H 104 25.26 15.25 48.28
C VAL H 104 25.89 13.86 48.29
N VAL H 105 26.01 13.28 49.50
CA VAL H 105 26.60 11.95 49.67
C VAL H 105 25.58 10.83 49.85
N GLY H 106 25.81 9.70 49.18
CA GLY H 106 24.90 8.57 49.29
C GLY H 106 25.62 7.23 49.37
N ILE H 107 24.93 6.18 49.83
CA ILE H 107 25.50 4.82 49.93
C ILE H 107 24.57 3.77 49.38
N LYS H 108 25.16 2.75 48.75
CA LYS H 108 24.43 1.60 48.24
C LYS H 108 24.18 0.84 49.55
N VAL H 109 22.96 0.41 49.81
CA VAL H 109 22.69 -0.31 51.05
C VAL H 109 22.19 -1.74 50.85
N ASP H 110 21.70 -2.05 49.65
CA ASP H 110 21.22 -3.40 49.38
C ASP H 110 22.39 -4.34 49.56
N LYS H 111 22.10 -5.59 49.90
CA LYS H 111 23.14 -6.57 50.11
C LYS H 111 23.10 -7.63 49.01
N GLY H 112 22.93 -7.18 47.77
CA GLY H 112 22.93 -8.12 46.67
C GLY H 112 21.64 -8.79 46.29
N VAL H 113 21.64 -9.31 45.07
CA VAL H 113 20.48 -9.96 44.51
C VAL H 113 20.50 -11.43 44.91
N VAL H 114 19.33 -12.03 45.02
CA VAL H 114 19.22 -13.45 45.37
C VAL H 114 18.11 -14.11 44.58
N PRO H 115 18.17 -15.44 44.43
CA PRO H 115 17.24 -16.30 43.70
C PRO H 115 15.82 -16.41 44.21
N LEU H 116 14.88 -16.40 43.28
CA LEU H 116 13.48 -16.57 43.63
C LEU H 116 13.16 -18.01 43.25
N ALA H 117 13.09 -18.88 44.26
CA ALA H 117 12.79 -20.28 44.02
C ALA H 117 11.52 -20.39 43.20
N GLY H 118 11.52 -21.27 42.21
CA GLY H 118 10.34 -21.48 41.40
C GLY H 118 10.17 -20.61 40.18
N THR H 119 11.15 -19.75 39.92
CA THR H 119 11.08 -18.85 38.77
C THR H 119 12.15 -19.22 37.77
N ASP H 120 12.08 -18.60 36.59
CA ASP H 120 13.05 -18.86 35.54
C ASP H 120 14.28 -17.98 35.74
N GLY H 121 15.07 -18.32 36.75
CA GLY H 121 16.28 -17.56 37.03
C GLY H 121 16.02 -16.11 37.40
N GLU H 122 14.91 -15.86 38.08
CA GLU H 122 14.60 -14.50 38.49
C GLU H 122 15.11 -14.27 39.89
N THR H 123 15.17 -13.01 40.29
CA THR H 123 15.69 -12.70 41.61
C THR H 123 14.89 -11.67 42.37
N THR H 124 15.46 -11.30 43.50
CA THR H 124 14.93 -10.29 44.38
C THR H 124 16.19 -9.79 45.07
N THR H 125 16.06 -8.81 45.96
CA THR H 125 17.24 -8.26 46.60
C THR H 125 17.18 -8.34 48.11
N GLN H 126 18.32 -8.54 48.74
CA GLN H 126 18.36 -8.59 50.18
C GLN H 126 19.13 -7.41 50.73
N GLY H 127 18.97 -7.13 52.03
CA GLY H 127 19.66 -6.03 52.65
C GLY H 127 18.84 -5.39 53.74
N LEU H 128 17.57 -5.77 53.83
CA LEU H 128 16.67 -5.22 54.83
C LEU H 128 17.07 -5.47 56.29
N ASP H 129 17.72 -6.59 56.56
CA ASP H 129 18.10 -6.88 57.94
C ASP H 129 19.05 -5.82 58.51
N GLY H 130 18.61 -5.19 59.59
CA GLY H 130 19.41 -4.16 60.24
C GLY H 130 19.55 -2.86 59.46
N LEU H 131 18.88 -2.75 58.32
CA LEU H 131 18.97 -1.54 57.51
C LEU H 131 18.71 -0.25 58.28
N SER H 132 17.76 -0.28 59.20
CA SER H 132 17.46 0.94 59.94
C SER H 132 18.67 1.43 60.75
N GLU H 133 19.33 0.52 61.47
CA GLU H 133 20.50 0.87 62.26
C GLU H 133 21.58 1.40 61.34
N ARG H 134 21.75 0.71 60.21
CA ARG H 134 22.75 1.10 59.24
C ARG H 134 22.50 2.48 58.67
N CYS H 135 21.26 2.77 58.34
CA CYS H 135 20.93 4.09 57.80
C CYS H 135 21.27 5.13 58.83
N ALA H 136 20.79 4.92 60.04
CA ALA H 136 21.07 5.85 61.12
C ALA H 136 22.56 6.17 61.18
N GLN H 137 23.39 5.14 61.01
CA GLN H 137 24.84 5.28 61.03
C GLN H 137 25.35 6.07 59.83
N TYR H 138 24.94 5.64 58.64
CA TYR H 138 25.36 6.28 57.42
C TYR H 138 24.99 7.76 57.44
N LYS H 139 23.81 8.07 57.96
CA LYS H 139 23.37 9.45 58.03
C LYS H 139 24.37 10.17 58.92
N LYS H 140 24.64 9.57 60.06
CA LYS H 140 25.57 10.11 61.04
C LYS H 140 26.97 10.30 60.43
N ASP H 141 27.23 9.61 59.32
CA ASP H 141 28.53 9.74 58.68
C ASP H 141 28.52 10.62 57.44
N GLY H 142 27.42 11.34 57.22
CA GLY H 142 27.35 12.23 56.08
C GLY H 142 26.49 11.87 54.89
N ALA H 143 25.84 10.72 54.92
CA ALA H 143 25.00 10.32 53.80
C ALA H 143 23.61 10.90 53.96
N ASP H 144 23.00 11.27 52.84
CA ASP H 144 21.66 11.85 52.89
C ASP H 144 20.71 11.12 51.96
N PHE H 145 21.26 10.20 51.18
CA PHE H 145 20.43 9.40 50.27
C PHE H 145 21.07 8.03 50.07
N ALA H 146 20.25 7.06 49.67
CA ALA H 146 20.75 5.71 49.47
C ALA H 146 20.28 5.11 48.15
N LYS H 147 20.84 3.95 47.81
CA LYS H 147 20.46 3.26 46.59
C LYS H 147 20.28 1.77 46.89
N TRP H 148 19.26 1.17 46.29
CA TRP H 148 18.96 -0.25 46.46
C TRP H 148 18.62 -0.74 45.07
N ARG H 149 19.33 -1.75 44.58
CA ARG H 149 19.04 -2.22 43.24
C ARG H 149 18.33 -3.55 43.11
N CYS H 150 17.15 -3.54 42.50
CA CYS H 150 16.40 -4.76 42.26
C CYS H 150 16.65 -5.01 40.78
N VAL H 151 16.54 -6.25 40.34
CA VAL H 151 16.79 -6.55 38.95
C VAL H 151 15.72 -7.42 38.34
N LEU H 152 15.12 -6.93 37.27
CA LEU H 152 14.10 -7.70 36.57
C LEU H 152 14.67 -8.06 35.19
N LYS H 153 14.14 -9.11 34.57
CA LYS H 153 14.67 -9.58 33.30
C LYS H 153 13.52 -9.78 32.30
N ILE H 154 13.78 -9.53 31.01
CA ILE H 154 12.72 -9.73 30.02
C ILE H 154 13.00 -10.94 29.14
N SER H 155 12.03 -11.85 29.07
CA SER H 155 12.11 -13.07 28.28
C SER H 155 10.67 -13.51 27.98
N GLU H 156 10.50 -14.68 27.34
CA GLU H 156 9.17 -15.15 26.99
C GLU H 156 8.23 -15.10 28.19
N ARG H 157 8.79 -15.28 29.37
CA ARG H 157 7.97 -15.26 30.56
C ARG H 157 8.80 -14.94 31.78
N THR H 158 9.41 -13.76 31.83
CA THR H 158 10.26 -13.45 32.96
C THR H 158 9.78 -12.48 34.00
N PRO H 159 9.53 -11.21 33.63
CA PRO H 159 9.08 -10.38 34.75
C PRO H 159 7.75 -11.02 35.17
N SER H 160 7.84 -12.00 36.06
CA SER H 160 6.70 -12.76 36.55
C SER H 160 5.98 -12.09 37.69
N ALA H 161 4.70 -12.37 37.81
CA ALA H 161 3.90 -11.77 38.87
C ALA H 161 4.72 -11.79 40.15
N LEU H 162 5.32 -12.92 40.47
CA LEU H 162 6.11 -13.02 41.68
C LEU H 162 7.25 -12.02 41.69
N ALA H 163 8.07 -12.05 40.65
CA ALA H 163 9.21 -11.13 40.54
C ALA H 163 8.79 -9.67 40.65
N ILE H 164 7.67 -9.32 40.03
CA ILE H 164 7.21 -7.95 40.09
C ILE H 164 6.65 -7.69 41.50
N LEU H 165 5.83 -8.59 42.01
CA LEU H 165 5.23 -8.48 43.34
C LEU H 165 6.35 -8.25 44.35
N GLU H 166 7.23 -9.24 44.50
CA GLU H 166 8.37 -9.10 45.39
C GLU H 166 9.16 -8.07 44.61
N ASN H 167 10.23 -7.53 45.16
CA ASN H 167 10.99 -6.50 44.44
C ASN H 167 10.24 -5.19 44.63
N ALA H 168 9.07 -5.08 44.02
CA ALA H 168 8.28 -3.87 44.19
C ALA H 168 8.09 -3.71 45.69
N ASN H 169 7.83 -4.83 46.36
CA ASN H 169 7.60 -4.81 47.79
C ASN H 169 8.89 -4.52 48.53
N VAL H 170 9.98 -5.17 48.13
CA VAL H 170 11.26 -4.95 48.81
C VAL H 170 11.66 -3.50 48.71
N LEU H 171 11.53 -2.94 47.51
CA LEU H 171 11.87 -1.54 47.31
C LEU H 171 11.09 -0.71 48.32
N ALA H 172 9.78 -0.92 48.37
CA ALA H 172 8.94 -0.17 49.29
C ALA H 172 9.42 -0.29 50.73
N ARG H 173 9.82 -1.48 51.14
CA ARG H 173 10.31 -1.68 52.50
C ARG H 173 11.55 -0.83 52.70
N TYR H 174 12.53 -1.03 51.85
CA TYR H 174 13.79 -0.28 51.88
C TYR H 174 13.52 1.21 51.94
N ALA H 175 12.69 1.71 51.02
CA ALA H 175 12.34 3.13 50.97
C ALA H 175 11.79 3.61 52.30
N SER H 176 10.79 2.88 52.81
CA SER H 176 10.16 3.22 54.09
C SER H 176 11.18 3.38 55.20
N ILE H 177 12.09 2.42 55.31
CA ILE H 177 13.12 2.43 56.35
C ILE H 177 14.09 3.59 56.22
N CYS H 178 14.50 3.90 55.00
CA CYS H 178 15.42 5.01 54.77
C CYS H 178 14.79 6.31 55.26
N GLN H 179 13.57 6.57 54.83
CA GLN H 179 12.92 7.81 55.20
C GLN H 179 12.75 8.02 56.70
N GLN H 180 12.48 6.95 57.45
CA GLN H 180 12.30 7.16 58.88
C GLN H 180 13.67 7.46 59.52
N ASN H 181 14.73 7.40 58.71
CA ASN H 181 16.10 7.70 59.17
C ASN H 181 16.69 8.94 58.48
N GLY H 182 15.79 9.78 57.95
CA GLY H 182 16.23 11.00 57.28
C GLY H 182 17.10 10.76 56.06
N ILE H 183 16.87 9.68 55.34
CA ILE H 183 17.65 9.39 54.15
C ILE H 183 16.79 9.19 52.92
N VAL H 184 17.02 10.00 51.90
CA VAL H 184 16.25 9.89 50.68
C VAL H 184 16.63 8.61 49.96
N PRO H 185 15.63 7.78 49.63
CA PRO H 185 15.93 6.52 48.95
C PRO H 185 15.76 6.59 47.44
N ILE H 186 16.73 6.03 46.72
CA ILE H 186 16.64 5.98 45.27
C ILE H 186 16.06 4.60 45.00
N VAL H 187 14.87 4.56 44.44
CA VAL H 187 14.21 3.30 44.14
C VAL H 187 14.66 2.85 42.76
N GLU H 188 15.46 1.79 42.71
CA GLU H 188 15.98 1.32 41.44
C GLU H 188 15.47 -0.03 40.95
N PRO H 189 14.38 -0.03 40.16
CA PRO H 189 13.82 -1.26 39.63
C PRO H 189 14.38 -1.43 38.22
N GLU H 190 15.60 -1.95 38.12
CA GLU H 190 16.21 -2.11 36.81
C GLU H 190 15.76 -3.28 35.98
N ILE H 191 15.18 -2.99 34.82
CA ILE H 191 14.75 -4.02 33.90
C ILE H 191 15.90 -4.21 32.91
N LEU H 192 16.68 -5.27 33.07
CA LEU H 192 17.82 -5.53 32.18
C LEU H 192 17.47 -5.50 30.69
N PRO H 193 18.44 -5.16 29.84
CA PRO H 193 18.34 -5.07 28.38
C PRO H 193 18.56 -6.40 27.68
N ASP H 194 19.13 -7.37 28.39
CA ASP H 194 19.38 -8.67 27.79
C ASP H 194 18.16 -9.21 27.08
N GLY H 195 18.37 -9.76 25.90
CA GLY H 195 17.26 -10.31 25.14
C GLY H 195 17.19 -9.72 23.75
N ASP H 196 16.28 -10.22 22.93
CA ASP H 196 16.11 -9.73 21.57
C ASP H 196 14.76 -9.02 21.41
N HIS H 197 14.19 -8.54 22.51
CA HIS H 197 12.89 -7.86 22.47
C HIS H 197 13.01 -6.46 21.86
N ASP H 198 11.94 -5.99 21.23
CA ASP H 198 11.96 -4.68 20.59
C ASP H 198 11.56 -3.59 21.58
N LEU H 199 11.71 -2.33 21.15
CA LEU H 199 11.37 -1.21 22.00
C LEU H 199 9.97 -1.32 22.60
N LYS H 200 8.98 -1.63 21.77
CA LYS H 200 7.59 -1.77 22.23
C LYS H 200 7.52 -2.60 23.53
N ARG H 201 8.06 -3.80 23.49
CA ARG H 201 8.02 -4.69 24.64
C ARG H 201 8.67 -4.11 25.89
N CYS H 202 9.84 -3.50 25.74
CA CYS H 202 10.50 -2.94 26.90
C CYS H 202 9.66 -1.85 27.52
N GLN H 203 8.98 -1.09 26.68
CA GLN H 203 8.14 -0.02 27.19
C GLN H 203 7.01 -0.65 28.01
N TYR H 204 6.38 -1.68 27.43
CA TYR H 204 5.28 -2.38 28.08
C TYR H 204 5.69 -2.87 29.46
N VAL H 205 6.73 -3.69 29.49
CA VAL H 205 7.22 -4.24 30.74
C VAL H 205 7.59 -3.12 31.71
N THR H 206 8.27 -2.09 31.22
CA THR H 206 8.66 -1.00 32.09
C THR H 206 7.43 -0.36 32.72
N GLU H 207 6.40 -0.16 31.91
CA GLU H 207 5.18 0.44 32.42
C GLU H 207 4.55 -0.41 33.52
N LYS H 208 4.47 -1.73 33.29
CA LYS H 208 3.87 -2.61 34.29
C LYS H 208 4.69 -2.66 35.57
N VAL H 209 6.00 -2.76 35.43
CA VAL H 209 6.86 -2.81 36.61
C VAL H 209 6.71 -1.54 37.42
N LEU H 210 6.86 -0.39 36.78
CA LEU H 210 6.74 0.85 37.53
C LEU H 210 5.36 0.97 38.20
N ALA H 211 4.31 0.67 37.45
CA ALA H 211 2.96 0.74 38.00
C ALA H 211 2.86 -0.04 39.31
N ALA H 212 3.54 -1.18 39.38
CA ALA H 212 3.53 -2.00 40.57
C ALA H 212 4.36 -1.34 41.65
N VAL H 213 5.55 -0.88 41.27
CA VAL H 213 6.45 -0.23 42.20
C VAL H 213 5.80 0.91 42.95
N TYR H 214 5.06 1.77 42.24
CA TYR H 214 4.46 2.89 42.94
C TYR H 214 3.29 2.50 43.81
N LYS H 215 2.53 1.49 43.39
CA LYS H 215 1.40 1.04 44.20
C LYS H 215 1.96 0.50 45.51
N ALA H 216 3.12 -0.16 45.42
CA ALA H 216 3.78 -0.72 46.58
C ALA H 216 4.20 0.41 47.51
N LEU H 217 4.88 1.39 46.95
CA LEU H 217 5.32 2.52 47.74
C LEU H 217 4.13 3.09 48.49
N SER H 218 3.00 3.21 47.81
CA SER H 218 1.80 3.73 48.44
C SER H 218 1.41 2.88 49.64
N ASP H 219 1.32 1.58 49.40
CA ASP H 219 0.95 0.63 50.44
C ASP H 219 1.83 0.74 51.66
N HIS H 220 3.12 1.00 51.45
CA HIS H 220 4.06 1.10 52.56
C HIS H 220 4.20 2.50 53.13
N HIS H 221 3.34 3.40 52.66
CA HIS H 221 3.33 4.77 53.14
C HIS H 221 4.62 5.53 52.85
N VAL H 222 5.28 5.24 51.73
CA VAL H 222 6.51 5.93 51.38
C VAL H 222 6.17 7.35 50.91
N TYR H 223 6.94 8.33 51.36
CA TYR H 223 6.76 9.75 51.01
C TYR H 223 7.37 9.99 49.63
N LEU H 224 6.53 10.02 48.60
CA LEU H 224 7.02 10.18 47.24
C LEU H 224 7.94 11.37 46.98
N GLU H 225 7.54 12.55 47.44
CA GLU H 225 8.35 13.74 47.20
C GLU H 225 9.69 13.71 47.92
N GLY H 226 9.98 12.60 48.60
CA GLY H 226 11.24 12.45 49.30
C GLY H 226 11.96 11.21 48.79
N THR H 227 11.76 10.90 47.52
CA THR H 227 12.36 9.74 46.90
C THR H 227 12.84 10.10 45.51
N LEU H 228 13.51 9.17 44.85
CA LEU H 228 13.99 9.36 43.50
C LEU H 228 13.85 8.02 42.79
N LEU H 229 13.60 8.07 41.48
CA LEU H 229 13.45 6.84 40.71
C LEU H 229 14.64 6.65 39.78
N LYS H 230 15.29 5.50 39.86
CA LYS H 230 16.42 5.20 39.01
C LYS H 230 16.03 4.03 38.13
N PRO H 231 15.27 4.28 37.07
CA PRO H 231 14.83 3.22 36.16
C PRO H 231 15.77 3.08 34.99
N ASN H 232 15.46 2.12 34.14
CA ASN H 232 16.24 1.89 32.94
C ASN H 232 15.54 2.73 31.88
N MET H 233 16.23 3.19 30.86
CA MET H 233 15.53 3.93 29.83
C MET H 233 14.86 2.82 29.05
N VAL H 234 13.68 3.05 28.49
CA VAL H 234 13.08 1.96 27.74
C VAL H 234 13.81 1.91 26.40
N THR H 235 14.38 0.75 26.10
CA THR H 235 15.14 0.52 24.87
C THR H 235 15.06 -0.95 24.46
N PRO H 236 15.41 -1.24 23.20
CA PRO H 236 15.38 -2.61 22.68
C PRO H 236 16.39 -3.46 23.41
N GLY H 237 16.23 -4.78 23.30
CA GLY H 237 17.17 -5.67 23.95
C GLY H 237 18.51 -5.61 23.24
N HIS H 238 19.60 -5.87 23.96
CA HIS H 238 20.93 -5.83 23.36
C HIS H 238 20.94 -6.59 22.04
N ALA H 239 20.20 -7.69 22.02
CA ALA H 239 20.13 -8.54 20.84
C ALA H 239 19.04 -8.19 19.83
N CYS H 240 18.34 -7.07 20.02
CA CYS H 240 17.33 -6.73 19.03
C CYS H 240 18.02 -6.20 17.79
N PRO H 241 17.61 -6.71 16.62
CA PRO H 241 18.19 -6.31 15.33
C PRO H 241 17.83 -4.88 14.92
N ILE H 242 16.60 -4.50 15.23
CA ILE H 242 16.08 -3.18 14.88
C ILE H 242 16.86 -1.99 15.44
N LYS H 243 16.99 -0.96 14.62
CA LYS H 243 17.71 0.25 14.98
C LYS H 243 16.70 1.34 15.34
N TYR H 244 16.99 2.07 16.41
CA TYR H 244 16.08 3.13 16.86
C TYR H 244 16.74 4.48 17.07
N THR H 245 15.98 5.54 16.81
CA THR H 245 16.45 6.91 16.97
C THR H 245 16.48 7.24 18.44
N PRO H 246 17.47 8.03 18.89
CA PRO H 246 17.47 8.35 20.32
C PRO H 246 16.18 9.13 20.55
N GLU H 247 15.59 9.61 19.46
CA GLU H 247 14.33 10.33 19.53
C GLU H 247 13.28 9.30 19.93
N GLU H 248 13.25 8.19 19.20
CA GLU H 248 12.31 7.10 19.44
C GLU H 248 12.44 6.55 20.86
N ILE H 249 13.67 6.43 21.32
CA ILE H 249 13.92 5.93 22.66
C ILE H 249 13.38 6.92 23.68
N ALA H 250 13.66 8.20 23.46
CA ALA H 250 13.20 9.23 24.37
C ALA H 250 11.67 9.24 24.41
N MET H 251 11.07 9.06 23.24
CA MET H 251 9.62 9.06 23.14
C MET H 251 8.99 7.95 23.99
N ALA H 252 9.52 6.74 23.87
CA ALA H 252 9.00 5.61 24.64
C ALA H 252 9.27 5.75 26.12
N THR H 253 10.50 6.15 26.45
CA THR H 253 10.90 6.33 27.83
C THR H 253 10.03 7.35 28.55
N VAL H 254 9.84 8.51 27.94
CA VAL H 254 9.02 9.53 28.57
C VAL H 254 7.56 9.10 28.65
N THR H 255 7.07 8.45 27.61
CA THR H 255 5.67 8.01 27.64
C THR H 255 5.48 7.06 28.81
N ALA H 256 6.35 6.07 28.91
CA ALA H 256 6.27 5.09 29.97
C ALA H 256 6.24 5.78 31.33
N LEU H 257 7.23 6.64 31.57
CA LEU H 257 7.31 7.35 32.83
C LEU H 257 6.09 8.19 33.14
N ARG H 258 5.54 8.87 32.15
CA ARG H 258 4.39 9.72 32.44
C ARG H 258 3.07 8.98 32.53
N ARG H 259 3.13 7.66 32.43
CA ARG H 259 1.93 6.84 32.54
C ARG H 259 1.95 6.14 33.89
N THR H 260 3.06 6.29 34.60
CA THR H 260 3.23 5.60 35.87
C THR H 260 3.79 6.40 37.04
N VAL H 261 4.74 7.30 36.80
CA VAL H 261 5.31 8.05 37.92
C VAL H 261 4.48 9.25 38.36
N PRO H 262 4.09 9.30 39.64
CA PRO H 262 3.30 10.47 40.03
C PRO H 262 4.12 11.76 40.00
N PRO H 263 3.48 12.89 39.68
CA PRO H 263 4.10 14.21 39.60
C PRO H 263 4.89 14.55 40.83
N ALA H 264 4.49 13.98 41.96
CA ALA H 264 5.16 14.23 43.23
C ALA H 264 6.62 13.78 43.29
N VAL H 265 7.00 12.82 42.46
CA VAL H 265 8.38 12.36 42.48
C VAL H 265 9.22 13.49 41.89
N PRO H 266 10.18 14.02 42.69
CA PRO H 266 11.06 15.11 42.26
C PRO H 266 11.90 14.83 41.02
N GLY H 267 12.46 13.65 40.90
CA GLY H 267 13.27 13.39 39.73
C GLY H 267 13.52 11.93 39.42
N VAL H 268 13.78 11.66 38.15
CA VAL H 268 14.06 10.32 37.68
C VAL H 268 15.51 10.35 37.24
N THR H 269 16.36 9.56 37.90
CA THR H 269 17.77 9.53 37.55
C THR H 269 18.09 8.25 36.79
N PHE H 270 18.00 8.30 35.45
CA PHE H 270 18.25 7.13 34.62
C PHE H 270 19.58 6.42 34.89
N LEU H 271 19.58 5.12 34.62
CA LEU H 271 20.78 4.32 34.78
C LEU H 271 21.34 4.07 33.37
N SER H 272 22.66 4.25 33.22
CA SER H 272 23.32 4.08 31.94
C SER H 272 23.18 2.68 31.37
N GLY H 273 23.04 1.70 32.26
CA GLY H 273 22.89 0.33 31.81
C GLY H 273 24.07 -0.13 30.99
N GLY H 274 23.79 -0.68 29.81
CA GLY H 274 24.87 -1.15 28.95
C GLY H 274 25.26 -0.16 27.87
N GLN H 275 24.67 1.04 27.94
CA GLN H 275 24.95 2.07 26.95
C GLN H 275 26.39 2.56 27.05
N SER H 276 26.88 3.11 25.94
CA SER H 276 28.24 3.65 25.85
C SER H 276 28.20 5.06 26.42
N GLU H 277 29.36 5.61 26.74
CA GLU H 277 29.39 6.97 27.30
C GLU H 277 28.57 7.93 26.45
N GLU H 278 28.68 7.81 25.14
CA GLU H 278 27.94 8.69 24.24
C GLU H 278 26.48 8.34 24.16
N GLU H 279 26.21 7.05 23.95
CA GLU H 279 24.85 6.55 23.84
C GLU H 279 24.00 7.07 25.01
N ALA H 280 24.55 7.04 26.21
CA ALA H 280 23.85 7.50 27.39
C ALA H 280 23.57 8.99 27.29
N SER H 281 24.60 9.76 26.95
CA SER H 281 24.48 11.20 26.82
C SER H 281 23.47 11.61 25.74
N PHE H 282 23.57 10.98 24.58
CA PHE H 282 22.66 11.26 23.47
C PHE H 282 21.23 10.97 23.86
N ASN H 283 20.99 9.77 24.35
CA ASN H 283 19.66 9.34 24.76
C ASN H 283 19.12 10.26 25.86
N LEU H 284 19.94 10.57 26.87
CA LEU H 284 19.45 11.45 27.92
C LEU H 284 19.06 12.79 27.34
N ASN H 285 19.92 13.34 26.48
CA ASN H 285 19.64 14.62 25.87
C ASN H 285 18.31 14.55 25.12
N ALA H 286 18.19 13.53 24.26
CA ALA H 286 16.96 13.34 23.50
C ALA H 286 15.74 13.35 24.42
N ILE H 287 15.85 12.63 25.53
CA ILE H 287 14.76 12.55 26.49
C ILE H 287 14.38 13.94 26.96
N ASN H 288 15.38 14.73 27.36
CA ASN H 288 15.13 16.08 27.82
C ASN H 288 14.69 17.01 26.70
N ARG H 289 14.62 16.50 25.48
CA ARG H 289 14.19 17.30 24.35
C ARG H 289 12.88 16.75 23.79
N CYS H 290 12.35 15.72 24.45
CA CYS H 290 11.10 15.11 24.03
C CYS H 290 9.98 16.13 24.17
N PRO H 291 9.07 16.18 23.18
CA PRO H 291 7.92 17.09 23.13
C PRO H 291 6.99 16.97 24.34
N LEU H 292 6.79 15.75 24.79
CA LEU H 292 5.92 15.48 25.94
C LEU H 292 6.37 16.21 27.19
N PRO H 293 5.42 16.69 27.98
CA PRO H 293 5.65 17.42 29.24
C PRO H 293 6.18 16.49 30.32
N ARG H 294 7.08 16.99 31.17
CA ARG H 294 7.62 16.17 32.25
C ARG H 294 7.63 16.90 33.57
N PRO H 295 6.79 16.47 34.51
CA PRO H 295 6.64 17.05 35.86
C PRO H 295 7.84 16.84 36.78
N TRP H 296 8.82 16.09 36.31
CA TRP H 296 9.99 15.76 37.12
C TRP H 296 11.32 15.92 36.41
N ALA H 297 12.38 16.03 37.20
CA ALA H 297 13.71 16.15 36.64
C ALA H 297 14.00 14.87 35.89
N LEU H 298 14.68 14.97 34.75
CA LEU H 298 15.03 13.77 34.02
C LEU H 298 16.54 13.81 33.82
N THR H 299 17.32 13.45 34.83
CA THR H 299 18.76 13.45 34.64
C THR H 299 19.34 12.04 34.64
N PHE H 300 20.58 11.93 35.12
CA PHE H 300 21.29 10.67 35.13
C PHE H 300 21.82 10.22 36.48
N SER H 301 22.07 8.93 36.60
CA SER H 301 22.67 8.31 37.78
C SER H 301 23.50 7.25 37.08
N TYR H 302 24.55 7.73 36.43
CA TYR H 302 25.43 6.89 35.66
C TYR H 302 26.62 6.29 36.40
N GLY H 303 26.97 5.07 36.01
CA GLY H 303 28.08 4.39 36.62
C GLY H 303 29.21 4.31 35.62
N ARG H 304 29.12 3.38 34.67
CA ARG H 304 30.19 3.25 33.69
C ARG H 304 30.15 4.41 32.72
N ALA H 305 28.95 4.83 32.32
CA ALA H 305 28.80 5.93 31.38
C ALA H 305 29.49 7.23 31.79
N LEU H 306 29.99 7.27 33.02
CA LEU H 306 30.68 8.45 33.52
C LEU H 306 32.16 8.17 33.73
N GLN H 307 32.51 6.91 33.95
CA GLN H 307 33.89 6.59 34.21
C GLN H 307 34.57 5.59 33.26
N ALA H 308 33.94 5.29 32.14
CA ALA H 308 34.55 4.34 31.21
C ALA H 308 35.89 4.86 30.72
N SER H 309 35.85 5.95 29.97
CA SER H 309 37.06 6.53 29.43
C SER H 309 38.00 6.97 30.56
N ALA H 310 37.42 7.45 31.65
CA ALA H 310 38.23 7.89 32.77
C ALA H 310 39.10 6.73 33.27
N LEU H 311 38.46 5.59 33.46
CA LEU H 311 39.13 4.38 33.94
C LEU H 311 40.14 3.91 32.91
N ASN H 312 39.75 4.02 31.65
CA ASN H 312 40.59 3.60 30.54
C ASN H 312 41.86 4.45 30.45
N ALA H 313 41.74 5.72 30.81
CA ALA H 313 42.87 6.64 30.77
C ALA H 313 43.82 6.36 31.94
N TRP H 314 43.27 6.36 33.15
CA TRP H 314 44.05 6.11 34.36
C TRP H 314 44.95 4.89 34.16
N ARG H 315 44.32 3.78 33.80
CA ARG H 315 45.03 2.54 33.54
C ARG H 315 45.94 2.11 34.71
N GLY H 316 45.63 2.61 35.90
CA GLY H 316 46.41 2.26 37.08
C GLY H 316 47.65 3.10 37.30
N GLN H 317 48.02 3.91 36.31
CA GLN H 317 49.21 4.76 36.41
C GLN H 317 49.01 6.03 37.22
N ARG H 318 49.91 6.28 38.16
CA ARG H 318 49.81 7.48 38.99
C ARG H 318 49.90 8.77 38.19
N ASP H 319 50.58 8.71 37.04
CA ASP H 319 50.73 9.90 36.20
C ASP H 319 49.44 10.18 35.46
N ASN H 320 48.83 9.11 34.93
CA ASN H 320 47.60 9.24 34.17
C ASN H 320 46.41 9.72 35.02
N ALA H 321 46.63 9.85 36.32
CA ALA H 321 45.60 10.30 37.26
C ALA H 321 44.84 11.54 36.76
N GLY H 322 45.56 12.62 36.51
CA GLY H 322 44.95 13.85 36.04
C GLY H 322 44.18 13.72 34.74
N ALA H 323 44.72 12.93 33.82
CA ALA H 323 44.06 12.72 32.53
C ALA H 323 42.76 11.98 32.79
N ALA H 324 42.83 10.96 33.64
CA ALA H 324 41.67 10.16 33.98
C ALA H 324 40.61 11.09 34.55
N THR H 325 41.01 11.91 35.51
CA THR H 325 40.10 12.86 36.14
C THR H 325 39.45 13.77 35.11
N GLU H 326 40.21 14.12 34.07
CA GLU H 326 39.68 14.99 33.02
C GLU H 326 38.61 14.24 32.25
N GLU H 327 38.91 13.01 31.87
CA GLU H 327 37.97 12.21 31.11
C GLU H 327 36.63 12.15 31.84
N PHE H 328 36.69 12.04 33.16
CA PHE H 328 35.49 11.99 33.99
C PHE H 328 34.76 13.34 33.94
N ILE H 329 35.45 14.39 34.38
CA ILE H 329 34.86 15.73 34.37
C ILE H 329 34.22 16.04 33.02
N LYS H 330 34.83 15.55 31.95
CA LYS H 330 34.30 15.78 30.61
C LYS H 330 32.90 15.20 30.50
N ARG H 331 32.79 13.89 30.72
CA ARG H 331 31.50 13.21 30.64
C ARG H 331 30.52 13.79 31.66
N ALA H 332 31.01 14.10 32.85
CA ALA H 332 30.14 14.67 33.88
C ALA H 332 29.51 15.96 33.36
N GLU H 333 30.30 16.77 32.66
CA GLU H 333 29.80 18.03 32.15
C GLU H 333 28.82 17.84 31.01
N VAL H 334 29.17 17.02 30.04
CA VAL H 334 28.27 16.80 28.90
C VAL H 334 26.94 16.26 29.37
N ASN H 335 26.96 15.29 30.29
CA ASN H 335 25.70 14.72 30.76
C ASN H 335 24.93 15.76 31.56
N GLY H 336 25.66 16.69 32.16
CA GLY H 336 25.01 17.75 32.91
C GLY H 336 24.24 18.61 31.92
N LEU H 337 24.71 18.62 30.68
CA LEU H 337 24.07 19.39 29.62
C LEU H 337 22.91 18.58 29.07
N ALA H 338 23.16 17.30 28.82
CA ALA H 338 22.14 16.40 28.30
C ALA H 338 20.96 16.37 29.27
N ALA H 339 21.25 16.63 30.54
CA ALA H 339 20.23 16.65 31.57
C ALA H 339 19.32 17.87 31.43
N GLN H 340 19.58 18.69 30.41
CA GLN H 340 18.78 19.89 30.17
C GLN H 340 18.47 19.96 28.69
N GLY H 341 18.80 18.89 27.96
CA GLY H 341 18.55 18.82 26.53
C GLY H 341 19.40 19.79 25.75
N LYS H 342 20.33 20.44 26.43
CA LYS H 342 21.20 21.40 25.77
C LYS H 342 22.61 20.85 25.57
N TYR H 343 22.72 19.73 24.88
CA TYR H 343 24.00 19.13 24.60
C TYR H 343 24.06 18.89 23.11
N GLU H 344 25.07 19.44 22.45
CA GLU H 344 25.20 19.24 21.01
C GLU H 344 26.37 18.30 20.70
N HIS I 3 -6.36 -16.64 -6.95
CA HIS I 3 -4.95 -16.91 -7.34
C HIS I 3 -4.32 -15.70 -8.02
N SER I 4 -5.03 -14.58 -7.97
CA SER I 4 -4.56 -13.33 -8.57
C SER I 4 -4.19 -12.28 -7.51
N TYR I 5 -2.90 -12.22 -7.17
CA TYR I 5 -2.40 -11.26 -6.18
C TYR I 5 -1.47 -10.27 -6.88
N PRO I 6 -2.04 -9.22 -7.48
CA PRO I 6 -1.37 -8.14 -8.20
C PRO I 6 0.13 -7.98 -7.97
N ALA I 7 0.91 -8.44 -8.93
CA ALA I 7 2.35 -8.35 -8.86
C ALA I 7 2.78 -6.90 -8.94
N LEU I 8 2.11 -6.13 -9.79
CA LEU I 8 2.44 -4.73 -9.98
C LEU I 8 1.22 -3.84 -9.84
N SER I 9 1.46 -2.63 -9.34
CA SER I 9 0.40 -1.65 -9.17
C SER I 9 0.19 -1.02 -10.54
N ALA I 10 -0.86 -0.23 -10.67
CA ALA I 10 -1.15 0.41 -11.94
C ALA I 10 -0.04 1.37 -12.31
N GLU I 11 0.44 2.10 -11.29
CA GLU I 11 1.51 3.06 -11.50
C GLU I 11 2.73 2.34 -12.05
N GLN I 12 3.10 1.24 -11.39
CA GLN I 12 4.27 0.47 -11.79
C GLN I 12 4.18 -0.08 -13.20
N LYS I 13 3.03 -0.65 -13.55
CA LYS I 13 2.86 -1.17 -14.89
C LYS I 13 3.11 -0.05 -15.88
N LYS I 14 2.58 1.13 -15.56
CA LYS I 14 2.75 2.31 -16.42
C LYS I 14 4.22 2.57 -16.65
N GLU I 15 4.97 2.82 -15.57
CA GLU I 15 6.39 3.10 -15.66
C GLU I 15 7.13 2.10 -16.54
N LEU I 16 6.83 0.82 -16.37
CA LEU I 16 7.50 -0.20 -17.15
C LEU I 16 7.14 -0.05 -18.63
N SER I 17 5.85 0.01 -18.92
CA SER I 17 5.39 0.15 -20.29
C SER I 17 6.01 1.35 -20.99
N ASP I 18 6.04 2.49 -20.30
CA ASP I 18 6.62 3.70 -20.87
C ASP I 18 8.07 3.42 -21.22
N ILE I 19 8.87 3.07 -20.22
CA ILE I 19 10.27 2.76 -20.45
C ILE I 19 10.46 1.85 -21.66
N ALA I 20 9.65 0.81 -21.74
CA ALA I 20 9.76 -0.13 -22.84
C ALA I 20 9.56 0.56 -24.18
N LEU I 21 8.47 1.29 -24.30
CA LEU I 21 8.15 1.99 -25.53
C LEU I 21 9.17 3.03 -25.94
N ARG I 22 9.77 3.73 -24.96
CA ARG I 22 10.77 4.72 -25.29
C ARG I 22 11.93 4.05 -26.00
N ILE I 23 12.34 2.91 -25.46
CA ILE I 23 13.45 2.17 -26.03
C ILE I 23 13.20 1.75 -27.47
N VAL I 24 12.05 1.16 -27.76
CA VAL I 24 11.79 0.72 -29.12
C VAL I 24 11.06 1.71 -30.00
N ALA I 25 11.03 2.97 -29.59
CA ALA I 25 10.38 4.01 -30.36
C ALA I 25 10.87 3.93 -31.81
N PRO I 26 9.99 4.30 -32.76
CA PRO I 26 10.26 4.28 -34.21
C PRO I 26 11.66 4.69 -34.63
N GLY I 27 12.25 3.93 -35.54
CA GLY I 27 13.59 4.24 -36.00
C GLY I 27 14.68 4.20 -34.96
N LYS I 28 14.34 3.69 -33.77
CA LYS I 28 15.30 3.58 -32.68
C LYS I 28 15.64 2.12 -32.33
N GLY I 29 16.89 1.90 -31.95
CA GLY I 29 17.36 0.57 -31.58
C GLY I 29 18.21 0.64 -30.32
N ILE I 30 18.87 -0.46 -30.00
CA ILE I 30 19.69 -0.55 -28.79
C ILE I 30 21.16 -0.80 -29.07
N LEU I 31 22.03 -0.06 -28.38
CA LEU I 31 23.45 -0.27 -28.52
C LEU I 31 23.81 -1.21 -27.39
N ALA I 32 24.29 -2.40 -27.73
CA ALA I 32 24.66 -3.37 -26.72
C ALA I 32 26.15 -3.31 -26.46
N ALA I 33 26.54 -2.53 -25.45
CA ALA I 33 27.95 -2.39 -25.09
C ALA I 33 28.19 -3.07 -23.74
N ASP I 34 27.51 -4.19 -23.52
CA ASP I 34 27.63 -4.94 -22.27
C ASP I 34 28.67 -6.05 -22.32
N GLU I 35 29.71 -5.85 -23.12
CA GLU I 35 30.76 -6.87 -23.25
C GLU I 35 31.51 -7.12 -21.94
N SER I 36 31.43 -8.37 -21.47
CA SER I 36 32.13 -8.77 -20.25
C SER I 36 33.62 -8.50 -20.42
N VAL I 37 34.30 -8.25 -19.30
CA VAL I 37 35.73 -7.99 -19.36
C VAL I 37 36.43 -9.14 -20.08
N GLY I 38 35.80 -10.31 -20.06
CA GLY I 38 36.36 -11.47 -20.72
C GLY I 38 36.24 -11.37 -22.22
N SER I 39 35.01 -11.30 -22.72
CA SER I 39 34.79 -11.21 -24.16
C SER I 39 35.43 -9.94 -24.70
N MET I 40 35.57 -8.94 -23.84
CA MET I 40 36.19 -7.68 -24.23
C MET I 40 37.66 -7.91 -24.54
N ALA I 41 38.27 -8.89 -23.88
CA ALA I 41 39.67 -9.18 -24.10
C ALA I 41 39.85 -9.65 -25.54
N LYS I 42 38.98 -10.54 -25.99
CA LYS I 42 39.06 -11.05 -27.34
C LYS I 42 38.91 -9.96 -28.38
N ARG I 43 37.92 -9.10 -28.21
CA ARG I 43 37.70 -8.03 -29.18
C ARG I 43 38.86 -7.04 -29.23
N LEU I 44 39.40 -6.70 -28.07
CA LEU I 44 40.52 -5.78 -28.04
C LEU I 44 41.77 -6.41 -28.65
N SER I 45 41.98 -7.69 -28.39
CA SER I 45 43.15 -8.38 -28.92
C SER I 45 43.20 -8.29 -30.45
N GLN I 46 42.05 -8.39 -31.11
CA GLN I 46 42.00 -8.34 -32.56
C GLN I 46 42.55 -7.03 -33.14
N ILE I 47 42.59 -5.98 -32.32
CA ILE I 47 43.09 -4.68 -32.78
C ILE I 47 44.31 -4.26 -31.95
N GLY I 48 44.97 -5.24 -31.35
CA GLY I 48 46.12 -4.95 -30.49
C GLY I 48 45.48 -4.63 -29.14
N VAL I 49 45.72 -3.43 -28.63
CA VAL I 49 45.11 -2.99 -27.38
C VAL I 49 45.09 -3.97 -26.19
N GLU I 50 45.88 -3.67 -25.16
CA GLU I 50 45.91 -4.50 -23.97
C GLU I 50 44.53 -4.41 -23.33
N ASN I 51 44.06 -5.51 -22.76
CA ASN I 51 42.74 -5.50 -22.14
C ASN I 51 42.79 -4.93 -20.71
N THR I 52 42.93 -3.61 -20.62
CA THR I 52 42.99 -2.90 -19.34
C THR I 52 41.62 -2.35 -19.02
N GLU I 53 41.40 -1.89 -17.78
CA GLU I 53 40.13 -1.30 -17.45
C GLU I 53 40.13 0.02 -18.18
N GLU I 54 41.30 0.64 -18.25
CA GLU I 54 41.44 1.91 -18.93
C GLU I 54 41.15 1.79 -20.42
N ASN I 55 41.82 0.86 -21.08
CA ASN I 55 41.58 0.70 -22.50
C ASN I 55 40.12 0.44 -22.80
N ARG I 56 39.42 -0.19 -21.87
CA ARG I 56 38.00 -0.45 -22.06
C ARG I 56 37.25 0.87 -21.88
N ARG I 57 37.55 1.60 -20.82
CA ARG I 57 36.90 2.88 -20.58
C ARG I 57 37.09 3.76 -21.81
N LEU I 58 38.32 3.77 -22.32
CA LEU I 58 38.66 4.56 -23.50
C LEU I 58 37.76 4.20 -24.66
N TYR I 59 37.70 2.90 -24.96
CA TYR I 59 36.87 2.45 -26.07
C TYR I 59 35.40 2.76 -25.87
N ARG I 60 34.85 2.47 -24.69
CA ARG I 60 33.44 2.74 -24.43
C ARG I 60 33.19 4.23 -24.65
N GLN I 61 34.20 5.02 -24.34
CA GLN I 61 34.11 6.47 -24.49
C GLN I 61 33.91 6.81 -25.95
N VAL I 62 34.67 6.13 -26.82
CA VAL I 62 34.55 6.35 -28.25
C VAL I 62 33.09 6.24 -28.68
N LEU I 63 32.37 5.28 -28.08
CA LEU I 63 30.97 5.07 -28.42
C LEU I 63 30.07 6.13 -27.79
N PHE I 64 30.19 6.29 -26.46
CA PHE I 64 29.34 7.23 -25.75
C PHE I 64 29.55 8.71 -26.04
N SER I 65 30.65 9.01 -26.72
CA SER I 65 30.92 10.40 -27.03
C SER I 65 30.25 10.79 -28.35
N ALA I 66 29.48 9.86 -28.94
CA ALA I 66 28.79 10.15 -30.19
C ALA I 66 27.91 11.38 -29.96
N ASP I 67 27.73 12.19 -31.01
CA ASP I 67 26.94 13.42 -30.90
C ASP I 67 25.43 13.16 -30.97
N ASP I 68 24.67 14.25 -31.09
CA ASP I 68 23.20 14.18 -31.12
C ASP I 68 22.50 13.43 -32.25
N ARG I 69 23.18 13.10 -33.34
CA ARG I 69 22.46 12.41 -34.39
C ARG I 69 22.24 10.96 -33.99
N VAL I 70 22.82 10.59 -32.86
CA VAL I 70 22.68 9.24 -32.33
C VAL I 70 21.35 9.14 -31.62
N LYS I 71 20.77 10.30 -31.29
CA LYS I 71 19.48 10.40 -30.60
C LYS I 71 18.29 9.90 -31.41
N LYS I 72 18.36 10.02 -32.72
CA LYS I 72 17.24 9.57 -33.55
C LYS I 72 17.20 8.07 -33.77
N CYS I 73 18.35 7.41 -33.66
CA CYS I 73 18.40 5.97 -33.89
C CYS I 73 18.72 5.09 -32.69
N ILE I 74 19.11 5.69 -31.57
CA ILE I 74 19.43 4.89 -30.39
C ILE I 74 18.47 5.17 -29.25
N GLY I 75 17.60 4.21 -28.97
CA GLY I 75 16.64 4.36 -27.88
C GLY I 75 17.22 3.98 -26.53
N GLY I 76 18.21 3.09 -26.54
CA GLY I 76 18.82 2.66 -25.30
C GLY I 76 20.22 2.09 -25.46
N VAL I 77 20.96 2.08 -24.36
CA VAL I 77 22.32 1.55 -24.35
C VAL I 77 22.46 0.55 -23.21
N ILE I 78 22.91 -0.65 -23.52
CA ILE I 78 23.10 -1.68 -22.50
C ILE I 78 24.54 -1.62 -22.01
N PHE I 79 24.70 -1.33 -20.71
CA PHE I 79 26.02 -1.21 -20.09
C PHE I 79 26.50 -2.50 -19.42
N PHE I 80 27.81 -2.65 -19.35
CA PHE I 80 28.37 -3.78 -18.64
C PHE I 80 28.62 -3.16 -17.27
N HIS I 81 28.32 -3.90 -16.20
CA HIS I 81 28.50 -3.36 -14.83
C HIS I 81 29.61 -2.33 -14.67
N GLU I 82 30.84 -2.78 -14.85
CA GLU I 82 32.03 -1.94 -14.74
C GLU I 82 31.77 -0.58 -15.37
N THR I 83 31.47 -0.62 -16.67
CA THR I 83 31.20 0.57 -17.48
C THR I 83 30.14 1.52 -16.89
N LEU I 84 29.10 0.96 -16.28
CA LEU I 84 28.03 1.76 -15.69
C LEU I 84 28.55 2.73 -14.63
N TYR I 85 29.80 2.53 -14.22
CA TYR I 85 30.36 3.40 -13.19
C TYR I 85 31.63 4.11 -13.65
N GLN I 86 31.91 4.06 -14.95
CA GLN I 86 33.09 4.73 -15.49
C GLN I 86 32.72 6.14 -15.94
N LYS I 87 33.75 6.98 -16.08
CA LYS I 87 33.55 8.35 -16.51
C LYS I 87 34.46 8.68 -17.69
N ASP I 88 34.07 9.70 -18.45
CA ASP I 88 34.86 10.12 -19.60
C ASP I 88 36.04 10.95 -19.09
N ASP I 89 36.88 11.41 -20.00
CA ASP I 89 38.05 12.18 -19.61
C ASP I 89 37.74 13.48 -18.88
N ASN I 90 36.49 13.94 -18.98
CA ASN I 90 36.10 15.18 -18.31
C ASN I 90 35.55 14.89 -16.93
N GLY I 91 35.58 13.61 -16.55
CA GLY I 91 35.06 13.21 -15.24
C GLY I 91 33.55 13.10 -15.25
N VAL I 92 32.97 12.98 -16.43
CA VAL I 92 31.53 12.87 -16.56
C VAL I 92 31.07 11.43 -16.75
N PRO I 93 30.24 10.95 -15.82
CA PRO I 93 29.69 9.59 -15.83
C PRO I 93 29.09 9.24 -17.19
N PHE I 94 29.55 8.15 -17.78
CA PHE I 94 29.02 7.70 -19.06
C PHE I 94 27.50 7.66 -18.97
N VAL I 95 26.99 7.23 -17.82
CA VAL I 95 25.55 7.13 -17.62
C VAL I 95 24.92 8.51 -17.79
N ARG I 96 25.52 9.50 -17.14
CA ARG I 96 25.04 10.88 -17.20
C ARG I 96 24.88 11.31 -18.65
N THR I 97 25.96 11.17 -19.42
CA THR I 97 25.97 11.53 -20.83
C THR I 97 24.80 10.89 -21.59
N ILE I 98 24.76 9.56 -21.64
CA ILE I 98 23.69 8.88 -22.34
C ILE I 98 22.33 9.38 -21.85
N GLN I 99 22.20 9.57 -20.54
CA GLN I 99 20.94 10.05 -19.97
C GLN I 99 20.55 11.43 -20.50
N ASP I 100 21.52 12.33 -20.55
CA ASP I 100 21.25 13.68 -21.02
C ASP I 100 20.77 13.70 -22.47
N LYS I 101 21.20 12.74 -23.29
CA LYS I 101 20.75 12.70 -24.68
C LYS I 101 19.35 12.07 -24.73
N GLY I 102 18.81 11.77 -23.56
CA GLY I 102 17.49 11.19 -23.50
C GLY I 102 17.43 9.71 -23.87
N ILE I 103 18.60 9.08 -23.98
CA ILE I 103 18.66 7.66 -24.30
C ILE I 103 18.48 6.88 -23.00
N VAL I 104 17.85 5.71 -23.07
CA VAL I 104 17.63 4.92 -21.86
C VAL I 104 18.85 4.09 -21.49
N VAL I 105 19.09 3.95 -20.18
CA VAL I 105 20.23 3.18 -19.68
C VAL I 105 19.87 1.77 -19.18
N GLY I 106 20.69 0.79 -19.53
CA GLY I 106 20.43 -0.58 -19.10
C GLY I 106 21.70 -1.33 -18.70
N ILE I 107 21.55 -2.44 -17.95
CA ILE I 107 22.69 -3.26 -17.51
C ILE I 107 22.46 -4.74 -17.74
N LYS I 108 23.54 -5.44 -18.10
CA LYS I 108 23.51 -6.88 -18.27
C LYS I 108 23.53 -7.33 -16.80
N VAL I 109 22.63 -8.23 -16.40
CA VAL I 109 22.61 -8.66 -15.00
C VAL I 109 22.90 -10.14 -14.81
N ASP I 110 22.75 -10.94 -15.87
CA ASP I 110 23.02 -12.37 -15.77
C ASP I 110 24.48 -12.54 -15.37
N LYS I 111 24.78 -13.64 -14.70
CA LYS I 111 26.14 -13.90 -14.27
C LYS I 111 26.73 -15.05 -15.05
N GLY I 112 26.51 -15.06 -16.36
CA GLY I 112 27.10 -16.11 -17.16
C GLY I 112 26.33 -17.40 -17.33
N VAL I 113 26.72 -18.13 -18.36
CA VAL I 113 26.10 -19.39 -18.71
C VAL I 113 26.78 -20.51 -17.93
N VAL I 114 26.03 -21.57 -17.64
CA VAL I 114 26.59 -22.71 -16.91
C VAL I 114 26.03 -24.01 -17.49
N PRO I 115 26.75 -25.12 -17.28
CA PRO I 115 26.43 -26.48 -17.73
C PRO I 115 25.21 -27.14 -17.18
N LEU I 116 24.49 -27.83 -18.05
CA LEU I 116 23.32 -28.58 -17.63
C LEU I 116 23.78 -30.04 -17.61
N ALA I 117 24.02 -30.55 -16.41
CA ALA I 117 24.47 -31.92 -16.27
C ALA I 117 23.50 -32.84 -16.98
N GLY I 118 24.05 -33.81 -17.71
CA GLY I 118 23.21 -34.78 -18.40
C GLY I 118 22.78 -34.42 -19.81
N THR I 119 23.23 -33.29 -20.31
CA THR I 119 22.87 -32.84 -21.65
C THR I 119 24.09 -32.88 -22.55
N ASP I 120 23.86 -32.67 -23.84
CA ASP I 120 24.94 -32.66 -24.81
C ASP I 120 25.55 -31.26 -24.89
N GLY I 121 26.30 -30.92 -23.85
CA GLY I 121 26.95 -29.62 -23.81
C GLY I 121 25.99 -28.45 -23.82
N GLU I 122 24.83 -28.62 -23.20
CA GLU I 122 23.86 -27.54 -23.17
C GLU I 122 24.03 -26.76 -21.89
N THR I 123 23.42 -25.59 -21.83
CA THR I 123 23.58 -24.75 -20.67
C THR I 123 22.30 -24.10 -20.18
N THR I 124 22.50 -23.24 -19.20
CA THR I 124 21.45 -22.44 -18.61
C THR I 124 22.23 -21.24 -18.11
N THR I 125 21.55 -20.27 -17.49
CA THR I 125 22.22 -19.08 -17.06
C THR I 125 22.04 -18.80 -15.59
N GLN I 126 23.07 -18.25 -14.94
CA GLN I 126 22.96 -17.92 -13.55
C GLN I 126 22.99 -16.43 -13.35
N GLY I 127 22.58 -15.97 -12.17
CA GLY I 127 22.58 -14.55 -11.88
C GLY I 127 21.44 -14.15 -10.97
N LEU I 128 20.51 -15.08 -10.75
CA LEU I 128 19.35 -14.82 -9.91
C LEU I 128 19.66 -14.49 -8.44
N ASP I 129 20.75 -15.04 -7.91
CA ASP I 129 21.06 -14.75 -6.50
C ASP I 129 21.30 -13.26 -6.27
N GLY I 130 20.50 -12.70 -5.38
CA GLY I 130 20.62 -11.28 -5.05
C GLY I 130 20.21 -10.31 -6.14
N LEU I 131 19.69 -10.83 -7.26
CA LEU I 131 19.28 -9.97 -8.36
C LEU I 131 18.34 -8.85 -7.95
N SER I 132 17.42 -9.11 -7.04
CA SER I 132 16.49 -8.07 -6.63
C SER I 132 17.21 -6.87 -6.01
N GLU I 133 18.15 -7.12 -5.10
CA GLU I 133 18.91 -6.05 -4.46
C GLU I 133 19.69 -5.30 -5.52
N ARG I 134 20.30 -6.06 -6.43
CA ARG I 134 21.10 -5.48 -7.48
C ARG I 134 20.27 -4.59 -8.39
N CYS I 135 19.07 -5.04 -8.75
CA CYS I 135 18.22 -4.24 -9.62
C CYS I 135 17.89 -2.95 -8.90
N ALA I 136 17.45 -3.07 -7.66
CA ALA I 136 17.11 -1.89 -6.89
C ALA I 136 18.26 -0.87 -6.95
N GLN I 137 19.49 -1.36 -6.86
CA GLN I 137 20.68 -0.52 -6.92
C GLN I 137 20.88 0.09 -8.29
N TYR I 138 20.86 -0.76 -9.31
CA TYR I 138 21.03 -0.31 -10.68
C TYR I 138 20.00 0.75 -11.03
N LYS I 139 18.77 0.54 -10.59
CA LYS I 139 17.72 1.50 -10.87
C LYS I 139 18.14 2.81 -10.23
N LYS I 140 18.54 2.72 -8.97
CA LYS I 140 18.98 3.88 -8.20
C LYS I 140 20.17 4.57 -8.87
N ASP I 141 20.84 3.87 -9.77
CA ASP I 141 21.98 4.47 -10.45
C ASP I 141 21.68 4.88 -11.88
N GLY I 142 20.41 4.89 -12.26
CA GLY I 142 20.04 5.33 -13.59
C GLY I 142 19.60 4.30 -14.63
N ALA I 143 19.59 3.04 -14.27
CA ALA I 143 19.18 2.01 -15.22
C ALA I 143 17.67 1.84 -15.18
N ASP I 144 17.08 1.59 -16.34
CA ASP I 144 15.63 1.40 -16.42
C ASP I 144 15.27 0.10 -17.10
N PHE I 145 16.28 -0.58 -17.62
CA PHE I 145 16.04 -1.86 -18.26
C PHE I 145 17.27 -2.75 -18.12
N ALA I 146 17.09 -4.05 -18.22
CA ALA I 146 18.20 -4.99 -18.07
C ALA I 146 18.22 -6.04 -19.17
N LYS I 147 19.31 -6.81 -19.21
CA LYS I 147 19.45 -7.87 -20.19
C LYS I 147 19.98 -9.12 -19.50
N TRP I 148 19.45 -10.28 -19.90
CA TRP I 148 19.85 -11.56 -19.36
C TRP I 148 19.96 -12.49 -20.55
N ARG I 149 21.12 -13.09 -20.77
CA ARG I 149 21.24 -13.95 -21.94
C ARG I 149 21.28 -15.44 -21.70
N CYS I 150 20.31 -16.16 -22.25
CA CYS I 150 20.28 -17.61 -22.16
C CYS I 150 20.79 -18.06 -23.52
N VAL I 151 21.35 -19.26 -23.60
CA VAL I 151 21.86 -19.71 -24.87
C VAL I 151 21.41 -21.11 -25.21
N LEU I 152 20.76 -21.27 -26.36
CA LEU I 152 20.33 -22.58 -26.81
C LEU I 152 21.16 -22.94 -28.04
N LYS I 153 21.28 -24.22 -28.36
CA LYS I 153 22.10 -24.66 -29.47
C LYS I 153 21.32 -25.63 -30.35
N ILE I 154 21.56 -25.61 -31.67
CA ILE I 154 20.84 -26.54 -32.55
C ILE I 154 21.77 -27.62 -33.08
N SER I 155 21.38 -28.87 -32.88
CA SER I 155 22.13 -30.05 -33.32
C SER I 155 21.13 -31.21 -33.46
N GLU I 156 21.60 -32.41 -33.76
CA GLU I 156 20.71 -33.55 -33.94
C GLU I 156 19.75 -33.68 -32.78
N ARG I 157 20.19 -33.27 -31.60
CA ARG I 157 19.33 -33.38 -30.44
C ARG I 157 19.78 -32.40 -29.37
N THR I 158 19.71 -31.11 -29.65
CA THR I 158 20.18 -30.15 -28.67
C THR I 158 19.18 -29.34 -27.91
N PRO I 159 18.39 -28.48 -28.59
CA PRO I 159 17.48 -27.76 -27.71
C PRO I 159 16.59 -28.83 -27.11
N SER I 160 17.05 -29.40 -25.99
CA SER I 160 16.37 -30.48 -25.30
C SER I 160 15.29 -29.99 -24.36
N ALA I 161 14.30 -30.85 -24.12
CA ALA I 161 13.20 -30.48 -23.25
C ALA I 161 13.77 -29.78 -22.03
N LEU I 162 14.81 -30.35 -21.44
CA LEU I 162 15.41 -29.74 -20.27
C LEU I 162 15.91 -28.34 -20.56
N ALA I 163 16.77 -28.21 -21.57
CA ALA I 163 17.31 -26.91 -21.93
C ALA I 163 16.23 -25.87 -22.22
N ILE I 164 15.16 -26.28 -22.87
CA ILE I 164 14.09 -25.36 -23.16
C ILE I 164 13.33 -25.07 -21.87
N LEU I 165 12.99 -26.11 -21.12
CA LEU I 165 12.27 -26.00 -19.84
C LEU I 165 13.01 -25.01 -18.97
N GLU I 166 14.24 -25.36 -18.57
CA GLU I 166 15.08 -24.46 -17.78
C GLU I 166 15.34 -23.40 -18.83
N ASN I 167 15.95 -22.28 -18.46
CA ASN I 167 16.19 -21.22 -19.46
C ASN I 167 14.89 -20.46 -19.60
N ALA I 168 13.88 -21.09 -20.19
CA ALA I 168 12.60 -20.43 -20.32
C ALA I 168 12.18 -20.03 -18.91
N ASN I 169 12.42 -20.94 -17.96
CA ASN I 169 12.06 -20.68 -16.59
C ASN I 169 12.96 -19.62 -15.97
N VAL I 170 14.26 -19.72 -16.21
CA VAL I 170 15.19 -18.74 -15.66
C VAL I 170 14.85 -17.35 -16.15
N LEU I 171 14.59 -17.24 -17.45
CA LEU I 171 14.24 -15.97 -18.02
C LEU I 171 13.04 -15.40 -17.25
N ALA I 172 12.01 -16.22 -17.10
CA ALA I 172 10.81 -15.79 -16.39
C ALA I 172 11.12 -15.30 -14.99
N ARG I 173 12.00 -16.00 -14.28
CA ARG I 173 12.38 -15.60 -12.93
C ARG I 173 13.01 -14.22 -13.00
N TYR I 174 14.06 -14.10 -13.79
CA TYR I 174 14.78 -12.85 -13.99
C TYR I 174 13.82 -11.71 -14.33
N ALA I 175 12.96 -11.94 -15.31
CA ALA I 175 11.99 -10.94 -15.73
C ALA I 175 11.12 -10.50 -14.56
N SER I 176 10.56 -11.47 -13.85
CA SER I 176 9.70 -11.18 -12.70
C SER I 176 10.38 -10.28 -11.69
N ILE I 177 11.63 -10.61 -11.35
CA ILE I 177 12.41 -9.85 -10.38
C ILE I 177 12.69 -8.43 -10.84
N CYS I 178 13.04 -8.26 -12.11
CA CYS I 178 13.32 -6.94 -12.64
C CYS I 178 12.09 -6.04 -12.50
N GLN I 179 10.95 -6.53 -12.96
CA GLN I 179 9.74 -5.72 -12.90
C GLN I 179 9.34 -5.28 -11.51
N GLN I 180 9.53 -6.12 -10.50
CA GLN I 180 9.13 -5.69 -9.17
C GLN I 180 10.10 -4.61 -8.67
N ASN I 181 11.13 -4.32 -9.46
CA ASN I 181 12.13 -3.30 -9.13
C ASN I 181 12.11 -2.13 -10.14
N GLY I 182 10.99 -1.99 -10.85
CA GLY I 182 10.85 -0.93 -11.82
C GLY I 182 11.86 -0.98 -12.96
N ILE I 183 12.25 -2.18 -13.37
CA ILE I 183 13.20 -2.32 -14.45
C ILE I 183 12.68 -3.21 -15.57
N VAL I 184 12.62 -2.66 -16.77
CA VAL I 184 12.14 -3.43 -17.91
C VAL I 184 13.16 -4.50 -18.26
N PRO I 185 12.73 -5.76 -18.34
CA PRO I 185 13.67 -6.83 -18.67
C PRO I 185 13.67 -7.21 -20.14
N ILE I 186 14.86 -7.37 -20.71
CA ILE I 186 14.96 -7.82 -22.09
C ILE I 186 15.16 -9.32 -21.97
N VAL I 187 14.20 -10.08 -22.47
CA VAL I 187 14.27 -11.53 -22.41
C VAL I 187 15.04 -12.01 -23.64
N GLU I 188 16.25 -12.50 -23.43
CA GLU I 188 17.06 -12.95 -24.55
C GLU I 188 17.33 -14.45 -24.64
N PRO I 189 16.47 -15.17 -25.37
CA PRO I 189 16.63 -16.61 -25.54
C PRO I 189 17.36 -16.80 -26.87
N GLU I 190 18.70 -16.67 -26.86
CA GLU I 190 19.44 -16.80 -28.10
C GLU I 190 19.70 -18.22 -28.57
N ILE I 191 19.19 -18.53 -29.75
CA ILE I 191 19.41 -19.84 -30.35
C ILE I 191 20.62 -19.66 -31.29
N LEU I 192 21.79 -20.12 -30.88
CA LEU I 192 23.00 -19.99 -31.70
C LEU I 192 22.84 -20.49 -33.13
N PRO I 193 23.62 -19.94 -34.07
CA PRO I 193 23.65 -20.25 -35.49
C PRO I 193 24.55 -21.43 -35.82
N ASP I 194 25.44 -21.79 -34.90
CA ASP I 194 26.37 -22.89 -35.14
C ASP I 194 25.63 -24.12 -35.65
N GLY I 195 26.21 -24.76 -36.65
CA GLY I 195 25.60 -25.95 -37.21
C GLY I 195 25.41 -25.83 -38.70
N ASP I 196 24.96 -26.90 -39.34
CA ASP I 196 24.71 -26.89 -40.77
C ASP I 196 23.22 -27.02 -41.08
N HIS I 197 22.37 -26.65 -40.13
CA HIS I 197 20.92 -26.73 -40.32
C HIS I 197 20.42 -25.64 -41.28
N ASP I 198 19.33 -25.94 -41.99
CA ASP I 198 18.77 -24.98 -42.95
C ASP I 198 17.80 -24.03 -42.28
N LEU I 199 17.37 -23.02 -43.03
CA LEU I 199 16.43 -22.04 -42.49
C LEU I 199 15.21 -22.68 -41.85
N LYS I 200 14.58 -23.63 -42.55
CA LYS I 200 13.40 -24.33 -42.02
C LYS I 200 13.59 -24.73 -40.56
N ARG I 201 14.66 -25.48 -40.30
CA ARG I 201 14.93 -25.96 -38.95
C ARG I 201 15.06 -24.86 -37.90
N CYS I 202 15.81 -23.80 -38.24
CA CYS I 202 15.99 -22.73 -37.30
C CYS I 202 14.65 -22.10 -36.96
N GLN I 203 13.78 -21.98 -37.96
CA GLN I 203 12.49 -21.40 -37.72
C GLN I 203 11.72 -22.29 -36.74
N TYR I 204 11.73 -23.59 -37.01
CA TYR I 204 11.05 -24.56 -36.18
C TYR I 204 11.49 -24.43 -34.72
N VAL I 205 12.78 -24.60 -34.51
CA VAL I 205 13.34 -24.51 -33.17
C VAL I 205 13.01 -23.16 -32.54
N THR I 206 13.16 -22.09 -33.30
CA THR I 206 12.86 -20.77 -32.76
C THR I 206 11.42 -20.70 -32.28
N GLU I 207 10.52 -21.23 -33.09
CA GLU I 207 9.11 -21.21 -32.72
C GLU I 207 8.85 -21.97 -31.43
N LYS I 208 9.44 -23.17 -31.31
CA LYS I 208 9.24 -23.97 -30.09
C LYS I 208 9.84 -23.29 -28.86
N VAL I 209 11.04 -22.75 -29.00
CA VAL I 209 11.69 -22.09 -27.87
C VAL I 209 10.86 -20.90 -27.42
N LEU I 210 10.49 -20.02 -28.34
CA LEU I 210 9.70 -18.87 -27.96
C LEU I 210 8.38 -19.29 -27.31
N ALA I 211 7.69 -20.25 -27.92
CA ALA I 211 6.42 -20.73 -27.37
C ALA I 211 6.58 -21.10 -25.89
N ALA I 212 7.71 -21.69 -25.55
CA ALA I 212 7.96 -22.10 -24.18
C ALA I 212 8.25 -20.88 -23.33
N VAL I 213 9.09 -20.00 -23.87
CA VAL I 213 9.46 -18.79 -23.15
C VAL I 213 8.25 -17.98 -22.72
N TYR I 214 7.29 -17.79 -23.61
CA TYR I 214 6.14 -16.99 -23.22
C TYR I 214 5.22 -17.68 -22.24
N LYS I 215 5.09 -19.00 -22.37
CA LYS I 215 4.24 -19.74 -21.44
C LYS I 215 4.85 -19.59 -20.05
N ALA I 216 6.18 -19.60 -19.99
CA ALA I 216 6.90 -19.46 -18.73
C ALA I 216 6.61 -18.09 -18.14
N LEU I 217 6.79 -17.06 -18.96
CA LEU I 217 6.54 -15.72 -18.50
C LEU I 217 5.15 -15.64 -17.92
N SER I 218 4.18 -16.28 -18.57
CA SER I 218 2.81 -16.28 -18.07
C SER I 218 2.76 -16.88 -16.68
N ASP I 219 3.34 -18.08 -16.56
CA ASP I 219 3.36 -18.81 -15.31
C ASP I 219 3.95 -17.98 -14.17
N HIS I 220 4.96 -17.18 -14.48
CA HIS I 220 5.60 -16.36 -13.46
C HIS I 220 4.98 -14.98 -13.29
N HIS I 221 3.85 -14.78 -13.95
CA HIS I 221 3.13 -13.52 -13.86
C HIS I 221 3.91 -12.31 -14.36
N VAL I 222 4.74 -12.50 -15.38
CA VAL I 222 5.51 -11.39 -15.93
C VAL I 222 4.58 -10.50 -16.77
N TYR I 223 4.74 -9.19 -16.60
CA TYR I 223 3.93 -8.18 -17.31
C TYR I 223 4.50 -8.00 -18.71
N LEU I 224 3.86 -8.64 -19.69
CA LEU I 224 4.36 -8.59 -21.06
C LEU I 224 4.61 -7.22 -21.65
N GLU I 225 3.64 -6.31 -21.51
CA GLU I 225 3.80 -4.98 -22.07
C GLU I 225 4.90 -4.17 -21.39
N GLY I 226 5.61 -4.78 -20.47
CA GLY I 226 6.70 -4.12 -19.77
C GLY I 226 7.98 -4.92 -19.95
N THR I 227 8.09 -5.58 -21.10
CA THR I 227 9.25 -6.40 -21.41
C THR I 227 9.64 -6.19 -22.86
N LEU I 228 10.75 -6.81 -23.26
CA LEU I 228 11.22 -6.74 -24.62
C LEU I 228 11.82 -8.09 -24.95
N LEU I 229 11.74 -8.48 -26.21
CA LEU I 229 12.29 -9.77 -26.63
C LEU I 229 13.50 -9.57 -27.53
N LYS I 230 14.61 -10.19 -27.15
CA LYS I 230 15.84 -10.07 -27.92
C LYS I 230 16.16 -11.47 -28.44
N PRO I 231 15.50 -11.89 -29.51
CA PRO I 231 15.74 -13.21 -30.09
C PRO I 231 16.74 -13.14 -31.22
N ASN I 232 17.05 -14.30 -31.77
CA ASN I 232 17.96 -14.40 -32.88
C ASN I 232 17.05 -14.30 -34.11
N MET I 233 17.55 -13.81 -35.23
CA MET I 233 16.70 -13.79 -36.41
C MET I 233 16.74 -15.24 -36.85
N VAL I 234 15.68 -15.77 -37.42
CA VAL I 234 15.76 -17.16 -37.84
C VAL I 234 16.56 -17.17 -39.14
N THR I 235 17.65 -17.93 -39.14
CA THR I 235 18.56 -18.03 -40.28
C THR I 235 19.24 -19.39 -40.29
N PRO I 236 19.82 -19.78 -41.43
CA PRO I 236 20.51 -21.06 -41.57
C PRO I 236 21.72 -21.09 -40.67
N GLY I 237 22.24 -22.29 -40.42
CA GLY I 237 23.41 -22.42 -39.58
C GLY I 237 24.62 -21.88 -40.31
N HIS I 238 25.62 -21.38 -39.58
CA HIS I 238 26.82 -20.83 -40.20
C HIS I 238 27.33 -21.77 -41.27
N ALA I 239 27.24 -23.06 -40.99
CA ALA I 239 27.72 -24.09 -41.89
C ALA I 239 26.72 -24.57 -42.93
N CYS I 240 25.54 -23.94 -43.04
CA CYS I 240 24.60 -24.40 -44.04
C CYS I 240 25.09 -23.92 -45.40
N PRO I 241 25.11 -24.82 -46.39
CA PRO I 241 25.56 -24.52 -47.75
C PRO I 241 24.61 -23.61 -48.51
N ILE I 242 23.31 -23.82 -48.28
CA ILE I 242 22.26 -23.06 -48.95
C ILE I 242 22.29 -21.55 -48.75
N LYS I 243 22.01 -20.83 -49.82
CA LYS I 243 22.01 -19.37 -49.81
C LYS I 243 20.56 -18.88 -49.72
N TYR I 244 20.33 -17.87 -48.88
CA TYR I 244 18.99 -17.32 -48.71
C TYR I 244 18.89 -15.82 -48.88
N THR I 245 17.74 -15.37 -49.40
CA THR I 245 17.48 -13.96 -49.61
C THR I 245 17.18 -13.32 -48.28
N PRO I 246 17.60 -12.06 -48.09
CA PRO I 246 17.29 -11.45 -46.80
C PRO I 246 15.76 -11.38 -46.75
N GLU I 247 15.14 -11.54 -47.91
CA GLU I 247 13.69 -11.55 -48.00
C GLU I 247 13.23 -12.83 -47.31
N GLU I 248 13.83 -13.94 -47.72
CA GLU I 248 13.51 -15.25 -47.18
C GLU I 248 13.74 -15.31 -45.67
N ILE I 249 14.81 -14.69 -45.23
CA ILE I 249 15.13 -14.66 -43.81
C ILE I 249 14.06 -13.85 -43.07
N ALA I 250 13.72 -12.70 -43.63
CA ALA I 250 12.70 -11.85 -43.01
C ALA I 250 11.37 -12.59 -42.94
N MET I 251 11.07 -13.32 -43.99
CA MET I 251 9.82 -14.08 -44.07
C MET I 251 9.72 -15.10 -42.94
N ALA I 252 10.78 -15.87 -42.74
CA ALA I 252 10.78 -16.89 -41.70
C ALA I 252 10.79 -16.28 -40.30
N THR I 253 11.63 -15.26 -40.13
CA THR I 253 11.73 -14.58 -38.85
C THR I 253 10.40 -13.98 -38.41
N VAL I 254 9.75 -13.25 -39.30
CA VAL I 254 8.48 -12.65 -38.93
C VAL I 254 7.40 -13.72 -38.72
N THR I 255 7.41 -14.76 -39.53
CA THR I 255 6.41 -15.80 -39.36
C THR I 255 6.57 -16.42 -37.98
N ALA I 256 7.80 -16.79 -37.64
CA ALA I 256 8.07 -17.38 -36.35
C ALA I 256 7.56 -16.50 -35.22
N LEU I 257 7.98 -15.24 -35.24
CA LEU I 257 7.58 -14.30 -34.21
C LEU I 257 6.07 -14.12 -34.11
N ARG I 258 5.38 -14.07 -35.23
CA ARG I 258 3.94 -13.86 -35.14
C ARG I 258 3.13 -15.11 -34.83
N ARG I 259 3.84 -16.21 -34.58
CA ARG I 259 3.18 -17.46 -34.22
C ARG I 259 3.39 -17.70 -32.74
N THR I 260 4.21 -16.86 -32.12
CA THR I 260 4.54 -17.04 -30.72
C THR I 260 4.52 -15.82 -29.81
N VAL I 261 4.92 -14.66 -30.31
CA VAL I 261 4.93 -13.48 -29.45
C VAL I 261 3.57 -12.78 -29.32
N PRO I 262 3.08 -12.62 -28.08
CA PRO I 262 1.78 -11.94 -27.99
C PRO I 262 1.88 -10.47 -28.39
N PRO I 263 0.81 -9.92 -28.98
CA PRO I 263 0.71 -8.54 -29.42
C PRO I 263 1.11 -7.56 -28.34
N ALA I 264 0.91 -7.96 -27.09
CA ALA I 264 1.23 -7.10 -25.95
C ALA I 264 2.71 -6.75 -25.81
N VAL I 265 3.60 -7.56 -26.37
CA VAL I 265 5.01 -7.25 -26.27
C VAL I 265 5.26 -6.03 -27.15
N PRO I 266 5.75 -4.94 -26.55
CA PRO I 266 6.04 -3.70 -27.27
C PRO I 266 7.03 -3.79 -28.41
N GLY I 267 8.11 -4.54 -28.22
CA GLY I 267 9.06 -4.63 -29.31
C GLY I 267 10.01 -5.80 -29.22
N VAL I 268 10.51 -6.21 -30.39
CA VAL I 268 11.46 -7.30 -30.50
C VAL I 268 12.75 -6.67 -30.95
N THR I 269 13.80 -6.75 -30.14
CA THR I 269 15.08 -6.16 -30.51
C THR I 269 16.06 -7.25 -30.90
N PHE I 270 16.11 -7.57 -32.20
CA PHE I 270 16.98 -8.63 -32.69
C PHE I 270 18.44 -8.49 -32.30
N LEU I 271 19.11 -9.64 -32.20
CA LEU I 271 20.52 -9.68 -31.87
C LEU I 271 21.29 -9.95 -33.18
N SER I 272 22.35 -9.17 -33.40
CA SER I 272 23.15 -9.30 -34.61
C SER I 272 23.77 -10.68 -34.78
N GLY I 273 24.01 -11.35 -33.66
CA GLY I 273 24.61 -12.67 -33.73
C GLY I 273 25.95 -12.68 -34.43
N GLY I 274 26.11 -13.56 -35.41
CA GLY I 274 27.37 -13.62 -36.13
C GLY I 274 27.34 -12.86 -37.45
N GLN I 275 26.25 -12.13 -37.70
CA GLN I 275 26.09 -11.37 -38.92
C GLN I 275 27.08 -10.23 -38.99
N SER I 276 27.38 -9.80 -40.23
CA SER I 276 28.30 -8.69 -40.48
C SER I 276 27.52 -7.40 -40.31
N GLU I 277 28.23 -6.28 -40.18
CA GLU I 277 27.53 -5.00 -39.99
C GLU I 277 26.45 -4.81 -41.03
N GLU I 278 26.75 -5.17 -42.28
CA GLU I 278 25.79 -5.02 -43.36
C GLU I 278 24.69 -6.06 -43.31
N GLU I 279 25.10 -7.32 -43.17
CA GLU I 279 24.17 -8.44 -43.10
C GLU I 279 23.05 -8.15 -42.10
N ALA I 280 23.42 -7.61 -40.94
CA ALA I 280 22.45 -7.29 -39.91
C ALA I 280 21.50 -6.21 -40.40
N SER I 281 22.07 -5.14 -40.95
CA SER I 281 21.28 -4.01 -41.45
C SER I 281 20.32 -4.45 -42.57
N PHE I 282 20.84 -5.20 -43.53
CA PHE I 282 20.03 -5.68 -44.65
C PHE I 282 18.88 -6.54 -44.16
N ASN I 283 19.22 -7.55 -43.37
CA ASN I 283 18.23 -8.46 -42.82
C ASN I 283 17.19 -7.69 -41.99
N LEU I 284 17.63 -6.79 -41.13
CA LEU I 284 16.67 -6.04 -40.33
C LEU I 284 15.75 -5.25 -41.24
N ASN I 285 16.32 -4.58 -42.23
CA ASN I 285 15.53 -3.80 -43.16
C ASN I 285 14.49 -4.71 -43.82
N ALA I 286 14.96 -5.81 -44.38
CA ALA I 286 14.08 -6.76 -45.04
C ALA I 286 12.92 -7.14 -44.13
N ILE I 287 13.23 -7.43 -42.86
CA ILE I 287 12.23 -7.80 -41.88
C ILE I 287 11.17 -6.70 -41.80
N ASN I 288 11.61 -5.46 -41.64
CA ASN I 288 10.69 -4.35 -41.55
C ASN I 288 9.97 -4.06 -42.86
N ARG I 289 10.31 -4.82 -43.90
CA ARG I 289 9.66 -4.64 -45.19
C ARG I 289 8.86 -5.88 -45.55
N CYS I 290 8.82 -6.84 -44.63
CA CYS I 290 8.07 -8.07 -44.84
C CYS I 290 6.59 -7.74 -44.95
N PRO I 291 5.89 -8.39 -45.89
CA PRO I 291 4.45 -8.21 -46.15
C PRO I 291 3.57 -8.48 -44.94
N LEU I 292 3.94 -9.49 -44.17
CA LEU I 292 3.19 -9.87 -42.99
C LEU I 292 3.09 -8.73 -41.97
N PRO I 293 1.94 -8.61 -41.30
CA PRO I 293 1.65 -7.58 -40.30
C PRO I 293 2.44 -7.84 -39.01
N ARG I 294 2.89 -6.78 -38.35
CA ARG I 294 3.64 -6.93 -37.12
C ARG I 294 3.14 -5.99 -36.03
N PRO I 295 2.52 -6.54 -34.99
CA PRO I 295 1.96 -5.80 -33.84
C PRO I 295 3.00 -5.16 -32.93
N TRP I 296 4.27 -5.42 -33.21
CA TRP I 296 5.36 -4.93 -32.36
C TRP I 296 6.51 -4.30 -33.13
N ALA I 297 7.29 -3.50 -32.42
CA ALA I 297 8.45 -2.86 -33.03
C ALA I 297 9.41 -3.97 -33.42
N LEU I 298 10.07 -3.82 -34.55
CA LEU I 298 11.03 -4.81 -34.96
C LEU I 298 12.34 -4.10 -35.20
N THR I 299 13.09 -3.76 -34.15
CA THR I 299 14.36 -3.09 -34.37
C THR I 299 15.55 -3.98 -34.01
N PHE I 300 16.62 -3.34 -33.55
CA PHE I 300 17.86 -4.04 -33.22
C PHE I 300 18.38 -3.82 -31.81
N SER I 301 19.21 -4.75 -31.37
CA SER I 301 19.89 -4.70 -30.07
C SER I 301 21.20 -5.32 -30.49
N TYR I 302 21.95 -4.57 -31.27
CA TYR I 302 23.21 -5.01 -31.81
C TYR I 302 24.46 -4.75 -30.97
N GLY I 303 25.39 -5.69 -31.04
CA GLY I 303 26.63 -5.55 -30.30
C GLY I 303 27.74 -5.31 -31.27
N ARG I 304 28.23 -6.35 -31.93
CA ARG I 304 29.31 -6.17 -32.86
C ARG I 304 28.83 -5.45 -34.11
N ALA I 305 27.63 -5.79 -34.57
CA ALA I 305 27.08 -5.18 -35.77
C ALA I 305 27.00 -3.65 -35.73
N LEU I 306 27.28 -3.07 -34.58
CA LEU I 306 27.25 -1.62 -34.43
C LEU I 306 28.65 -1.08 -34.18
N GLN I 307 29.53 -1.90 -33.64
CA GLN I 307 30.87 -1.42 -33.35
C GLN I 307 32.04 -2.14 -34.00
N ALA I 308 31.76 -2.97 -35.00
CA ALA I 308 32.85 -3.69 -35.65
C ALA I 308 33.82 -2.71 -36.29
N SER I 309 33.34 -2.01 -37.31
CA SER I 309 34.17 -1.05 -38.02
C SER I 309 34.64 0.05 -37.07
N ALA I 310 33.79 0.44 -36.13
CA ALA I 310 34.16 1.47 -35.17
C ALA I 310 35.42 1.05 -34.42
N LEU I 311 35.39 -0.17 -33.91
CA LEU I 311 36.51 -0.73 -33.15
C LEU I 311 37.72 -0.87 -34.04
N ASN I 312 37.47 -1.28 -35.28
CA ASN I 312 38.53 -1.48 -36.25
C ASN I 312 39.23 -0.17 -36.60
N ALA I 313 38.48 0.93 -36.59
CA ALA I 313 39.01 2.24 -36.90
C ALA I 313 39.84 2.76 -35.72
N TRP I 314 39.23 2.79 -34.53
CA TRP I 314 39.91 3.26 -33.33
C TRP I 314 41.29 2.63 -33.22
N ARG I 315 41.32 1.31 -33.25
CA ARG I 315 42.57 0.56 -33.20
C ARG I 315 43.43 0.94 -31.98
N GLY I 316 42.79 1.48 -30.94
CA GLY I 316 43.51 1.87 -29.74
C GLY I 316 44.16 3.24 -29.78
N GLN I 317 44.19 3.86 -30.96
CA GLN I 317 44.81 5.17 -31.11
C GLN I 317 43.93 6.34 -30.67
N ARG I 318 44.48 7.23 -29.86
CA ARG I 318 43.72 8.37 -29.36
C ARG I 318 43.26 9.29 -30.48
N ASP I 319 44.01 9.32 -31.58
CA ASP I 319 43.67 10.17 -32.72
C ASP I 319 42.49 9.58 -33.48
N ASN I 320 42.54 8.27 -33.69
CA ASN I 320 41.48 7.57 -34.42
C ASN I 320 40.13 7.59 -33.70
N ALA I 321 40.11 8.13 -32.48
CA ALA I 321 38.90 8.22 -31.67
C ALA I 321 37.69 8.75 -32.46
N GLY I 322 37.82 9.96 -33.01
CA GLY I 322 36.75 10.57 -33.77
C GLY I 322 36.29 9.76 -34.97
N ALA I 323 37.24 9.14 -35.66
CA ALA I 323 36.92 8.33 -36.82
C ALA I 323 36.11 7.13 -36.35
N ALA I 324 36.57 6.51 -35.27
CA ALA I 324 35.91 5.36 -34.70
C ALA I 324 34.48 5.75 -34.37
N THR I 325 34.32 6.86 -33.67
CA THR I 325 33.00 7.36 -33.30
C THR I 325 32.11 7.55 -34.52
N GLU I 326 32.72 7.97 -35.62
CA GLU I 326 31.96 8.17 -36.85
C GLU I 326 31.47 6.83 -37.38
N GLU I 327 32.37 5.86 -37.42
CA GLU I 327 32.03 4.53 -37.92
C GLU I 327 30.81 4.00 -37.17
N PHE I 328 30.76 4.26 -35.86
CA PHE I 328 29.66 3.83 -35.03
C PHE I 328 28.38 4.58 -35.41
N ILE I 329 28.42 5.91 -35.29
CA ILE I 329 27.26 6.73 -35.63
C ILE I 329 26.70 6.34 -36.99
N LYS I 330 27.60 5.98 -37.91
CA LYS I 330 27.17 5.59 -39.26
C LYS I 330 26.25 4.37 -39.17
N ARG I 331 26.76 3.28 -38.61
CA ARG I 331 25.98 2.06 -38.47
C ARG I 331 24.74 2.30 -37.62
N ALA I 332 24.88 3.09 -36.56
CA ALA I 332 23.74 3.38 -35.70
C ALA I 332 22.61 4.02 -36.53
N GLU I 333 22.99 4.92 -37.43
CA GLU I 333 22.01 5.59 -38.25
C GLU I 333 21.36 4.68 -39.28
N VAL I 334 22.18 3.92 -40.00
CA VAL I 334 21.64 3.03 -41.02
C VAL I 334 20.67 2.02 -40.39
N ASN I 335 21.06 1.46 -39.25
CA ASN I 335 20.20 0.47 -38.60
C ASN I 335 18.95 1.15 -38.10
N GLY I 336 19.06 2.43 -37.78
CA GLY I 336 17.89 3.17 -37.32
C GLY I 336 16.92 3.28 -38.48
N LEU I 337 17.46 3.23 -39.70
CA LEU I 337 16.64 3.28 -40.91
C LEU I 337 16.09 1.90 -41.20
N ALA I 338 16.96 0.90 -41.11
CA ALA I 338 16.56 -0.49 -41.34
C ALA I 338 15.45 -0.86 -40.37
N ALA I 339 15.43 -0.20 -39.23
CA ALA I 339 14.42 -0.44 -38.21
C ALA I 339 13.07 0.10 -38.65
N GLN I 340 13.01 0.67 -39.84
CA GLN I 340 11.76 1.20 -40.38
C GLN I 340 11.61 0.75 -41.83
N GLY I 341 12.50 -0.14 -42.24
CA GLY I 341 12.47 -0.67 -43.59
C GLY I 341 12.84 0.36 -44.63
N LYS I 342 13.24 1.53 -44.16
CA LYS I 342 13.61 2.60 -45.08
C LYS I 342 15.12 2.80 -45.16
N TYR I 343 15.83 1.74 -45.53
CA TYR I 343 17.27 1.82 -45.67
C TYR I 343 17.60 1.29 -47.05
N GLU I 344 18.29 2.08 -47.86
CA GLU I 344 18.64 1.64 -49.20
C GLU I 344 20.15 1.37 -49.28
N HIS J 3 19.61 -38.67 -26.47
CA HIS J 3 19.35 -37.65 -25.43
C HIS J 3 19.93 -38.07 -24.08
N SER J 4 20.72 -39.15 -24.10
CA SER J 4 21.36 -39.68 -22.89
C SER J 4 22.88 -39.45 -22.89
N TYR J 5 23.32 -38.37 -22.26
CA TYR J 5 24.73 -38.03 -22.17
C TYR J 5 25.18 -38.13 -20.71
N PRO J 6 25.53 -39.35 -20.26
CA PRO J 6 25.98 -39.70 -18.91
C PRO J 6 26.46 -38.55 -18.03
N ALA J 7 25.60 -38.15 -17.10
CA ALA J 7 25.92 -37.08 -16.17
C ALA J 7 27.03 -37.51 -15.23
N LEU J 8 26.98 -38.76 -14.81
CA LEU J 8 27.98 -39.31 -13.90
C LEU J 8 28.58 -40.60 -14.39
N SER J 9 29.85 -40.80 -14.06
CA SER J 9 30.56 -42.01 -14.44
C SER J 9 30.14 -43.07 -13.44
N ALA J 10 30.52 -44.31 -13.71
CA ALA J 10 30.16 -45.41 -12.83
C ALA J 10 30.82 -45.20 -11.48
N GLU J 11 32.07 -44.76 -11.50
CA GLU J 11 32.82 -44.52 -10.28
C GLU J 11 32.10 -43.49 -9.44
N GLN J 12 31.72 -42.39 -10.07
CA GLN J 12 31.04 -41.29 -9.40
C GLN J 12 29.72 -41.70 -8.77
N LYS J 13 28.91 -42.44 -9.52
CA LYS J 13 27.64 -42.88 -9.00
C LYS J 13 27.90 -43.69 -7.74
N LYS J 14 28.93 -44.53 -7.79
CA LYS J 14 29.31 -45.36 -6.65
C LYS J 14 29.57 -44.49 -5.44
N GLU J 15 30.54 -43.58 -5.55
CA GLU J 15 30.89 -42.68 -4.45
C GLU J 15 29.68 -42.02 -3.82
N LEU J 16 28.76 -41.54 -4.66
CA LEU J 16 27.58 -40.87 -4.15
C LEU J 16 26.71 -41.86 -3.37
N SER J 17 26.40 -42.99 -3.99
CA SER J 17 25.58 -44.00 -3.35
C SER J 17 26.14 -44.42 -2.01
N ASP J 18 27.44 -44.68 -1.96
CA ASP J 18 28.09 -45.09 -0.72
C ASP J 18 27.85 -44.00 0.33
N ILE J 19 28.32 -42.80 0.05
CA ILE J 19 28.13 -41.70 0.98
C ILE J 19 26.70 -41.63 1.49
N ALA J 20 25.75 -41.75 0.59
CA ALA J 20 24.34 -41.68 0.97
C ALA J 20 24.00 -42.75 2.00
N LEU J 21 24.33 -44.00 1.67
CA LEU J 21 24.04 -45.12 2.55
C LEU J 21 24.72 -45.04 3.90
N ARG J 22 25.94 -44.51 3.96
CA ARG J 22 26.63 -44.40 5.22
C ARG J 22 25.84 -43.50 6.14
N ILE J 23 25.36 -42.40 5.59
CA ILE J 23 24.59 -41.44 6.36
C ILE J 23 23.32 -42.05 6.95
N VAL J 24 22.53 -42.74 6.14
CA VAL J 24 21.30 -43.31 6.67
C VAL J 24 21.40 -44.74 7.18
N ALA J 25 22.62 -45.20 7.41
CA ALA J 25 22.83 -46.55 7.92
C ALA J 25 21.92 -46.78 9.12
N PRO J 26 21.47 -48.02 9.33
CA PRO J 26 20.58 -48.44 10.41
C PRO J 26 20.83 -47.77 11.76
N GLY J 27 19.74 -47.35 12.41
CA GLY J 27 19.87 -46.71 13.70
C GLY J 27 20.65 -45.41 13.71
N LYS J 28 20.96 -44.90 12.52
CA LYS J 28 21.71 -43.64 12.40
C LYS J 28 20.86 -42.52 11.79
N GLY J 29 21.11 -41.30 12.27
CA GLY J 29 20.40 -40.14 11.78
C GLY J 29 21.36 -38.97 11.55
N ILE J 30 20.81 -37.79 11.31
CA ILE J 30 21.62 -36.61 11.03
C ILE J 30 21.46 -35.50 12.05
N LEU J 31 22.57 -34.92 12.48
CA LEU J 31 22.51 -33.80 13.40
C LEU J 31 22.56 -32.58 12.52
N ALA J 32 21.51 -31.77 12.56
CA ALA J 32 21.46 -30.57 11.75
C ALA J 32 21.87 -29.36 12.57
N ALA J 33 23.16 -29.02 12.49
CA ALA J 33 23.69 -27.88 13.22
C ALA J 33 24.06 -26.77 12.24
N ASP J 34 23.25 -26.63 11.19
CA ASP J 34 23.49 -25.63 10.16
C ASP J 34 22.75 -24.32 10.40
N GLU J 35 22.54 -23.98 11.67
CA GLU J 35 21.82 -22.75 12.00
C GLU J 35 22.55 -21.49 11.55
N SER J 36 21.90 -20.71 10.68
CA SER J 36 22.45 -19.47 10.17
C SER J 36 22.77 -18.56 11.36
N VAL J 37 23.75 -17.68 11.19
CA VAL J 37 24.11 -16.76 12.26
C VAL J 37 22.87 -15.97 12.70
N GLY J 38 21.92 -15.86 11.78
CA GLY J 38 20.69 -15.15 12.08
C GLY J 38 19.79 -15.94 13.01
N SER J 39 19.36 -17.12 12.57
CA SER J 39 18.48 -17.96 13.38
C SER J 39 19.20 -18.34 14.67
N MET J 40 20.53 -18.35 14.63
CA MET J 40 21.32 -18.69 15.80
C MET J 40 21.16 -17.60 16.86
N ALA J 41 20.91 -16.37 16.42
CA ALA J 41 20.73 -15.28 17.35
C ALA J 41 19.50 -15.53 18.19
N LYS J 42 18.41 -15.94 17.54
CA LYS J 42 17.17 -16.21 18.25
C LYS J 42 17.33 -17.33 19.27
N ARG J 43 17.97 -18.41 18.88
CA ARG J 43 18.15 -19.54 19.80
C ARG J 43 19.01 -19.17 20.99
N LEU J 44 20.09 -18.44 20.75
CA LEU J 44 20.96 -18.04 21.83
C LEU J 44 20.26 -17.06 22.76
N SER J 45 19.48 -16.14 22.20
CA SER J 45 18.77 -15.16 23.01
C SER J 45 17.89 -15.84 24.06
N GLN J 46 17.23 -16.93 23.69
CA GLN J 46 16.35 -17.62 24.62
C GLN J 46 17.05 -18.12 25.89
N ILE J 47 18.38 -18.25 25.83
CA ILE J 47 19.15 -18.71 26.99
C ILE J 47 20.15 -17.66 27.41
N GLY J 48 19.88 -16.40 27.04
CA GLY J 48 20.80 -15.32 27.35
C GLY J 48 21.82 -15.36 26.21
N VAL J 49 23.08 -15.56 26.54
CA VAL J 49 24.13 -15.69 25.53
C VAL J 49 24.13 -14.70 24.35
N GLU J 50 25.12 -13.81 24.32
CA GLU J 50 25.24 -12.85 23.23
C GLU J 50 25.52 -13.66 21.98
N ASN J 51 24.98 -13.23 20.84
CA ASN J 51 25.21 -13.94 19.60
C ASN J 51 26.55 -13.56 18.95
N THR J 52 27.63 -14.07 19.53
CA THR J 52 29.00 -13.82 19.05
C THR J 52 29.43 -14.99 18.18
N GLU J 53 30.53 -14.83 17.45
CA GLU J 53 31.02 -15.94 16.66
C GLU J 53 31.57 -16.92 17.67
N GLU J 54 32.15 -16.37 18.73
CA GLU J 54 32.71 -17.20 19.78
C GLU J 54 31.64 -18.01 20.49
N ASN J 55 30.60 -17.33 20.97
CA ASN J 55 29.54 -18.04 21.66
C ASN J 55 28.96 -19.15 20.81
N ARG J 56 28.98 -18.96 19.49
CA ARG J 56 28.46 -19.97 18.58
C ARG J 56 29.47 -21.12 18.55
N ARG J 57 30.74 -20.79 18.36
CA ARG J 57 31.78 -21.80 18.31
C ARG J 57 31.70 -22.63 19.59
N LEU J 58 31.55 -21.93 20.72
CA LEU J 58 31.46 -22.60 22.01
C LEU J 58 30.32 -23.59 22.03
N TYR J 59 29.13 -23.13 21.65
CA TYR J 59 27.98 -24.00 21.64
C TYR J 59 28.14 -25.19 20.67
N ARG J 60 28.59 -24.93 19.46
CA ARG J 60 28.77 -26.02 18.50
C ARG J 60 29.74 -27.04 19.08
N GLN J 61 30.67 -26.53 19.88
CA GLN J 61 31.67 -27.39 20.50
C GLN J 61 30.97 -28.33 21.47
N VAL J 62 30.00 -27.82 22.21
CA VAL J 62 29.26 -28.64 23.15
C VAL J 62 28.69 -29.86 22.43
N LEU J 63 28.24 -29.67 21.19
CA LEU J 63 27.69 -30.76 20.41
C LEU J 63 28.76 -31.68 19.86
N PHE J 64 29.73 -31.11 19.17
CA PHE J 64 30.81 -31.89 18.56
C PHE J 64 31.76 -32.59 19.49
N SER J 65 31.73 -32.21 20.76
CA SER J 65 32.61 -32.85 21.72
C SER J 65 31.97 -34.11 22.29
N ALA J 66 30.80 -34.49 21.78
CA ALA J 66 30.13 -35.70 22.26
C ALA J 66 31.10 -36.87 22.05
N ASP J 67 31.03 -37.86 22.94
CA ASP J 67 31.91 -39.02 22.87
C ASP J 67 31.47 -40.05 21.84
N ASP J 68 32.12 -41.21 21.86
CA ASP J 68 31.85 -42.30 20.92
C ASP J 68 30.47 -42.94 20.87
N ARG J 69 29.63 -42.74 21.88
CA ARG J 69 28.33 -43.38 21.80
C ARG J 69 27.45 -42.67 20.80
N VAL J 70 27.96 -41.55 20.29
CA VAL J 70 27.25 -40.76 19.30
C VAL J 70 27.44 -41.41 17.94
N LYS J 71 28.45 -42.27 17.84
CA LYS J 71 28.80 -42.98 16.61
C LYS J 71 27.74 -43.98 16.14
N LYS J 72 27.00 -44.57 17.08
CA LYS J 72 25.99 -45.54 16.71
C LYS J 72 24.70 -44.93 16.20
N CYS J 73 24.42 -43.69 16.59
CA CYS J 73 23.18 -43.04 16.18
C CYS J 73 23.31 -41.82 15.24
N ILE J 74 24.54 -41.35 15.03
CA ILE J 74 24.71 -40.21 14.15
C ILE J 74 25.53 -40.56 12.91
N GLY J 75 24.85 -40.61 11.77
CA GLY J 75 25.52 -40.94 10.53
C GLY J 75 26.17 -39.74 9.87
N GLY J 76 25.62 -38.55 10.15
CA GLY J 76 26.16 -37.34 9.57
C GLY J 76 25.81 -36.06 10.33
N VAL J 77 26.60 -35.02 10.11
CA VAL J 77 26.39 -33.74 10.76
C VAL J 77 26.37 -32.64 9.70
N ILE J 78 25.32 -31.83 9.69
CA ILE J 78 25.20 -30.75 8.74
C ILE J 78 25.76 -29.48 9.37
N PHE J 79 26.83 -28.95 8.78
CA PHE J 79 27.49 -27.73 9.26
C PHE J 79 26.99 -26.45 8.62
N PHE J 80 27.10 -25.35 9.36
CA PHE J 80 26.77 -24.06 8.79
C PHE J 80 28.14 -23.59 8.33
N HIS J 81 28.22 -22.98 7.15
CA HIS J 81 29.51 -22.52 6.62
C HIS J 81 30.56 -22.12 7.65
N GLU J 82 30.26 -21.05 8.38
CA GLU J 82 31.13 -20.53 9.43
C GLU J 82 31.74 -21.68 10.23
N THR J 83 30.85 -22.45 10.85
CA THR J 83 31.20 -23.59 11.68
C THR J 83 32.15 -24.60 11.02
N LEU J 84 31.97 -24.84 9.72
CA LEU J 84 32.82 -25.79 8.99
C LEU J 84 34.29 -25.40 9.04
N TYR J 85 34.57 -24.20 9.50
CA TYR J 85 35.96 -23.75 9.58
C TYR J 85 36.39 -23.36 10.99
N GLN J 86 35.56 -23.70 11.97
CA GLN J 86 35.90 -23.38 13.35
C GLN J 86 36.63 -24.54 14.00
N LYS J 87 37.31 -24.25 15.10
CA LYS J 87 38.07 -25.26 15.82
C LYS J 87 37.69 -25.26 17.29
N ASP J 88 37.94 -26.39 17.96
CA ASP J 88 37.64 -26.50 19.38
C ASP J 88 38.75 -25.81 20.17
N ASP J 89 38.64 -25.80 21.48
CA ASP J 89 39.64 -25.13 22.30
C ASP J 89 41.05 -25.70 22.17
N ASN J 90 41.17 -26.90 21.63
CA ASN J 90 42.48 -27.52 21.46
C ASN J 90 43.06 -27.19 20.09
N GLY J 91 42.33 -26.37 19.34
CA GLY J 91 42.78 -25.99 18.01
C GLY J 91 42.49 -27.07 16.99
N VAL J 92 41.57 -27.97 17.32
CA VAL J 92 41.20 -29.05 16.42
C VAL J 92 39.93 -28.75 15.65
N PRO J 93 40.03 -28.75 14.32
CA PRO J 93 38.91 -28.49 13.41
C PRO J 93 37.71 -29.35 13.74
N PHE J 94 36.56 -28.72 13.97
CA PHE J 94 35.35 -29.46 14.26
C PHE J 94 35.15 -30.54 13.19
N VAL J 95 35.48 -30.21 11.95
CA VAL J 95 35.35 -31.16 10.86
C VAL J 95 36.20 -32.38 11.13
N ARG J 96 37.45 -32.14 11.51
CA ARG J 96 38.40 -33.20 11.82
C ARG J 96 37.78 -34.17 12.82
N THR J 97 37.34 -33.63 13.95
CA THR J 97 36.72 -34.41 15.00
C THR J 97 35.60 -35.30 14.48
N ILE J 98 34.54 -34.70 13.93
CA ILE J 98 33.43 -35.47 13.40
C ILE J 98 33.94 -36.53 12.42
N GLN J 99 34.90 -36.15 11.58
CA GLN J 99 35.46 -37.09 10.60
C GLN J 99 36.11 -38.29 11.24
N ASP J 100 36.90 -38.04 12.29
CA ASP J 100 37.59 -39.11 12.98
C ASP J 100 36.64 -40.12 13.60
N LYS J 101 35.44 -39.68 14.00
CA LYS J 101 34.47 -40.60 14.58
C LYS J 101 33.77 -41.36 13.46
N GLY J 102 34.20 -41.11 12.23
CA GLY J 102 33.61 -41.79 11.10
C GLY J 102 32.25 -41.25 10.69
N ILE J 103 31.86 -40.11 11.24
CA ILE J 103 30.58 -39.49 10.91
C ILE J 103 30.78 -38.68 9.63
N VAL J 104 29.76 -38.60 8.78
CA VAL J 104 29.90 -37.86 7.54
C VAL J 104 29.66 -36.36 7.73
N VAL J 105 30.41 -35.53 7.00
CA VAL J 105 30.31 -34.08 7.10
C VAL J 105 29.49 -33.44 5.96
N GLY J 106 28.63 -32.49 6.30
CA GLY J 106 27.82 -31.82 5.29
C GLY J 106 27.69 -30.32 5.54
N ILE J 107 27.29 -29.56 4.51
CA ILE J 107 27.10 -28.09 4.62
C ILE J 107 25.80 -27.64 4.00
N LYS J 108 25.19 -26.64 4.63
CA LYS J 108 23.97 -26.01 4.13
C LYS J 108 24.57 -25.14 3.01
N VAL J 109 24.01 -25.18 1.80
CA VAL J 109 24.56 -24.38 0.72
C VAL J 109 23.59 -23.34 0.16
N ASP J 110 22.30 -23.52 0.42
CA ASP J 110 21.31 -22.57 -0.08
C ASP J 110 21.63 -21.21 0.55
N LYS J 111 21.26 -20.15 -0.14
CA LYS J 111 21.51 -18.82 0.35
C LYS J 111 20.23 -18.13 0.76
N GLY J 112 19.36 -18.86 1.44
CA GLY J 112 18.12 -18.26 1.90
C GLY J 112 16.93 -18.26 0.97
N VAL J 113 15.78 -18.06 1.58
CA VAL J 113 14.52 -18.05 0.88
C VAL J 113 14.25 -16.65 0.36
N VAL J 114 13.53 -16.55 -0.75
CA VAL J 114 13.19 -15.25 -1.33
C VAL J 114 11.76 -15.28 -1.86
N PRO J 115 11.14 -14.09 -2.00
CA PRO J 115 9.77 -13.86 -2.47
C PRO J 115 9.45 -14.21 -3.90
N LEU J 116 8.28 -14.79 -4.10
CA LEU J 116 7.81 -15.11 -5.42
C LEU J 116 6.78 -14.03 -5.75
N ALA J 117 7.18 -13.07 -6.57
CA ALA J 117 6.29 -11.99 -6.95
C ALA J 117 4.99 -12.57 -7.49
N GLY J 118 3.87 -12.00 -7.08
CA GLY J 118 2.59 -12.46 -7.57
C GLY J 118 1.91 -13.57 -6.81
N THR J 119 2.52 -14.01 -5.71
CA THR J 119 1.96 -15.08 -4.92
C THR J 119 1.54 -14.55 -3.56
N ASP J 120 0.84 -15.39 -2.80
CA ASP J 120 0.38 -14.99 -1.47
C ASP J 120 1.48 -15.26 -0.46
N GLY J 121 2.51 -14.42 -0.49
CA GLY J 121 3.62 -14.56 0.44
C GLY J 121 4.36 -15.87 0.31
N GLU J 122 4.46 -16.39 -0.90
CA GLU J 122 5.18 -17.63 -1.10
C GLU J 122 6.60 -17.33 -1.48
N THR J 123 7.46 -18.35 -1.42
CA THR J 123 8.85 -18.14 -1.72
C THR J 123 9.48 -19.20 -2.59
N THR J 124 10.79 -19.06 -2.73
CA THR J 124 11.62 -19.99 -3.45
C THR J 124 12.96 -19.79 -2.77
N THR J 125 13.98 -20.51 -3.20
CA THR J 125 15.28 -20.41 -2.54
C THR J 125 16.39 -20.03 -3.50
N GLN J 126 17.34 -19.26 -3.01
CA GLN J 126 18.47 -18.89 -3.85
C GLN J 126 19.74 -19.52 -3.32
N GLY J 127 20.78 -19.55 -4.15
CA GLY J 127 22.04 -20.12 -3.74
C GLY J 127 22.77 -20.78 -4.90
N LEU J 128 22.07 -20.92 -6.03
CA LEU J 128 22.64 -21.56 -7.21
C LEU J 128 23.86 -20.85 -7.80
N ASP J 129 23.94 -19.53 -7.69
CA ASP J 129 25.08 -18.82 -8.26
C ASP J 129 26.40 -19.28 -7.64
N GLY J 130 27.29 -19.78 -8.48
CA GLY J 130 28.59 -20.24 -8.04
C GLY J 130 28.58 -21.51 -7.19
N LEU J 131 27.41 -22.13 -7.04
CA LEU J 131 27.31 -23.35 -6.23
C LEU J 131 28.30 -24.43 -6.63
N SER J 132 28.56 -24.58 -7.92
CA SER J 132 29.48 -25.63 -8.35
C SER J 132 30.88 -25.41 -7.77
N GLU J 133 31.39 -24.18 -7.87
CA GLU J 133 32.72 -23.86 -7.34
C GLU J 133 32.72 -24.11 -5.85
N ARG J 134 31.66 -23.67 -5.19
CA ARG J 134 31.54 -23.83 -3.76
C ARG J 134 31.54 -25.29 -3.33
N CYS J 135 30.80 -26.11 -4.06
CA CYS J 135 30.74 -27.53 -3.73
C CYS J 135 32.13 -28.11 -3.86
N ALA J 136 32.76 -27.84 -4.99
CA ALA J 136 34.11 -28.34 -5.21
C ALA J 136 34.99 -28.01 -4.01
N GLN J 137 34.84 -26.80 -3.48
CA GLN J 137 35.62 -26.35 -2.32
C GLN J 137 35.24 -27.12 -1.06
N TYR J 138 33.95 -27.14 -0.77
CA TYR J 138 33.45 -27.83 0.41
C TYR J 138 33.89 -29.29 0.40
N LYS J 139 33.85 -29.92 -0.76
CA LYS J 139 34.25 -31.30 -0.87
C LYS J 139 35.72 -31.36 -0.46
N LYS J 140 36.50 -30.46 -1.05
CA LYS J 140 37.92 -30.37 -0.78
C LYS J 140 38.20 -30.12 0.71
N ASP J 141 37.18 -29.64 1.43
CA ASP J 141 37.36 -29.39 2.85
C ASP J 141 36.74 -30.45 3.75
N GLY J 142 36.33 -31.57 3.16
CA GLY J 142 35.77 -32.65 3.97
C GLY J 142 34.28 -32.92 3.92
N ALA J 143 33.53 -32.12 3.16
CA ALA J 143 32.09 -32.35 3.08
C ALA J 143 31.78 -33.39 2.01
N ASP J 144 30.77 -34.21 2.27
CA ASP J 144 30.39 -35.24 1.30
C ASP J 144 28.91 -35.16 0.97
N PHE J 145 28.20 -34.29 1.67
CA PHE J 145 26.78 -34.11 1.39
C PHE J 145 26.36 -32.68 1.73
N ALA J 146 25.27 -32.22 1.13
CA ALA J 146 24.82 -30.86 1.36
C ALA J 146 23.32 -30.79 1.64
N LYS J 147 22.86 -29.62 2.05
CA LYS J 147 21.45 -29.41 2.33
C LYS J 147 21.00 -28.09 1.71
N TRP J 148 19.80 -28.09 1.14
CA TRP J 148 19.21 -26.91 0.51
C TRP J 148 17.77 -26.90 0.97
N ARG J 149 17.33 -25.82 1.60
CA ARG J 149 15.95 -25.81 2.08
C ARG J 149 14.97 -24.92 1.33
N CYS J 150 13.94 -25.54 0.76
CA CYS J 150 12.90 -24.81 0.08
C CYS J 150 11.76 -24.80 1.09
N VAL J 151 10.87 -23.82 1.00
CA VAL J 151 9.79 -23.77 1.96
C VAL J 151 8.44 -23.55 1.30
N LEU J 152 7.52 -24.45 1.55
CA LEU J 152 6.17 -24.33 1.01
C LEU J 152 5.24 -24.07 2.20
N LYS J 153 4.07 -23.49 1.93
CA LYS J 153 3.14 -23.13 3.00
C LYS J 153 1.73 -23.61 2.66
N ILE J 154 0.95 -24.02 3.66
CA ILE J 154 -0.40 -24.48 3.38
C ILE J 154 -1.45 -23.48 3.88
N SER J 155 -2.33 -23.07 2.96
CA SER J 155 -3.41 -22.11 3.24
C SER J 155 -4.50 -22.35 2.20
N GLU J 156 -5.54 -21.51 2.21
CA GLU J 156 -6.65 -21.70 1.27
C GLU J 156 -6.15 -21.86 -0.16
N ARG J 157 -5.04 -21.21 -0.45
CA ARG J 157 -4.49 -21.30 -1.80
C ARG J 157 -3.01 -20.99 -1.78
N THR J 158 -2.22 -21.80 -1.10
CA THR J 158 -0.80 -21.50 -1.03
C THR J 158 0.18 -22.33 -1.83
N PRO J 159 0.28 -23.63 -1.55
CA PRO J 159 1.27 -24.30 -2.40
C PRO J 159 0.71 -24.17 -3.81
N SER J 160 1.04 -23.07 -4.46
CA SER J 160 0.56 -22.73 -5.80
C SER J 160 1.38 -23.37 -6.89
N ALA J 161 0.74 -23.59 -8.03
CA ALA J 161 1.42 -24.21 -9.14
C ALA J 161 2.81 -23.61 -9.27
N LEU J 162 2.89 -22.29 -9.21
CA LEU J 162 4.18 -21.63 -9.33
C LEU J 162 5.13 -22.06 -8.24
N ALA J 163 4.71 -21.93 -6.98
CA ALA J 163 5.54 -22.32 -5.85
C ALA J 163 6.01 -23.78 -5.93
N ILE J 164 5.13 -24.66 -6.39
CA ILE J 164 5.51 -26.05 -6.51
C ILE J 164 6.44 -26.21 -7.70
N LEU J 165 6.08 -25.61 -8.84
CA LEU J 165 6.87 -25.66 -10.08
C LEU J 165 8.29 -25.20 -9.75
N GLU J 166 8.43 -23.94 -9.34
CA GLU J 166 9.73 -23.41 -8.94
C GLU J 166 9.92 -24.20 -7.66
N ASN J 167 11.08 -24.14 -7.03
CA ASN J 167 11.29 -24.92 -5.80
C ASN J 167 11.61 -26.34 -6.24
N ALA J 168 10.61 -27.03 -6.77
CA ALA J 168 10.86 -28.38 -7.25
C ALA J 168 12.00 -28.28 -8.25
N ASN J 169 11.94 -27.23 -9.07
CA ASN J 169 12.95 -27.04 -10.08
C ASN J 169 14.28 -26.62 -9.45
N VAL J 170 14.23 -25.70 -8.50
CA VAL J 170 15.46 -25.24 -7.85
C VAL J 170 16.15 -26.40 -7.17
N LEU J 171 15.38 -27.21 -6.46
CA LEU J 171 15.94 -28.36 -5.80
C LEU J 171 16.69 -29.21 -6.82
N ALA J 172 16.02 -29.52 -7.93
CA ALA J 172 16.63 -30.32 -8.98
C ALA J 172 17.94 -29.72 -9.46
N ARG J 173 17.97 -28.40 -9.64
CA ARG J 173 19.19 -27.73 -10.10
C ARG J 173 20.29 -27.96 -9.08
N TYR J 174 20.01 -27.57 -7.84
CA TYR J 174 20.94 -27.73 -6.72
C TYR J 174 21.46 -29.17 -6.66
N ALA J 175 20.55 -30.14 -6.68
CA ALA J 175 20.91 -31.55 -6.63
C ALA J 175 21.87 -31.91 -7.75
N SER J 176 21.50 -31.54 -8.98
CA SER J 176 22.33 -31.82 -10.15
C SER J 176 23.75 -31.32 -9.97
N ILE J 177 23.88 -30.07 -9.52
CA ILE J 177 25.19 -29.45 -9.33
C ILE J 177 26.03 -30.14 -8.26
N CYS J 178 25.38 -30.52 -7.15
CA CYS J 178 26.10 -31.19 -6.08
C CYS J 178 26.70 -32.50 -6.58
N GLN J 179 25.89 -33.31 -7.24
CA GLN J 179 26.37 -34.59 -7.71
C GLN J 179 27.53 -34.51 -8.69
N GLN J 180 27.56 -33.51 -9.56
CA GLN J 180 28.67 -33.45 -10.49
C GLN J 180 29.95 -33.04 -9.74
N ASN J 181 29.80 -32.74 -8.45
CA ASN J 181 30.94 -32.37 -7.59
C ASN J 181 31.18 -33.40 -6.47
N GLY J 182 30.68 -34.62 -6.68
CA GLY J 182 30.86 -35.66 -5.69
C GLY J 182 30.24 -35.38 -4.35
N ILE J 183 29.11 -34.67 -4.33
CA ILE J 183 28.45 -34.35 -3.07
C ILE J 183 27.00 -34.79 -3.07
N VAL J 184 26.64 -35.64 -2.12
CA VAL J 184 25.28 -36.11 -2.02
C VAL J 184 24.39 -34.96 -1.57
N PRO J 185 23.31 -34.70 -2.33
CA PRO J 185 22.42 -33.61 -1.94
C PRO J 185 21.19 -34.06 -1.17
N ILE J 186 20.87 -33.33 -0.10
CA ILE J 186 19.68 -33.63 0.66
C ILE J 186 18.64 -32.68 0.10
N VAL J 187 17.60 -33.25 -0.53
CA VAL J 187 16.56 -32.45 -1.12
C VAL J 187 15.52 -32.17 -0.04
N GLU J 188 15.44 -30.93 0.41
CA GLU J 188 14.49 -30.58 1.46
C GLU J 188 13.33 -29.67 1.07
N PRO J 189 12.20 -30.28 0.68
CA PRO J 189 11.02 -29.52 0.30
C PRO J 189 10.13 -29.45 1.54
N GLU J 190 10.43 -28.52 2.44
CA GLU J 190 9.63 -28.42 3.67
C GLU J 190 8.30 -27.74 3.56
N ILE J 191 7.24 -28.48 3.85
CA ILE J 191 5.89 -27.92 3.84
C ILE J 191 5.59 -27.52 5.28
N LEU J 192 5.67 -26.23 5.59
CA LEU J 192 5.41 -25.74 6.95
C LEU J 192 4.10 -26.23 7.55
N PRO J 193 4.05 -26.33 8.89
CA PRO J 193 2.90 -26.77 9.69
C PRO J 193 1.92 -25.65 9.99
N ASP J 194 2.35 -24.41 9.83
CA ASP J 194 1.49 -23.27 10.12
C ASP J 194 0.13 -23.43 9.47
N GLY J 195 -0.92 -23.11 10.21
CA GLY J 195 -2.26 -23.22 9.68
C GLY J 195 -3.14 -24.08 10.57
N ASP J 196 -4.42 -24.17 10.23
CA ASP J 196 -5.35 -24.98 10.99
C ASP J 196 -5.85 -26.17 10.18
N HIS J 197 -5.07 -26.59 9.18
CA HIS J 197 -5.45 -27.72 8.33
C HIS J 197 -5.30 -29.05 9.07
N ASP J 198 -6.13 -30.03 8.70
CA ASP J 198 -6.09 -31.34 9.34
C ASP J 198 -5.08 -32.25 8.68
N LEU J 199 -4.83 -33.40 9.30
CA LEU J 199 -3.88 -34.36 8.77
C LEU J 199 -4.13 -34.69 7.30
N LYS J 200 -5.38 -34.98 6.94
CA LYS J 200 -5.74 -35.30 5.55
C LYS J 200 -5.10 -34.31 4.58
N ARG J 201 -5.35 -33.02 4.78
CA ARG J 201 -4.82 -32.00 3.89
C ARG J 201 -3.31 -31.99 3.77
N CYS J 202 -2.62 -32.10 4.90
CA CYS J 202 -1.17 -32.09 4.87
C CYS J 202 -0.65 -33.26 4.05
N GLN J 203 -1.33 -34.40 4.16
CA GLN J 203 -0.90 -35.56 3.42
C GLN J 203 -1.06 -35.26 1.94
N TYR J 204 -2.23 -34.73 1.57
CA TYR J 204 -2.53 -34.39 0.19
C TYR J 204 -1.46 -33.50 -0.40
N VAL J 205 -1.27 -32.34 0.22
CA VAL J 205 -0.29 -31.40 -0.24
C VAL J 205 1.10 -32.03 -0.29
N THR J 206 1.46 -32.79 0.75
CA THR J 206 2.76 -33.43 0.76
C THR J 206 2.93 -34.35 -0.44
N GLU J 207 1.88 -35.10 -0.75
CA GLU J 207 1.94 -36.01 -1.87
C GLU J 207 2.14 -35.26 -3.18
N LYS J 208 1.39 -34.17 -3.38
CA LYS J 208 1.52 -33.40 -4.62
C LYS J 208 2.90 -32.76 -4.75
N VAL J 209 3.39 -32.18 -3.65
CA VAL J 209 4.69 -31.53 -3.67
C VAL J 209 5.77 -32.55 -4.02
N LEU J 210 5.80 -33.66 -3.29
CA LEU J 210 6.82 -34.66 -3.57
C LEU J 210 6.73 -35.15 -5.01
N ALA J 211 5.52 -35.47 -5.47
CA ALA J 211 5.33 -35.94 -6.84
C ALA J 211 6.00 -35.00 -7.84
N ALA J 212 5.91 -33.71 -7.58
CA ALA J 212 6.51 -32.72 -8.45
C ALA J 212 8.02 -32.74 -8.30
N VAL J 213 8.47 -32.77 -7.06
CA VAL J 213 9.88 -32.79 -6.77
C VAL J 213 10.61 -33.91 -7.49
N TYR J 214 10.06 -35.11 -7.46
CA TYR J 214 10.77 -36.20 -8.13
C TYR J 214 10.73 -36.12 -9.63
N LYS J 215 9.62 -35.62 -10.18
CA LYS J 215 9.54 -35.49 -11.63
C LYS J 215 10.61 -34.49 -12.08
N ALA J 216 10.82 -33.47 -11.26
CA ALA J 216 11.83 -32.45 -11.54
C ALA J 216 13.20 -33.09 -11.52
N LEU J 217 13.49 -33.83 -10.46
CA LEU J 217 14.77 -34.48 -10.35
C LEU J 217 15.01 -35.30 -11.61
N SER J 218 13.98 -36.00 -12.06
CA SER J 218 14.11 -36.81 -13.28
C SER J 218 14.52 -35.95 -14.45
N ASP J 219 13.76 -34.86 -14.65
CA ASP J 219 14.01 -33.93 -15.74
C ASP J 219 15.44 -33.42 -15.74
N HIS J 220 15.99 -33.19 -14.56
CA HIS J 220 17.34 -32.67 -14.46
C HIS J 220 18.42 -33.74 -14.40
N HIS J 221 18.00 -34.98 -14.62
CA HIS J 221 18.92 -36.11 -14.62
C HIS J 221 19.63 -36.34 -13.29
N VAL J 222 18.95 -36.07 -12.18
CA VAL J 222 19.56 -36.28 -10.87
C VAL J 222 19.58 -37.77 -10.57
N TYR J 223 20.70 -38.24 -10.02
CA TYR J 223 20.92 -39.66 -9.67
C TYR J 223 20.24 -39.94 -8.34
N LEU J 224 19.04 -40.52 -8.38
CA LEU J 224 18.29 -40.77 -7.16
C LEU J 224 19.00 -41.52 -6.05
N GLU J 225 19.64 -42.63 -6.39
CA GLU J 225 20.32 -43.42 -5.38
C GLU J 225 21.52 -42.71 -4.76
N GLY J 226 21.73 -41.46 -5.15
CA GLY J 226 22.83 -40.66 -4.61
C GLY J 226 22.28 -39.38 -4.00
N THR J 227 21.06 -39.47 -3.47
CA THR J 227 20.40 -38.33 -2.87
C THR J 227 19.71 -38.77 -1.60
N LEU J 228 19.13 -37.81 -0.89
CA LEU J 228 18.39 -38.08 0.32
C LEU J 228 17.23 -37.10 0.37
N LEU J 229 16.11 -37.53 0.94
CA LEU J 229 14.95 -36.66 1.03
C LEU J 229 14.70 -36.23 2.48
N LYS J 230 14.63 -34.92 2.69
CA LYS J 230 14.38 -34.40 4.02
C LYS J 230 13.04 -33.68 4.00
N PRO J 231 11.94 -34.44 4.07
CA PRO J 231 10.61 -33.86 4.05
C PRO J 231 10.09 -33.63 5.44
N ASN J 232 8.90 -33.07 5.52
CA ASN J 232 8.23 -32.82 6.77
C ASN J 232 7.41 -34.08 7.01
N MET J 233 7.14 -34.44 8.26
CA MET J 233 6.29 -35.61 8.47
C MET J 233 4.92 -35.04 8.18
N VAL J 234 4.01 -35.83 7.63
CA VAL J 234 2.70 -35.25 7.38
C VAL J 234 1.99 -35.22 8.72
N THR J 235 1.55 -34.02 9.12
CA THR J 235 0.87 -33.79 10.39
C THR J 235 -0.08 -32.60 10.27
N PRO J 236 -1.01 -32.47 11.22
CA PRO J 236 -1.99 -31.38 11.22
C PRO J 236 -1.27 -30.06 11.41
N GLY J 237 -1.97 -28.96 11.09
CA GLY J 237 -1.37 -27.66 11.26
C GLY J 237 -1.25 -27.34 12.73
N HIS J 238 -0.27 -26.52 13.11
CA HIS J 238 -0.08 -26.17 14.52
C HIS J 238 -1.41 -25.77 15.13
N ALA J 239 -2.22 -25.08 14.35
CA ALA J 239 -3.52 -24.61 14.82
C ALA J 239 -4.68 -25.57 14.63
N CYS J 240 -4.42 -26.80 14.20
CA CYS J 240 -5.54 -27.73 14.05
C CYS J 240 -5.96 -28.18 15.44
N PRO J 241 -7.27 -28.16 15.71
CA PRO J 241 -7.85 -28.56 16.99
C PRO J 241 -7.77 -30.06 17.24
N ILE J 242 -7.95 -30.83 16.18
CA ILE J 242 -7.94 -32.28 16.24
C ILE J 242 -6.66 -32.91 16.76
N LYS J 243 -6.83 -33.96 17.57
CA LYS J 243 -5.70 -34.67 18.16
C LYS J 243 -5.47 -35.96 17.38
N TYR J 244 -4.21 -36.28 17.12
CA TYR J 244 -3.87 -37.48 16.36
C TYR J 244 -2.84 -38.38 17.03
N THR J 245 -2.99 -39.69 16.81
CA THR J 245 -2.08 -40.69 17.36
C THR J 245 -0.79 -40.64 16.58
N PRO J 246 0.35 -40.86 17.25
CA PRO J 246 1.59 -40.85 16.48
C PRO J 246 1.47 -42.00 15.48
N GLU J 247 0.53 -42.89 15.77
CA GLU J 247 0.26 -44.02 14.88
C GLU J 247 -0.34 -43.44 13.62
N GLU J 248 -1.37 -42.61 13.80
CA GLU J 248 -2.07 -41.96 12.70
C GLU J 248 -1.13 -41.10 11.86
N ILE J 249 -0.21 -40.41 12.53
CA ILE J 249 0.74 -39.57 11.83
C ILE J 249 1.67 -40.45 11.01
N ALA J 250 2.15 -41.52 11.62
CA ALA J 250 3.05 -42.43 10.93
C ALA J 250 2.36 -43.03 9.71
N MET J 251 1.08 -43.37 9.88
CA MET J 251 0.29 -43.96 8.81
C MET J 251 0.22 -43.04 7.60
N ALA J 252 -0.11 -41.77 7.83
CA ALA J 252 -0.22 -40.80 6.75
C ALA J 252 1.13 -40.50 6.12
N THR J 253 2.13 -40.30 6.96
CA THR J 253 3.47 -40.01 6.50
C THR J 253 4.03 -41.10 5.61
N VAL J 254 3.93 -42.35 6.06
CA VAL J 254 4.44 -43.44 5.25
C VAL J 254 3.62 -43.63 3.97
N THR J 255 2.31 -43.46 4.07
CA THR J 255 1.50 -43.61 2.88
C THR J 255 1.92 -42.59 1.84
N ALA J 256 2.02 -41.33 2.26
CA ALA J 256 2.42 -40.26 1.37
C ALA J 256 3.74 -40.61 0.69
N LEU J 257 4.74 -40.92 1.49
CA LEU J 257 6.06 -41.25 0.97
C LEU J 257 6.05 -42.41 0.00
N ARG J 258 5.28 -43.46 0.29
CA ARG J 258 5.30 -44.59 -0.61
C ARG J 258 4.44 -44.45 -1.85
N ARG J 259 3.86 -43.26 -2.02
CA ARG J 259 3.04 -42.98 -3.18
C ARG J 259 3.81 -42.05 -4.10
N THR J 260 4.97 -41.59 -3.62
CA THR J 260 5.76 -40.64 -4.37
C THR J 260 7.25 -40.88 -4.47
N VAL J 261 7.89 -41.35 -3.40
CA VAL J 261 9.33 -41.56 -3.45
C VAL J 261 9.76 -42.87 -4.13
N PRO J 262 10.60 -42.79 -5.17
CA PRO J 262 10.99 -44.05 -5.78
C PRO J 262 11.88 -44.89 -4.85
N PRO J 263 11.78 -46.22 -4.94
CA PRO J 263 12.54 -47.17 -4.14
C PRO J 263 14.02 -46.89 -4.17
N ALA J 264 14.47 -46.29 -5.27
CA ALA J 264 15.90 -45.99 -5.43
C ALA J 264 16.46 -44.99 -4.42
N VAL J 265 15.61 -44.16 -3.84
CA VAL J 265 16.10 -43.21 -2.85
C VAL J 265 16.50 -44.01 -1.62
N PRO J 266 17.79 -43.92 -1.23
CA PRO J 266 18.32 -44.64 -0.07
C PRO J 266 17.65 -44.34 1.26
N GLY J 267 17.35 -43.08 1.53
CA GLY J 267 16.73 -42.79 2.79
C GLY J 267 16.01 -41.45 2.88
N VAL J 268 15.04 -41.39 3.77
CA VAL J 268 14.27 -40.19 4.00
C VAL J 268 14.64 -39.72 5.39
N THR J 269 15.24 -38.54 5.51
CA THR J 269 15.63 -38.03 6.82
C THR J 269 14.67 -36.93 7.25
N PHE J 270 13.62 -37.30 7.98
CA PHE J 270 12.62 -36.33 8.43
C PHE J 270 13.17 -35.13 9.17
N LEU J 271 12.45 -34.02 9.07
CA LEU J 271 12.83 -32.79 9.74
C LEU J 271 11.90 -32.66 10.96
N SER J 272 12.50 -32.33 12.11
CA SER J 272 11.74 -32.20 13.36
C SER J 272 10.67 -31.13 13.29
N GLY J 273 10.89 -30.12 12.46
CA GLY J 273 9.93 -29.05 12.33
C GLY J 273 9.67 -28.34 13.65
N GLY J 274 8.39 -28.22 14.00
CA GLY J 274 8.05 -27.55 15.26
C GLY J 274 7.80 -28.53 16.40
N GLN J 275 8.06 -29.81 16.15
CA GLN J 275 7.84 -30.84 17.15
C GLN J 275 8.80 -30.70 18.32
N SER J 276 8.38 -31.22 19.48
CA SER J 276 9.19 -31.19 20.69
C SER J 276 10.18 -32.34 20.61
N GLU J 277 11.21 -32.31 21.45
CA GLU J 277 12.21 -33.38 21.40
C GLU J 277 11.55 -34.75 21.47
N GLU J 278 10.53 -34.88 22.30
CA GLU J 278 9.83 -36.15 22.44
C GLU J 278 8.91 -36.43 21.27
N GLU J 279 8.11 -35.45 20.92
CA GLU J 279 7.17 -35.55 19.82
C GLU J 279 7.87 -36.11 18.57
N ALA J 280 9.07 -35.59 18.28
CA ALA J 280 9.83 -36.03 17.13
C ALA J 280 10.21 -37.49 17.29
N SER J 281 10.76 -37.84 18.44
CA SER J 281 11.19 -39.21 18.72
C SER J 281 10.02 -40.20 18.64
N PHE J 282 8.90 -39.86 19.28
CA PHE J 282 7.73 -40.71 19.27
C PHE J 282 7.22 -40.94 17.87
N ASN J 283 7.00 -39.84 17.15
CA ASN J 283 6.52 -39.89 15.79
C ASN J 283 7.48 -40.70 14.89
N LEU J 284 8.77 -40.43 15.00
CA LEU J 284 9.72 -41.18 14.18
C LEU J 284 9.62 -42.66 14.50
N ASN J 285 9.59 -42.99 15.78
CA ASN J 285 9.48 -44.38 16.19
C ASN J 285 8.23 -45.00 15.57
N ALA J 286 7.10 -44.33 15.77
CA ALA J 286 5.84 -44.81 15.23
C ALA J 286 5.97 -45.10 13.74
N ILE J 287 6.60 -44.16 13.01
CA ILE J 287 6.80 -44.32 11.58
C ILE J 287 7.53 -45.62 11.30
N ASN J 288 8.64 -45.84 12.00
CA ASN J 288 9.42 -47.05 11.81
C ASN J 288 8.71 -48.29 12.31
N ARG J 289 7.52 -48.12 12.88
CA ARG J 289 6.76 -49.26 13.36
C ARG J 289 5.47 -49.40 12.55
N CYS J 290 5.32 -48.55 11.54
CA CYS J 290 4.13 -48.59 10.68
C CYS J 290 4.11 -49.92 9.93
N PRO J 291 2.94 -50.53 9.81
CA PRO J 291 2.71 -51.81 9.12
C PRO J 291 3.16 -51.81 7.67
N LEU J 292 2.92 -50.70 6.99
CA LEU J 292 3.29 -50.56 5.59
C LEU J 292 4.77 -50.76 5.35
N PRO J 293 5.13 -51.39 4.23
CA PRO J 293 6.50 -51.67 3.83
C PRO J 293 7.23 -50.40 3.41
N ARG J 294 8.53 -50.30 3.72
CA ARG J 294 9.30 -49.12 3.34
C ARG J 294 10.63 -49.49 2.72
N PRO J 295 10.78 -49.23 1.42
CA PRO J 295 12.00 -49.51 0.64
C PRO J 295 13.20 -48.65 0.99
N TRP J 296 13.00 -47.70 1.88
CA TRP J 296 14.06 -46.76 2.24
C TRP J 296 14.22 -46.53 3.74
N ALA J 297 15.39 -46.04 4.12
CA ALA J 297 15.64 -45.75 5.52
C ALA J 297 14.68 -44.66 5.94
N LEU J 298 14.16 -44.72 7.15
CA LEU J 298 13.29 -43.68 7.61
C LEU J 298 13.85 -43.16 8.92
N THR J 299 14.87 -42.30 8.86
CA THR J 299 15.42 -41.78 10.10
C THR J 299 15.14 -40.29 10.28
N PHE J 300 16.06 -39.60 10.93
CA PHE J 300 15.90 -38.18 11.24
C PHE J 300 17.04 -37.29 10.76
N SER J 301 16.72 -36.00 10.62
CA SER J 301 17.68 -34.95 10.26
C SER J 301 17.11 -33.84 11.11
N TYR J 302 17.30 -33.99 12.41
CA TYR J 302 16.79 -33.05 13.39
C TYR J 302 17.69 -31.89 13.75
N GLY J 303 17.07 -30.76 14.02
CA GLY J 303 17.80 -29.57 14.39
C GLY J 303 17.53 -29.28 15.85
N ARG J 304 16.38 -28.68 16.14
CA ARG J 304 16.07 -28.36 17.52
C ARG J 304 15.77 -29.62 18.31
N ALA J 305 15.05 -30.56 17.68
CA ALA J 305 14.68 -31.80 18.34
C ALA J 305 15.86 -32.61 18.91
N LEU J 306 17.08 -32.18 18.59
CA LEU J 306 18.27 -32.84 19.07
C LEU J 306 19.03 -31.97 20.05
N GLN J 307 18.86 -30.66 19.93
CA GLN J 307 19.60 -29.76 20.81
C GLN J 307 18.80 -28.82 21.69
N ALA J 308 17.49 -29.04 21.80
CA ALA J 308 16.68 -28.15 22.63
C ALA J 308 17.15 -28.19 24.06
N SER J 309 16.99 -29.34 24.70
CA SER J 309 17.39 -29.51 26.09
C SER J 309 18.88 -29.28 26.24
N ALA J 310 19.65 -29.69 25.24
CA ALA J 310 21.10 -29.52 25.30
C ALA J 310 21.43 -28.04 25.46
N LEU J 311 20.82 -27.22 24.61
CA LEU J 311 21.03 -25.79 24.61
C LEU J 311 20.52 -25.19 25.91
N ASN J 312 19.39 -25.71 26.37
CA ASN J 312 18.76 -25.24 27.59
C ASN J 312 19.64 -25.52 28.81
N ALA J 313 20.37 -26.63 28.77
CA ALA J 313 21.26 -27.01 29.85
C ALA J 313 22.51 -26.13 29.86
N TRP J 314 23.21 -26.09 28.72
CA TRP J 314 24.41 -25.29 28.57
C TRP J 314 24.20 -23.89 29.14
N ARG J 315 23.16 -23.22 28.63
CA ARG J 315 22.81 -21.89 29.10
C ARG J 315 23.99 -20.90 29.02
N GLY J 316 24.96 -21.20 28.18
CA GLY J 316 26.12 -20.33 28.03
C GLY J 316 27.22 -20.55 29.04
N GLN J 317 26.96 -21.33 30.07
CA GLN J 317 27.95 -21.60 31.12
C GLN J 317 28.99 -22.64 30.75
N ARG J 318 30.26 -22.31 30.96
CA ARG J 318 31.34 -23.24 30.62
C ARG J 318 31.27 -24.53 31.43
N ASP J 319 30.70 -24.46 32.63
CA ASP J 319 30.58 -25.63 33.49
C ASP J 319 29.49 -26.56 32.97
N ASN J 320 28.37 -25.96 32.59
CA ASN J 320 27.23 -26.73 32.09
C ASN J 320 27.51 -27.43 30.76
N ALA J 321 28.69 -27.18 30.19
CA ALA J 321 29.10 -27.79 28.93
C ALA J 321 28.84 -29.30 28.88
N GLY J 322 29.43 -30.04 29.81
CA GLY J 322 29.27 -31.48 29.86
C GLY J 322 27.83 -31.95 29.99
N ALA J 323 27.06 -31.23 30.80
CA ALA J 323 25.66 -31.58 30.99
C ALA J 323 24.93 -31.38 29.67
N ALA J 324 25.21 -30.25 29.02
CA ALA J 324 24.60 -29.93 27.74
C ALA J 324 24.91 -31.06 26.77
N THR J 325 26.18 -31.42 26.68
CA THR J 325 26.62 -32.49 25.80
C THR J 325 25.87 -33.79 26.09
N GLU J 326 25.57 -34.02 27.36
CA GLU J 326 24.84 -35.23 27.74
C GLU J 326 23.43 -35.16 27.21
N GLU J 327 22.78 -34.02 27.41
CA GLU J 327 21.41 -33.84 26.96
C GLU J 327 21.30 -34.16 25.47
N PHE J 328 22.33 -33.76 24.71
CA PHE J 328 22.37 -34.01 23.28
C PHE J 328 22.53 -35.50 23.01
N ILE J 329 23.62 -36.09 23.52
CA ILE J 329 23.88 -37.51 23.32
C ILE J 329 22.64 -38.33 23.68
N LYS J 330 21.90 -37.88 24.69
CA LYS J 330 20.70 -38.60 25.11
C LYS J 330 19.70 -38.65 23.96
N ARG J 331 19.29 -37.48 23.47
CA ARG J 331 18.34 -37.39 22.37
C ARG J 331 18.89 -38.08 21.13
N ALA J 332 20.19 -37.90 20.87
CA ALA J 332 20.79 -38.53 19.70
C ALA J 332 20.61 -40.05 19.78
N GLU J 333 20.77 -40.60 20.97
CA GLU J 333 20.63 -42.04 21.13
C GLU J 333 19.20 -42.51 21.00
N VAL J 334 18.28 -41.84 21.68
CA VAL J 334 16.88 -42.25 21.60
C VAL J 334 16.38 -42.19 20.17
N ASN J 335 16.72 -41.13 19.45
CA ASN J 335 16.26 -41.00 18.07
C ASN J 335 16.92 -42.06 17.22
N GLY J 336 18.11 -42.47 17.61
CA GLY J 336 18.81 -43.52 16.88
C GLY J 336 18.02 -44.81 17.04
N LEU J 337 17.28 -44.90 18.14
CA LEU J 337 16.45 -46.07 18.42
C LEU J 337 15.15 -45.92 17.67
N ALA J 338 14.55 -44.73 17.75
CA ALA J 338 13.30 -44.44 17.08
C ALA J 338 13.48 -44.68 15.58
N ALA J 339 14.70 -44.52 15.11
CA ALA J 339 15.03 -44.72 13.71
C ALA J 339 14.97 -46.20 13.33
N GLN J 340 14.64 -47.04 14.30
CA GLN J 340 14.54 -48.49 14.06
C GLN J 340 13.25 -48.99 14.69
N GLY J 341 12.43 -48.06 15.16
CA GLY J 341 11.18 -48.42 15.79
C GLY J 341 11.35 -49.10 17.13
N LYS J 342 12.60 -49.17 17.58
CA LYS J 342 12.89 -49.83 18.84
C LYS J 342 13.19 -48.84 19.95
N TYR J 343 12.25 -47.93 20.21
CA TYR J 343 12.40 -46.95 21.27
C TYR J 343 11.18 -47.04 22.14
N GLU J 344 11.37 -47.27 23.43
CA GLU J 344 10.24 -47.36 24.34
C GLU J 344 10.18 -46.13 25.24
N HIS K 3 -8.16 -28.42 -2.57
CA HIS K 3 -7.99 -29.03 -3.91
C HIS K 3 -8.06 -30.55 -3.84
N SER K 4 -8.45 -31.06 -2.67
CA SER K 4 -8.58 -32.50 -2.46
C SER K 4 -10.04 -32.94 -2.32
N TYR K 5 -10.62 -33.40 -3.42
CA TYR K 5 -12.01 -33.86 -3.45
C TYR K 5 -12.02 -35.36 -3.75
N PRO K 6 -11.86 -36.19 -2.70
CA PRO K 6 -11.82 -37.65 -2.73
C PRO K 6 -12.40 -38.33 -3.97
N ALA K 7 -11.51 -38.79 -4.83
CA ALA K 7 -11.90 -39.47 -6.06
C ALA K 7 -12.56 -40.80 -5.72
N LEU K 8 -12.02 -41.49 -4.73
CA LEU K 8 -12.54 -42.78 -4.31
C LEU K 8 -12.81 -42.85 -2.83
N SER K 9 -13.84 -43.62 -2.47
CA SER K 9 -14.21 -43.81 -1.08
C SER K 9 -13.25 -44.84 -0.53
N ALA K 10 -13.28 -45.03 0.79
CA ALA K 10 -12.40 -46.00 1.42
C ALA K 10 -12.73 -47.39 0.92
N GLU K 11 -14.02 -47.67 0.80
CA GLU K 11 -14.48 -48.96 0.34
C GLU K 11 -13.93 -49.24 -1.04
N GLN K 12 -14.08 -48.26 -1.93
CA GLN K 12 -13.63 -48.38 -3.31
C GLN K 12 -12.13 -48.63 -3.42
N LYS K 13 -11.35 -47.85 -2.68
CA LYS K 13 -9.91 -48.02 -2.72
C LYS K 13 -9.59 -49.46 -2.34
N LYS K 14 -10.29 -49.96 -1.32
CA LYS K 14 -10.10 -51.33 -0.85
C LYS K 14 -10.30 -52.31 -2.00
N GLU K 15 -11.50 -52.30 -2.59
CA GLU K 15 -11.82 -53.18 -3.69
C GLU K 15 -10.76 -53.19 -4.78
N LEU K 16 -10.28 -52.01 -5.14
CA LEU K 16 -9.27 -51.92 -6.19
C LEU K 16 -7.98 -52.59 -5.73
N SER K 17 -7.50 -52.19 -4.55
CA SER K 17 -6.28 -52.76 -4.02
C SER K 17 -6.33 -54.28 -3.95
N ASP K 18 -7.44 -54.82 -3.45
CA ASP K 18 -7.59 -56.25 -3.34
C ASP K 18 -7.45 -56.86 -4.73
N ILE K 19 -8.32 -56.47 -5.65
CA ILE K 19 -8.26 -56.98 -7.01
C ILE K 19 -6.84 -56.96 -7.56
N ALA K 20 -6.15 -55.84 -7.35
CA ALA K 20 -4.79 -55.72 -7.85
C ALA K 20 -3.89 -56.79 -7.28
N LEU K 21 -3.89 -56.92 -5.96
CA LEU K 21 -3.06 -57.90 -5.28
C LEU K 21 -3.37 -59.34 -5.66
N ARG K 22 -4.64 -59.66 -5.88
CA ARG K 22 -4.99 -61.01 -6.26
C ARG K 22 -4.31 -61.37 -7.56
N ILE K 23 -4.36 -60.43 -8.50
CA ILE K 23 -3.76 -60.65 -9.80
C ILE K 23 -2.25 -60.91 -9.72
N VAL K 24 -1.52 -60.09 -8.99
CA VAL K 24 -0.08 -60.31 -8.91
C VAL K 24 0.40 -61.15 -7.74
N ALA K 25 -0.52 -61.88 -7.13
CA ALA K 25 -0.17 -62.76 -6.01
C ALA K 25 1.02 -63.61 -6.41
N PRO K 26 1.88 -63.96 -5.43
CA PRO K 26 3.09 -64.77 -5.60
C PRO K 26 3.00 -65.90 -6.60
N GLY K 27 4.01 -66.02 -7.44
CA GLY K 27 4.03 -67.09 -8.43
C GLY K 27 2.91 -67.03 -9.45
N LYS K 28 2.17 -65.92 -9.47
CA LYS K 28 1.07 -65.74 -10.41
C LYS K 28 1.34 -64.63 -11.43
N GLY K 29 0.85 -64.83 -12.65
CA GLY K 29 1.02 -63.87 -13.71
C GLY K 29 -0.26 -63.69 -14.49
N ILE K 30 -0.19 -62.99 -15.61
CA ILE K 30 -1.37 -62.71 -16.44
C ILE K 30 -1.30 -63.31 -17.83
N LEU K 31 -2.40 -63.92 -18.25
CA LEU K 31 -2.47 -64.47 -19.61
C LEU K 31 -3.12 -63.38 -20.42
N ALA K 32 -2.39 -62.86 -21.40
CA ALA K 32 -2.91 -61.80 -22.25
C ALA K 32 -3.47 -62.39 -23.53
N ALA K 33 -4.78 -62.66 -23.54
CA ALA K 33 -5.42 -63.21 -24.72
C ALA K 33 -6.35 -62.16 -25.32
N ASP K 34 -5.91 -60.90 -25.28
CA ASP K 34 -6.70 -59.79 -25.80
C ASP K 34 -6.36 -59.44 -27.25
N GLU K 35 -5.96 -60.45 -28.03
CA GLU K 35 -5.60 -60.20 -29.44
C GLU K 35 -6.78 -59.71 -30.28
N SER K 36 -6.62 -58.52 -30.84
CA SER K 36 -7.65 -57.93 -31.69
C SER K 36 -7.92 -58.88 -32.86
N VAL K 37 -9.14 -58.83 -33.39
CA VAL K 37 -9.49 -59.70 -34.51
C VAL K 37 -8.49 -59.49 -35.64
N GLY K 38 -7.87 -58.32 -35.66
CA GLY K 38 -6.89 -58.01 -36.68
C GLY K 38 -5.59 -58.76 -36.45
N SER K 39 -4.94 -58.51 -35.32
CA SER K 39 -3.68 -59.17 -35.01
C SER K 39 -3.90 -60.68 -34.94
N MET K 40 -5.12 -61.08 -34.62
CA MET K 40 -5.45 -62.49 -34.52
C MET K 40 -5.39 -63.13 -35.91
N ALA K 41 -5.64 -62.33 -36.94
CA ALA K 41 -5.59 -62.85 -38.29
C ALA K 41 -4.17 -63.28 -38.61
N LYS K 42 -3.21 -62.43 -38.26
CA LYS K 42 -1.81 -62.74 -38.52
C LYS K 42 -1.36 -63.99 -37.81
N ARG K 43 -1.70 -64.12 -36.53
CA ARG K 43 -1.28 -65.30 -35.77
C ARG K 43 -1.90 -66.57 -36.30
N LEU K 44 -3.18 -66.52 -36.65
CA LEU K 44 -3.84 -67.70 -37.19
C LEU K 44 -3.27 -68.08 -38.55
N SER K 45 -2.97 -67.07 -39.38
CA SER K 45 -2.43 -67.34 -40.71
C SER K 45 -1.15 -68.17 -40.63
N GLN K 46 -0.29 -67.89 -39.65
CA GLN K 46 0.95 -68.62 -39.51
C GLN K 46 0.78 -70.12 -39.32
N ILE K 47 -0.41 -70.55 -38.89
CA ILE K 47 -0.69 -71.96 -38.68
C ILE K 47 -1.83 -72.42 -39.58
N GLY K 48 -2.07 -71.68 -40.66
CA GLY K 48 -3.17 -71.99 -41.56
C GLY K 48 -4.36 -71.30 -40.91
N VAL K 49 -5.39 -72.07 -40.56
CA VAL K 49 -6.56 -71.53 -39.88
C VAL K 49 -7.15 -70.20 -40.39
N GLU K 50 -8.35 -70.28 -40.98
CA GLU K 50 -9.02 -69.09 -41.47
C GLU K 50 -9.35 -68.24 -40.25
N ASN K 51 -9.27 -66.92 -40.40
CA ASN K 51 -9.56 -66.04 -39.27
C ASN K 51 -11.06 -65.80 -39.12
N THR K 52 -11.76 -66.81 -38.60
CA THR K 52 -13.21 -66.76 -38.37
C THR K 52 -13.46 -66.41 -36.91
N GLU K 53 -14.69 -66.07 -36.58
CA GLU K 53 -15.00 -65.78 -35.19
C GLU K 53 -14.95 -67.14 -34.51
N GLU K 54 -15.39 -68.15 -35.23
CA GLU K 54 -15.39 -69.50 -34.69
C GLU K 54 -13.98 -69.99 -34.43
N ASN K 55 -13.12 -69.91 -35.44
CA ASN K 55 -11.75 -70.37 -35.25
C ASN K 55 -11.09 -69.68 -34.08
N ARG K 56 -11.49 -68.43 -33.81
CA ARG K 56 -10.93 -67.70 -32.70
C ARG K 56 -11.51 -68.27 -31.40
N ARG K 57 -12.83 -68.44 -31.37
CA ARG K 57 -13.48 -69.00 -30.19
C ARG K 57 -12.84 -70.34 -29.88
N LEU K 58 -12.63 -71.14 -30.91
CA LEU K 58 -12.02 -72.45 -30.76
C LEU K 58 -10.66 -72.35 -30.11
N TYR K 59 -9.81 -71.50 -30.66
CA TYR K 59 -8.48 -71.32 -30.11
C TYR K 59 -8.49 -70.79 -28.67
N ARG K 60 -9.30 -69.77 -28.40
CA ARG K 60 -9.36 -69.22 -27.05
C ARG K 60 -9.79 -70.33 -26.09
N GLN K 61 -10.61 -71.23 -26.61
CA GLN K 61 -11.10 -72.35 -25.83
C GLN K 61 -9.93 -73.23 -25.41
N VAL K 62 -9.02 -73.47 -26.35
CA VAL K 62 -7.84 -74.28 -26.08
C VAL K 62 -7.13 -73.74 -24.84
N LEU K 63 -7.09 -72.42 -24.71
CA LEU K 63 -6.43 -71.80 -23.58
C LEU K 63 -7.27 -71.88 -22.31
N PHE K 64 -8.51 -71.42 -22.38
CA PHE K 64 -9.40 -71.41 -21.23
C PHE K 64 -9.82 -72.76 -20.69
N SER K 65 -9.60 -73.80 -21.46
CA SER K 65 -9.98 -75.13 -20.99
C SER K 65 -8.86 -75.75 -20.17
N ALA K 66 -7.79 -75.00 -19.92
CA ALA K 66 -6.69 -75.51 -19.11
C ALA K 66 -7.26 -75.94 -17.75
N ASP K 67 -6.67 -76.97 -17.16
CA ASP K 67 -7.15 -77.48 -15.87
C ASP K 67 -6.67 -76.65 -14.68
N ASP K 68 -6.90 -77.19 -13.48
CA ASP K 68 -6.55 -76.51 -12.24
C ASP K 68 -5.10 -76.17 -11.93
N ARG K 69 -4.13 -76.75 -12.63
CA ARG K 69 -2.77 -76.41 -12.30
C ARG K 69 -2.43 -75.04 -12.82
N VAL K 70 -3.37 -74.46 -13.57
CA VAL K 70 -3.20 -73.13 -14.13
C VAL K 70 -3.51 -72.12 -13.03
N LYS K 71 -4.21 -72.57 -11.99
CA LYS K 71 -4.60 -71.74 -10.85
C LYS K 71 -3.44 -71.23 -10.01
N LYS K 72 -2.35 -71.98 -9.95
CA LYS K 72 -1.21 -71.56 -9.16
C LYS K 72 -0.34 -70.50 -9.83
N CYS K 73 -0.37 -70.47 -11.16
CA CYS K 73 0.46 -69.52 -11.90
C CYS K 73 -0.26 -68.41 -12.67
N ILE K 74 -1.59 -68.50 -12.77
CA ILE K 74 -2.33 -67.47 -13.49
C ILE K 74 -3.26 -66.70 -12.57
N GLY K 75 -2.91 -65.45 -12.29
CA GLY K 75 -3.73 -64.62 -11.43
C GLY K 75 -4.86 -63.93 -12.19
N GLY K 76 -4.66 -63.71 -13.47
CA GLY K 76 -5.67 -63.05 -14.29
C GLY K 76 -5.56 -63.32 -15.78
N VAL K 77 -6.66 -63.10 -16.48
CA VAL K 77 -6.70 -63.32 -17.92
C VAL K 77 -7.29 -62.08 -18.59
N ILE K 78 -6.57 -61.52 -19.56
CA ILE K 78 -7.04 -60.34 -20.27
C ILE K 78 -7.78 -60.79 -21.51
N PHE K 79 -9.08 -60.46 -21.57
CA PHE K 79 -9.94 -60.83 -22.71
C PHE K 79 -10.04 -59.76 -23.78
N PHE K 80 -10.30 -60.18 -25.00
CA PHE K 80 -10.53 -59.24 -26.07
C PHE K 80 -12.05 -59.16 -26.05
N HIS K 81 -12.61 -57.96 -26.21
CA HIS K 81 -14.07 -57.77 -26.16
C HIS K 81 -14.89 -58.98 -26.64
N GLU K 82 -14.77 -59.26 -27.94
CA GLU K 82 -15.48 -60.38 -28.56
C GLU K 82 -15.48 -61.59 -27.64
N THR K 83 -14.27 -62.05 -27.33
CA THR K 83 -14.04 -63.21 -26.48
C THR K 83 -14.75 -63.18 -25.13
N LEU K 84 -14.84 -62.00 -24.52
CA LEU K 84 -15.50 -61.84 -23.22
C LEU K 84 -16.96 -62.29 -23.26
N TYR K 85 -17.48 -62.49 -24.46
CA TYR K 85 -18.87 -62.91 -24.59
C TYR K 85 -19.03 -64.24 -25.33
N GLN K 86 -17.94 -64.94 -25.53
CA GLN K 86 -17.99 -66.24 -26.20
C GLN K 86 -18.15 -67.36 -25.18
N LYS K 87 -18.59 -68.51 -25.66
CA LYS K 87 -18.80 -69.66 -24.80
C LYS K 87 -18.09 -70.88 -25.38
N ASP K 88 -17.80 -71.85 -24.52
CA ASP K 88 -17.13 -73.08 -24.94
C ASP K 88 -18.18 -73.98 -25.59
N ASP K 89 -17.76 -75.14 -26.06
CA ASP K 89 -18.67 -76.05 -26.73
C ASP K 89 -19.83 -76.54 -25.86
N ASN K 90 -19.70 -76.38 -24.55
CA ASN K 90 -20.75 -76.82 -23.64
C ASN K 90 -21.72 -75.68 -23.35
N GLY K 91 -21.50 -74.56 -24.02
CA GLY K 91 -22.36 -73.40 -23.83
C GLY K 91 -22.01 -72.63 -22.56
N VAL K 92 -20.80 -72.86 -22.06
CA VAL K 92 -20.35 -72.19 -20.84
C VAL K 92 -19.46 -70.99 -21.14
N PRO K 93 -19.89 -69.82 -20.68
CA PRO K 93 -19.17 -68.55 -20.87
C PRO K 93 -17.72 -68.67 -20.45
N PHE K 94 -16.81 -68.34 -21.36
CA PHE K 94 -15.38 -68.39 -21.04
C PHE K 94 -15.13 -67.63 -19.74
N VAL K 95 -15.86 -66.53 -19.56
CA VAL K 95 -15.69 -65.72 -18.36
C VAL K 95 -16.04 -66.55 -17.13
N ARG K 96 -17.16 -67.25 -17.21
CA ARG K 96 -17.63 -68.11 -16.12
C ARG K 96 -16.52 -69.06 -15.70
N THR K 97 -16.00 -69.80 -16.68
CA THR K 97 -14.93 -70.76 -16.44
C THR K 97 -13.75 -70.13 -15.69
N ILE K 98 -13.11 -69.13 -16.30
CA ILE K 98 -11.97 -68.47 -15.66
C ILE K 98 -12.37 -68.02 -14.25
N GLN K 99 -13.56 -67.47 -14.11
CA GLN K 99 -14.02 -67.00 -12.80
C GLN K 99 -14.10 -68.11 -11.77
N ASP K 100 -14.64 -69.25 -12.18
CA ASP K 100 -14.77 -70.38 -11.27
C ASP K 100 -13.43 -70.88 -10.75
N LYS K 101 -12.37 -70.75 -11.56
CA LYS K 101 -11.05 -71.18 -11.12
C LYS K 101 -10.44 -70.12 -10.21
N GLY K 102 -11.22 -69.07 -9.94
CA GLY K 102 -10.76 -68.01 -9.07
C GLY K 102 -9.77 -67.06 -9.72
N ILE K 103 -9.63 -67.15 -11.04
CA ILE K 103 -8.73 -66.27 -11.78
C ILE K 103 -9.49 -64.98 -12.05
N VAL K 104 -8.79 -63.85 -12.07
CA VAL K 104 -9.45 -62.57 -12.31
C VAL K 104 -9.64 -62.30 -13.81
N VAL K 105 -10.77 -61.68 -14.15
CA VAL K 105 -11.10 -61.36 -15.54
C VAL K 105 -10.83 -59.90 -15.93
N GLY K 106 -10.25 -59.68 -17.11
CA GLY K 106 -9.97 -58.33 -17.57
C GLY K 106 -10.25 -58.14 -19.05
N ILE K 107 -10.38 -56.89 -19.50
CA ILE K 107 -10.62 -56.56 -20.92
C ILE K 107 -9.72 -55.46 -21.42
N LYS K 108 -9.32 -55.58 -22.68
CA LYS K 108 -8.52 -54.55 -23.36
C LYS K 108 -9.61 -53.52 -23.66
N VAL K 109 -9.38 -52.26 -23.33
CA VAL K 109 -10.40 -51.24 -23.60
C VAL K 109 -9.97 -50.16 -24.57
N ASP K 110 -8.67 -50.01 -24.78
CA ASP K 110 -8.17 -49.00 -25.70
C ASP K 110 -8.74 -49.33 -27.09
N LYS K 111 -8.89 -48.31 -27.92
CA LYS K 111 -9.42 -48.52 -29.25
C LYS K 111 -8.35 -48.29 -30.29
N GLY K 112 -7.16 -48.82 -30.04
CA GLY K 112 -6.10 -48.67 -31.02
C GLY K 112 -5.23 -47.43 -30.97
N VAL K 113 -4.08 -47.56 -31.61
CA VAL K 113 -3.10 -46.50 -31.66
C VAL K 113 -3.42 -45.59 -32.84
N VAL K 114 -3.06 -44.31 -32.72
CA VAL K 114 -3.30 -43.35 -33.79
C VAL K 114 -2.11 -42.40 -33.91
N PRO K 115 -1.93 -41.78 -35.08
CA PRO K 115 -0.87 -40.84 -35.45
C PRO K 115 -0.82 -39.52 -34.72
N LEU K 116 0.38 -39.10 -34.38
CA LEU K 116 0.58 -37.82 -33.76
C LEU K 116 1.11 -36.91 -34.86
N ALA K 117 0.25 -36.05 -35.38
CA ALA K 117 0.64 -35.15 -36.45
C ALA K 117 1.87 -34.37 -36.01
N GLY K 118 2.83 -34.24 -36.92
CA GLY K 118 4.03 -33.48 -36.63
C GLY K 118 5.19 -34.22 -36.01
N THR K 119 5.02 -35.53 -35.84
CA THR K 119 6.08 -36.35 -35.24
C THR K 119 6.63 -37.30 -36.26
N ASP K 120 7.72 -37.97 -35.90
CA ASP K 120 8.35 -38.94 -36.80
C ASP K 120 7.67 -40.29 -36.66
N GLY K 121 6.46 -40.39 -37.19
CA GLY K 121 5.71 -41.63 -37.13
C GLY K 121 5.41 -42.10 -35.72
N GLU K 122 5.17 -41.16 -34.82
CA GLU K 122 4.85 -41.51 -33.46
C GLU K 122 3.36 -41.57 -33.28
N THR K 123 2.91 -42.15 -32.19
CA THR K 123 1.48 -42.29 -31.97
C THR K 123 1.02 -41.98 -30.57
N THR K 124 -0.25 -42.24 -30.36
CA THR K 124 -0.91 -42.08 -29.09
C THR K 124 -2.04 -43.10 -29.21
N THR K 125 -2.87 -43.22 -28.18
CA THR K 125 -3.92 -44.21 -28.21
C THR K 125 -5.30 -43.63 -27.98
N GLN K 126 -6.29 -44.19 -28.64
CA GLN K 126 -7.64 -43.71 -28.46
C GLN K 126 -8.48 -44.76 -27.78
N GLY K 127 -9.63 -44.35 -27.25
CA GLY K 127 -10.51 -45.29 -26.57
C GLY K 127 -11.26 -44.63 -25.43
N LEU K 128 -10.86 -43.41 -25.08
CA LEU K 128 -11.48 -42.67 -23.99
C LEU K 128 -12.96 -42.36 -24.17
N ASP K 129 -13.42 -42.17 -25.40
CA ASP K 129 -14.83 -41.85 -25.60
C ASP K 129 -15.74 -42.97 -25.11
N GLY K 130 -16.61 -42.62 -24.17
CA GLY K 130 -17.54 -43.57 -23.61
C GLY K 130 -16.94 -44.65 -22.72
N LEU K 131 -15.64 -44.56 -22.46
CA LEU K 131 -14.97 -45.56 -21.64
C LEU K 131 -15.64 -45.79 -20.29
N SER K 132 -16.15 -44.74 -19.67
CA SER K 132 -16.78 -44.92 -18.37
C SER K 132 -17.99 -45.85 -18.44
N GLU K 133 -18.87 -45.62 -19.43
CA GLU K 133 -20.05 -46.46 -19.60
C GLU K 133 -19.61 -47.88 -19.87
N ARG K 134 -18.61 -48.02 -20.72
CA ARG K 134 -18.09 -49.33 -21.09
C ARG K 134 -17.53 -50.07 -19.89
N CYS K 135 -16.78 -49.37 -19.04
CA CYS K 135 -16.20 -50.01 -17.87
C CYS K 135 -17.34 -50.50 -16.99
N ALA K 136 -18.28 -49.61 -16.73
CA ALA K 136 -19.41 -49.96 -15.90
C ALA K 136 -20.03 -51.28 -16.40
N GLN K 137 -20.14 -51.42 -17.72
CA GLN K 137 -20.70 -52.60 -18.34
C GLN K 137 -19.80 -53.82 -18.15
N TYR K 138 -18.54 -53.67 -18.50
CA TYR K 138 -17.58 -54.75 -18.37
C TYR K 138 -17.53 -55.25 -16.93
N LYS K 139 -17.59 -54.33 -15.98
CA LYS K 139 -17.55 -54.72 -14.58
C LYS K 139 -18.78 -55.59 -14.34
N LYS K 140 -19.92 -55.09 -14.80
CA LYS K 140 -21.19 -55.78 -14.67
C LYS K 140 -21.15 -57.15 -15.32
N ASP K 141 -20.19 -57.37 -16.22
CA ASP K 141 -20.09 -58.65 -16.89
C ASP K 141 -18.96 -59.53 -16.36
N GLY K 142 -18.38 -59.14 -15.22
CA GLY K 142 -17.33 -59.95 -14.62
C GLY K 142 -15.89 -59.49 -14.69
N ALA K 143 -15.63 -58.35 -15.32
CA ALA K 143 -14.27 -57.86 -15.40
C ALA K 143 -13.93 -57.04 -14.17
N ASP K 144 -12.68 -57.14 -13.72
CA ASP K 144 -12.24 -56.40 -12.54
C ASP K 144 -11.00 -55.60 -12.82
N PHE K 145 -10.44 -55.77 -14.01
CA PHE K 145 -9.27 -55.01 -14.40
C PHE K 145 -9.25 -54.83 -15.91
N ALA K 146 -8.54 -53.81 -16.37
CA ALA K 146 -8.47 -53.53 -17.81
C ALA K 146 -7.06 -53.27 -18.28
N LYS K 147 -6.89 -53.20 -19.60
CA LYS K 147 -5.59 -52.93 -20.20
C LYS K 147 -5.74 -51.90 -21.30
N TRP K 148 -4.78 -50.98 -21.38
CA TRP K 148 -4.77 -49.92 -22.38
C TRP K 148 -3.33 -49.85 -22.86
N ARG K 149 -3.11 -50.02 -24.15
CA ARG K 149 -1.72 -49.99 -24.63
C ARG K 149 -1.28 -48.77 -25.41
N CYS K 150 -0.29 -48.07 -24.87
CA CYS K 150 0.27 -46.92 -25.55
C CYS K 150 1.56 -47.46 -26.15
N VAL K 151 2.06 -46.85 -27.21
CA VAL K 151 3.27 -47.34 -27.82
C VAL K 151 4.27 -46.25 -28.09
N LEU K 152 5.48 -46.41 -27.56
CA LEU K 152 6.54 -45.44 -27.79
C LEU K 152 7.60 -46.15 -28.62
N LYS K 153 8.43 -45.37 -29.33
CA LYS K 153 9.44 -45.95 -30.21
C LYS K 153 10.80 -45.30 -29.96
N ILE K 154 11.89 -46.05 -30.09
CA ILE K 154 13.21 -45.46 -29.88
C ILE K 154 13.98 -45.32 -31.19
N SER K 155 14.43 -44.09 -31.46
CA SER K 155 15.19 -43.76 -32.67
C SER K 155 16.02 -42.51 -32.35
N GLU K 156 16.72 -41.96 -33.34
CA GLU K 156 17.56 -40.78 -33.10
C GLU K 156 16.79 -39.70 -32.38
N ARG K 157 15.50 -39.63 -32.62
CA ARG K 157 14.70 -38.62 -31.98
C ARG K 157 13.24 -39.03 -31.94
N THR K 158 12.92 -40.12 -31.25
CA THR K 158 11.55 -40.56 -31.24
C THR K 158 10.72 -40.37 -30.01
N PRO K 159 11.10 -40.98 -28.87
CA PRO K 159 10.18 -40.71 -27.76
C PRO K 159 10.31 -39.21 -27.53
N SER K 160 9.50 -38.45 -28.26
CA SER K 160 9.51 -36.99 -28.24
C SER K 160 8.68 -36.42 -27.10
N ALA K 161 9.06 -35.23 -26.67
CA ALA K 161 8.34 -34.59 -25.58
C ALA K 161 6.85 -34.79 -25.78
N LEU K 162 6.39 -34.53 -27.00
CA LEU K 162 4.97 -34.69 -27.29
C LEU K 162 4.50 -36.11 -27.03
N ALA K 163 5.16 -37.08 -27.66
CA ALA K 163 4.80 -38.48 -27.49
C ALA K 163 4.79 -38.92 -26.03
N ILE K 164 5.76 -38.44 -25.26
CA ILE K 164 5.81 -38.80 -23.86
C ILE K 164 4.71 -38.05 -23.11
N LEU K 165 4.58 -36.75 -23.37
CA LEU K 165 3.56 -35.90 -22.74
C LEU K 165 2.20 -36.56 -22.95
N GLU K 166 1.78 -36.65 -24.21
CA GLU K 166 0.52 -37.31 -24.55
C GLU K 166 0.91 -38.74 -24.22
N ASN K 167 -0.02 -39.68 -24.22
CA ASN K 167 0.32 -41.07 -23.87
C ASN K 167 0.37 -41.13 -22.35
N ALA K 168 1.37 -40.48 -21.76
CA ALA K 168 1.45 -40.47 -20.30
C ALA K 168 0.12 -39.91 -19.82
N ASN K 169 -0.36 -38.88 -20.52
CA ASN K 169 -1.60 -38.24 -20.14
C ASN K 169 -2.78 -39.14 -20.44
N VAL K 170 -2.78 -39.77 -21.61
CA VAL K 170 -3.90 -40.65 -21.97
C VAL K 170 -4.01 -41.78 -20.97
N LEU K 171 -2.87 -42.38 -20.64
CA LEU K 171 -2.88 -43.46 -19.68
C LEU K 171 -3.55 -42.98 -18.41
N ALA K 172 -3.12 -41.83 -17.90
CA ALA K 172 -3.69 -41.29 -16.68
C ALA K 172 -5.20 -41.11 -16.79
N ARG K 173 -5.67 -40.64 -17.93
CA ARG K 173 -7.12 -40.46 -18.13
C ARG K 173 -7.80 -41.81 -18.01
N TYR K 174 -7.36 -42.75 -18.83
CA TYR K 174 -7.88 -44.11 -18.85
C TYR K 174 -7.90 -44.69 -17.43
N ALA K 175 -6.77 -44.62 -16.75
CA ALA K 175 -6.65 -45.14 -15.39
C ALA K 175 -7.70 -44.52 -14.47
N SER K 176 -7.78 -43.19 -14.49
CA SER K 176 -8.74 -42.47 -13.66
C SER K 176 -10.16 -42.97 -13.87
N ILE K 177 -10.56 -43.12 -15.13
CA ILE K 177 -11.90 -43.56 -15.49
C ILE K 177 -12.18 -44.99 -15.03
N CYS K 178 -11.22 -45.87 -15.18
CA CYS K 178 -11.39 -47.26 -14.75
C CYS K 178 -11.67 -47.32 -13.25
N GLN K 179 -10.83 -46.66 -12.48
CA GLN K 179 -11.00 -46.70 -11.04
C GLN K 179 -12.33 -46.18 -10.53
N GLN K 180 -12.88 -45.15 -11.16
CA GLN K 180 -14.15 -44.65 -10.66
C GLN K 180 -15.26 -45.65 -11.00
N ASN K 181 -14.90 -46.71 -11.73
CA ASN K 181 -15.84 -47.78 -12.12
C ASN K 181 -15.47 -49.13 -11.49
N GLY K 182 -14.69 -49.08 -10.41
CA GLY K 182 -14.28 -50.29 -9.72
C GLY K 182 -13.47 -51.24 -10.57
N ILE K 183 -12.65 -50.72 -11.48
CA ILE K 183 -11.83 -51.56 -12.33
C ILE K 183 -10.36 -51.19 -12.26
N VAL K 184 -9.53 -52.16 -11.87
CA VAL K 184 -8.11 -51.91 -11.77
C VAL K 184 -7.53 -51.74 -13.16
N PRO K 185 -6.82 -50.63 -13.40
CA PRO K 185 -6.25 -50.42 -14.71
C PRO K 185 -4.78 -50.83 -14.83
N ILE K 186 -4.45 -51.51 -15.92
CA ILE K 186 -3.06 -51.89 -16.16
C ILE K 186 -2.55 -50.79 -17.06
N VAL K 187 -1.59 -50.03 -16.57
CA VAL K 187 -1.01 -48.95 -17.35
C VAL K 187 0.13 -49.51 -18.18
N GLU K 188 -0.08 -49.58 -19.50
CA GLU K 188 0.94 -50.14 -20.36
C GLU K 188 1.63 -49.17 -21.32
N PRO K 189 2.76 -48.60 -20.89
CA PRO K 189 3.52 -47.68 -21.72
C PRO K 189 4.62 -48.50 -22.39
N GLU K 190 4.28 -49.19 -23.48
CA GLU K 190 5.28 -50.02 -24.15
C GLU K 190 6.27 -49.31 -25.04
N ILE K 191 7.55 -49.40 -24.69
CA ILE K 191 8.61 -48.82 -25.49
C ILE K 191 9.11 -49.93 -26.39
N LEU K 192 8.72 -49.91 -27.67
CA LEU K 192 9.14 -50.95 -28.63
C LEU K 192 10.65 -51.18 -28.66
N PRO K 193 11.06 -52.40 -29.03
CA PRO K 193 12.45 -52.86 -29.13
C PRO K 193 13.07 -52.54 -30.48
N ASP K 194 12.25 -52.22 -31.47
CA ASP K 194 12.77 -51.92 -32.80
C ASP K 194 13.89 -50.92 -32.74
N GLY K 195 14.95 -51.17 -33.50
CA GLY K 195 16.08 -50.27 -33.51
C GLY K 195 17.36 -51.00 -33.22
N ASP K 196 18.49 -50.30 -33.31
CA ASP K 196 19.79 -50.89 -33.03
C ASP K 196 20.41 -50.28 -31.77
N HIS K 197 19.58 -49.73 -30.89
CA HIS K 197 20.07 -49.11 -29.66
C HIS K 197 20.53 -50.17 -28.65
N ASP K 198 21.49 -49.80 -27.81
CA ASP K 198 22.02 -50.73 -26.82
C ASP K 198 21.22 -50.69 -25.53
N LEU K 199 21.49 -51.62 -24.62
CA LEU K 199 20.78 -51.69 -23.35
C LEU K 199 20.75 -50.35 -22.62
N LYS K 200 21.91 -49.68 -22.52
CA LYS K 200 21.99 -48.39 -21.85
C LYS K 200 20.85 -47.46 -22.28
N ARG K 201 20.74 -47.24 -23.58
CA ARG K 201 19.72 -46.34 -24.12
C ARG K 201 18.29 -46.74 -23.76
N CYS K 202 17.97 -48.02 -23.88
CA CYS K 202 16.63 -48.46 -23.56
C CYS K 202 16.32 -48.18 -22.10
N GLN K 203 17.31 -48.35 -21.24
CA GLN K 203 17.10 -48.10 -19.84
C GLN K 203 16.79 -46.62 -19.65
N TYR K 204 17.61 -45.78 -20.27
CA TYR K 204 17.45 -44.33 -20.19
C TYR K 204 16.03 -43.92 -20.59
N VAL K 205 15.66 -44.26 -21.81
CA VAL K 205 14.34 -43.93 -22.31
C VAL K 205 13.25 -44.50 -21.40
N THR K 206 13.41 -45.75 -20.97
CA THR K 206 12.42 -46.35 -20.10
C THR K 206 12.25 -45.54 -18.83
N GLU K 207 13.37 -45.11 -18.26
CA GLU K 207 13.32 -44.33 -17.05
C GLU K 207 12.59 -43.02 -17.25
N LYS K 208 12.88 -42.31 -18.35
CA LYS K 208 12.21 -41.04 -18.62
C LYS K 208 10.72 -41.22 -18.87
N VAL K 209 10.37 -42.23 -19.65
CA VAL K 209 8.96 -42.48 -19.94
C VAL K 209 8.21 -42.78 -18.67
N LEU K 210 8.69 -43.72 -17.88
CA LEU K 210 8.00 -44.05 -16.65
C LEU K 210 7.88 -42.83 -15.74
N ALA K 211 8.97 -42.10 -15.56
CA ALA K 211 8.96 -40.91 -14.72
C ALA K 211 7.81 -39.98 -15.11
N ALA K 212 7.55 -39.87 -16.40
CA ALA K 212 6.48 -39.02 -16.89
C ALA K 212 5.14 -39.66 -16.58
N VAL K 213 5.04 -40.95 -16.87
CA VAL K 213 3.82 -41.69 -16.64
C VAL K 213 3.31 -41.56 -15.21
N TYR K 214 4.20 -41.69 -14.22
CA TYR K 214 3.73 -41.59 -12.86
C TYR K 214 3.37 -40.18 -12.43
N LYS K 215 4.10 -39.19 -12.96
CA LYS K 215 3.77 -37.80 -12.62
C LYS K 215 2.37 -37.52 -13.15
N ALA K 216 2.06 -38.08 -14.32
CA ALA K 216 0.76 -37.90 -14.93
C ALA K 216 -0.31 -38.53 -14.05
N LEU K 217 -0.08 -39.77 -13.66
CA LEU K 217 -1.04 -40.46 -12.81
C LEU K 217 -1.31 -39.59 -11.59
N SER K 218 -0.25 -39.01 -11.03
CA SER K 218 -0.43 -38.15 -9.86
C SER K 218 -1.36 -37.00 -10.18
N ASP K 219 -1.06 -36.30 -11.26
CA ASP K 219 -1.83 -35.16 -11.70
C ASP K 219 -3.30 -35.50 -11.86
N HIS K 220 -3.59 -36.71 -12.34
CA HIS K 220 -4.97 -37.11 -12.55
C HIS K 220 -5.61 -37.79 -11.35
N HIS K 221 -4.90 -37.76 -10.23
CA HIS K 221 -5.39 -38.34 -9.00
C HIS K 221 -5.64 -39.84 -9.07
N VAL K 222 -4.83 -40.56 -9.83
CA VAL K 222 -5.00 -42.01 -9.94
C VAL K 222 -4.48 -42.67 -8.66
N TYR K 223 -5.23 -43.64 -8.16
CA TYR K 223 -4.90 -44.38 -6.94
C TYR K 223 -3.87 -45.45 -7.27
N LEU K 224 -2.60 -45.16 -6.99
CA LEU K 224 -1.52 -46.09 -7.33
C LEU K 224 -1.67 -47.51 -6.85
N GLU K 225 -2.00 -47.70 -5.58
CA GLU K 225 -2.14 -49.04 -5.04
C GLU K 225 -3.30 -49.83 -5.63
N GLY K 226 -3.98 -49.22 -6.60
CA GLY K 226 -5.09 -49.87 -7.26
C GLY K 226 -4.83 -49.93 -8.77
N THR K 227 -3.56 -50.04 -9.12
CA THR K 227 -3.15 -50.08 -10.51
C THR K 227 -2.07 -51.12 -10.69
N LEU K 228 -1.66 -51.33 -11.93
CA LEU K 228 -0.60 -52.26 -12.24
C LEU K 228 0.18 -51.68 -13.41
N LEU K 229 1.48 -51.94 -13.47
CA LEU K 229 2.30 -51.42 -14.55
C LEU K 229 2.75 -52.54 -15.47
N LYS K 230 2.47 -52.39 -16.76
CA LYS K 230 2.85 -53.40 -17.74
C LYS K 230 3.86 -52.75 -18.67
N PRO K 231 5.13 -52.65 -18.24
CA PRO K 231 6.17 -52.04 -19.07
C PRO K 231 6.91 -53.08 -19.86
N ASN K 232 7.85 -52.61 -20.66
CA ASN K 232 8.69 -53.47 -21.45
C ASN K 232 9.89 -53.75 -20.55
N MET K 233 10.57 -54.88 -20.69
CA MET K 233 11.76 -55.08 -19.88
C MET K 233 12.77 -54.22 -20.61
N VAL K 234 13.71 -53.61 -19.90
CA VAL K 234 14.68 -52.81 -20.63
C VAL K 234 15.67 -53.79 -21.27
N THR K 235 15.79 -53.71 -22.59
CA THR K 235 16.64 -54.58 -23.37
C THR K 235 17.12 -53.87 -24.64
N PRO K 236 18.17 -54.39 -25.27
CA PRO K 236 18.73 -53.80 -26.49
C PRO K 236 17.72 -53.88 -27.61
N GLY K 237 17.93 -53.09 -28.66
CA GLY K 237 17.03 -53.11 -29.78
C GLY K 237 17.18 -54.41 -30.54
N HIS K 238 16.12 -54.88 -31.19
CA HIS K 238 16.18 -56.13 -31.95
C HIS K 238 17.43 -56.15 -32.81
N ALA K 239 17.78 -55.00 -33.36
CA ALA K 239 18.93 -54.88 -34.24
C ALA K 239 20.26 -54.57 -33.54
N CYS K 240 20.29 -54.58 -32.21
CA CYS K 240 21.57 -54.30 -31.56
C CYS K 240 22.44 -55.54 -31.69
N PRO K 241 23.70 -55.34 -32.10
CA PRO K 241 24.67 -56.42 -32.28
C PRO K 241 25.12 -57.06 -30.97
N ILE K 242 25.27 -56.21 -29.95
CA ILE K 242 25.72 -56.64 -28.63
C ILE K 242 24.88 -57.69 -27.94
N LYS K 243 25.55 -58.63 -27.29
CA LYS K 243 24.89 -59.72 -26.58
C LYS K 243 24.87 -59.40 -25.08
N TYR K 244 23.75 -59.66 -24.43
CA TYR K 244 23.62 -59.38 -23.00
C TYR K 244 23.13 -60.56 -22.17
N THR K 245 23.61 -60.63 -20.94
CA THR K 245 23.22 -61.68 -20.00
C THR K 245 21.83 -61.39 -19.50
N PRO K 246 21.02 -62.43 -19.27
CA PRO K 246 19.68 -62.12 -18.75
C PRO K 246 19.91 -61.47 -17.39
N GLU K 247 21.11 -61.64 -16.87
CA GLU K 247 21.50 -61.03 -15.61
C GLU K 247 21.55 -59.54 -15.86
N GLU K 248 22.28 -59.15 -16.91
CA GLU K 248 22.45 -57.76 -17.30
C GLU K 248 21.11 -57.09 -17.59
N ILE K 249 20.22 -57.83 -18.25
CA ILE K 249 18.92 -57.30 -18.57
C ILE K 249 18.13 -57.08 -17.29
N ALA K 250 18.17 -58.05 -16.40
CA ALA K 250 17.45 -57.96 -15.13
C ALA K 250 17.98 -56.77 -14.34
N MET K 251 19.30 -56.59 -14.37
CA MET K 251 19.94 -55.50 -13.65
C MET K 251 19.42 -54.14 -14.11
N ALA K 252 19.39 -53.93 -15.42
CA ALA K 252 18.92 -52.66 -15.97
C ALA K 252 17.44 -52.46 -15.75
N THR K 253 16.66 -53.51 -15.99
CA THR K 253 15.22 -53.46 -15.81
C THR K 253 14.83 -53.10 -14.38
N VAL K 254 15.42 -53.78 -13.41
CA VAL K 254 15.08 -53.49 -12.03
C VAL K 254 15.59 -52.11 -11.62
N THR K 255 16.76 -51.72 -12.09
CA THR K 255 17.26 -50.40 -11.74
C THR K 255 16.30 -49.34 -12.24
N ALA K 256 15.92 -49.45 -13.50
CA ALA K 256 15.00 -48.49 -14.10
C ALA K 256 13.73 -48.40 -13.28
N LEU K 257 13.10 -49.54 -13.04
CA LEU K 257 11.86 -49.58 -12.27
C LEU K 257 11.99 -48.98 -10.88
N ARG K 258 13.09 -49.26 -10.18
CA ARG K 258 13.21 -48.72 -8.84
C ARG K 258 13.65 -47.28 -8.76
N ARG K 259 13.78 -46.64 -9.91
CA ARG K 259 14.14 -45.23 -9.98
C ARG K 259 12.92 -44.42 -10.35
N THR K 260 11.83 -45.13 -10.67
CA THR K 260 10.63 -44.46 -11.12
C THR K 260 9.30 -44.93 -10.55
N VAL K 261 9.14 -46.22 -10.32
CA VAL K 261 7.86 -46.71 -9.80
C VAL K 261 7.71 -46.56 -8.28
N PRO K 262 6.64 -45.87 -7.83
CA PRO K 262 6.53 -45.75 -6.37
C PRO K 262 6.20 -47.10 -5.72
N PRO K 263 6.68 -47.31 -4.49
CA PRO K 263 6.48 -48.55 -3.72
C PRO K 263 5.02 -48.92 -3.64
N ALA K 264 4.15 -47.93 -3.73
CA ALA K 264 2.71 -48.17 -3.64
C ALA K 264 2.14 -49.03 -4.77
N VAL K 265 2.81 -49.08 -5.91
CA VAL K 265 2.31 -49.90 -6.99
C VAL K 265 2.48 -51.36 -6.58
N PRO K 266 1.38 -52.11 -6.51
CA PRO K 266 1.39 -53.52 -6.12
C PRO K 266 2.24 -54.44 -6.98
N GLY K 267 2.20 -54.27 -8.28
CA GLY K 267 2.99 -55.15 -9.11
C GLY K 267 3.26 -54.65 -10.52
N VAL K 268 4.36 -55.12 -11.09
CA VAL K 268 4.75 -54.77 -12.44
C VAL K 268 4.61 -56.06 -13.24
N THR K 269 3.72 -56.06 -14.23
CA THR K 269 3.53 -57.26 -15.05
C THR K 269 4.18 -57.06 -16.42
N PHE K 270 5.43 -57.47 -16.55
CA PHE K 270 6.16 -57.31 -17.80
C PHE K 270 5.46 -57.86 -19.03
N LEU K 271 5.77 -57.26 -20.17
CA LEU K 271 5.21 -57.69 -21.44
C LEU K 271 6.32 -58.47 -22.17
N SER K 272 5.96 -59.62 -22.73
CA SER K 272 6.92 -60.48 -23.42
C SER K 272 7.55 -59.80 -24.62
N GLY K 273 6.82 -58.85 -25.22
CA GLY K 273 7.34 -58.16 -26.38
C GLY K 273 7.69 -59.10 -27.51
N GLY K 274 8.92 -58.97 -28.03
CA GLY K 274 9.33 -59.83 -29.12
C GLY K 274 10.15 -61.03 -28.67
N GLN K 275 10.26 -61.21 -27.35
CA GLN K 275 11.02 -62.30 -26.79
C GLN K 275 10.38 -63.64 -27.09
N SER K 276 11.21 -64.69 -27.09
CA SER K 276 10.76 -66.06 -27.34
C SER K 276 10.18 -66.60 -26.04
N GLU K 277 9.43 -67.70 -26.12
CA GLU K 277 8.85 -68.26 -24.90
C GLU K 277 9.89 -68.43 -23.81
N GLU K 278 11.08 -68.89 -24.19
CA GLU K 278 12.14 -69.10 -23.22
C GLU K 278 12.78 -67.80 -22.77
N GLU K 279 13.13 -66.97 -23.75
CA GLU K 279 13.75 -65.68 -23.48
C GLU K 279 12.97 -64.92 -22.42
N ALA K 280 11.64 -64.93 -22.53
CA ALA K 280 10.79 -64.24 -21.57
C ALA K 280 10.93 -64.87 -20.21
N SER K 281 10.82 -66.19 -20.14
CA SER K 281 10.92 -66.93 -18.89
C SER K 281 12.28 -66.71 -18.21
N PHE K 282 13.35 -66.84 -18.99
CA PHE K 282 14.70 -66.67 -18.45
C PHE K 282 14.88 -65.27 -17.89
N ASN K 283 14.56 -64.27 -18.71
CA ASN K 283 14.69 -62.88 -18.32
C ASN K 283 13.83 -62.59 -17.08
N LEU K 284 12.59 -63.05 -17.07
CA LEU K 284 11.75 -62.80 -15.91
C LEU K 284 12.38 -63.42 -14.67
N ASN K 285 12.83 -64.67 -14.80
CA ASN K 285 13.46 -65.35 -13.68
C ASN K 285 14.64 -64.53 -13.19
N ALA K 286 15.52 -64.17 -14.11
CA ALA K 286 16.70 -63.37 -13.77
C ALA K 286 16.30 -62.13 -12.99
N ILE K 287 15.25 -61.45 -13.46
CA ILE K 287 14.76 -60.25 -12.81
C ILE K 287 14.42 -60.56 -11.35
N ASN K 288 13.64 -61.62 -11.15
CA ASN K 288 13.26 -62.00 -9.80
C ASN K 288 14.41 -62.53 -8.98
N ARG K 289 15.59 -62.62 -9.59
CA ARG K 289 16.76 -63.08 -8.87
C ARG K 289 17.79 -61.96 -8.76
N CYS K 290 17.42 -60.78 -9.24
CA CYS K 290 18.31 -59.62 -9.17
C CYS K 290 18.54 -59.27 -7.70
N PRO K 291 19.79 -58.91 -7.36
CA PRO K 291 20.23 -58.53 -6.02
C PRO K 291 19.45 -57.36 -5.43
N LEU K 292 19.16 -56.38 -6.28
CA LEU K 292 18.44 -55.19 -5.87
C LEU K 292 17.07 -55.51 -5.28
N PRO K 293 16.66 -54.77 -4.25
CA PRO K 293 15.38 -54.93 -3.55
C PRO K 293 14.22 -54.47 -4.42
N ARG K 294 13.08 -55.15 -4.33
CA ARG K 294 11.91 -54.78 -5.12
C ARG K 294 10.65 -54.74 -4.28
N PRO K 295 10.11 -53.54 -4.06
CA PRO K 295 8.89 -53.29 -3.27
C PRO K 295 7.60 -53.79 -3.91
N TRP K 296 7.70 -54.30 -5.12
CA TRP K 296 6.53 -54.75 -5.88
C TRP K 296 6.70 -56.11 -6.54
N ALA K 297 5.57 -56.72 -6.87
CA ALA K 297 5.58 -58.00 -7.54
C ALA K 297 6.23 -57.79 -8.89
N LEU K 298 7.03 -58.75 -9.35
CA LEU K 298 7.63 -58.62 -10.65
C LEU K 298 7.26 -59.86 -11.43
N THR K 299 6.05 -59.94 -11.97
CA THR K 299 5.69 -61.12 -12.74
C THR K 299 5.53 -60.80 -14.23
N PHE K 300 4.64 -61.54 -14.88
CA PHE K 300 4.42 -61.41 -16.31
C PHE K 300 2.99 -61.12 -16.73
N SER K 301 2.84 -60.57 -17.93
CA SER K 301 1.55 -60.30 -18.56
C SER K 301 1.93 -60.61 -19.99
N TYR K 302 2.13 -61.89 -20.24
CA TYR K 302 2.55 -62.38 -21.54
C TYR K 302 1.45 -62.72 -22.52
N GLY K 303 1.74 -62.47 -23.79
CA GLY K 303 0.80 -62.76 -24.84
C GLY K 303 1.30 -63.92 -25.65
N ARG K 304 2.26 -63.66 -26.55
CA ARG K 304 2.77 -64.74 -27.37
C ARG K 304 3.63 -65.67 -26.54
N ALA K 305 4.44 -65.10 -25.64
CA ALA K 305 5.32 -65.89 -24.79
C ALA K 305 4.62 -66.99 -23.98
N LEU K 306 3.30 -66.99 -24.00
CA LEU K 306 2.53 -67.99 -23.28
C LEU K 306 1.80 -68.91 -24.25
N GLN K 307 1.53 -68.43 -25.44
CA GLN K 307 0.78 -69.24 -26.39
C GLN K 307 1.45 -69.53 -27.74
N ALA K 308 2.74 -69.27 -27.85
CA ALA K 308 3.42 -69.53 -29.12
C ALA K 308 3.35 -71.01 -29.45
N SER K 309 4.02 -71.82 -28.64
CA SER K 309 4.05 -73.25 -28.87
C SER K 309 2.64 -73.84 -28.80
N ALA K 310 1.82 -73.29 -27.91
CA ALA K 310 0.44 -73.77 -27.78
C ALA K 310 -0.27 -73.65 -29.11
N LEU K 311 -0.18 -72.47 -29.71
CA LEU K 311 -0.82 -72.18 -30.99
C LEU K 311 -0.20 -73.05 -32.08
N ASN K 312 1.11 -73.23 -32.00
CA ASN K 312 1.84 -74.02 -32.97
C ASN K 312 1.42 -75.49 -32.93
N ALA K 313 1.07 -75.97 -31.74
CA ALA K 313 0.65 -77.34 -31.55
C ALA K 313 -0.77 -77.53 -32.08
N TRP K 314 -1.70 -76.72 -31.59
CA TRP K 314 -3.09 -76.79 -32.01
C TRP K 314 -3.19 -76.88 -33.53
N ARG K 315 -2.57 -75.91 -34.20
CA ARG K 315 -2.54 -75.89 -35.65
C ARG K 315 -3.94 -75.96 -36.28
N GLY K 316 -4.96 -75.59 -35.51
CA GLY K 316 -6.32 -75.61 -36.01
C GLY K 316 -7.03 -76.95 -35.90
N GLN K 317 -6.28 -78.00 -35.57
CA GLN K 317 -6.85 -79.34 -35.46
C GLN K 317 -7.58 -79.62 -34.16
N ARG K 318 -8.79 -80.14 -34.25
CA ARG K 318 -9.58 -80.42 -33.05
C ARG K 318 -8.92 -81.46 -32.15
N ASP K 319 -8.11 -82.34 -32.74
CA ASP K 319 -7.43 -83.38 -31.97
C ASP K 319 -6.28 -82.78 -31.18
N ASN K 320 -5.51 -81.92 -31.85
CA ASN K 320 -4.36 -81.27 -31.23
C ASN K 320 -4.74 -80.33 -30.08
N ALA K 321 -6.04 -80.14 -29.87
CA ALA K 321 -6.54 -79.28 -28.80
C ALA K 321 -5.84 -79.52 -27.46
N GLY K 322 -5.93 -80.76 -26.96
CA GLY K 322 -5.31 -81.10 -25.68
C GLY K 322 -3.83 -80.86 -25.62
N ALA K 323 -3.14 -81.17 -26.72
CA ALA K 323 -1.70 -80.96 -26.77
C ALA K 323 -1.41 -79.48 -26.68
N ALA K 324 -2.18 -78.70 -27.43
CA ALA K 324 -2.04 -77.25 -27.43
C ALA K 324 -2.21 -76.75 -26.01
N THR K 325 -3.29 -77.18 -25.37
CA THR K 325 -3.58 -76.77 -24.00
C THR K 325 -2.42 -77.12 -23.07
N GLU K 326 -1.75 -78.24 -23.35
CA GLU K 326 -0.62 -78.65 -22.52
C GLU K 326 0.53 -77.68 -22.72
N GLU K 327 0.83 -77.37 -23.98
CA GLU K 327 1.91 -76.46 -24.29
C GLU K 327 1.74 -75.15 -23.52
N PHE K 328 0.49 -74.69 -23.42
CA PHE K 328 0.17 -73.46 -22.70
C PHE K 328 0.42 -73.65 -21.21
N ILE K 329 -0.28 -74.60 -20.60
CA ILE K 329 -0.12 -74.87 -19.18
C ILE K 329 1.36 -74.99 -18.81
N LYS K 330 2.15 -75.56 -19.72
CA LYS K 330 3.58 -75.73 -19.48
C LYS K 330 4.22 -74.36 -19.27
N ARG K 331 4.12 -73.50 -20.27
CA ARG K 331 4.69 -72.15 -20.19
C ARG K 331 4.09 -71.38 -19.03
N ALA K 332 2.78 -71.52 -18.82
CA ALA K 332 2.13 -70.82 -17.72
C ALA K 332 2.79 -71.20 -16.39
N GLU K 333 3.10 -72.47 -16.24
CA GLU K 333 3.72 -72.95 -15.02
C GLU K 333 5.14 -72.46 -14.85
N VAL K 334 5.95 -72.62 -15.89
CA VAL K 334 7.35 -72.18 -15.79
C VAL K 334 7.44 -70.70 -15.48
N ASN K 335 6.62 -69.89 -16.15
CA ASN K 335 6.66 -68.46 -15.90
C ASN K 335 6.16 -68.16 -14.51
N GLY K 336 5.29 -69.02 -14.00
CA GLY K 336 4.80 -68.84 -12.65
C GLY K 336 5.96 -69.04 -11.69
N LEU K 337 6.94 -69.83 -12.13
CA LEU K 337 8.13 -70.10 -11.33
C LEU K 337 9.10 -68.94 -11.51
N ALA K 338 9.30 -68.54 -12.76
CA ALA K 338 10.20 -67.42 -13.07
C ALA K 338 9.73 -66.18 -12.33
N ALA K 339 8.44 -66.13 -12.04
CA ALA K 339 7.86 -65.00 -11.32
C ALA K 339 8.27 -65.01 -9.86
N GLN K 340 9.09 -65.99 -9.47
CA GLN K 340 9.56 -66.09 -8.09
C GLN K 340 11.05 -66.38 -8.11
N GLY K 341 11.63 -66.31 -9.31
CA GLY K 341 13.05 -66.55 -9.47
C GLY K 341 13.43 -68.00 -9.25
N LYS K 342 12.43 -68.83 -9.05
CA LYS K 342 12.68 -70.24 -8.81
C LYS K 342 12.36 -71.11 -10.02
N TYR K 343 13.01 -70.81 -11.14
CA TYR K 343 12.82 -71.58 -12.35
C TYR K 343 14.19 -71.98 -12.83
N GLU K 344 14.41 -73.28 -13.01
CA GLU K 344 15.71 -73.76 -13.47
C GLU K 344 15.60 -74.26 -14.91
N HIS L 3 13.49 -33.02 -35.38
CA HIS L 3 12.18 -33.16 -34.68
C HIS L 3 11.06 -32.46 -35.44
N SER L 4 11.37 -32.02 -36.65
CA SER L 4 10.41 -31.34 -37.51
C SER L 4 9.97 -32.19 -38.71
N TYR L 5 8.85 -32.89 -38.57
CA TYR L 5 8.31 -33.74 -39.62
C TYR L 5 6.99 -33.17 -40.09
N PRO L 6 7.04 -32.20 -41.02
CA PRO L 6 5.91 -31.48 -41.63
C PRO L 6 4.53 -32.14 -41.49
N ALA L 7 3.74 -31.59 -40.57
CA ALA L 7 2.39 -32.09 -40.33
C ALA L 7 1.51 -31.83 -41.55
N LEU L 8 1.69 -30.65 -42.15
CA LEU L 8 0.91 -30.25 -43.30
C LEU L 8 1.77 -29.80 -44.46
N SER L 9 1.29 -30.07 -45.67
CA SER L 9 1.98 -29.67 -46.88
C SER L 9 1.65 -28.20 -47.08
N ALA L 10 2.34 -27.58 -48.03
CA ALA L 10 2.12 -26.16 -48.30
C ALA L 10 0.69 -25.96 -48.80
N GLU L 11 0.26 -26.88 -49.65
CA GLU L 11 -1.08 -26.80 -50.22
C GLU L 11 -2.10 -26.84 -49.09
N GLN L 12 -1.95 -27.80 -48.20
CA GLN L 12 -2.85 -27.98 -47.09
C GLN L 12 -2.94 -26.77 -46.17
N LYS L 13 -1.77 -26.22 -45.82
CA LYS L 13 -1.75 -25.06 -44.96
C LYS L 13 -2.57 -23.96 -45.63
N LYS L 14 -2.39 -23.82 -46.94
CA LYS L 14 -3.12 -22.82 -47.72
C LYS L 14 -4.62 -23.01 -47.54
N GLU L 15 -5.12 -24.17 -47.91
CA GLU L 15 -6.54 -24.47 -47.79
C GLU L 15 -7.11 -24.12 -46.43
N LEU L 16 -6.39 -24.47 -45.38
CA LEU L 16 -6.85 -24.19 -44.04
C LEU L 16 -6.92 -22.68 -43.81
N SER L 17 -5.82 -21.99 -44.09
CA SER L 17 -5.76 -20.56 -43.91
C SER L 17 -6.88 -19.83 -44.64
N ASP L 18 -7.10 -20.22 -45.90
CA ASP L 18 -8.15 -19.61 -46.70
C ASP L 18 -9.48 -19.80 -45.98
N ILE L 19 -9.86 -21.05 -45.77
CA ILE L 19 -11.11 -21.34 -45.08
C ILE L 19 -11.27 -20.49 -43.83
N ALA L 20 -10.21 -20.41 -43.03
CA ALA L 20 -10.27 -19.64 -41.81
C ALA L 20 -10.63 -18.19 -42.07
N LEU L 21 -9.88 -17.57 -42.98
CA LEU L 21 -10.09 -16.17 -43.32
C LEU L 21 -11.47 -15.88 -43.91
N ARG L 22 -12.00 -16.80 -44.69
CA ARG L 22 -13.32 -16.59 -45.27
C ARG L 22 -14.33 -16.45 -44.15
N ILE L 23 -14.22 -17.33 -43.17
CA ILE L 23 -15.14 -17.32 -42.05
C ILE L 23 -15.11 -16.00 -41.28
N VAL L 24 -13.93 -15.52 -40.92
CA VAL L 24 -13.87 -14.28 -40.16
C VAL L 24 -13.71 -13.01 -40.97
N ALA L 25 -14.00 -13.11 -42.27
CA ALA L 25 -13.91 -11.94 -43.16
C ALA L 25 -14.67 -10.79 -42.52
N PRO L 26 -14.21 -9.54 -42.77
CA PRO L 26 -14.78 -8.30 -42.25
C PRO L 26 -16.30 -8.26 -42.16
N GLY L 27 -16.80 -7.78 -41.03
CA GLY L 27 -18.24 -7.69 -40.85
C GLY L 27 -18.99 -9.01 -40.87
N LYS L 28 -18.24 -10.11 -40.85
CA LYS L 28 -18.83 -11.45 -40.85
C LYS L 28 -18.60 -12.20 -39.54
N GLY L 29 -19.60 -13.00 -39.15
CA GLY L 29 -19.52 -13.78 -37.94
C GLY L 29 -20.02 -15.19 -38.17
N ILE L 30 -20.20 -15.94 -37.10
CA ILE L 30 -20.65 -17.33 -37.19
C ILE L 30 -21.98 -17.60 -36.52
N LEU L 31 -22.86 -18.33 -37.20
CA LEU L 31 -24.14 -18.69 -36.62
C LEU L 31 -23.91 -20.06 -36.02
N ALA L 32 -24.04 -20.16 -34.71
CA ALA L 32 -23.84 -21.43 -34.03
C ALA L 32 -25.18 -22.14 -33.81
N ALA L 33 -25.54 -23.00 -34.75
CA ALA L 33 -26.79 -23.74 -34.65
C ALA L 33 -26.48 -25.23 -34.38
N ASP L 34 -25.45 -25.46 -33.58
CA ASP L 34 -25.03 -26.83 -33.25
C ASP L 34 -25.65 -27.35 -31.96
N GLU L 35 -26.85 -26.90 -31.64
CA GLU L 35 -27.52 -27.34 -30.41
C GLU L 35 -27.82 -28.83 -30.40
N SER L 36 -27.26 -29.53 -29.41
CA SER L 36 -27.48 -30.96 -29.25
C SER L 36 -28.97 -31.21 -29.10
N VAL L 37 -29.42 -32.39 -29.50
CA VAL L 37 -30.84 -32.73 -29.37
C VAL L 37 -31.28 -32.55 -27.93
N GLY L 38 -30.31 -32.63 -27.02
CA GLY L 38 -30.62 -32.47 -25.61
C GLY L 38 -30.89 -31.01 -25.26
N SER L 39 -29.89 -30.16 -25.47
CA SER L 39 -30.05 -28.73 -25.16
C SER L 39 -31.18 -28.15 -26.02
N MET L 40 -31.43 -28.76 -27.16
CA MET L 40 -32.48 -28.30 -28.04
C MET L 40 -33.83 -28.54 -27.40
N ALA L 41 -33.93 -29.55 -26.55
CA ALA L 41 -35.18 -29.85 -25.87
C ALA L 41 -35.53 -28.69 -24.95
N LYS L 42 -34.55 -28.20 -24.21
CA LYS L 42 -34.77 -27.10 -23.30
C LYS L 42 -35.23 -25.83 -24.02
N ARG L 43 -34.55 -25.50 -25.10
CA ARG L 43 -34.91 -24.30 -25.85
C ARG L 43 -36.30 -24.38 -26.45
N LEU L 44 -36.64 -25.54 -27.00
CA LEU L 44 -37.96 -25.71 -27.59
C LEU L 44 -39.04 -25.68 -26.52
N SER L 45 -38.77 -26.28 -25.36
CA SER L 45 -39.75 -26.30 -24.29
C SER L 45 -40.18 -24.89 -23.89
N GLN L 46 -39.24 -23.95 -23.86
CA GLN L 46 -39.55 -22.59 -23.49
C GLN L 46 -40.60 -21.92 -24.38
N ILE L 47 -40.79 -22.45 -25.59
CA ILE L 47 -41.77 -21.89 -26.52
C ILE L 47 -42.83 -22.93 -26.86
N GLY L 48 -42.98 -23.93 -25.99
CA GLY L 48 -43.92 -25.01 -26.25
C GLY L 48 -43.13 -25.98 -27.11
N VAL L 49 -43.62 -26.25 -28.32
CA VAL L 49 -42.91 -27.12 -29.26
C VAL L 49 -42.31 -28.43 -28.71
N GLU L 50 -42.87 -29.56 -29.12
CA GLU L 50 -42.36 -30.86 -28.72
C GLU L 50 -40.98 -30.99 -29.33
N ASN L 51 -40.05 -31.62 -28.61
CA ASN L 51 -38.72 -31.78 -29.13
C ASN L 51 -38.61 -32.98 -30.07
N THR L 52 -39.13 -32.82 -31.29
CA THR L 52 -39.12 -33.86 -32.33
C THR L 52 -37.95 -33.59 -33.26
N GLU L 53 -37.63 -34.57 -34.10
CA GLU L 53 -36.57 -34.34 -35.07
C GLU L 53 -37.16 -33.37 -36.06
N GLU L 54 -38.44 -33.53 -36.32
CA GLU L 54 -39.13 -32.66 -37.25
C GLU L 54 -39.17 -31.22 -36.75
N ASN L 55 -39.64 -31.02 -35.52
CA ASN L 55 -39.70 -29.67 -34.99
C ASN L 55 -38.35 -29.00 -35.02
N ARG L 56 -37.29 -29.79 -34.90
CA ARG L 56 -35.95 -29.23 -34.95
C ARG L 56 -35.64 -28.85 -36.39
N ARG L 57 -35.90 -29.77 -37.31
CA ARG L 57 -35.65 -29.50 -38.72
C ARG L 57 -36.40 -28.23 -39.11
N LEU L 58 -37.65 -28.13 -38.66
CA LEU L 58 -38.48 -26.97 -38.95
C LEU L 58 -37.81 -25.70 -38.47
N TYR L 59 -37.41 -25.69 -37.20
CA TYR L 59 -36.77 -24.52 -36.65
C TYR L 59 -35.46 -24.17 -37.35
N ARG L 60 -34.60 -25.16 -37.57
CA ARG L 60 -33.33 -24.89 -38.24
C ARG L 60 -33.61 -24.29 -39.61
N GLN L 61 -34.73 -24.70 -40.20
CA GLN L 61 -35.14 -24.21 -41.50
C GLN L 61 -35.41 -22.71 -41.41
N VAL L 62 -36.08 -22.31 -40.33
CA VAL L 62 -36.38 -20.89 -40.12
C VAL L 62 -35.10 -20.08 -40.24
N LEU L 63 -34.00 -20.62 -39.72
CA LEU L 63 -32.72 -19.92 -39.76
C LEU L 63 -32.08 -19.99 -41.14
N PHE L 64 -31.93 -21.20 -41.67
CA PHE L 64 -31.30 -21.39 -42.97
C PHE L 64 -32.03 -20.84 -44.17
N SER L 65 -33.29 -20.50 -44.00
CA SER L 65 -34.05 -19.96 -45.11
C SER L 65 -33.87 -18.45 -45.21
N ALA L 66 -32.99 -17.88 -44.37
CA ALA L 66 -32.74 -16.45 -44.41
C ALA L 66 -32.28 -16.11 -45.83
N ASP L 67 -32.61 -14.90 -46.30
CA ASP L 67 -32.25 -14.47 -47.64
C ASP L 67 -30.79 -14.00 -47.75
N ASP L 68 -30.47 -13.40 -48.90
CA ASP L 68 -29.11 -12.93 -49.18
C ASP L 68 -28.49 -11.84 -48.32
N ARG L 69 -29.27 -11.13 -47.52
CA ARG L 69 -28.63 -10.08 -46.71
C ARG L 69 -27.87 -10.72 -45.57
N VAL L 70 -28.02 -12.03 -45.43
CA VAL L 70 -27.34 -12.77 -44.39
C VAL L 70 -25.90 -13.04 -44.84
N LYS L 71 -25.68 -12.90 -46.14
CA LYS L 71 -24.37 -13.12 -46.77
C LYS L 71 -23.31 -12.11 -46.34
N LYS L 72 -23.70 -10.89 -46.03
CA LYS L 72 -22.73 -9.88 -45.63
C LYS L 72 -22.27 -10.01 -44.19
N CYS L 73 -23.08 -10.61 -43.34
CA CYS L 73 -22.73 -10.74 -41.93
C CYS L 73 -22.46 -12.16 -41.40
N ILE L 74 -22.74 -13.17 -42.21
CA ILE L 74 -22.51 -14.54 -41.77
C ILE L 74 -21.46 -15.23 -42.61
N GLY L 75 -20.29 -15.45 -42.02
CA GLY L 75 -19.20 -16.10 -42.72
C GLY L 75 -19.29 -17.62 -42.66
N GLY L 76 -19.93 -18.12 -41.60
CA GLY L 76 -20.07 -19.56 -41.43
C GLY L 76 -21.21 -19.98 -40.51
N VAL L 77 -21.62 -21.23 -40.67
CA VAL L 77 -22.71 -21.77 -39.86
C VAL L 77 -22.25 -23.11 -39.25
N ILE L 78 -22.35 -23.23 -37.94
CA ILE L 78 -21.96 -24.46 -37.27
C ILE L 78 -23.19 -25.36 -37.13
N PHE L 79 -23.13 -26.52 -37.76
CA PHE L 79 -24.23 -27.49 -37.74
C PHE L 79 -24.11 -28.54 -36.64
N PHE L 80 -25.25 -29.06 -36.21
CA PHE L 80 -25.25 -30.14 -35.25
C PHE L 80 -25.35 -31.35 -36.19
N HIS L 81 -24.59 -32.41 -35.91
CA HIS L 81 -24.61 -33.59 -36.78
C HIS L 81 -25.92 -33.86 -37.52
N GLU L 82 -26.95 -34.18 -36.74
CA GLU L 82 -28.28 -34.45 -37.26
C GLU L 82 -28.63 -33.48 -38.39
N THR L 83 -28.63 -32.21 -38.03
CA THR L 83 -28.95 -31.11 -38.93
C THR L 83 -28.15 -31.10 -40.24
N LEU L 84 -26.88 -31.47 -40.17
CA LEU L 84 -26.01 -31.50 -41.35
C LEU L 84 -26.55 -32.43 -42.43
N TYR L 85 -27.54 -33.23 -42.08
CA TYR L 85 -28.10 -34.16 -43.06
C TYR L 85 -29.60 -33.97 -43.27
N GLN L 86 -30.13 -32.86 -42.75
CA GLN L 86 -31.55 -32.58 -42.91
C GLN L 86 -31.77 -31.74 -44.16
N LYS L 87 -33.01 -31.73 -44.64
CA LYS L 87 -33.38 -30.96 -45.83
C LYS L 87 -34.58 -30.08 -45.54
N ASP L 88 -34.73 -29.03 -46.34
CA ASP L 88 -35.86 -28.12 -46.18
C ASP L 88 -37.09 -28.77 -46.81
N ASP L 89 -38.22 -28.09 -46.75
CA ASP L 89 -39.44 -28.65 -47.30
C ASP L 89 -39.40 -28.92 -48.80
N ASN L 90 -38.43 -28.34 -49.50
CA ASN L 90 -38.31 -28.55 -50.94
C ASN L 90 -37.38 -29.72 -51.22
N GLY L 91 -36.92 -30.37 -50.16
CA GLY L 91 -36.02 -31.50 -50.32
C GLY L 91 -34.60 -31.05 -50.58
N VAL L 92 -34.30 -29.80 -50.25
CA VAL L 92 -32.97 -29.26 -50.45
C VAL L 92 -32.13 -29.28 -49.18
N PRO L 93 -30.99 -29.97 -49.22
CA PRO L 93 -30.07 -30.11 -48.10
C PRO L 93 -29.71 -28.74 -47.51
N PHE L 94 -29.93 -28.59 -46.21
CA PHE L 94 -29.60 -27.34 -45.54
C PHE L 94 -28.16 -26.97 -45.88
N VAL L 95 -27.29 -27.97 -45.97
CA VAL L 95 -25.89 -27.72 -46.29
C VAL L 95 -25.78 -27.06 -47.65
N ARG L 96 -26.50 -27.62 -48.62
CA ARG L 96 -26.51 -27.11 -49.99
C ARG L 96 -26.85 -25.62 -49.98
N THR L 97 -27.97 -25.28 -49.35
CA THR L 97 -28.41 -23.90 -49.24
C THR L 97 -27.32 -22.98 -48.70
N ILE L 98 -26.87 -23.22 -47.47
CA ILE L 98 -25.83 -22.39 -46.89
C ILE L 98 -24.63 -22.31 -47.83
N GLN L 99 -24.27 -23.43 -48.44
CA GLN L 99 -23.13 -23.45 -49.37
C GLN L 99 -23.33 -22.54 -50.56
N ASP L 100 -24.52 -22.58 -51.15
CA ASP L 100 -24.81 -21.76 -52.31
C ASP L 100 -24.71 -20.26 -52.00
N LYS L 101 -24.99 -19.86 -50.76
CA LYS L 101 -24.89 -18.45 -50.40
C LYS L 101 -23.43 -18.11 -50.14
N GLY L 102 -22.54 -19.09 -50.35
CA GLY L 102 -21.12 -18.86 -50.15
C GLY L 102 -20.70 -18.84 -48.69
N ILE L 103 -21.60 -19.25 -47.80
CA ILE L 103 -21.28 -19.30 -46.38
C ILE L 103 -20.56 -20.61 -46.11
N VAL L 104 -19.62 -20.62 -45.16
CA VAL L 104 -18.89 -21.85 -44.86
C VAL L 104 -19.66 -22.76 -43.91
N VAL L 105 -19.54 -24.07 -44.12
CA VAL L 105 -20.23 -25.07 -43.30
C VAL L 105 -19.32 -25.73 -42.25
N GLY L 106 -19.85 -25.89 -41.03
CA GLY L 106 -19.08 -26.51 -39.97
C GLY L 106 -19.90 -27.45 -39.10
N ILE L 107 -19.24 -28.34 -38.34
CA ILE L 107 -19.93 -29.30 -37.45
C ILE L 107 -19.30 -29.35 -36.08
N LYS L 108 -20.15 -29.51 -35.07
CA LYS L 108 -19.71 -29.68 -33.68
C LYS L 108 -19.24 -31.14 -33.73
N VAL L 109 -18.03 -31.43 -33.23
CA VAL L 109 -17.55 -32.81 -33.27
C VAL L 109 -17.29 -33.41 -31.89
N ASP L 110 -17.16 -32.57 -30.87
CA ASP L 110 -16.92 -33.07 -29.53
C ASP L 110 -18.12 -33.94 -29.13
N LYS L 111 -17.89 -34.89 -28.26
CA LYS L 111 -18.96 -35.77 -27.83
C LYS L 111 -19.32 -35.51 -26.38
N GLY L 112 -19.42 -34.23 -26.02
CA GLY L 112 -19.80 -33.90 -24.67
C GLY L 112 -18.71 -33.81 -23.61
N VAL L 113 -19.09 -33.14 -22.53
CA VAL L 113 -18.20 -32.92 -21.41
C VAL L 113 -18.29 -34.10 -20.46
N VAL L 114 -17.19 -34.38 -19.76
CA VAL L 114 -17.17 -35.48 -18.79
C VAL L 114 -16.38 -35.08 -17.56
N PRO L 115 -16.63 -35.74 -16.42
CA PRO L 115 -16.02 -35.52 -15.10
C PRO L 115 -14.55 -35.81 -14.97
N LEU L 116 -13.87 -34.93 -14.24
CA LEU L 116 -12.46 -35.13 -13.95
C LEU L 116 -12.42 -35.63 -12.52
N ALA L 117 -12.20 -36.93 -12.35
CA ALA L 117 -12.14 -37.51 -11.03
C ALA L 117 -11.12 -36.75 -10.19
N GLY L 118 -11.48 -36.47 -8.94
CA GLY L 118 -10.57 -35.79 -8.04
C GLY L 118 -10.61 -34.28 -8.04
N THR L 119 -11.51 -33.70 -8.82
CA THR L 119 -11.63 -32.25 -8.90
C THR L 119 -12.94 -31.80 -8.32
N ASP L 120 -13.09 -30.50 -8.15
CA ASP L 120 -14.32 -29.94 -7.61
C ASP L 120 -15.35 -29.74 -8.71
N GLY L 121 -15.91 -30.86 -9.17
CA GLY L 121 -16.90 -30.80 -10.23
C GLY L 121 -16.40 -30.22 -11.53
N GLU L 122 -15.13 -30.47 -11.85
CA GLU L 122 -14.57 -29.95 -13.08
C GLU L 122 -14.69 -31.00 -14.16
N THR L 123 -14.49 -30.61 -15.40
CA THR L 123 -14.63 -31.55 -16.49
C THR L 123 -13.55 -31.45 -17.55
N THR L 124 -13.78 -32.21 -18.60
CA THR L 124 -12.93 -32.25 -19.76
C THR L 124 -13.91 -32.68 -20.84
N THR L 125 -13.45 -32.81 -22.07
CA THR L 125 -14.35 -33.16 -23.15
C THR L 125 -13.93 -34.40 -23.90
N GLN L 126 -14.90 -35.18 -24.35
CA GLN L 126 -14.58 -36.37 -25.11
C GLN L 126 -15.04 -36.22 -26.55
N GLY L 127 -14.54 -37.07 -27.42
CA GLY L 127 -14.93 -37.02 -28.82
C GLY L 127 -13.79 -37.42 -29.74
N LEU L 128 -12.59 -37.53 -29.17
CA LEU L 128 -11.41 -37.89 -29.95
C LEU L 128 -11.46 -39.27 -30.64
N ASP L 129 -12.15 -40.23 -30.04
CA ASP L 129 -12.21 -41.55 -30.66
C ASP L 129 -12.86 -41.51 -32.04
N GLY L 130 -12.09 -41.94 -33.04
CA GLY L 130 -12.58 -41.97 -34.40
C GLY L 130 -12.76 -40.61 -35.06
N LEU L 131 -12.38 -39.54 -34.36
CA LEU L 131 -12.53 -38.19 -34.92
C LEU L 131 -11.93 -38.02 -36.30
N SER L 132 -10.79 -38.65 -36.57
CA SER L 132 -10.18 -38.49 -37.88
C SER L 132 -11.08 -39.01 -38.99
N GLU L 133 -11.64 -40.20 -38.82
CA GLU L 133 -12.53 -40.79 -39.82
C GLU L 133 -13.74 -39.89 -39.99
N ARG L 134 -14.26 -39.41 -38.87
CA ARG L 134 -15.43 -38.55 -38.88
C ARG L 134 -15.16 -37.25 -39.63
N CYS L 135 -14.00 -36.65 -39.38
CA CYS L 135 -13.67 -35.40 -40.06
C CYS L 135 -13.61 -35.66 -41.54
N ALA L 136 -12.88 -36.70 -41.92
CA ALA L 136 -12.78 -37.05 -43.33
C ALA L 136 -14.16 -37.11 -43.97
N GLN L 137 -15.12 -37.69 -43.25
CA GLN L 137 -16.50 -37.82 -43.71
C GLN L 137 -17.19 -36.47 -43.81
N TYR L 138 -17.14 -35.72 -42.72
CA TYR L 138 -17.77 -34.41 -42.68
C TYR L 138 -17.23 -33.52 -43.78
N LYS L 139 -15.93 -33.60 -44.04
CA LYS L 139 -15.33 -32.79 -45.08
C LYS L 139 -15.98 -33.21 -46.38
N LYS L 140 -16.03 -34.53 -46.59
CA LYS L 140 -16.63 -35.10 -47.78
C LYS L 140 -18.09 -34.70 -47.93
N ASP L 141 -18.70 -34.24 -46.84
CA ASP L 141 -20.10 -33.84 -46.91
C ASP L 141 -20.29 -32.32 -46.92
N GLY L 142 -19.20 -31.58 -47.12
CA GLY L 142 -19.31 -30.13 -47.20
C GLY L 142 -18.83 -29.27 -46.05
N ALA L 143 -18.33 -29.90 -44.98
CA ALA L 143 -17.86 -29.11 -43.85
C ALA L 143 -16.40 -28.71 -44.07
N ASP L 144 -16.04 -27.52 -43.62
CA ASP L 144 -14.68 -27.04 -43.78
C ASP L 144 -14.09 -26.59 -42.46
N PHE L 145 -14.92 -26.58 -41.42
CA PHE L 145 -14.43 -26.21 -40.10
C PHE L 145 -15.26 -26.93 -39.04
N ALA L 146 -14.69 -27.07 -37.85
CA ALA L 146 -15.38 -27.77 -36.77
C ALA L 146 -15.32 -27.00 -35.45
N LYS L 147 -16.08 -27.48 -34.48
CA LYS L 147 -16.10 -26.85 -33.16
C LYS L 147 -16.03 -27.94 -32.10
N TRP L 148 -15.27 -27.67 -31.04
CA TRP L 148 -15.09 -28.59 -29.92
C TRP L 148 -15.19 -27.73 -28.68
N ARG L 149 -16.10 -28.03 -27.77
CA ARG L 149 -16.21 -27.19 -26.60
C ARG L 149 -15.73 -27.76 -25.28
N CYS L 150 -14.73 -27.11 -24.69
CA CYS L 150 -14.21 -27.52 -23.39
C CYS L 150 -14.86 -26.52 -22.44
N VAL L 151 -15.01 -26.88 -21.18
CA VAL L 151 -15.63 -25.98 -20.24
C VAL L 151 -14.85 -25.84 -18.96
N LEU L 152 -14.47 -24.63 -18.61
CA LEU L 152 -13.76 -24.38 -17.37
C LEU L 152 -14.70 -23.57 -16.47
N LYS L 153 -14.46 -23.61 -15.16
CA LYS L 153 -15.33 -22.93 -14.21
C LYS L 153 -14.52 -22.10 -13.23
N ILE L 154 -15.05 -20.96 -12.79
CA ILE L 154 -14.31 -20.13 -11.84
C ILE L 154 -14.94 -20.17 -10.45
N SER L 155 -14.13 -20.52 -9.46
CA SER L 155 -14.55 -20.61 -8.06
C SER L 155 -13.29 -20.44 -7.19
N GLU L 156 -13.42 -20.58 -5.88
CA GLU L 156 -12.27 -20.40 -4.99
C GLU L 156 -11.07 -21.20 -5.45
N ARG L 157 -11.33 -22.33 -6.09
CA ARG L 157 -10.24 -23.15 -6.56
C ARG L 157 -10.72 -24.06 -7.68
N THR L 158 -11.14 -23.49 -8.79
CA THR L 158 -11.65 -24.32 -9.87
C THR L 158 -10.81 -24.53 -11.10
N PRO L 159 -10.51 -23.46 -11.85
CA PRO L 159 -9.70 -23.83 -13.02
C PRO L 159 -8.39 -24.34 -12.43
N SER L 160 -8.37 -25.64 -12.15
CA SER L 160 -7.25 -26.32 -11.52
C SER L 160 -6.20 -26.74 -12.52
N ALA L 161 -4.96 -26.83 -12.05
CA ALA L 161 -3.87 -27.23 -12.91
C ALA L 161 -4.33 -28.36 -13.81
N LEU L 162 -4.97 -29.36 -13.20
CA LEU L 162 -5.44 -30.50 -13.99
C LEU L 162 -6.42 -30.07 -15.06
N ALA L 163 -7.47 -29.37 -14.67
CA ALA L 163 -8.48 -28.91 -15.62
C ALA L 163 -7.88 -28.07 -16.75
N ILE L 164 -6.91 -27.23 -16.42
CA ILE L 164 -6.28 -26.42 -17.44
C ILE L 164 -5.38 -27.30 -18.30
N LEU L 165 -4.57 -28.13 -17.65
CA LEU L 165 -3.65 -29.06 -18.32
C LEU L 165 -4.44 -29.88 -19.32
N GLU L 166 -5.36 -30.69 -18.83
CA GLU L 166 -6.24 -31.48 -19.69
C GLU L 166 -7.05 -30.36 -20.28
N ASN L 167 -7.89 -30.63 -21.28
CA ASN L 167 -8.68 -29.55 -21.89
C ASN L 167 -7.76 -28.84 -22.87
N ALA L 168 -6.77 -28.13 -22.34
CA ALA L 168 -5.83 -27.45 -23.22
C ALA L 168 -5.25 -28.54 -24.12
N ASN L 169 -4.96 -29.69 -23.52
CA ASN L 169 -4.39 -30.79 -24.27
C ASN L 169 -5.41 -31.40 -25.21
N VAL L 170 -6.63 -31.60 -24.74
CA VAL L 170 -7.67 -32.18 -25.59
C VAL L 170 -7.91 -31.31 -26.79
N LEU L 171 -8.01 -30.01 -26.55
CA LEU L 171 -8.23 -29.08 -27.65
C LEU L 171 -7.14 -29.28 -28.68
N ALA L 172 -5.88 -29.28 -28.23
CA ALA L 172 -4.75 -29.46 -29.13
C ALA L 172 -4.88 -30.74 -29.94
N ARG L 173 -5.29 -31.83 -29.29
CA ARG L 173 -5.45 -33.10 -30.00
C ARG L 173 -6.50 -32.93 -31.09
N TYR L 174 -7.69 -32.50 -30.69
CA TYR L 174 -8.79 -32.26 -31.61
C TYR L 174 -8.34 -31.39 -32.79
N ALA L 175 -7.70 -30.26 -32.48
CA ALA L 175 -7.23 -29.34 -33.51
C ALA L 175 -6.31 -30.06 -34.49
N SER L 176 -5.31 -30.75 -33.95
CA SER L 176 -4.34 -31.48 -34.76
C SER L 176 -5.03 -32.42 -35.75
N ILE L 177 -5.99 -33.19 -35.25
CA ILE L 177 -6.73 -34.17 -36.06
C ILE L 177 -7.55 -33.50 -37.16
N CYS L 178 -8.21 -32.40 -36.83
CA CYS L 178 -9.01 -31.70 -37.83
C CYS L 178 -8.13 -31.24 -38.99
N GLN L 179 -7.04 -30.58 -38.68
CA GLN L 179 -6.18 -30.07 -39.72
C GLN L 179 -5.62 -31.13 -40.66
N GLN L 180 -5.29 -32.31 -40.15
CA GLN L 180 -4.75 -33.30 -41.05
C GLN L 180 -5.87 -33.83 -41.97
N ASN L 181 -7.09 -33.36 -41.74
CA ASN L 181 -8.26 -33.74 -42.55
C ASN L 181 -8.85 -32.54 -43.31
N GLY L 182 -8.03 -31.51 -43.49
CA GLY L 182 -8.47 -30.32 -44.20
C GLY L 182 -9.64 -29.60 -43.56
N ILE L 183 -9.71 -29.61 -42.24
CA ILE L 183 -10.80 -28.94 -41.54
C ILE L 183 -10.30 -27.96 -40.50
N VAL L 184 -10.68 -26.69 -40.66
CA VAL L 184 -10.26 -25.68 -39.72
C VAL L 184 -10.95 -25.92 -38.38
N PRO L 185 -10.16 -25.99 -37.29
CA PRO L 185 -10.78 -26.23 -35.99
C PRO L 185 -10.98 -24.95 -35.18
N ILE L 186 -12.16 -24.84 -34.57
CA ILE L 186 -12.43 -23.70 -33.71
C ILE L 186 -12.11 -24.21 -32.32
N VAL L 187 -11.10 -23.62 -31.70
CA VAL L 187 -10.69 -24.03 -30.36
C VAL L 187 -11.52 -23.25 -29.36
N GLU L 188 -12.44 -23.93 -28.68
CA GLU L 188 -13.30 -23.25 -27.72
C GLU L 188 -13.09 -23.58 -26.25
N PRO L 189 -12.24 -22.81 -25.56
CA PRO L 189 -11.97 -23.03 -24.14
C PRO L 189 -12.89 -22.08 -23.38
N GLU L 190 -14.15 -22.48 -23.19
CA GLU L 190 -15.08 -21.59 -22.50
C GLU L 190 -14.99 -21.55 -21.00
N ILE L 191 -14.69 -20.37 -20.47
CA ILE L 191 -14.61 -20.19 -19.02
C ILE L 191 -15.99 -19.65 -18.61
N LEU L 192 -16.83 -20.51 -18.04
CA LEU L 192 -18.18 -20.09 -17.60
C LEU L 192 -18.20 -18.84 -16.74
N PRO L 193 -19.31 -18.10 -16.77
CA PRO L 193 -19.56 -16.86 -16.04
C PRO L 193 -20.10 -17.11 -14.64
N ASP L 194 -20.59 -18.32 -14.38
CA ASP L 194 -21.14 -18.63 -13.07
C ASP L 194 -20.20 -18.22 -11.96
N GLY L 195 -20.76 -17.62 -10.92
CA GLY L 195 -19.95 -17.18 -9.80
C GLY L 195 -20.16 -15.71 -9.50
N ASP L 196 -19.53 -15.23 -8.42
CA ASP L 196 -19.65 -13.83 -8.05
C ASP L 196 -18.32 -13.11 -8.20
N HIS L 197 -17.44 -13.63 -9.04
CA HIS L 197 -16.12 -13.03 -9.26
C HIS L 197 -16.22 -11.74 -10.08
N ASP L 198 -15.30 -10.81 -9.86
CA ASP L 198 -15.31 -9.54 -10.56
C ASP L 198 -14.56 -9.63 -11.88
N LEU L 199 -14.66 -8.58 -12.69
CA LEU L 199 -14.00 -8.55 -13.99
C LEU L 199 -12.50 -8.91 -13.88
N LYS L 200 -11.80 -8.30 -12.94
CA LYS L 200 -10.36 -8.57 -12.74
C LYS L 200 -10.07 -10.07 -12.78
N ARG L 201 -10.75 -10.81 -11.92
CA ARG L 201 -10.53 -12.26 -11.83
C ARG L 201 -10.77 -13.00 -13.13
N CYS L 202 -11.86 -12.69 -13.81
CA CYS L 202 -12.15 -13.37 -15.06
C CYS L 202 -11.05 -13.12 -16.06
N GLN L 203 -10.52 -11.91 -16.07
CA GLN L 203 -9.46 -11.60 -16.99
C GLN L 203 -8.24 -12.45 -16.67
N TYR L 204 -7.90 -12.50 -15.38
CA TYR L 204 -6.77 -13.28 -14.90
C TYR L 204 -6.87 -14.72 -15.36
N VAL L 205 -7.96 -15.38 -14.96
CA VAL L 205 -8.19 -16.76 -15.32
C VAL L 205 -8.17 -16.93 -16.84
N THR L 206 -8.83 -16.03 -17.56
CA THR L 206 -8.86 -16.14 -19.02
C THR L 206 -7.45 -16.10 -19.57
N GLU L 207 -6.62 -15.20 -19.05
CA GLU L 207 -5.27 -15.10 -19.51
C GLU L 207 -4.48 -16.39 -19.27
N LYS L 208 -4.61 -16.96 -18.08
CA LYS L 208 -3.89 -18.19 -17.76
C LYS L 208 -4.37 -19.37 -18.62
N VAL L 209 -5.68 -19.49 -18.78
CA VAL L 209 -6.22 -20.58 -19.58
C VAL L 209 -5.73 -20.47 -21.02
N LEU L 210 -5.89 -19.31 -21.63
CA LEU L 210 -5.44 -19.15 -23.00
C LEU L 210 -3.94 -19.44 -23.13
N ALA L 211 -3.14 -18.88 -22.23
CA ALA L 211 -1.70 -19.09 -22.26
C ALA L 211 -1.38 -20.59 -22.34
N ALA L 212 -2.15 -21.39 -21.61
CA ALA L 212 -1.94 -22.83 -21.61
C ALA L 212 -2.40 -23.41 -22.93
N VAL L 213 -3.57 -23.00 -23.37
CA VAL L 213 -4.14 -23.49 -24.61
C VAL L 213 -3.18 -23.32 -25.79
N TYR L 214 -2.56 -22.17 -25.91
CA TYR L 214 -1.67 -21.98 -27.05
C TYR L 214 -0.37 -22.75 -26.93
N LYS L 215 0.14 -22.90 -25.71
CA LYS L 215 1.37 -23.66 -25.52
C LYS L 215 1.09 -25.10 -25.94
N ALA L 216 -0.12 -25.57 -25.63
CA ALA L 216 -0.53 -26.92 -25.97
C ALA L 216 -0.57 -27.06 -27.48
N LEU L 217 -1.25 -26.13 -28.14
CA LEU L 217 -1.35 -26.17 -29.58
C LEU L 217 0.05 -26.27 -30.16
N SER L 218 0.98 -25.49 -29.61
CA SER L 218 2.36 -25.54 -30.09
C SER L 218 2.92 -26.94 -29.97
N ASP L 219 2.81 -27.50 -28.78
CA ASP L 219 3.30 -28.83 -28.49
C ASP L 219 2.77 -29.87 -29.46
N HIS L 220 1.50 -29.72 -29.86
CA HIS L 220 0.89 -30.67 -30.76
C HIS L 220 1.06 -30.33 -32.23
N HIS L 221 1.89 -29.33 -32.50
CA HIS L 221 2.17 -28.89 -33.85
C HIS L 221 0.95 -28.40 -34.62
N VAL L 222 0.01 -27.76 -33.93
CA VAL L 222 -1.19 -27.24 -34.60
C VAL L 222 -0.80 -25.99 -35.39
N TYR L 223 -1.32 -25.88 -36.61
CA TYR L 223 -1.07 -24.75 -37.51
C TYR L 223 -1.97 -23.59 -37.11
N LEU L 224 -1.41 -22.64 -36.36
CA LEU L 224 -2.21 -21.52 -35.87
C LEU L 224 -3.01 -20.73 -36.89
N GLU L 225 -2.37 -20.35 -38.00
CA GLU L 225 -3.07 -19.59 -39.02
C GLU L 225 -4.19 -20.37 -39.71
N GLY L 226 -4.43 -21.59 -39.26
CA GLY L 226 -5.48 -22.41 -39.82
C GLY L 226 -6.45 -22.83 -38.72
N THR L 227 -6.60 -21.96 -37.72
CA THR L 227 -7.48 -22.21 -36.59
C THR L 227 -8.24 -20.96 -36.25
N LEU L 228 -9.15 -21.07 -35.29
CA LEU L 228 -9.93 -19.95 -34.83
C LEU L 228 -10.13 -20.13 -33.34
N LEU L 229 -10.21 -19.04 -32.60
CA LEU L 229 -10.40 -19.12 -31.16
C LEU L 229 -11.80 -18.63 -30.78
N LYS L 230 -12.53 -19.46 -30.05
CA LYS L 230 -13.87 -19.11 -29.63
C LYS L 230 -13.86 -19.04 -28.10
N PRO L 231 -13.35 -17.93 -27.54
CA PRO L 231 -13.30 -17.77 -26.09
C PRO L 231 -14.49 -17.04 -25.57
N ASN L 232 -14.52 -16.89 -24.26
CA ASN L 232 -15.59 -16.17 -23.60
C ASN L 232 -15.08 -14.74 -23.53
N MET L 233 -15.95 -13.74 -23.52
CA MET L 233 -15.45 -12.37 -23.38
C MET L 233 -15.13 -12.32 -21.90
N VAL L 234 -14.11 -11.58 -21.49
CA VAL L 234 -13.84 -11.54 -20.06
C VAL L 234 -14.88 -10.59 -19.47
N THR L 235 -15.64 -11.11 -18.51
CA THR L 235 -16.71 -10.35 -17.84
C THR L 235 -16.90 -10.87 -16.42
N PRO L 236 -17.59 -10.08 -15.57
CA PRO L 236 -17.84 -10.46 -14.18
C PRO L 236 -18.73 -11.68 -14.14
N GLY L 237 -18.77 -12.34 -12.98
CA GLY L 237 -19.60 -13.51 -12.84
C GLY L 237 -21.06 -13.08 -12.83
N HIS L 238 -21.97 -13.95 -13.27
CA HIS L 238 -23.39 -13.63 -13.29
C HIS L 238 -23.82 -13.03 -11.97
N ALA L 239 -23.24 -13.55 -10.90
CA ALA L 239 -23.57 -13.09 -9.56
C ALA L 239 -22.73 -11.93 -9.04
N CYS L 240 -21.89 -11.34 -9.87
CA CYS L 240 -21.11 -10.21 -9.36
C CYS L 240 -22.02 -9.00 -9.26
N PRO L 241 -21.98 -8.30 -8.12
CA PRO L 241 -22.80 -7.12 -7.87
C PRO L 241 -22.39 -5.91 -8.71
N ILE L 242 -21.09 -5.77 -8.90
CA ILE L 242 -20.52 -4.65 -9.64
C ILE L 242 -20.99 -4.51 -11.09
N LYS L 243 -21.20 -3.26 -11.49
CA LYS L 243 -21.66 -2.94 -12.83
C LYS L 243 -20.48 -2.47 -13.66
N TYR L 244 -20.39 -2.93 -14.92
CA TYR L 244 -19.28 -2.54 -15.79
C TYR L 244 -19.71 -2.01 -17.15
N THR L 245 -18.92 -1.08 -17.67
CA THR L 245 -19.18 -0.47 -18.97
C THR L 245 -18.80 -1.47 -20.04
N PRO L 246 -19.54 -1.50 -21.16
CA PRO L 246 -19.14 -2.45 -22.19
C PRO L 246 -17.76 -2.01 -22.64
N GLU L 247 -17.40 -0.78 -22.29
CA GLU L 247 -16.09 -0.24 -22.59
C GLU L 247 -15.10 -1.02 -21.74
N GLU L 248 -15.40 -1.08 -20.45
CA GLU L 248 -14.56 -1.79 -19.48
C GLU L 248 -14.39 -3.26 -19.84
N ILE L 249 -15.48 -3.87 -20.30
CA ILE L 249 -15.44 -5.25 -20.69
C ILE L 249 -14.56 -5.43 -21.91
N ALA L 250 -14.72 -4.55 -22.88
CA ALA L 250 -13.93 -4.60 -24.09
C ALA L 250 -12.46 -4.43 -23.75
N MET L 251 -12.19 -3.52 -22.83
CA MET L 251 -10.82 -3.24 -22.42
C MET L 251 -10.14 -4.48 -21.86
N ALA L 252 -10.82 -5.16 -20.94
CA ALA L 252 -10.26 -6.37 -20.32
C ALA L 252 -10.14 -7.51 -21.32
N THR L 253 -11.18 -7.70 -22.11
CA THR L 253 -11.20 -8.75 -23.11
C THR L 253 -10.08 -8.61 -24.12
N VAL L 254 -9.89 -7.42 -24.66
CA VAL L 254 -8.84 -7.22 -25.64
C VAL L 254 -7.46 -7.34 -24.98
N THR L 255 -7.32 -6.82 -23.76
CA THR L 255 -6.04 -6.91 -23.11
C THR L 255 -5.67 -8.38 -22.92
N ALA L 256 -6.61 -9.15 -22.39
CA ALA L 256 -6.37 -10.57 -22.17
C ALA L 256 -5.92 -11.24 -23.46
N LEU L 257 -6.71 -11.08 -24.52
CA LEU L 257 -6.40 -11.68 -25.80
C LEU L 257 -5.04 -11.27 -26.35
N ARG L 258 -4.68 -10.00 -26.22
CA ARG L 258 -3.41 -9.59 -26.78
C ARG L 258 -2.20 -9.90 -25.93
N ARG L 259 -2.43 -10.61 -24.83
CA ARG L 259 -1.36 -11.02 -23.94
C ARG L 259 -1.12 -12.51 -24.11
N THR L 260 -2.00 -13.14 -24.89
CA THR L 260 -1.92 -14.57 -25.08
C THR L 260 -2.07 -15.13 -26.49
N VAL L 261 -2.94 -14.54 -27.30
CA VAL L 261 -3.13 -15.06 -28.66
C VAL L 261 -2.07 -14.61 -29.66
N PRO L 262 -1.38 -15.55 -30.32
CA PRO L 262 -0.38 -15.07 -31.27
C PRO L 262 -1.02 -14.41 -32.48
N PRO L 263 -0.35 -13.40 -33.06
CA PRO L 263 -0.82 -12.65 -34.23
C PRO L 263 -1.24 -13.55 -35.36
N ALA L 264 -0.63 -14.74 -35.42
CA ALA L 264 -0.94 -15.68 -36.49
C ALA L 264 -2.38 -16.20 -36.50
N VAL L 265 -3.06 -16.14 -35.36
CA VAL L 265 -4.44 -16.61 -35.34
C VAL L 265 -5.26 -15.60 -36.13
N PRO L 266 -5.92 -16.05 -37.20
CA PRO L 266 -6.75 -15.20 -38.06
C PRO L 266 -7.89 -14.48 -37.38
N GLY L 267 -8.60 -15.15 -36.49
CA GLY L 267 -9.70 -14.48 -35.84
C GLY L 267 -10.18 -15.12 -34.56
N VAL L 268 -10.78 -14.29 -33.71
CA VAL L 268 -11.32 -14.73 -32.44
C VAL L 268 -12.83 -14.57 -32.57
N THR L 269 -13.57 -15.66 -32.49
CA THR L 269 -15.02 -15.59 -32.62
C THR L 269 -15.67 -15.77 -31.25
N PHE L 270 -15.91 -14.67 -30.54
CA PHE L 270 -16.49 -14.73 -29.21
C PHE L 270 -17.79 -15.52 -29.10
N LEU L 271 -18.02 -16.06 -27.92
CA LEU L 271 -19.22 -16.82 -27.64
C LEU L 271 -20.14 -15.91 -26.81
N SER L 272 -21.42 -15.88 -27.19
CA SER L 272 -22.39 -15.03 -26.51
C SER L 272 -22.56 -15.38 -25.05
N GLY L 273 -22.31 -16.64 -24.71
CA GLY L 273 -22.46 -17.07 -23.33
C GLY L 273 -23.85 -16.84 -22.79
N GLY L 274 -23.94 -16.18 -21.63
CA GLY L 274 -25.24 -15.92 -21.05
C GLY L 274 -25.76 -14.52 -21.35
N GLN L 275 -25.05 -13.79 -22.20
CA GLN L 275 -25.43 -12.44 -22.57
C GLN L 275 -26.73 -12.42 -23.36
N SER L 276 -27.42 -11.29 -23.30
CA SER L 276 -28.68 -11.08 -24.02
C SER L 276 -28.34 -10.71 -25.45
N GLU L 277 -29.31 -10.79 -26.36
CA GLU L 277 -29.03 -10.46 -27.75
C GLU L 277 -28.35 -9.10 -27.87
N GLU L 278 -28.79 -8.14 -27.08
CA GLU L 278 -28.21 -6.81 -27.11
C GLU L 278 -26.86 -6.75 -26.44
N GLU L 279 -26.80 -7.30 -25.23
CA GLU L 279 -25.59 -7.33 -24.44
C GLU L 279 -24.41 -7.83 -25.29
N ALA L 280 -24.65 -8.89 -26.06
CA ALA L 280 -23.62 -9.46 -26.91
C ALA L 280 -23.21 -8.48 -27.97
N SER L 281 -24.20 -7.90 -28.66
CA SER L 281 -23.95 -6.94 -29.72
C SER L 281 -23.19 -5.71 -29.21
N PHE L 282 -23.64 -5.15 -28.09
CA PHE L 282 -23.01 -3.97 -27.50
C PHE L 282 -21.57 -4.26 -27.14
N ASN L 283 -21.36 -5.33 -26.38
CA ASN L 283 -20.04 -5.73 -25.95
C ASN L 283 -19.14 -5.99 -27.16
N LEU L 284 -19.63 -6.73 -28.14
CA LEU L 284 -18.80 -6.99 -29.32
C LEU L 284 -18.41 -5.69 -29.98
N ASN L 285 -19.39 -4.80 -30.16
CA ASN L 285 -19.12 -3.52 -30.78
C ASN L 285 -18.04 -2.79 -29.99
N ALA L 286 -18.25 -2.67 -28.69
CA ALA L 286 -17.29 -2.02 -27.82
C ALA L 286 -15.89 -2.58 -28.03
N ILE L 287 -15.79 -3.90 -28.09
CA ILE L 287 -14.52 -4.58 -28.29
C ILE L 287 -13.88 -4.08 -29.57
N ASN L 288 -14.64 -4.07 -30.66
CA ASN L 288 -14.12 -3.62 -31.94
C ASN L 288 -13.86 -2.12 -31.97
N ARG L 289 -14.18 -1.44 -30.88
CA ARG L 289 -13.94 0.00 -30.80
C ARG L 289 -12.89 0.30 -29.73
N CYS L 290 -12.34 -0.76 -29.15
CA CYS L 290 -11.31 -0.61 -28.13
C CYS L 290 -10.06 0.03 -28.75
N PRO L 291 -9.44 0.96 -28.04
CA PRO L 291 -8.24 1.70 -28.46
C PRO L 291 -7.07 0.78 -28.81
N LEU L 292 -6.90 -0.26 -28.03
CA LEU L 292 -5.81 -1.22 -28.22
C LEU L 292 -5.85 -1.86 -29.61
N PRO L 293 -4.67 -2.08 -30.20
CA PRO L 293 -4.50 -2.69 -31.52
C PRO L 293 -4.85 -4.18 -31.49
N ARG L 294 -5.45 -4.69 -32.57
CA ARG L 294 -5.80 -6.10 -32.63
C ARG L 294 -5.39 -6.73 -33.95
N PRO L 295 -4.40 -7.63 -33.91
CA PRO L 295 -3.86 -8.34 -35.08
C PRO L 295 -4.81 -9.37 -35.70
N TRP L 296 -5.96 -9.55 -35.08
CA TRP L 296 -6.92 -10.56 -35.52
C TRP L 296 -8.35 -10.07 -35.59
N ALA L 297 -9.17 -10.79 -36.35
CA ALA L 297 -10.56 -10.45 -36.47
C ALA L 297 -11.19 -10.63 -35.09
N LEU L 298 -12.11 -9.75 -34.73
CA LEU L 298 -12.77 -9.92 -33.46
C LEU L 298 -14.26 -9.93 -33.73
N THR L 299 -14.80 -11.06 -34.18
CA THR L 299 -16.24 -11.10 -34.42
C THR L 299 -16.97 -12.01 -33.43
N PHE L 300 -18.04 -12.62 -33.89
CA PHE L 300 -18.88 -13.46 -33.06
C PHE L 300 -19.09 -14.88 -33.57
N SER L 301 -19.46 -15.76 -32.65
CA SER L 301 -19.81 -17.15 -32.94
C SER L 301 -20.92 -17.32 -31.91
N TYR L 302 -22.03 -16.67 -32.19
CA TYR L 302 -23.17 -16.67 -31.30
C TYR L 302 -24.20 -17.76 -31.51
N GLY L 303 -24.77 -18.20 -30.40
CA GLY L 303 -25.78 -19.25 -30.45
C GLY L 303 -27.11 -18.64 -30.12
N ARG L 304 -27.37 -18.43 -28.83
CA ARG L 304 -28.65 -17.85 -28.44
C ARG L 304 -28.72 -16.39 -28.85
N ALA L 305 -27.62 -15.67 -28.68
CA ALA L 305 -27.58 -14.24 -29.00
C ALA L 305 -27.99 -13.91 -30.44
N LEU L 306 -28.17 -14.94 -31.26
CA LEU L 306 -28.56 -14.74 -32.65
C LEU L 306 -29.97 -15.27 -32.88
N GLN L 307 -30.39 -16.23 -32.08
CA GLN L 307 -31.70 -16.82 -32.30
C GLN L 307 -32.70 -16.74 -31.14
N ALA L 308 -32.42 -15.92 -30.13
CA ALA L 308 -33.34 -15.82 -29.02
C ALA L 308 -34.69 -15.31 -29.48
N SER L 309 -34.71 -14.07 -29.93
CA SER L 309 -35.94 -13.45 -30.41
C SER L 309 -36.51 -14.23 -31.59
N ALA L 310 -35.63 -14.74 -32.43
CA ALA L 310 -36.08 -15.50 -33.59
C ALA L 310 -36.93 -16.68 -33.14
N LEU L 311 -36.40 -17.43 -32.17
CA LEU L 311 -37.06 -18.59 -31.63
C LEU L 311 -38.35 -18.18 -30.93
N ASN L 312 -38.27 -17.06 -30.23
CA ASN L 312 -39.40 -16.53 -29.50
C ASN L 312 -40.54 -16.13 -30.42
N ALA L 313 -40.20 -15.66 -31.61
CA ALA L 313 -41.17 -15.25 -32.61
C ALA L 313 -41.83 -16.47 -33.24
N TRP L 314 -41.00 -17.37 -33.78
CA TRP L 314 -41.49 -18.59 -34.42
C TRP L 314 -42.54 -19.26 -33.54
N ARG L 315 -42.16 -19.54 -32.31
CA ARG L 315 -43.05 -20.15 -31.34
C ARG L 315 -43.68 -21.45 -31.85
N GLY L 316 -43.03 -22.09 -32.83
CA GLY L 316 -43.53 -23.34 -33.37
C GLY L 316 -44.57 -23.19 -34.48
N GLN L 317 -45.07 -21.98 -34.67
CA GLN L 317 -46.10 -21.72 -35.69
C GLN L 317 -45.55 -21.59 -37.11
N ARG L 318 -46.16 -22.31 -38.04
CA ARG L 318 -45.71 -22.27 -39.42
C ARG L 318 -45.84 -20.89 -40.04
N ASP L 319 -46.79 -20.10 -39.54
CA ASP L 319 -47.01 -18.75 -40.06
C ASP L 319 -45.91 -17.82 -39.58
N ASN L 320 -45.59 -17.93 -38.29
CA ASN L 320 -44.57 -17.09 -37.68
C ASN L 320 -43.17 -17.33 -38.25
N ALA L 321 -43.04 -18.33 -39.12
CA ALA L 321 -41.76 -18.67 -39.74
C ALA L 321 -41.01 -17.44 -40.28
N GLY L 322 -41.64 -16.70 -41.19
CA GLY L 322 -41.02 -15.53 -41.77
C GLY L 322 -40.63 -14.47 -40.77
N ALA L 323 -41.46 -14.26 -39.77
CA ALA L 323 -41.17 -13.28 -38.73
C ALA L 323 -39.94 -13.73 -37.97
N ALA L 324 -39.92 -15.01 -37.63
CA ALA L 324 -38.81 -15.60 -36.90
C ALA L 324 -37.54 -15.36 -37.70
N THR L 325 -37.59 -15.71 -38.97
CA THR L 325 -36.44 -15.54 -39.87
C THR L 325 -35.98 -14.09 -39.88
N GLU L 326 -36.92 -13.16 -39.78
CA GLU L 326 -36.57 -11.75 -39.78
C GLU L 326 -35.82 -11.41 -38.50
N GLU L 327 -36.35 -11.87 -37.37
CA GLU L 327 -35.73 -11.61 -36.09
C GLU L 327 -34.26 -12.04 -36.12
N PHE L 328 -34.00 -13.17 -36.77
CA PHE L 328 -32.65 -13.70 -36.89
C PHE L 328 -31.81 -12.77 -37.78
N ILE L 329 -32.24 -12.59 -39.03
CA ILE L 329 -31.52 -11.73 -39.96
C ILE L 329 -31.20 -10.39 -39.31
N LYS L 330 -32.11 -9.89 -38.48
CA LYS L 330 -31.91 -8.61 -37.81
C LYS L 330 -30.66 -8.68 -36.95
N ARG L 331 -30.64 -9.61 -35.99
CA ARG L 331 -29.50 -9.77 -35.09
C ARG L 331 -28.25 -10.11 -35.88
N ALA L 332 -28.38 -10.95 -36.89
CA ALA L 332 -27.22 -11.32 -37.70
C ALA L 332 -26.59 -10.06 -38.31
N GLU L 333 -27.43 -9.16 -38.77
CA GLU L 333 -26.93 -7.93 -39.37
C GLU L 333 -26.28 -6.99 -38.37
N VAL L 334 -26.97 -6.74 -37.26
CA VAL L 334 -26.41 -5.85 -36.25
C VAL L 334 -25.07 -6.36 -35.75
N ASN L 335 -24.98 -7.65 -35.48
CA ASN L 335 -23.73 -8.20 -34.99
C ASN L 335 -22.66 -8.13 -36.07
N GLY L 336 -23.10 -8.17 -37.32
CA GLY L 336 -22.17 -8.06 -38.43
C GLY L 336 -21.57 -6.66 -38.39
N LEU L 337 -22.34 -5.72 -37.84
CA LEU L 337 -21.88 -4.34 -37.71
C LEU L 337 -21.00 -4.21 -36.49
N ALA L 338 -21.46 -4.79 -35.39
CA ALA L 338 -20.71 -4.77 -34.13
C ALA L 338 -19.34 -5.40 -34.36
N ALA L 339 -19.28 -6.29 -35.34
CA ALA L 339 -18.03 -6.98 -35.66
C ALA L 339 -17.06 -6.03 -36.35
N GLN L 340 -17.46 -4.78 -36.51
CA GLN L 340 -16.61 -3.77 -37.14
C GLN L 340 -16.66 -2.50 -36.32
N GLY L 341 -17.29 -2.60 -35.15
CA GLY L 341 -17.41 -1.46 -34.26
C GLY L 341 -18.33 -0.38 -34.81
N LYS L 342 -18.96 -0.67 -35.93
CA LYS L 342 -19.85 0.30 -36.54
C LYS L 342 -21.32 -0.04 -36.34
N TYR L 343 -21.71 -0.17 -35.08
CA TYR L 343 -23.10 -0.47 -34.76
C TYR L 343 -23.56 0.58 -33.76
N GLU L 344 -24.63 1.30 -34.08
CA GLU L 344 -25.13 2.32 -33.18
C GLU L 344 -26.44 1.85 -32.53
#